data_8YWW
#
_entry.id   8YWW
#
loop_
_entity.id
_entity.type
_entity.pdbx_description
1 polymer 'Spike glycoprotein'
2 polymer 'H4B6 heavy chain'
3 polymer 'H4B6 light chain'
4 polymer 'the scfv of H4D12'
#
loop_
_entity_poly.entity_id
_entity_poly.type
_entity_poly.pdbx_seq_one_letter_code
_entity_poly.pdbx_strand_id
1 'polypeptide(L)'
;MFVFLVLLPLVSSQCVNLITRTQLPPAYTNSFTRGVYYPDKVFRSSVLHSTQDLFLPFFSNVTWFHAIHVSGTNGTKHVD
NPVLPFNDGVYFASTEKSNIIRGWIFGTTLDSKTQSLLIVNNATNVVIKVCEFQFCNDPFLDVYYHKNNKSWMESEFRVY
SSANNCTFEYVSQPFLMDLEGKQGNFKNLREFVFKNIDGYFKIYSKHTPINLGRDLPQGFSALEPLVDLPIGINITRFQT
LLALHRSYLTPGDSSSGWTAGAAAYYVGYLQPRTFLLKYNENGTITDAVDCALDPLSETKCTLKSFTVEKGIYQTSNFRV
QPTESIVRFPNITNLCPFDEVFNATRFASVYAWNRKRISNCVADYSVLYNFAPFFAFKCYGVSPTKLNDLCFTNVYADSF
VIRGNEVSQIAPGQTGNIADYNYKLPDDFTGCVIAWNSNKLDSKVGGNYNYRYRLFRKSNLKPFERDISTEIYQAGNKPC
NGVAGVNCYFPLQSYGFRPTYGVGHQPYRVVVLSFELLHAPATVCGPKKSTNLVKNKCVNFNFNGLTGTGVLTESNKKFL
PFQQFGRDIADTTDAVRDPQTLEILDITPCSFGGVSVITPGTNTSNQVAVLYQGVNCTEVPVAIHADQLTPTWRVYSTGS
NVFQTRAGCLIGAEYVNSSYECDIPIGAGICASYQTQTKSHGSASSVASQSIIAYTMSLGAENSVAYSNNSIAIPTNFTI
SVTTEILPVSMTKTSVDCTMYICGDSTECSNLLLQYGSFCTQLKRALTGIAVEQDKNTQEVFAQVKQIYKTPPIKYFGGF
NFSQILPDPSKPSKRSPIEDLLFNKVTLADAGFIKQYGDCLGDIAARDLICAQKFNGLTVLPPLLTDEMIAQYTSALLAG
TITSGWTFGAGPALQIPFPMQMAYRFNGIGVTQNVLYENQKLIANQFNSAIGKIQDSLSSTPSALGKLQDVVNHNAQALN
TLVKQLSSKFGAISSVLNDILSRLDPPEAEVQIDRLITGRLQSLQTYVTQQLIRAAEIRASANLAATKMSECVLGQSKRV
DFCGKGYHLMSFPQSAPHGVVFLHVTYVPAQEKNFTTAPAICHDGKAHFPREGVFVSNGTHWFVTQRNFYEPQIITTDNT
FVSGNCDVVIGIVNNTVYDPLQPELDSFKEELDKYFKNHTSPDVDLGDISGINASVVNIQKEIDRLNEVAKNLNESLIDL
QELGKYEQGS
;
A,B,C
2 'polypeptide(L)'
;EVQLVESGGDLVQPGGSLRLSCAASGFIVSRNYMSWVRQAPGKGLEWVSSIYSGGSTFYAGSVKGRFTISRDNSKNTLYL
QMNSLRAEDTAIYYCARDIPRHGGDSWGQGTLVTVSSASTKGPSVFPLAPSSKSTSGGTAALGCLVKDYFPEPVTVSWNS
GALTSGVHTFPAVLQSSGLYSLSSVVTVPSSSLGTQTYICNVNHKPSNTKVDKKVEPK
;
E,G
3 'polypeptide(L)'
;IRMTQSPASLSASIGDRVTITCQASQDINKYLNWYQQKPGKAPRLLIYDASNLETGVPSRFSGSGSGTDFTFTISSLQPE
DIATYYCQQYDNLPITFGQGTRLEIKRTVAAPSVFIFPPSDEQLKSGTASVVCLLNNFYPREAKVQWKVDNALQSGNSQE
SVTEQDSKDSTYSLSSTLTLSKADYEKHKVYACEVTHQGLSSPVTKSFNRGE
;
D,F
4 'polypeptide(L)'
;EVQLVESGGGLVQPGWSLRLSCVVSGLKFDDFAMHWVRQVPGKGLEWVSGLNWNGDNVAFADSVKGRFTISRDNAENSLY
LQMNNLRPEDTAFYYCAKDSYYDILTGYSGAFDMWGQGTMVTVSSGGGGSGGGGSGGGGAIRMTQSPATLSLSPGERATL
SCRASQSVHNYLAWYQQKPGQAPRLLFYDASNRATGIPARFSASASGTDSTLTISSLEPEDFAVYYCQQRRNGYSFGQGT
KVEIK
;
H
#
# COMPACT_ATOMS: atom_id res chain seq x y z
N ALA A 27 45.16 -10.66 -37.20
CA ALA A 27 44.49 -11.39 -38.25
C ALA A 27 43.13 -11.89 -37.78
N TYR A 28 42.20 -12.04 -38.72
CA TYR A 28 40.86 -12.51 -38.41
C TYR A 28 40.60 -13.81 -39.15
N THR A 29 39.72 -14.64 -38.57
CA THR A 29 39.28 -15.87 -39.20
C THR A 29 37.90 -16.21 -38.66
N ASN A 30 37.02 -16.68 -39.54
CA ASN A 30 35.65 -16.95 -39.13
C ASN A 30 35.57 -18.21 -38.26
N SER A 31 34.62 -18.22 -37.33
CA SER A 31 34.40 -19.36 -36.47
C SER A 31 33.19 -20.14 -36.95
N PHE A 32 33.37 -21.43 -37.20
CA PHE A 32 32.27 -22.28 -37.67
C PHE A 32 31.38 -22.65 -36.50
N THR A 33 30.51 -23.64 -36.69
CA THR A 33 29.57 -24.05 -35.63
C THR A 33 30.37 -24.69 -34.51
N ARG A 34 31.03 -23.83 -33.74
CA ARG A 34 31.88 -24.25 -32.62
C ARG A 34 31.54 -23.39 -31.41
N GLY A 35 32.09 -23.79 -30.25
CA GLY A 35 31.89 -23.07 -29.02
C GLY A 35 30.63 -23.44 -28.25
N VAL A 36 29.86 -24.41 -28.73
CA VAL A 36 28.66 -24.84 -28.03
C VAL A 36 29.05 -25.69 -26.82
N TYR A 37 28.24 -25.61 -25.77
CA TYR A 37 28.50 -26.33 -24.53
C TYR A 37 27.19 -26.67 -23.84
N TYR A 38 27.24 -27.65 -22.95
CA TYR A 38 26.07 -28.03 -22.17
C TYR A 38 25.75 -26.92 -21.18
N PRO A 39 24.59 -26.27 -21.28
CA PRO A 39 24.36 -25.06 -20.49
C PRO A 39 23.78 -25.31 -19.10
N ASP A 40 23.14 -26.45 -18.88
CA ASP A 40 22.36 -26.66 -17.65
C ASP A 40 22.62 -27.99 -16.97
N LYS A 41 23.50 -28.83 -17.52
CA LYS A 41 23.84 -30.15 -16.96
C LYS A 41 22.61 -30.94 -16.51
N VAL A 42 21.54 -30.83 -17.30
CA VAL A 42 20.29 -31.55 -17.06
C VAL A 42 20.08 -32.54 -18.20
N PHE A 43 19.86 -33.80 -17.85
CA PHE A 43 19.75 -34.85 -18.86
C PHE A 43 18.45 -34.70 -19.65
N ARG A 44 18.57 -34.79 -20.97
CA ARG A 44 17.42 -34.75 -21.87
C ARG A 44 17.64 -35.79 -22.97
N SER A 45 16.56 -36.44 -23.38
CA SER A 45 16.64 -37.57 -24.29
C SER A 45 15.89 -37.27 -25.58
N SER A 46 16.65 -37.05 -26.66
CA SER A 46 16.11 -36.91 -28.01
C SER A 46 15.04 -35.83 -28.09
N VAL A 47 15.42 -34.61 -27.69
CA VAL A 47 14.50 -33.47 -27.67
C VAL A 47 15.21 -32.25 -28.24
N LEU A 48 14.41 -31.28 -28.67
CA LEU A 48 14.92 -29.99 -29.12
C LEU A 48 14.59 -28.93 -28.09
N HIS A 49 15.61 -28.24 -27.60
CA HIS A 49 15.44 -27.29 -26.51
C HIS A 49 15.97 -25.93 -26.92
N SER A 50 15.21 -24.89 -26.59
CA SER A 50 15.58 -23.51 -26.89
C SER A 50 16.17 -22.88 -25.64
N THR A 51 17.41 -22.40 -25.75
CA THR A 51 18.11 -21.82 -24.62
C THR A 51 18.63 -20.44 -24.97
N GLN A 52 18.36 -19.47 -24.12
CA GLN A 52 18.88 -18.10 -24.27
C GLN A 52 20.03 -17.92 -23.29
N ASP A 53 21.25 -17.84 -23.81
CA ASP A 53 22.43 -17.75 -22.96
C ASP A 53 23.57 -17.14 -23.75
N LEU A 54 24.74 -17.07 -23.11
CA LEU A 54 25.92 -16.46 -23.73
C LEU A 54 26.62 -17.53 -24.57
N PHE A 55 26.51 -17.40 -25.89
CA PHE A 55 27.11 -18.33 -26.84
C PHE A 55 27.98 -17.57 -27.83
N LEU A 56 28.77 -18.34 -28.58
CA LEU A 56 29.59 -17.77 -29.65
C LEU A 56 28.80 -17.83 -30.95
N PRO A 57 28.45 -16.70 -31.55
CA PRO A 57 27.61 -16.74 -32.76
C PRO A 57 28.29 -17.49 -33.89
N PHE A 58 27.49 -18.19 -34.68
CA PHE A 58 28.02 -18.96 -35.80
C PHE A 58 28.54 -18.04 -36.89
N PHE A 59 29.59 -18.49 -37.56
CA PHE A 59 30.14 -17.81 -38.74
C PHE A 59 30.57 -16.38 -38.43
N SER A 60 31.15 -16.17 -37.25
CA SER A 60 31.70 -14.88 -36.87
C SER A 60 33.21 -14.97 -36.79
N ASN A 61 33.88 -13.85 -37.03
CA ASN A 61 35.33 -13.82 -37.06
C ASN A 61 35.91 -13.73 -35.66
N VAL A 62 36.95 -14.52 -35.42
CA VAL A 62 37.65 -14.56 -34.14
C VAL A 62 39.12 -14.29 -34.38
N THR A 63 39.80 -13.73 -33.38
CA THR A 63 41.19 -13.33 -33.57
C THR A 63 42.12 -14.53 -33.44
N TRP A 64 43.22 -14.48 -34.17
CA TRP A 64 44.19 -15.58 -34.26
C TRP A 64 45.56 -15.05 -33.91
N PHE A 65 46.28 -15.76 -33.04
CA PHE A 65 47.64 -15.37 -32.66
C PHE A 65 48.56 -16.57 -32.73
N HIS A 66 49.83 -16.28 -32.99
CA HIS A 66 50.89 -17.29 -33.04
C HIS A 66 51.80 -17.14 -31.84
N ALA A 67 52.25 -18.28 -31.31
CA ALA A 67 53.18 -18.28 -30.19
C ALA A 67 54.61 -18.36 -30.68
N ILE A 68 55.14 -17.25 -31.20
CA ILE A 68 56.49 -17.21 -31.74
C ILE A 68 57.44 -16.56 -30.75
N HIS A 69 57.11 -15.35 -30.28
CA HIS A 69 57.94 -14.66 -29.31
C HIS A 69 57.13 -13.56 -28.66
N VAL A 70 57.72 -12.92 -27.66
CA VAL A 70 57.08 -11.82 -26.95
C VAL A 70 57.07 -10.56 -27.82
N ASP A 80 54.15 -11.59 -29.57
CA ASP A 80 53.65 -10.91 -28.38
C ASP A 80 52.19 -11.27 -28.11
N ASN A 81 51.78 -11.13 -26.85
CA ASN A 81 50.41 -11.40 -26.45
C ASN A 81 49.90 -10.25 -25.59
N PRO A 82 49.01 -9.41 -26.12
CA PRO A 82 48.48 -8.29 -25.34
C PRO A 82 47.47 -8.75 -24.29
N VAL A 83 47.09 -7.81 -23.43
CA VAL A 83 46.03 -8.05 -22.46
C VAL A 83 44.69 -7.80 -23.11
N LEU A 84 43.83 -8.81 -23.12
CA LEU A 84 42.53 -8.70 -23.77
C LEU A 84 41.44 -8.52 -22.72
N PRO A 85 40.43 -7.69 -22.99
CA PRO A 85 39.35 -7.51 -22.02
C PRO A 85 38.48 -8.75 -21.89
N PHE A 86 37.95 -8.94 -20.69
CA PHE A 86 36.99 -10.01 -20.41
C PHE A 86 35.60 -9.39 -20.40
N ASN A 87 35.08 -9.15 -21.60
CA ASN A 87 33.81 -8.44 -21.74
C ASN A 87 32.67 -9.23 -21.10
N ASP A 88 32.35 -10.39 -21.66
CA ASP A 88 31.27 -11.22 -21.13
C ASP A 88 31.60 -12.70 -21.04
N GLY A 89 32.75 -13.14 -21.57
CA GLY A 89 33.09 -14.54 -21.61
C GLY A 89 34.10 -14.78 -22.71
N VAL A 90 34.91 -15.83 -22.59
CA VAL A 90 36.00 -16.06 -23.53
C VAL A 90 35.92 -17.47 -24.09
N TYR A 91 36.01 -17.58 -25.42
CA TYR A 91 36.20 -18.86 -26.09
C TYR A 91 37.66 -18.91 -26.53
N PHE A 92 38.41 -19.84 -25.95
CA PHE A 92 39.85 -19.94 -26.15
C PHE A 92 40.15 -21.29 -26.78
N ALA A 93 40.58 -21.30 -28.04
CA ALA A 93 40.97 -22.52 -28.71
C ALA A 93 42.47 -22.51 -28.94
N SER A 94 43.09 -23.68 -28.86
CA SER A 94 44.54 -23.77 -29.00
C SER A 94 44.93 -25.02 -29.75
N THR A 95 45.89 -24.89 -30.67
CA THR A 95 46.51 -26.02 -31.33
C THR A 95 48.02 -25.93 -31.10
N GLU A 96 48.59 -26.98 -30.52
CA GLU A 96 49.99 -26.98 -30.15
C GLU A 96 50.43 -28.41 -29.82
N LYS A 97 51.75 -28.61 -29.78
CA LYS A 97 52.30 -29.93 -29.47
C LYS A 97 53.51 -29.85 -28.54
N SER A 98 53.66 -28.77 -27.77
CA SER A 98 54.80 -28.64 -26.87
C SER A 98 54.42 -28.08 -25.51
N ASN A 99 53.13 -27.89 -25.22
CA ASN A 99 52.66 -27.35 -23.94
C ASN A 99 53.32 -26.02 -23.61
N ILE A 100 53.46 -25.17 -24.63
CA ILE A 100 54.07 -23.86 -24.44
C ILE A 100 53.19 -22.97 -23.57
N ILE A 101 51.88 -22.97 -23.80
CA ILE A 101 50.93 -22.20 -23.01
C ILE A 101 50.47 -23.07 -21.85
N ARG A 102 50.46 -22.50 -20.64
CA ARG A 102 50.20 -23.27 -19.44
C ARG A 102 49.33 -22.57 -18.41
N GLY A 103 48.64 -21.49 -18.76
CA GLY A 103 47.78 -20.85 -17.78
C GLY A 103 47.23 -19.54 -18.26
N TRP A 104 46.55 -18.84 -17.34
CA TRP A 104 45.91 -17.56 -17.61
C TRP A 104 45.90 -16.71 -16.34
N ILE A 105 45.71 -15.42 -16.54
CA ILE A 105 45.55 -14.46 -15.44
C ILE A 105 44.28 -13.67 -15.72
N PHE A 106 43.52 -13.39 -14.66
CA PHE A 106 42.30 -12.60 -14.77
C PHE A 106 42.29 -11.56 -13.67
N GLY A 107 41.45 -10.56 -13.83
CA GLY A 107 41.29 -9.52 -12.82
C GLY A 107 41.07 -8.17 -13.47
N THR A 108 40.81 -7.19 -12.61
CA THR A 108 40.56 -5.81 -13.03
C THR A 108 41.83 -5.03 -13.29
N THR A 109 42.88 -5.24 -12.49
CA THR A 109 44.13 -4.51 -12.67
C THR A 109 45.28 -5.41 -12.23
N LEU A 110 46.48 -5.10 -12.72
CA LEU A 110 47.67 -5.86 -12.39
C LEU A 110 48.31 -5.45 -11.07
N ASP A 111 47.87 -4.35 -10.47
CA ASP A 111 48.43 -3.89 -9.22
C ASP A 111 47.80 -4.65 -8.05
N SER A 112 48.20 -4.26 -6.83
CA SER A 112 47.70 -4.87 -5.62
C SER A 112 46.39 -4.26 -5.14
N LYS A 113 45.88 -3.22 -5.81
CA LYS A 113 44.63 -2.60 -5.42
C LYS A 113 43.42 -3.47 -5.70
N THR A 114 43.55 -4.48 -6.56
CA THR A 114 42.46 -5.39 -6.87
C THR A 114 42.94 -6.83 -6.68
N GLN A 115 42.02 -7.69 -6.25
CA GLN A 115 42.33 -9.10 -6.02
C GLN A 115 42.20 -9.86 -7.34
N SER A 116 43.34 -10.03 -8.02
CA SER A 116 43.37 -10.74 -9.28
C SER A 116 43.39 -12.25 -9.04
N LEU A 117 43.21 -13.00 -10.13
CA LEU A 117 43.15 -14.45 -10.10
C LEU A 117 44.18 -15.03 -11.05
N LEU A 118 44.79 -16.15 -10.65
CA LEU A 118 45.79 -16.83 -11.46
C LEU A 118 45.39 -18.29 -11.62
N ILE A 119 45.61 -18.82 -12.82
CA ILE A 119 45.44 -20.24 -13.09
C ILE A 119 46.69 -20.72 -13.81
N VAL A 120 47.33 -21.77 -13.29
CA VAL A 120 48.54 -22.32 -13.87
C VAL A 120 48.34 -23.82 -14.06
N ASN A 121 48.46 -24.28 -15.30
CA ASN A 121 48.45 -25.69 -15.60
C ASN A 121 49.88 -26.23 -15.61
N ASN A 122 50.00 -27.54 -15.37
CA ASN A 122 51.30 -28.19 -15.34
C ASN A 122 51.10 -29.68 -15.58
N ALA A 123 52.22 -30.39 -15.75
CA ALA A 123 52.16 -31.82 -15.93
C ALA A 123 51.79 -32.56 -14.65
N THR A 124 51.86 -31.88 -13.50
CA THR A 124 51.55 -32.48 -12.21
C THR A 124 50.12 -32.24 -11.75
N ASN A 125 49.67 -30.99 -11.78
CA ASN A 125 48.33 -30.64 -11.33
C ASN A 125 48.02 -29.23 -11.79
N VAL A 126 46.74 -28.83 -11.62
CA VAL A 126 46.29 -27.49 -11.92
C VAL A 126 46.22 -26.69 -10.63
N VAL A 127 46.81 -25.49 -10.63
CA VAL A 127 46.85 -24.64 -9.45
C VAL A 127 46.10 -23.35 -9.75
N ILE A 128 45.03 -23.09 -9.02
CA ILE A 128 44.24 -21.88 -9.16
C ILE A 128 44.33 -21.12 -7.85
N LYS A 129 44.65 -19.82 -7.93
CA LYS A 129 44.88 -19.02 -6.75
C LYS A 129 44.23 -17.65 -6.91
N VAL A 130 43.88 -17.05 -5.78
CA VAL A 130 43.39 -15.67 -5.73
C VAL A 130 44.25 -14.96 -4.69
N CYS A 131 45.33 -14.32 -5.13
CA CYS A 131 46.27 -13.70 -4.19
C CYS A 131 46.69 -12.29 -4.61
N GLU A 132 46.21 -11.77 -5.74
CA GLU A 132 46.54 -10.42 -6.21
C GLU A 132 48.05 -10.22 -6.32
N PHE A 133 48.75 -11.19 -6.92
CA PHE A 133 50.20 -11.06 -7.09
C PHE A 133 50.50 -9.97 -8.11
N GLN A 134 50.92 -8.81 -7.60
CA GLN A 134 51.14 -7.65 -8.46
C GLN A 134 52.53 -7.68 -9.07
N PHE A 135 52.59 -7.89 -10.39
CA PHE A 135 53.83 -7.81 -11.14
C PHE A 135 53.93 -6.48 -11.89
N CYS A 136 54.90 -6.40 -12.78
CA CYS A 136 55.13 -5.21 -13.58
C CYS A 136 54.00 -5.01 -14.59
N ASN A 137 54.15 -4.00 -15.45
CA ASN A 137 53.13 -3.69 -16.43
C ASN A 137 52.81 -4.88 -17.33
N ASP A 138 53.79 -5.75 -17.57
CA ASP A 138 53.57 -6.99 -18.28
C ASP A 138 54.15 -8.15 -17.46
N PRO A 139 53.41 -9.24 -17.33
CA PRO A 139 53.91 -10.36 -16.51
C PRO A 139 55.18 -10.97 -17.12
N PHE A 140 56.08 -11.39 -16.25
CA PHE A 140 57.30 -12.04 -16.70
C PHE A 140 56.99 -13.41 -17.28
N LEU A 141 57.85 -13.83 -18.22
CA LEU A 141 57.73 -15.14 -18.85
C LEU A 141 58.29 -16.19 -17.90
N ASP A 142 57.49 -17.20 -17.60
CA ASP A 142 57.92 -18.27 -16.70
C ASP A 142 58.93 -19.20 -17.38
N PHE A 157 65.00 -21.84 -11.39
CA PHE A 157 64.01 -20.91 -10.84
C PHE A 157 62.98 -20.52 -11.90
N ARG A 158 61.81 -21.14 -11.84
CA ARG A 158 60.74 -20.87 -12.80
C ARG A 158 59.75 -19.83 -12.33
N VAL A 159 59.49 -19.73 -11.02
CA VAL A 159 58.50 -18.80 -10.50
C VAL A 159 59.18 -17.92 -9.45
N TYR A 160 58.97 -16.60 -9.59
CA TYR A 160 59.50 -15.64 -8.62
C TYR A 160 58.49 -14.51 -8.52
N SER A 161 57.81 -14.42 -7.39
CA SER A 161 56.74 -13.45 -7.20
C SER A 161 56.92 -12.75 -5.86
N SER A 162 56.23 -11.63 -5.68
CA SER A 162 56.32 -10.83 -4.48
C SER A 162 55.33 -11.36 -3.44
N ALA A 163 55.06 -10.55 -2.42
CA ALA A 163 54.13 -10.93 -1.37
C ALA A 163 52.72 -11.10 -1.93
N ASN A 164 51.96 -11.97 -1.29
CA ASN A 164 50.61 -12.33 -1.74
C ASN A 164 49.61 -12.16 -0.61
N ASN A 165 48.35 -12.06 -1.00
CA ASN A 165 47.21 -11.93 -0.09
C ASN A 165 46.18 -13.00 -0.40
N CYS A 166 46.64 -14.26 -0.47
CA CYS A 166 45.81 -15.36 -0.93
C CYS A 166 44.54 -15.49 -0.10
N THR A 167 43.40 -15.61 -0.81
CA THR A 167 42.11 -15.82 -0.18
C THR A 167 41.44 -17.12 -0.59
N PHE A 168 41.71 -17.63 -1.80
CA PHE A 168 41.13 -18.88 -2.25
C PHE A 168 42.17 -19.62 -3.09
N GLU A 169 42.15 -20.95 -2.98
CA GLU A 169 43.13 -21.79 -3.66
C GLU A 169 42.45 -23.10 -4.04
N TYR A 170 42.90 -23.71 -5.13
CA TYR A 170 42.26 -24.91 -5.65
C TYR A 170 43.29 -25.71 -6.43
N VAL A 171 43.25 -27.04 -6.25
CA VAL A 171 44.15 -27.95 -6.94
C VAL A 171 43.35 -29.14 -7.43
N SER A 172 43.59 -29.54 -8.68
CA SER A 172 42.93 -30.70 -9.27
C SER A 172 43.92 -31.36 -10.24
N GLN A 173 43.49 -32.49 -10.81
CA GLN A 173 44.33 -33.26 -11.71
C GLN A 173 44.62 -32.46 -12.99
N PRO A 174 45.78 -32.69 -13.60
CA PRO A 174 46.10 -31.97 -14.83
C PRO A 174 45.28 -32.48 -16.00
N PHE A 175 45.21 -31.65 -17.05
CA PHE A 175 44.42 -31.96 -18.23
C PHE A 175 45.15 -32.96 -19.12
N LEU A 176 45.34 -34.18 -18.63
CA LEU A 176 46.00 -35.22 -19.40
C LEU A 176 44.99 -36.06 -20.17
N LYS A 187 48.64 -30.17 -32.92
CA LYS A 187 47.84 -31.12 -33.68
C LYS A 187 46.38 -31.12 -33.21
N ASN A 188 46.17 -31.64 -32.00
CA ASN A 188 44.82 -31.71 -31.43
C ASN A 188 44.36 -30.31 -31.04
N LEU A 189 43.05 -30.10 -31.08
CA LEU A 189 42.45 -28.80 -30.75
C LEU A 189 41.92 -28.87 -29.32
N ARG A 190 42.41 -27.97 -28.47
CA ARG A 190 41.88 -27.84 -27.12
C ARG A 190 40.98 -26.61 -27.06
N GLU A 191 39.71 -26.81 -26.77
CA GLU A 191 38.73 -25.74 -26.72
C GLU A 191 38.29 -25.53 -25.27
N PHE A 192 38.26 -24.26 -24.85
CA PHE A 192 37.85 -23.89 -23.51
C PHE A 192 36.89 -22.71 -23.59
N VAL A 193 35.95 -22.69 -22.66
CA VAL A 193 35.07 -21.54 -22.45
C VAL A 193 35.19 -21.10 -21.00
N PHE A 194 35.49 -19.83 -20.80
CA PHE A 194 35.62 -19.23 -19.48
C PHE A 194 34.50 -18.22 -19.28
N LYS A 195 33.73 -18.40 -18.21
CA LYS A 195 32.57 -17.55 -17.95
C LYS A 195 32.54 -17.15 -16.48
N ASN A 196 31.97 -15.98 -16.20
CA ASN A 196 31.84 -15.49 -14.83
C ASN A 196 30.69 -14.49 -14.81
N ILE A 197 29.57 -14.87 -14.19
CA ILE A 197 28.35 -14.09 -14.22
C ILE A 197 27.83 -13.79 -12.81
N ASP A 198 27.64 -14.82 -11.99
CA ASP A 198 26.97 -14.68 -10.70
C ASP A 198 27.88 -15.04 -9.52
N GLY A 199 29.12 -14.57 -9.54
CA GLY A 199 30.06 -14.90 -8.49
C GLY A 199 30.66 -16.28 -8.60
N TYR A 200 30.41 -17.00 -9.68
CA TYR A 200 31.02 -18.29 -9.94
C TYR A 200 31.77 -18.22 -11.27
N PHE A 201 32.92 -18.89 -11.30
CA PHE A 201 33.76 -18.91 -12.50
C PHE A 201 33.71 -20.32 -13.07
N LYS A 202 33.24 -20.44 -14.31
CA LYS A 202 32.99 -21.72 -14.94
C LYS A 202 33.94 -21.93 -16.11
N ILE A 203 34.55 -23.12 -16.16
CA ILE A 203 35.45 -23.52 -17.23
C ILE A 203 34.89 -24.77 -17.87
N TYR A 204 34.59 -24.68 -19.17
CA TYR A 204 34.20 -25.81 -20.00
C TYR A 204 35.36 -26.14 -20.92
N SER A 205 35.53 -27.42 -21.24
CA SER A 205 36.70 -27.83 -22.02
C SER A 205 36.39 -29.05 -22.86
N LYS A 206 37.18 -29.23 -23.91
CA LYS A 206 37.13 -30.42 -24.75
C LYS A 206 38.41 -30.53 -25.58
N HIS A 207 38.93 -31.74 -25.69
CA HIS A 207 40.11 -32.04 -26.49
C HIS A 207 39.69 -32.90 -27.67
N THR A 208 39.92 -32.39 -28.88
CA THR A 208 39.43 -33.09 -30.06
C THR A 208 40.56 -33.33 -31.05
N PRO A 209 40.50 -34.42 -31.81
CA PRO A 209 41.51 -34.67 -32.84
C PRO A 209 41.41 -33.68 -33.99
N ILE A 210 42.53 -33.51 -34.69
CA ILE A 210 42.59 -32.60 -35.82
C ILE A 210 41.74 -33.12 -36.97
N ASP A 215 41.60 -23.17 -40.26
CA ASP A 215 42.20 -24.31 -39.59
C ASP A 215 41.19 -25.03 -38.70
N LEU A 216 40.19 -24.29 -38.22
CA LEU A 216 39.17 -24.89 -37.37
C LEU A 216 38.28 -25.81 -38.22
N PRO A 217 38.09 -27.06 -37.82
CA PRO A 217 37.31 -27.99 -38.63
C PRO A 217 35.83 -27.63 -38.61
N GLN A 218 35.11 -28.15 -39.62
CA GLN A 218 33.68 -27.93 -39.72
C GLN A 218 32.87 -28.92 -38.89
N GLY A 219 33.52 -29.87 -38.23
CA GLY A 219 32.80 -30.84 -37.41
C GLY A 219 32.16 -30.18 -36.20
N PHE A 220 31.09 -30.79 -35.72
CA PHE A 220 30.36 -30.25 -34.58
C PHE A 220 30.66 -31.06 -33.32
N SER A 221 30.89 -30.35 -32.22
CA SER A 221 31.18 -30.99 -30.94
C SER A 221 30.83 -30.06 -29.79
N ALA A 222 30.11 -30.57 -28.80
CA ALA A 222 29.67 -29.78 -27.66
C ALA A 222 30.71 -29.85 -26.53
N LEU A 223 30.89 -28.73 -25.85
CA LEU A 223 31.85 -28.63 -24.77
C LEU A 223 31.22 -29.07 -23.46
N GLU A 224 32.01 -29.77 -22.64
CA GLU A 224 31.50 -30.31 -21.40
C GLU A 224 31.92 -29.44 -20.21
N PRO A 225 31.15 -29.38 -19.13
CA PRO A 225 31.52 -28.51 -18.01
C PRO A 225 32.56 -29.15 -17.10
N LEU A 226 33.72 -28.52 -17.03
CA LEU A 226 34.87 -29.09 -16.34
C LEU A 226 34.97 -28.62 -14.89
N VAL A 227 35.09 -27.31 -14.67
CA VAL A 227 35.38 -26.78 -13.34
C VAL A 227 34.43 -25.64 -13.02
N ASP A 228 33.96 -25.62 -11.77
CA ASP A 228 33.09 -24.56 -11.26
C ASP A 228 33.71 -24.07 -9.95
N LEU A 229 34.19 -22.79 -9.94
CA LEU A 229 34.77 -22.22 -8.73
C LEU A 229 33.84 -21.17 -8.13
N PRO A 230 33.82 -21.05 -6.81
CA PRO A 230 32.97 -20.06 -6.15
C PRO A 230 33.59 -18.68 -5.97
N ILE A 231 34.75 -18.43 -6.59
CA ILE A 231 35.40 -17.13 -6.45
C ILE A 231 34.53 -16.05 -7.09
N GLY A 232 34.39 -14.93 -6.39
CA GLY A 232 33.50 -13.86 -6.85
C GLY A 232 34.17 -12.53 -7.09
N ILE A 233 35.36 -12.55 -7.67
CA ILE A 233 36.06 -11.30 -7.98
C ILE A 233 35.56 -10.75 -9.32
N ASN A 234 35.76 -9.46 -9.52
CA ASN A 234 35.35 -8.79 -10.76
C ASN A 234 36.43 -9.00 -11.81
N ILE A 235 36.14 -9.80 -12.82
CA ILE A 235 37.08 -10.08 -13.90
C ILE A 235 36.70 -9.28 -15.13
N THR A 236 37.61 -8.45 -15.61
CA THR A 236 37.40 -7.65 -16.81
C THR A 236 38.55 -7.70 -17.81
N ARG A 237 39.73 -8.18 -17.40
CA ARG A 237 40.90 -8.26 -18.26
C ARG A 237 41.58 -9.60 -18.07
N PHE A 238 42.23 -10.09 -19.12
CA PHE A 238 42.88 -11.39 -19.04
C PHE A 238 44.04 -11.46 -20.01
N GLN A 239 44.93 -12.42 -19.77
CA GLN A 239 46.10 -12.66 -20.61
C GLN A 239 46.50 -14.12 -20.48
N THR A 240 47.21 -14.62 -21.48
CA THR A 240 47.69 -16.00 -21.51
C THR A 240 49.10 -16.08 -20.93
N LEU A 241 49.48 -17.29 -20.53
CA LEU A 241 50.76 -17.54 -19.87
C LEU A 241 51.56 -18.57 -20.64
N LEU A 242 52.80 -18.23 -20.97
CA LEU A 242 53.75 -19.12 -21.62
C LEU A 242 54.92 -19.38 -20.68
N ALA A 243 55.62 -20.49 -20.92
CA ALA A 243 56.71 -20.89 -20.05
C ALA A 243 57.73 -21.69 -20.83
N LEU A 244 58.94 -21.77 -20.27
CA LEU A 244 60.04 -22.52 -20.85
C LEU A 244 61.01 -22.89 -19.74
N HIS A 245 61.63 -24.07 -19.88
CA HIS A 245 62.56 -24.55 -18.88
C HIS A 245 63.94 -23.94 -19.09
N ARG A 246 64.51 -23.41 -18.01
CA ARG A 246 65.85 -22.81 -18.03
C ARG A 246 65.94 -21.70 -19.09
N SER A 247 64.99 -20.77 -19.02
CA SER A 247 64.91 -19.65 -19.95
C SER A 247 65.15 -18.34 -19.23
N TYR A 248 65.71 -17.37 -19.94
CA TYR A 248 66.01 -16.07 -19.35
C TYR A 248 64.73 -15.34 -18.98
N LEU A 249 64.83 -14.51 -17.94
CA LEU A 249 63.68 -13.76 -17.42
C LEU A 249 64.02 -12.28 -17.41
N THR A 250 63.14 -11.48 -17.98
CA THR A 250 63.29 -10.03 -17.99
C THR A 250 61.93 -9.37 -17.73
N PRO A 251 61.88 -8.42 -16.80
CA PRO A 251 60.61 -7.72 -16.55
C PRO A 251 60.09 -6.97 -17.77
N GLY A 252 60.98 -6.41 -18.58
CA GLY A 252 60.57 -5.70 -19.78
C GLY A 252 61.49 -5.96 -20.96
N ASP A 253 60.92 -6.12 -22.14
CA ASP A 253 61.72 -6.38 -23.33
C ASP A 253 60.98 -5.85 -24.57
N SER A 254 61.71 -5.76 -25.66
CA SER A 254 61.15 -5.32 -26.94
C SER A 254 60.42 -6.49 -27.59
N SER A 255 60.09 -6.34 -28.87
CA SER A 255 59.38 -7.37 -29.62
C SER A 255 60.27 -8.52 -30.05
N SER A 256 61.54 -8.55 -29.60
CA SER A 256 62.43 -9.65 -29.96
C SER A 256 61.93 -10.97 -29.39
N GLY A 257 61.55 -10.98 -28.11
CA GLY A 257 60.99 -12.18 -27.50
C GLY A 257 62.01 -13.29 -27.34
N TRP A 258 61.49 -14.51 -27.26
CA TRP A 258 62.31 -15.70 -27.08
C TRP A 258 61.79 -16.80 -28.02
N THR A 259 62.68 -17.73 -28.33
CA THR A 259 62.32 -18.84 -29.21
C THR A 259 61.28 -19.72 -28.55
N ALA A 260 60.35 -20.22 -29.36
CA ALA A 260 59.26 -21.05 -28.87
C ALA A 260 58.83 -22.00 -29.98
N GLY A 261 58.15 -23.07 -29.59
CA GLY A 261 57.68 -24.04 -30.55
C GLY A 261 56.50 -23.52 -31.36
N ALA A 262 56.20 -24.26 -32.43
CA ALA A 262 55.09 -23.90 -33.30
C ALA A 262 53.76 -24.08 -32.57
N ALA A 263 53.06 -22.99 -32.33
CA ALA A 263 51.77 -23.05 -31.63
C ALA A 263 50.91 -21.90 -32.12
N ALA A 264 49.59 -22.07 -31.94
CA ALA A 264 48.63 -21.05 -32.36
C ALA A 264 47.41 -21.12 -31.45
N TYR A 265 46.82 -19.97 -31.21
CA TYR A 265 45.62 -19.90 -30.37
C TYR A 265 44.66 -18.85 -30.91
N TYR A 266 43.37 -19.19 -30.87
CA TYR A 266 42.28 -18.34 -31.33
C TYR A 266 41.43 -17.91 -30.15
N VAL A 267 41.01 -16.64 -30.19
CA VAL A 267 40.23 -16.04 -29.12
C VAL A 267 38.94 -15.47 -29.71
N GLY A 268 37.81 -15.77 -29.06
CA GLY A 268 36.53 -15.24 -29.48
C GLY A 268 35.72 -14.79 -28.29
N TYR A 269 34.80 -13.88 -28.56
CA TYR A 269 33.97 -13.26 -27.53
C TYR A 269 32.55 -13.82 -27.60
N LEU A 270 31.98 -14.09 -26.44
CA LEU A 270 30.62 -14.62 -26.36
C LEU A 270 29.61 -13.49 -26.26
N GLN A 271 28.42 -13.72 -26.82
CA GLN A 271 27.34 -12.75 -26.82
C GLN A 271 26.05 -13.43 -26.40
N PRO A 272 25.10 -12.68 -25.83
CA PRO A 272 23.82 -13.28 -25.44
C PRO A 272 22.96 -13.57 -26.65
N ARG A 273 22.78 -14.85 -26.95
CA ARG A 273 22.00 -15.28 -28.11
C ARG A 273 21.10 -16.43 -27.70
N THR A 274 20.12 -16.72 -28.55
CA THR A 274 19.21 -17.84 -28.38
C THR A 274 19.62 -18.95 -29.35
N PHE A 275 19.69 -20.18 -28.85
CA PHE A 275 20.10 -21.32 -29.64
C PHE A 275 19.06 -22.42 -29.53
N LEU A 276 18.96 -23.24 -30.57
CA LEU A 276 18.12 -24.44 -30.56
C LEU A 276 19.03 -25.66 -30.58
N LEU A 277 19.06 -26.40 -29.48
CA LEU A 277 19.97 -27.52 -29.31
C LEU A 277 19.21 -28.84 -29.46
N LYS A 278 19.87 -29.84 -30.03
CA LYS A 278 19.28 -31.15 -30.24
C LYS A 278 19.99 -32.16 -29.36
N TYR A 279 19.23 -32.89 -28.54
CA TYR A 279 19.74 -33.94 -27.69
C TYR A 279 19.29 -35.29 -28.24
N ASN A 280 20.23 -36.22 -28.39
CA ASN A 280 19.93 -37.53 -28.91
C ASN A 280 19.48 -38.45 -27.78
N GLU A 281 19.39 -39.75 -28.08
CA GLU A 281 18.93 -40.73 -27.11
C GLU A 281 19.89 -40.93 -25.95
N ASN A 282 21.17 -40.56 -26.12
CA ASN A 282 22.17 -40.73 -25.07
C ASN A 282 22.40 -39.46 -24.26
N GLY A 283 21.58 -38.42 -24.46
CA GLY A 283 21.73 -37.20 -23.70
C GLY A 283 22.87 -36.32 -24.13
N THR A 284 23.36 -36.46 -25.36
CA THR A 284 24.46 -35.66 -25.88
C THR A 284 23.93 -34.68 -26.93
N ILE A 285 24.48 -33.47 -26.92
CA ILE A 285 24.12 -32.46 -27.91
C ILE A 285 24.81 -32.81 -29.22
N THR A 286 24.02 -32.99 -30.29
CA THR A 286 24.55 -33.35 -31.59
C THR A 286 24.43 -32.26 -32.63
N ASP A 287 23.38 -31.45 -32.58
CA ASP A 287 23.19 -30.38 -33.55
C ASP A 287 22.74 -29.12 -32.81
N ALA A 288 23.03 -27.97 -33.43
CA ALA A 288 22.62 -26.69 -32.88
C ALA A 288 22.22 -25.76 -34.01
N VAL A 289 21.33 -24.83 -33.69
CA VAL A 289 20.85 -23.83 -34.64
C VAL A 289 20.96 -22.45 -33.99
N ASP A 290 21.68 -21.55 -34.66
CA ASP A 290 21.76 -20.16 -34.25
C ASP A 290 20.46 -19.47 -34.64
N CYS A 291 19.77 -18.88 -33.67
CA CYS A 291 18.40 -18.45 -33.93
C CYS A 291 18.33 -17.11 -34.66
N ALA A 292 19.44 -16.37 -34.75
CA ALA A 292 19.44 -15.06 -35.37
C ALA A 292 20.45 -14.99 -36.51
N LEU A 293 20.72 -16.12 -37.17
CA LEU A 293 21.68 -16.13 -38.27
C LEU A 293 21.04 -15.70 -39.58
N ASP A 294 20.03 -16.45 -40.04
CA ASP A 294 19.37 -16.18 -41.30
C ASP A 294 17.87 -16.45 -41.17
N PRO A 295 17.04 -16.04 -42.13
CA PRO A 295 15.60 -16.31 -42.00
C PRO A 295 15.24 -17.79 -41.86
N LEU A 296 15.99 -18.68 -42.51
CA LEU A 296 15.68 -20.10 -42.40
C LEU A 296 15.90 -20.61 -40.98
N SER A 297 16.96 -20.13 -40.31
CA SER A 297 17.18 -20.49 -38.92
C SER A 297 16.07 -19.96 -38.03
N GLU A 298 15.57 -18.75 -38.32
CA GLU A 298 14.45 -18.22 -37.56
C GLU A 298 13.18 -19.05 -37.78
N THR A 299 12.96 -19.53 -39.00
CA THR A 299 11.84 -20.43 -39.25
C THR A 299 11.99 -21.72 -38.46
N LYS A 300 13.20 -22.26 -38.42
CA LYS A 300 13.44 -23.48 -37.64
C LYS A 300 13.20 -23.23 -36.16
N CYS A 301 13.57 -22.05 -35.66
CA CYS A 301 13.25 -21.68 -34.28
C CYS A 301 11.75 -21.65 -34.05
N THR A 302 11.00 -20.98 -34.94
CA THR A 302 9.57 -20.84 -34.76
C THR A 302 8.87 -22.20 -34.79
N LEU A 303 9.25 -23.07 -35.73
CA LEU A 303 8.65 -24.39 -35.80
C LEU A 303 9.25 -25.39 -34.82
N LYS A 304 10.39 -25.06 -34.20
CA LYS A 304 11.10 -25.96 -33.30
C LYS A 304 11.33 -27.31 -33.96
N SER A 305 11.81 -27.26 -35.20
CA SER A 305 12.07 -28.47 -35.98
C SER A 305 13.23 -28.19 -36.92
N PHE A 306 14.11 -29.18 -37.09
CA PHE A 306 15.26 -28.99 -37.97
C PHE A 306 14.90 -29.11 -39.44
N THR A 307 13.76 -29.72 -39.76
CA THR A 307 13.25 -29.81 -41.12
C THR A 307 11.93 -29.04 -41.19
N VAL A 308 11.85 -28.10 -42.13
CA VAL A 308 10.64 -27.30 -42.32
C VAL A 308 9.99 -27.73 -43.63
N GLU A 309 8.67 -27.69 -43.67
CA GLU A 309 7.93 -28.08 -44.86
C GLU A 309 7.74 -26.88 -45.78
N LYS A 310 7.35 -27.18 -47.02
CA LYS A 310 7.14 -26.13 -48.01
C LYS A 310 6.00 -25.21 -47.61
N GLY A 311 6.22 -23.91 -47.73
CA GLY A 311 5.16 -22.96 -47.51
C GLY A 311 5.68 -21.61 -47.03
N ILE A 312 4.76 -20.85 -46.47
CA ILE A 312 5.01 -19.51 -45.93
C ILE A 312 4.82 -19.56 -44.42
N TYR A 313 5.76 -18.96 -43.70
CA TYR A 313 5.73 -18.97 -42.24
C TYR A 313 5.95 -17.57 -41.71
N GLN A 314 5.11 -17.16 -40.76
CA GLN A 314 5.21 -15.85 -40.13
C GLN A 314 6.19 -15.96 -38.97
N THR A 315 7.36 -15.33 -39.12
CA THR A 315 8.43 -15.54 -38.15
C THR A 315 8.46 -14.45 -37.08
N SER A 316 8.50 -13.19 -37.48
CA SER A 316 8.67 -12.11 -36.52
C SER A 316 8.06 -10.83 -37.07
N ASN A 317 8.31 -9.72 -36.40
CA ASN A 317 7.84 -8.40 -36.78
C ASN A 317 9.01 -7.44 -36.82
N PHE A 318 8.88 -6.37 -37.60
CA PHE A 318 9.94 -5.39 -37.72
C PHE A 318 9.36 -3.99 -37.52
N ARG A 319 10.23 -3.06 -37.11
CA ARG A 319 9.87 -1.66 -36.99
C ARG A 319 11.08 -0.83 -37.38
N VAL A 320 10.86 0.19 -38.22
CA VAL A 320 11.98 0.99 -38.70
C VAL A 320 12.53 1.84 -37.56
N GLN A 321 13.86 1.82 -37.42
CA GLN A 321 14.56 2.56 -36.36
C GLN A 321 14.01 2.25 -34.97
N PRO A 322 12.46 5.87 -34.90
CA PRO A 322 13.09 7.06 -34.31
C PRO A 322 14.53 7.24 -34.73
N THR A 323 14.74 7.90 -35.87
CA THR A 323 16.08 8.21 -36.35
C THR A 323 16.62 9.53 -35.79
N GLU A 324 15.78 10.30 -35.10
CA GLU A 324 16.17 11.59 -34.57
C GLU A 324 15.18 11.98 -33.48
N SER A 325 15.57 12.95 -32.65
CA SER A 325 14.71 13.49 -31.62
C SER A 325 14.70 15.01 -31.73
N ILE A 326 13.51 15.59 -31.82
CA ILE A 326 13.34 17.03 -31.95
C ILE A 326 12.36 17.53 -30.90
N VAL A 327 12.63 18.71 -30.37
CA VAL A 327 11.76 19.38 -29.41
C VAL A 327 11.40 20.74 -29.98
N ARG A 328 10.10 21.02 -30.05
CA ARG A 328 9.60 22.24 -30.69
C ARG A 328 8.84 23.06 -29.66
N PHE A 329 9.19 24.32 -29.54
CA PHE A 329 8.60 25.26 -28.59
C PHE A 329 8.28 26.57 -29.30
N PRO A 330 7.37 27.37 -28.76
CA PRO A 330 6.95 28.60 -29.47
C PRO A 330 8.08 29.59 -29.64
N ASN A 331 6.90 30.63 -31.05
CA ASN A 331 7.70 31.76 -31.50
C ASN A 331 7.58 32.89 -30.48
N ILE A 332 7.14 32.55 -29.27
CA ILE A 332 6.90 33.52 -28.21
C ILE A 332 8.15 34.34 -27.95
N THR A 333 8.01 35.66 -28.00
CA THR A 333 9.10 36.57 -27.69
C THR A 333 8.48 37.77 -26.99
N ASN A 334 6.39 37.19 -24.93
CA ASN A 334 6.79 38.51 -24.45
C ASN A 334 7.72 38.41 -23.25
N LEU A 335 8.81 39.16 -23.30
CA LEU A 335 9.79 39.16 -22.22
C LEU A 335 9.40 40.18 -21.15
N CYS A 336 9.82 39.90 -19.92
CA CYS A 336 9.52 40.79 -18.81
C CYS A 336 10.37 42.06 -18.91
N PRO A 337 9.80 43.20 -18.51
CA PRO A 337 10.53 44.48 -18.69
C PRO A 337 11.62 44.69 -17.65
N PHE A 338 12.72 43.94 -17.77
CA PHE A 338 13.87 44.15 -16.88
C PHE A 338 14.74 45.39 -17.04
N ASP A 339 14.56 46.09 -18.16
CA ASP A 339 15.24 47.36 -18.39
C ASP A 339 14.91 48.72 -17.81
N GLU A 340 13.67 48.96 -17.40
CA GLU A 340 13.31 50.16 -16.64
C GLU A 340 13.45 49.95 -15.14
N VAL A 341 13.80 48.74 -14.70
CA VAL A 341 14.04 48.45 -13.30
C VAL A 341 15.53 48.58 -13.03
N PHE A 342 16.34 47.97 -13.87
CA PHE A 342 17.80 48.01 -13.77
C PHE A 342 18.41 49.21 -14.44
N ASN A 343 17.63 50.10 -15.03
CA ASN A 343 18.33 51.22 -15.69
C ASN A 343 17.14 52.08 -15.29
N ALA A 344 17.37 53.34 -14.94
CA ALA A 344 16.25 54.28 -14.68
C ALA A 344 17.30 55.38 -14.61
N THR A 345 16.91 56.65 -14.51
CA THR A 345 17.96 57.69 -14.30
C THR A 345 17.99 58.06 -12.82
N ARG A 346 17.04 57.51 -12.05
CA ARG A 346 16.98 57.80 -10.60
C ARG A 346 16.45 56.53 -9.94
N PHE A 347 16.74 56.31 -8.66
CA PHE A 347 16.14 55.14 -7.99
C PHE A 347 15.48 55.63 -6.72
N ALA A 348 14.58 54.85 -6.17
CA ALA A 348 13.86 55.26 -4.96
C ALA A 348 14.84 55.44 -3.80
N SER A 349 14.63 56.39 -2.91
CA SER A 349 15.49 56.49 -1.73
C SER A 349 14.95 55.48 -0.76
N VAL A 350 15.69 55.15 0.27
CA VAL A 350 15.25 54.03 1.12
C VAL A 350 13.91 54.28 1.79
N TYR A 351 13.64 55.50 2.31
CA TYR A 351 12.38 55.70 3.07
C TYR A 351 11.20 55.38 2.15
N ALA A 352 11.20 55.87 0.92
CA ALA A 352 10.18 55.50 -0.09
C ALA A 352 10.95 54.36 -0.76
N TRP A 353 10.50 53.11 -0.67
CA TRP A 353 11.35 52.08 -1.30
C TRP A 353 10.35 51.75 -2.39
N ASN A 354 10.76 51.84 -3.66
CA ASN A 354 9.81 51.67 -4.80
C ASN A 354 9.56 50.22 -5.19
N ARG A 355 8.54 49.56 -4.64
CA ARG A 355 8.20 48.18 -5.05
C ARG A 355 7.60 48.20 -6.47
N LYS A 356 7.64 47.08 -7.18
CA LYS A 356 6.99 46.98 -8.52
C LYS A 356 6.59 45.53 -8.77
N ARG A 357 5.85 45.26 -9.85
CA ARG A 357 5.38 43.87 -10.10
C ARG A 357 5.66 43.50 -11.54
N ILE A 358 6.27 42.34 -11.76
CA ILE A 358 6.54 41.87 -13.14
C ILE A 358 5.59 40.70 -13.32
N SER A 359 4.71 40.74 -14.31
CA SER A 359 3.68 39.68 -14.40
C SER A 359 3.39 39.20 -15.82
N ASN A 360 2.92 37.95 -15.95
CA ASN A 360 2.45 37.42 -17.27
C ASN A 360 3.52 37.54 -18.35
N CYS A 361 4.77 37.23 -18.06
CA CYS A 361 5.72 37.35 -19.19
C CYS A 361 6.76 36.26 -19.12
N VAL A 362 7.31 35.89 -20.25
CA VAL A 362 8.43 34.94 -20.18
C VAL A 362 9.51 35.76 -19.48
N ALA A 363 10.10 35.26 -18.40
CA ALA A 363 11.21 36.02 -17.81
C ALA A 363 12.44 35.11 -17.82
N ASP A 364 13.45 35.50 -18.57
CA ASP A 364 14.68 34.69 -18.47
C ASP A 364 15.63 35.56 -17.67
N TYR A 365 16.03 35.08 -16.51
CA TYR A 365 16.88 35.92 -15.64
C TYR A 365 18.28 35.76 -16.20
N SER A 366 18.43 36.04 -17.49
CA SER A 366 19.74 35.96 -18.17
C SER A 366 19.90 37.30 -18.86
N VAL A 367 18.82 38.06 -18.89
CA VAL A 367 18.89 39.42 -19.49
C VAL A 367 19.87 40.19 -18.63
N LEU A 368 19.81 39.99 -17.31
CA LEU A 368 20.77 40.64 -16.39
C LEU A 368 22.01 39.76 -16.39
N TYR A 369 22.96 39.98 -15.49
CA TYR A 369 24.27 39.27 -15.50
C TYR A 369 24.97 39.88 -16.70
N ASN A 370 24.41 40.99 -17.18
CA ASN A 370 25.00 41.67 -18.36
C ASN A 370 25.75 42.92 -17.94
N PHE A 371 25.19 43.73 -17.04
CA PHE A 371 25.88 45.03 -16.75
C PHE A 371 26.22 45.23 -15.28
N ALA A 372 25.67 44.42 -14.38
CA ALA A 372 25.93 44.71 -12.95
C ALA A 372 27.12 43.89 -12.48
N PRO A 373 28.26 44.48 -12.06
CA PRO A 373 29.37 43.72 -11.49
C PRO A 373 28.76 43.72 -10.09
N PHE A 374 27.74 42.92 -9.90
CA PHE A 374 27.01 43.05 -8.65
C PHE A 374 27.96 42.89 -7.50
N PHE A 375 28.04 43.93 -6.71
CA PHE A 375 28.77 43.71 -5.46
C PHE A 375 27.65 42.89 -4.82
N ALA A 376 27.93 41.67 -4.39
CA ALA A 376 26.94 40.79 -3.74
C ALA A 376 25.68 40.37 -4.53
N PHE A 377 25.78 39.58 -5.59
CA PHE A 377 24.54 39.06 -6.23
C PHE A 377 23.86 38.23 -5.15
N LYS A 378 24.62 37.46 -4.41
CA LYS A 378 24.09 36.81 -3.19
C LYS A 378 22.73 36.18 -3.33
N CYS A 379 22.48 35.38 -4.35
CA CYS A 379 21.11 34.80 -4.35
C CYS A 379 20.92 33.77 -3.25
N TYR A 380 19.71 33.70 -2.69
CA TYR A 380 19.44 32.78 -1.56
C TYR A 380 18.42 31.74 -2.00
N GLY A 381 18.86 30.49 -2.03
CA GLY A 381 17.93 29.39 -2.33
C GLY A 381 17.43 29.03 -3.70
N VAL A 382 17.65 29.90 -4.66
CA VAL A 382 17.02 29.67 -5.98
C VAL A 382 18.28 29.28 -6.76
N SER A 383 19.36 30.03 -6.63
CA SER A 383 20.61 29.75 -7.39
C SER A 383 20.41 30.23 -8.82
N PRO A 384 21.47 30.49 -9.61
CA PRO A 384 21.24 31.07 -10.94
C PRO A 384 20.57 30.23 -12.04
N THR A 385 21.03 29.01 -12.26
CA THR A 385 20.53 28.22 -13.40
C THR A 385 19.08 27.77 -13.25
N LYS A 386 18.69 27.33 -12.05
CA LYS A 386 17.35 26.72 -11.85
C LYS A 386 16.22 27.67 -12.20
N LEU A 387 16.39 28.95 -11.92
CA LEU A 387 15.25 29.86 -12.14
C LEU A 387 14.94 30.15 -13.60
N ASN A 388 15.91 29.92 -14.48
CA ASN A 388 15.65 29.91 -15.94
C ASN A 388 14.53 28.89 -16.09
N ASP A 389 14.63 27.77 -15.37
CA ASP A 389 13.60 26.72 -15.43
C ASP A 389 12.25 26.94 -14.73
N LEU A 390 12.21 27.45 -13.51
CA LEU A 390 10.92 27.49 -12.74
C LEU A 390 9.87 28.49 -13.25
N CYS A 391 8.63 28.39 -12.75
CA CYS A 391 7.54 29.35 -13.11
C CYS A 391 6.75 29.78 -11.87
N PHE A 392 6.51 31.09 -11.69
CA PHE A 392 5.83 31.61 -10.46
C PHE A 392 4.80 32.66 -10.82
N THR A 393 3.90 33.00 -9.90
CA THR A 393 2.80 33.98 -10.17
C THR A 393 3.29 35.41 -10.44
N ASN A 394 4.20 35.93 -9.62
CA ASN A 394 4.76 37.27 -9.88
C ASN A 394 6.19 37.37 -9.32
N VAL A 395 6.95 38.34 -9.82
CA VAL A 395 8.30 38.58 -9.24
C VAL A 395 8.26 40.04 -8.76
N TYR A 396 8.58 40.28 -7.49
CA TYR A 396 8.52 41.64 -6.95
C TYR A 396 9.93 42.22 -6.88
N ALA A 397 10.20 43.29 -7.63
CA ALA A 397 11.52 43.94 -7.64
C ALA A 397 11.46 45.28 -6.92
N ASP A 398 12.17 45.46 -5.80
CA ASP A 398 12.19 46.70 -5.02
C ASP A 398 13.53 47.40 -5.26
N SER A 399 13.57 48.71 -5.32
CA SER A 399 14.83 49.42 -5.63
C SER A 399 15.08 50.52 -4.59
N PHE A 400 16.32 50.75 -4.15
CA PHE A 400 16.64 51.71 -3.08
C PHE A 400 18.00 52.27 -3.41
N VAL A 401 18.55 53.19 -2.64
CA VAL A 401 19.95 53.61 -2.80
C VAL A 401 20.50 53.69 -1.38
N ILE A 402 21.43 52.83 -0.98
CA ILE A 402 22.00 52.77 0.39
C ILE A 402 23.50 52.85 0.17
N ARG A 403 24.24 53.41 1.11
CA ARG A 403 25.68 53.63 0.89
C ARG A 403 26.39 52.34 1.07
N GLY A 404 27.64 52.27 0.68
CA GLY A 404 28.30 50.97 0.62
C GLY A 404 28.36 50.20 1.91
N ASN A 405 28.66 50.86 3.03
CA ASN A 405 28.85 50.08 4.27
C ASN A 405 27.56 49.38 4.66
N GLU A 406 26.41 49.89 4.23
CA GLU A 406 25.12 49.33 4.67
C GLU A 406 24.61 48.25 3.73
N VAL A 407 25.29 47.94 2.63
CA VAL A 407 24.76 46.97 1.63
C VAL A 407 24.68 45.60 2.30
N SER A 408 25.49 45.35 3.32
CA SER A 408 25.44 44.08 4.08
C SER A 408 24.12 43.93 4.79
N GLN A 409 23.57 45.03 5.27
CA GLN A 409 22.32 44.97 6.07
C GLN A 409 21.09 44.57 5.26
N ILE A 410 21.08 44.76 3.94
CA ILE A 410 19.84 44.50 3.16
C ILE A 410 20.09 43.04 2.80
N ALA A 411 19.72 42.14 3.69
CA ALA A 411 19.96 40.71 3.47
C ALA A 411 18.98 40.08 4.42
N PRO A 412 18.85 38.75 4.52
CA PRO A 412 18.04 38.18 5.57
C PRO A 412 18.74 38.21 6.92
N GLY A 413 17.99 38.48 7.98
CA GLY A 413 18.53 38.46 9.36
C GLY A 413 19.63 39.44 9.69
N GLN A 414 19.51 40.70 9.28
CA GLN A 414 20.52 41.69 9.71
C GLN A 414 19.81 42.83 10.45
N THR A 415 20.47 43.45 11.43
CA THR A 415 19.84 44.53 12.23
C THR A 415 20.72 45.78 12.20
N GLY A 416 20.11 46.95 12.15
CA GLY A 416 20.89 48.20 12.04
C GLY A 416 19.94 49.33 11.70
N ASN A 417 20.44 50.51 11.39
CA ASN A 417 19.47 51.56 11.04
C ASN A 417 18.76 51.15 9.78
N ILE A 418 19.48 50.69 8.76
CA ILE A 418 18.79 50.45 7.47
C ILE A 418 17.79 49.30 7.56
N ALA A 419 18.15 48.21 8.16
CA ALA A 419 17.18 47.12 8.08
C ALA A 419 16.16 47.21 9.20
N ASP A 420 16.24 48.20 10.07
CA ASP A 420 15.26 48.19 11.18
C ASP A 420 14.30 49.38 11.11
N TYR A 421 14.78 50.52 10.63
CA TYR A 421 13.90 51.69 10.49
C TYR A 421 13.56 51.89 9.02
N ASN A 422 14.47 51.57 8.09
CA ASN A 422 14.09 51.67 6.65
C ASN A 422 13.59 50.65 5.61
N TYR A 423 14.14 49.44 5.53
CA TYR A 423 13.56 48.32 4.74
C TYR A 423 13.87 46.96 5.37
N LYS A 424 12.88 46.09 5.58
CA LYS A 424 13.22 44.83 6.29
C LYS A 424 12.95 43.62 5.42
N LEU A 425 13.99 42.89 5.04
CA LEU A 425 13.78 41.64 4.28
C LEU A 425 13.22 40.62 5.26
N PRO A 426 12.30 39.73 4.83
CA PRO A 426 11.70 38.74 5.71
C PRO A 426 12.72 37.70 6.12
N ASP A 427 12.45 37.01 7.20
CA ASP A 427 13.41 36.00 7.72
C ASP A 427 13.67 34.92 6.68
N ASP A 428 12.64 34.53 5.92
CA ASP A 428 12.79 33.46 4.90
C ASP A 428 12.73 34.12 3.51
N PHE A 429 13.65 33.76 2.62
CA PHE A 429 13.63 34.49 1.33
C PHE A 429 14.14 33.62 0.19
N THR A 430 13.66 33.89 -1.02
CA THR A 430 14.20 33.23 -2.22
C THR A 430 14.33 34.51 -3.04
N GLY A 431 15.50 35.12 -3.04
CA GLY A 431 15.66 36.31 -3.89
C GLY A 431 17.09 36.75 -4.02
N CYS A 432 17.36 37.65 -4.96
CA CYS A 432 18.78 37.98 -5.20
C CYS A 432 19.07 39.47 -5.00
N VAL A 433 19.62 39.86 -3.88
CA VAL A 433 20.00 41.29 -3.76
C VAL A 433 21.06 41.57 -4.80
N ILE A 434 21.00 42.69 -5.50
CA ILE A 434 22.02 43.07 -6.51
C ILE A 434 22.41 44.53 -6.28
N ALA A 435 23.68 44.88 -6.21
CA ALA A 435 24.08 46.25 -5.89
C ALA A 435 25.17 46.67 -6.84
N TRP A 436 25.12 47.85 -7.44
CA TRP A 436 26.25 48.26 -8.29
C TRP A 436 26.73 49.63 -7.83
N ASN A 437 28.00 49.97 -7.98
CA ASN A 437 28.45 51.25 -7.37
C ASN A 437 28.02 52.38 -8.25
N SER A 438 26.87 52.96 -8.00
CA SER A 438 26.34 53.97 -8.91
C SER A 438 27.04 55.27 -8.59
N ASN A 439 28.36 55.24 -8.65
CA ASN A 439 29.08 56.44 -8.22
C ASN A 439 28.78 57.58 -9.17
N LYS A 440 28.88 57.32 -10.48
CA LYS A 440 28.77 58.44 -11.44
C LYS A 440 27.41 59.13 -11.44
N LEU A 441 26.32 58.38 -11.52
CA LEU A 441 24.99 59.00 -11.67
C LEU A 441 24.47 59.75 -10.43
N ASP A 442 24.63 59.20 -9.23
CA ASP A 442 23.98 59.79 -8.03
C ASP A 442 24.90 60.67 -7.18
N SER A 443 26.13 60.93 -7.63
CA SER A 443 27.07 61.70 -6.79
C SER A 443 27.04 63.18 -7.18
N LYS A 444 26.75 64.07 -6.24
CA LYS A 444 26.81 65.52 -6.54
C LYS A 444 27.99 66.10 -5.76
N VAL A 445 28.83 66.93 -6.38
CA VAL A 445 30.05 67.38 -5.64
C VAL A 445 29.52 68.12 -4.42
N GLY A 446 28.46 68.91 -4.62
CA GLY A 446 27.83 69.56 -3.47
C GLY A 446 27.29 68.49 -2.55
N GLY A 447 26.80 67.40 -3.14
CA GLY A 447 26.17 66.34 -2.34
C GLY A 447 24.86 66.20 -3.05
N ASN A 448 24.16 65.10 -2.83
CA ASN A 448 22.91 64.93 -3.62
C ASN A 448 22.12 64.83 -2.34
N TYR A 449 21.29 65.84 -2.10
CA TYR A 449 20.57 65.85 -0.81
C TYR A 449 19.23 65.17 -1.02
N ASN A 450 19.02 64.65 -2.22
CA ASN A 450 17.70 64.05 -2.52
C ASN A 450 17.68 62.57 -2.14
N TYR A 451 18.77 62.02 -1.59
CA TYR A 451 18.69 60.60 -1.16
C TYR A 451 18.71 60.63 0.37
N ARG A 452 17.77 59.99 1.06
CA ARG A 452 17.68 60.16 2.53
C ARG A 452 17.27 58.89 3.25
N TYR A 453 17.51 58.79 4.56
CA TYR A 453 17.20 57.58 5.34
C TYR A 453 16.58 57.98 6.65
N ARG A 454 15.90 57.07 7.33
CA ARG A 454 15.18 57.46 8.56
C ARG A 454 16.08 57.16 9.76
N LEU A 455 16.55 58.19 10.45
CA LEU A 455 17.46 57.97 11.60
C LEU A 455 16.73 57.33 12.78
N PHE A 456 15.51 57.77 13.10
CA PHE A 456 14.85 57.27 14.32
C PHE A 456 13.39 56.88 14.11
N ARG A 457 12.98 55.71 14.60
CA ARG A 457 11.55 55.31 14.57
C ARG A 457 11.31 54.53 15.86
N LYS A 458 10.11 54.59 16.42
CA LYS A 458 9.88 53.94 17.73
C LYS A 458 10.05 52.43 17.65
N SER A 459 9.64 51.82 16.54
CA SER A 459 9.72 50.33 16.49
C SER A 459 10.33 49.84 15.18
N ASN A 460 10.90 48.64 15.22
CA ASN A 460 11.55 48.04 14.02
C ASN A 460 10.48 47.77 12.96
N LEU A 461 10.80 47.96 11.69
CA LEU A 461 9.77 47.80 10.63
C LEU A 461 9.36 46.34 10.51
N LYS A 462 8.07 46.06 10.31
CA LYS A 462 7.59 44.66 10.07
C LYS A 462 8.05 44.25 8.67
N PRO A 463 8.27 42.95 8.36
CA PRO A 463 8.84 42.60 7.06
C PRO A 463 8.10 43.19 5.87
N PHE A 464 8.84 43.78 4.95
CA PHE A 464 8.27 44.34 3.70
C PHE A 464 7.32 45.50 4.01
N GLU A 465 7.41 46.11 5.19
CA GLU A 465 6.54 47.28 5.45
C GLU A 465 7.07 48.47 4.66
N ARG A 466 6.22 49.41 4.25
CA ARG A 466 6.69 50.66 3.59
C ARG A 466 6.26 51.82 4.47
N ASP A 467 7.15 52.73 4.89
CA ASP A 467 6.65 53.81 5.78
C ASP A 467 7.14 55.18 5.30
N ILE A 468 6.23 56.10 5.02
CA ILE A 468 6.63 57.45 4.50
C ILE A 468 5.95 58.54 5.34
N SER A 469 6.72 59.40 6.01
CA SER A 469 6.14 60.47 6.84
C SER A 469 7.18 61.53 7.20
N THR A 470 6.72 62.70 7.69
CA THR A 470 7.65 63.74 8.19
C THR A 470 6.76 63.78 9.46
N GLU A 471 7.32 63.39 10.61
CA GLU A 471 6.77 63.69 11.96
C GLU A 471 7.93 63.89 12.95
N ILE A 472 7.88 64.92 13.78
CA ILE A 472 9.02 65.22 14.69
C ILE A 472 9.24 64.09 15.69
N TYR A 473 10.50 63.82 16.03
CA TYR A 473 10.80 62.79 17.05
C TYR A 473 11.36 63.54 18.26
N GLN A 474 10.77 63.32 19.43
CA GLN A 474 11.16 64.08 20.64
C GLN A 474 11.92 63.19 21.61
N ALA A 475 12.51 63.81 22.62
CA ALA A 475 13.15 63.01 23.70
C ALA A 475 12.41 63.39 24.97
N GLY A 476 11.99 64.65 25.03
CA GLY A 476 11.24 65.16 26.19
C GLY A 476 9.75 64.90 26.05
N ASN A 477 8.97 65.25 27.08
CA ASN A 477 7.50 65.05 27.05
C ASN A 477 6.83 66.15 26.22
N LYS A 478 7.53 67.27 26.00
CA LYS A 478 6.86 68.40 25.33
C LYS A 478 6.41 67.97 23.94
N PRO A 479 5.21 68.37 23.48
CA PRO A 479 4.80 68.08 22.11
C PRO A 479 5.82 68.79 21.21
N CYS A 480 6.22 70.01 21.57
CA CYS A 480 7.27 70.77 20.83
C CYS A 480 6.70 71.50 19.62
N ASN A 481 5.46 71.23 19.24
CA ASN A 481 4.82 71.99 18.13
C ASN A 481 5.68 71.98 16.85
N GLY A 482 6.31 70.85 16.51
CA GLY A 482 7.03 70.73 15.22
C GLY A 482 8.03 71.81 14.91
N VAL A 483 8.98 72.08 15.82
CA VAL A 483 10.04 73.08 15.53
C VAL A 483 11.38 72.36 15.68
N ALA A 484 12.46 72.89 15.10
CA ALA A 484 13.80 72.28 15.31
C ALA A 484 14.35 72.81 16.62
N GLY A 485 14.29 71.99 17.68
CA GLY A 485 14.67 72.49 19.01
C GLY A 485 15.08 71.37 19.95
N VAL A 486 15.43 71.71 21.20
CA VAL A 486 15.93 70.65 22.10
C VAL A 486 14.88 69.57 22.14
N ASN A 487 15.30 68.32 21.98
CA ASN A 487 14.37 67.17 22.00
C ASN A 487 13.38 67.28 20.84
N CYS A 488 13.76 67.98 19.77
CA CYS A 488 12.89 68.03 18.55
C CYS A 488 13.78 67.89 17.31
N TYR A 489 13.53 66.90 16.43
CA TYR A 489 14.45 66.64 15.30
C TYR A 489 13.66 66.25 14.05
N PHE A 490 14.25 66.46 12.87
CA PHE A 490 13.60 66.01 11.62
C PHE A 490 14.10 64.60 11.36
N PRO A 491 13.25 63.55 11.38
CA PRO A 491 13.74 62.17 11.30
C PRO A 491 14.50 61.76 10.03
N LEU A 492 14.08 62.20 8.86
CA LEU A 492 14.88 61.82 7.69
C LEU A 492 16.18 62.59 7.75
N GLN A 493 17.27 62.02 7.25
CA GLN A 493 18.56 62.74 7.19
C GLN A 493 19.19 62.36 5.86
N SER A 494 19.95 63.25 5.25
CA SER A 494 20.51 62.97 3.90
C SER A 494 21.76 62.11 3.96
N TYR A 495 22.15 61.53 2.84
CA TYR A 495 23.35 60.66 2.78
C TYR A 495 24.54 61.52 2.42
N GLY A 496 24.28 62.75 2.00
CA GLY A 496 25.39 63.65 1.70
C GLY A 496 26.36 63.05 0.70
N PHE A 497 25.88 62.32 -0.29
CA PHE A 497 26.81 61.62 -1.20
C PHE A 497 27.62 62.68 -1.91
N ARG A 498 28.94 62.51 -2.01
CA ARG A 498 29.84 63.48 -2.67
C ARG A 498 30.97 62.68 -3.27
N PRO A 499 31.50 63.03 -4.46
CA PRO A 499 32.47 62.18 -5.11
C PRO A 499 33.77 61.92 -4.36
N THR A 500 34.30 62.93 -3.67
CA THR A 500 35.63 62.76 -3.03
C THR A 500 35.12 62.17 -1.71
N TYR A 501 34.96 60.85 -1.60
CA TYR A 501 34.37 60.21 -0.42
C TYR A 501 35.05 58.90 -0.80
N GLY A 502 35.11 57.98 0.15
CA GLY A 502 35.66 56.66 -0.06
C GLY A 502 34.60 55.67 -0.54
N VAL A 503 35.03 54.42 -0.64
CA VAL A 503 34.14 53.36 -1.13
C VAL A 503 32.97 53.17 -0.18
N GLY A 504 33.21 53.38 1.11
CA GLY A 504 32.17 53.18 2.11
C GLY A 504 30.99 54.11 1.98
N HIS A 505 31.21 55.31 1.45
CA HIS A 505 30.16 56.33 1.41
C HIS A 505 30.22 56.54 -0.09
N GLN A 506 29.36 55.84 -0.84
CA GLN A 506 29.26 56.01 -2.28
C GLN A 506 27.91 55.33 -2.54
N PRO A 507 27.14 55.86 -3.49
CA PRO A 507 25.81 55.29 -3.76
C PRO A 507 25.91 53.85 -4.27
N TYR A 508 25.06 52.99 -3.71
CA TYR A 508 24.99 51.59 -4.13
C TYR A 508 23.53 51.23 -4.32
N ARG A 509 23.07 51.28 -5.57
CA ARG A 509 21.69 50.95 -5.88
C ARG A 509 21.43 49.47 -5.63
N VAL A 510 20.29 49.17 -5.03
CA VAL A 510 19.96 47.82 -4.60
C VAL A 510 18.64 47.40 -5.24
N VAL A 511 18.61 46.17 -5.77
CA VAL A 511 17.41 45.63 -6.38
C VAL A 511 17.10 44.27 -5.76
N VAL A 512 16.08 44.22 -4.90
CA VAL A 512 15.76 43.00 -4.17
C VAL A 512 14.66 42.23 -4.91
N LEU A 513 15.07 41.33 -5.80
CA LEU A 513 14.08 40.51 -6.49
C LEU A 513 13.55 39.41 -5.58
N SER A 514 12.24 39.26 -5.55
CA SER A 514 11.57 38.21 -4.78
C SER A 514 10.71 37.36 -5.70
N PHE A 515 10.37 36.17 -5.23
CA PHE A 515 9.61 35.20 -6.01
C PHE A 515 8.37 34.81 -5.22
N GLU A 516 7.20 35.22 -5.71
CA GLU A 516 5.94 34.96 -5.04
C GLU A 516 5.20 33.85 -5.75
N LEU A 517 4.83 32.81 -5.00
CA LEU A 517 4.09 31.68 -5.53
C LEU A 517 2.83 31.48 -4.70
N LEU A 518 1.68 31.51 -5.36
CA LEU A 518 0.39 31.36 -4.68
C LEU A 518 -0.37 30.19 -5.29
N HIS A 519 -1.56 29.89 -4.77
CA HIS A 519 -2.37 28.80 -5.30
C HIS A 519 -3.00 29.11 -6.64
N ALA A 520 -3.00 30.37 -7.06
CA ALA A 520 -3.47 30.72 -8.39
C ALA A 520 -2.49 30.18 -9.44
N PRO A 521 -2.97 29.93 -10.67
CA PRO A 521 -2.07 29.42 -11.72
C PRO A 521 -0.92 30.36 -12.00
N ALA A 522 0.27 29.80 -12.19
CA ALA A 522 1.46 30.62 -12.43
C ALA A 522 1.41 31.25 -13.82
N THR A 523 1.80 32.52 -13.90
CA THR A 523 1.80 33.24 -15.17
C THR A 523 3.17 33.73 -15.60
N VAL A 524 4.16 33.78 -14.71
CA VAL A 524 5.49 34.26 -15.05
C VAL A 524 6.40 33.03 -15.13
N CYS A 525 6.54 32.48 -16.33
CA CYS A 525 7.37 31.31 -16.58
C CYS A 525 8.69 31.76 -17.21
N GLY A 526 9.52 30.79 -17.56
CA GLY A 526 10.81 31.07 -18.18
C GLY A 526 10.97 30.48 -19.55
N PRO A 527 13.55 31.53 -21.43
CA PRO A 527 13.11 31.56 -22.82
C PRO A 527 12.59 30.23 -23.36
N LYS A 528 12.99 29.10 -22.77
CA LYS A 528 12.62 27.78 -23.27
C LYS A 528 13.05 27.62 -24.73
N LYS A 529 14.35 27.62 -24.97
CA LYS A 529 14.87 27.57 -26.34
C LYS A 529 14.45 26.29 -27.05
N SER A 530 14.44 25.28 -27.92
CA SER A 530 13.84 24.32 -28.84
C SER A 530 14.89 23.75 -29.79
N THR A 531 14.41 22.97 -30.75
CA THR A 531 15.27 22.33 -31.74
C THR A 531 14.66 22.55 -33.12
N ASN A 532 15.52 22.51 -34.15
CA ASN A 532 15.07 22.74 -35.51
C ASN A 532 14.13 21.61 -35.96
N LEU A 533 13.22 21.95 -36.86
CA LEU A 533 12.21 21.01 -37.33
C LEU A 533 12.76 20.11 -38.41
N VAL A 534 12.42 18.82 -38.34
CA VAL A 534 12.86 17.81 -39.28
C VAL A 534 11.63 17.15 -39.90
N LYS A 535 11.65 16.96 -41.21
CA LYS A 535 10.51 16.46 -41.96
C LYS A 535 10.88 15.20 -42.72
N ASN A 536 9.86 14.38 -43.00
CA ASN A 536 9.96 13.18 -43.84
C ASN A 536 10.86 12.11 -43.27
N LYS A 537 10.98 12.01 -41.95
CA LYS A 537 11.76 10.97 -41.30
C LYS A 537 11.03 10.50 -40.05
N CYS A 538 11.16 9.22 -39.72
CA CYS A 538 10.59 8.72 -38.48
C CYS A 538 11.35 9.33 -37.32
N VAL A 539 10.72 10.29 -36.64
CA VAL A 539 11.38 11.13 -35.65
C VAL A 539 10.54 11.13 -34.38
N ASN A 540 11.20 11.36 -33.25
CA ASN A 540 10.51 11.53 -31.98
C ASN A 540 10.33 13.01 -31.70
N PHE A 541 9.10 13.49 -31.74
CA PHE A 541 8.80 14.90 -31.63
C PHE A 541 8.15 15.22 -30.28
N ASN A 542 8.40 16.44 -29.80
CA ASN A 542 7.81 16.97 -28.58
C ASN A 542 7.29 18.36 -28.91
N PHE A 543 6.04 18.43 -29.39
CA PHE A 543 5.42 19.69 -29.77
C PHE A 543 4.72 20.28 -28.54
N ASN A 544 5.42 21.18 -27.85
CA ASN A 544 4.83 21.94 -26.74
C ASN A 544 4.20 21.04 -25.68
N GLY A 545 4.86 19.92 -25.36
CA GLY A 545 4.40 18.97 -24.39
C GLY A 545 3.75 17.74 -24.97
N LEU A 546 3.31 17.81 -26.23
CA LEU A 546 2.73 16.66 -26.91
C LEU A 546 3.85 15.79 -27.45
N THR A 547 4.05 14.61 -26.87
CA THR A 547 5.14 13.72 -27.22
C THR A 547 4.63 12.62 -28.14
N GLY A 548 5.34 12.40 -29.25
CA GLY A 548 4.94 11.35 -30.17
C GLY A 548 6.09 10.91 -31.04
N THR A 549 5.83 9.88 -31.83
CA THR A 549 6.80 9.34 -32.77
C THR A 549 6.14 9.16 -34.13
N GLY A 550 6.90 9.43 -35.18
CA GLY A 550 6.40 9.23 -36.52
C GLY A 550 7.03 10.20 -37.50
N VAL A 551 6.53 10.15 -38.73
CA VAL A 551 6.99 11.02 -39.80
C VAL A 551 6.01 12.19 -39.94
N LEU A 552 6.55 13.35 -40.25
CA LEU A 552 5.80 14.59 -40.39
C LEU A 552 5.80 15.03 -41.85
N THR A 553 4.64 15.43 -42.36
CA THR A 553 4.50 15.86 -43.73
C THR A 553 3.70 17.15 -43.78
N GLU A 554 3.80 17.87 -44.90
CA GLU A 554 2.99 19.05 -45.10
C GLU A 554 1.53 18.66 -45.31
N SER A 555 0.64 19.30 -44.56
CA SER A 555 -0.78 18.94 -44.62
C SER A 555 -1.56 19.94 -45.48
N ASN A 556 -2.82 19.60 -45.72
CA ASN A 556 -3.71 20.44 -46.52
C ASN A 556 -4.96 20.86 -45.76
N LYS A 557 -5.03 20.61 -44.46
CA LYS A 557 -6.17 21.01 -43.64
C LYS A 557 -5.81 22.25 -42.83
N LYS A 558 -6.75 23.19 -42.75
CA LYS A 558 -6.52 24.47 -42.08
C LYS A 558 -7.27 24.47 -40.75
N PHE A 559 -6.54 24.62 -39.65
CA PHE A 559 -7.17 24.70 -38.34
C PHE A 559 -7.80 26.07 -38.15
N LEU A 560 -8.69 26.17 -37.16
CA LEU A 560 -9.13 27.46 -36.69
C LEU A 560 -7.98 28.11 -35.90
N PRO A 561 -7.96 29.45 -35.82
CA PRO A 561 -6.79 30.12 -35.20
C PRO A 561 -6.54 29.72 -33.76
N PHE A 562 -7.54 29.24 -33.03
CA PHE A 562 -7.36 28.85 -31.64
C PHE A 562 -7.09 27.36 -31.45
N GLN A 563 -7.02 26.60 -32.54
CA GLN A 563 -6.83 25.16 -32.46
C GLN A 563 -5.37 24.79 -32.71
N GLN A 564 -4.85 23.89 -31.88
CA GLN A 564 -3.45 23.47 -31.96
C GLN A 564 -3.28 21.96 -32.16
N PHE A 565 -4.24 21.14 -31.75
CA PHE A 565 -4.15 19.71 -31.92
C PHE A 565 -5.16 19.25 -32.95
N GLY A 566 -4.87 18.14 -33.60
CA GLY A 566 -5.82 17.49 -34.49
C GLY A 566 -5.98 16.04 -34.12
N ARG A 567 -7.22 15.64 -33.88
CA ARG A 567 -7.50 14.28 -33.42
C ARG A 567 -8.55 13.64 -34.33
N ASP A 568 -8.24 12.42 -34.77
CA ASP A 568 -9.14 11.66 -35.62
C ASP A 568 -9.98 10.71 -34.76
N ILE A 569 -10.69 9.79 -35.41
CA ILE A 569 -11.51 8.83 -34.69
C ILE A 569 -10.61 7.93 -33.85
N ALA A 570 -11.16 7.43 -32.74
CA ALA A 570 -10.44 6.58 -31.79
C ALA A 570 -9.32 7.35 -31.08
N ASP A 571 -9.47 8.68 -31.01
CA ASP A 571 -8.61 9.55 -30.21
C ASP A 571 -7.14 9.44 -30.60
N THR A 572 -6.84 9.32 -31.90
CA THR A 572 -5.47 9.26 -32.37
C THR A 572 -5.09 10.61 -32.96
N THR A 573 -3.97 11.17 -32.49
CA THR A 573 -3.50 12.47 -32.97
C THR A 573 -2.98 12.35 -34.40
N ASP A 574 -3.52 13.16 -35.30
CA ASP A 574 -3.13 13.10 -36.71
C ASP A 574 -2.47 14.39 -37.21
N ALA A 575 -2.61 15.51 -36.51
CA ALA A 575 -2.02 16.74 -37.01
C ALA A 575 -1.62 17.63 -35.83
N VAL A 576 -0.75 18.59 -36.11
CA VAL A 576 -0.31 19.55 -35.09
C VAL A 576 0.22 20.79 -35.79
N ARG A 577 0.03 21.95 -35.17
CA ARG A 577 0.58 23.20 -35.68
C ARG A 577 1.95 23.44 -35.07
N ASP A 578 2.86 23.96 -35.88
CA ASP A 578 4.19 24.30 -35.40
C ASP A 578 4.11 25.55 -34.53
N PRO A 579 4.51 25.49 -33.26
CA PRO A 579 4.40 26.67 -32.39
C PRO A 579 5.28 27.84 -32.81
N GLN A 580 6.26 27.64 -33.69
CA GLN A 580 7.15 28.70 -34.12
C GLN A 580 6.72 29.32 -35.45
N THR A 581 6.23 28.51 -36.39
CA THR A 581 5.84 29.00 -37.71
C THR A 581 4.35 28.93 -37.97
N LEU A 582 3.57 28.35 -37.05
CA LEU A 582 2.12 28.22 -37.18
C LEU A 582 1.71 27.46 -38.44
N GLU A 583 2.53 26.50 -38.86
CA GLU A 583 2.25 25.74 -40.07
C GLU A 583 1.80 24.32 -39.69
N ILE A 584 0.73 23.86 -40.34
CA ILE A 584 0.09 22.60 -39.96
C ILE A 584 0.89 21.43 -40.53
N LEU A 585 1.13 20.43 -39.69
CA LEU A 585 1.89 19.25 -40.05
C LEU A 585 1.06 18.00 -39.79
N ASP A 586 1.04 17.11 -40.77
CA ASP A 586 0.37 15.83 -40.68
C ASP A 586 1.34 14.79 -40.13
N ILE A 587 0.90 14.07 -39.09
CA ILE A 587 1.72 13.08 -38.41
C ILE A 587 1.20 11.70 -38.78
N THR A 588 2.07 10.85 -39.32
CA THR A 588 1.68 9.47 -39.55
C THR A 588 2.81 8.56 -39.09
N PRO A 589 2.50 7.45 -38.42
CA PRO A 589 3.56 6.60 -37.85
C PRO A 589 4.43 6.00 -38.95
N CYS A 590 5.72 5.86 -38.65
CA CYS A 590 6.63 5.26 -39.61
C CYS A 590 6.37 3.75 -39.71
N SER A 591 6.87 3.16 -40.80
CA SER A 591 6.40 1.86 -41.25
C SER A 591 6.68 0.76 -40.25
N PHE A 592 5.74 -0.19 -40.17
CA PHE A 592 5.91 -1.40 -39.39
C PHE A 592 5.09 -2.51 -40.05
N GLY A 593 5.40 -3.74 -39.67
CA GLY A 593 4.68 -4.88 -40.23
C GLY A 593 5.36 -6.18 -39.85
N GLY A 594 4.79 -7.27 -40.37
CA GLY A 594 5.34 -8.58 -40.15
C GLY A 594 6.24 -9.03 -41.28
N VAL A 595 7.03 -10.06 -40.99
CA VAL A 595 7.92 -10.68 -41.98
C VAL A 595 7.51 -12.14 -42.14
N SER A 596 7.45 -12.59 -43.38
CA SER A 596 7.10 -13.97 -43.69
C SER A 596 8.21 -14.60 -44.53
N VAL A 597 8.42 -15.90 -44.34
CA VAL A 597 9.48 -16.63 -45.01
C VAL A 597 8.82 -17.62 -45.98
N ILE A 598 9.21 -17.53 -47.25
CA ILE A 598 8.80 -18.45 -48.30
C ILE A 598 9.90 -19.49 -48.45
N THR A 599 9.55 -20.76 -48.26
CA THR A 599 10.54 -21.81 -48.44
C THR A 599 9.93 -22.97 -49.22
N PRO A 600 10.70 -23.64 -50.07
CA PRO A 600 10.23 -24.87 -50.72
C PRO A 600 10.46 -26.13 -49.91
N GLY A 601 11.05 -26.02 -48.72
CA GLY A 601 11.35 -27.19 -47.90
C GLY A 601 12.84 -27.46 -47.84
N THR A 602 13.37 -27.65 -46.63
CA THR A 602 14.81 -27.92 -46.49
C THR A 602 15.18 -29.25 -47.13
N ASN A 603 14.23 -30.18 -47.22
CA ASN A 603 14.48 -31.45 -47.89
C ASN A 603 14.77 -31.26 -49.38
N THR A 604 14.31 -30.17 -49.98
CA THR A 604 14.57 -29.90 -51.39
C THR A 604 15.71 -28.90 -51.58
N SER A 605 15.61 -27.72 -50.98
CA SER A 605 16.64 -26.70 -51.14
C SER A 605 16.60 -25.76 -49.94
N ASN A 606 17.70 -25.06 -49.73
CA ASN A 606 17.84 -24.12 -48.63
C ASN A 606 17.58 -22.67 -49.03
N GLN A 607 17.17 -22.43 -50.27
CA GLN A 607 16.87 -21.07 -50.71
C GLN A 607 15.61 -20.55 -50.02
N VAL A 608 15.63 -19.27 -49.68
CA VAL A 608 14.58 -18.64 -48.89
C VAL A 608 14.22 -17.30 -49.49
N ALA A 609 12.93 -16.98 -49.53
CA ALA A 609 12.46 -15.66 -49.91
C ALA A 609 11.80 -14.99 -48.70
N VAL A 610 11.80 -13.67 -48.69
CA VAL A 610 11.27 -12.91 -47.55
C VAL A 610 10.22 -11.92 -48.04
N LEU A 611 9.07 -11.91 -47.39
CA LEU A 611 7.98 -11.01 -47.71
C LEU A 611 7.77 -10.06 -46.54
N TYR A 612 7.81 -8.75 -46.82
CA TYR A 612 7.43 -7.73 -45.85
C TYR A 612 6.01 -7.30 -46.19
N GLN A 613 5.10 -7.48 -45.24
CA GLN A 613 3.67 -7.49 -45.54
C GLN A 613 3.07 -6.09 -45.67
N GLY A 614 3.13 -5.30 -44.62
CA GLY A 614 2.39 -4.04 -44.63
C GLY A 614 3.18 -2.84 -45.09
N VAL A 615 4.30 -3.06 -45.78
CA VAL A 615 5.20 -1.97 -46.18
C VAL A 615 5.57 -2.17 -47.63
N ASN A 616 6.10 -1.11 -48.24
CA ASN A 616 6.72 -1.17 -49.55
C ASN A 616 8.21 -0.90 -49.41
N CYS A 617 9.00 -1.98 -49.35
CA CYS A 617 10.42 -1.82 -49.05
C CYS A 617 11.22 -1.27 -50.22
N THR A 618 10.57 -0.78 -51.27
CA THR A 618 11.24 0.11 -52.20
C THR A 618 11.69 1.39 -51.51
N GLU A 619 11.06 1.74 -50.39
CA GLU A 619 11.46 2.81 -49.50
C GLU A 619 11.54 2.29 -48.07
N VAL A 620 12.20 1.13 -47.90
CA VAL A 620 12.28 0.46 -46.61
C VAL A 620 12.86 1.36 -45.53
N ASN A 641 15.42 -10.86 -56.83
CA ASN A 641 15.57 -9.42 -56.74
C ASN A 641 14.58 -8.83 -55.74
N VAL A 642 13.96 -7.70 -56.09
CA VAL A 642 12.98 -7.03 -55.25
C VAL A 642 11.74 -6.76 -56.09
N PHE A 643 10.58 -7.15 -55.57
CA PHE A 643 9.33 -6.98 -56.29
C PHE A 643 8.29 -6.40 -55.34
N GLN A 644 7.35 -5.64 -55.90
CA GLN A 644 6.29 -5.01 -55.13
C GLN A 644 4.94 -5.60 -55.52
N THR A 645 4.20 -6.10 -54.53
CA THR A 645 2.88 -6.67 -54.73
C THR A 645 1.90 -5.95 -53.82
N ARG A 646 0.61 -6.11 -54.12
CA ARG A 646 -0.42 -5.51 -53.27
C ARG A 646 -0.39 -6.07 -51.86
N ALA A 647 0.29 -7.20 -51.65
CA ALA A 647 0.43 -7.79 -50.33
C ALA A 647 1.70 -7.38 -49.61
N GLY A 648 2.54 -6.55 -50.21
CA GLY A 648 3.77 -6.13 -49.59
C GLY A 648 4.90 -6.06 -50.59
N CYS A 649 6.09 -6.43 -50.13
CA CYS A 649 7.25 -6.51 -51.02
C CYS A 649 7.97 -7.84 -50.80
N LEU A 650 8.37 -8.45 -51.91
CA LEU A 650 8.99 -9.78 -51.90
C LEU A 650 10.45 -9.66 -52.35
N ILE A 651 11.35 -10.23 -51.56
CA ILE A 651 12.78 -10.19 -51.81
C ILE A 651 13.31 -11.61 -51.91
N GLY A 652 14.08 -11.89 -52.96
CA GLY A 652 14.62 -13.20 -53.20
C GLY A 652 13.89 -14.02 -54.24
N ALA A 653 12.86 -13.47 -54.86
CA ALA A 653 12.11 -14.16 -55.90
C ALA A 653 11.96 -13.25 -57.11
N GLU A 654 11.99 -13.84 -58.29
CA GLU A 654 11.86 -13.10 -59.54
C GLU A 654 10.46 -13.27 -60.10
N TYR A 655 9.94 -12.19 -60.70
CA TYR A 655 8.58 -12.20 -61.23
C TYR A 655 8.59 -12.61 -62.71
N VAL A 656 7.75 -13.59 -63.05
CA VAL A 656 7.66 -14.09 -64.41
C VAL A 656 6.27 -13.81 -64.94
N ASN A 657 6.12 -13.86 -66.27
CA ASN A 657 4.84 -13.58 -66.90
C ASN A 657 4.02 -14.84 -67.13
N SER A 658 4.62 -16.02 -67.10
CA SER A 658 3.87 -17.26 -67.24
C SER A 658 3.08 -17.53 -65.97
N SER A 659 1.90 -18.13 -66.13
CA SER A 659 1.01 -18.42 -65.03
C SER A 659 0.88 -19.92 -64.82
N TYR A 660 0.80 -20.33 -63.56
CA TYR A 660 0.71 -21.73 -63.19
C TYR A 660 -0.37 -21.90 -62.12
N GLU A 661 -0.78 -23.15 -61.92
CA GLU A 661 -1.64 -23.47 -60.78
C GLU A 661 -0.79 -23.49 -59.52
N CYS A 662 -0.84 -22.42 -58.75
CA CYS A 662 0.18 -22.16 -57.74
C CYS A 662 0.00 -23.07 -56.53
N ASP A 663 1.10 -23.25 -55.81
CA ASP A 663 1.16 -24.10 -54.62
C ASP A 663 1.48 -23.36 -53.33
N ILE A 664 2.27 -22.29 -53.40
CA ILE A 664 2.54 -21.47 -52.22
C ILE A 664 1.82 -20.14 -52.36
N PRO A 665 0.73 -19.90 -51.61
CA PRO A 665 -0.03 -18.65 -51.77
C PRO A 665 0.67 -17.50 -51.05
N ILE A 666 0.90 -16.40 -51.77
CA ILE A 666 1.42 -15.18 -51.19
C ILE A 666 0.32 -14.18 -50.92
N GLY A 667 -0.55 -13.95 -51.89
CA GLY A 667 -1.73 -13.12 -51.69
C GLY A 667 -1.99 -12.20 -52.86
N ALA A 668 -3.23 -11.69 -52.92
CA ALA A 668 -3.66 -10.77 -53.97
C ALA A 668 -3.43 -11.35 -55.36
N GLY A 669 -3.64 -12.65 -55.51
CA GLY A 669 -3.44 -13.32 -56.77
C GLY A 669 -2.00 -13.68 -57.09
N ILE A 670 -1.07 -13.43 -56.18
CA ILE A 670 0.34 -13.70 -56.39
C ILE A 670 0.72 -14.96 -55.62
N CYS A 671 1.44 -15.87 -56.30
CA CYS A 671 1.91 -17.11 -55.72
C CYS A 671 3.37 -17.30 -56.07
N ALA A 672 4.00 -18.29 -55.44
CA ALA A 672 5.42 -18.56 -55.65
C ALA A 672 5.65 -20.07 -55.67
N SER A 673 6.74 -20.46 -56.31
CA SER A 673 7.09 -21.88 -56.43
C SER A 673 8.56 -22.00 -56.78
N TYR A 674 9.08 -23.22 -56.62
CA TYR A 674 10.48 -23.53 -56.95
C TYR A 674 10.55 -23.96 -58.41
N GLN A 675 11.39 -23.27 -59.18
CA GLN A 675 11.48 -23.54 -60.62
C GLN A 675 12.14 -24.89 -60.89
N THR A 676 13.39 -25.04 -60.46
CA THR A 676 14.16 -26.27 -60.68
C THR A 676 14.21 -26.65 -62.16
N GLN A 690 16.19 -24.26 -59.03
CA GLN A 690 17.33 -23.39 -59.25
C GLN A 690 17.06 -21.99 -58.68
N SER A 691 15.80 -21.60 -58.68
CA SER A 691 15.42 -20.28 -58.17
C SER A 691 13.96 -20.32 -57.76
N ILE A 692 13.55 -19.28 -57.03
CA ILE A 692 12.17 -19.11 -56.60
C ILE A 692 11.55 -18.03 -57.47
N ILE A 693 10.39 -18.32 -58.06
CA ILE A 693 9.72 -17.42 -58.98
C ILE A 693 8.40 -16.98 -58.37
N ALA A 694 7.93 -15.80 -58.79
CA ALA A 694 6.62 -15.30 -58.40
C ALA A 694 5.78 -15.07 -59.65
N TYR A 695 4.49 -15.37 -59.56
CA TYR A 695 3.63 -15.29 -60.72
C TYR A 695 2.19 -15.08 -60.28
N THR A 696 1.33 -14.86 -61.27
CA THR A 696 -0.11 -14.76 -61.03
C THR A 696 -0.77 -16.10 -61.28
N MET A 697 -1.84 -16.37 -60.55
CA MET A 697 -2.54 -17.64 -60.67
C MET A 697 -3.15 -17.80 -62.06
N SER A 698 -3.24 -19.05 -62.49
CA SER A 698 -4.05 -19.44 -63.64
C SER A 698 -5.21 -20.30 -63.13
N LEU A 699 -6.43 -19.92 -63.50
CA LEU A 699 -7.63 -20.57 -62.99
C LEU A 699 -8.05 -21.77 -63.83
N GLY A 700 -7.12 -22.41 -64.53
CA GLY A 700 -7.43 -23.52 -65.40
C GLY A 700 -7.40 -23.13 -66.86
N ALA A 701 -7.44 -24.16 -67.71
CA ALA A 701 -7.38 -23.95 -69.14
C ALA A 701 -8.70 -23.40 -69.67
N GLU A 702 -8.61 -22.69 -70.80
CA GLU A 702 -9.78 -22.11 -71.45
C GLU A 702 -10.39 -23.12 -72.41
N ASN A 703 -11.70 -23.30 -72.32
CA ASN A 703 -12.44 -24.27 -73.13
C ASN A 703 -13.69 -23.59 -73.68
N SER A 704 -13.70 -23.33 -74.99
CA SER A 704 -14.87 -22.75 -75.64
C SER A 704 -15.66 -23.88 -76.31
N VAL A 705 -16.73 -24.29 -75.63
CA VAL A 705 -17.56 -25.36 -76.14
C VAL A 705 -18.31 -24.88 -77.37
N ALA A 706 -18.49 -25.78 -78.34
CA ALA A 706 -19.07 -25.43 -79.64
C ALA A 706 -20.58 -25.41 -79.54
N TYR A 707 -21.14 -24.27 -79.15
CA TYR A 707 -22.59 -24.13 -79.08
C TYR A 707 -23.18 -23.88 -80.45
N SER A 708 -24.33 -24.49 -80.70
CA SER A 708 -25.05 -24.32 -81.96
C SER A 708 -26.53 -24.50 -81.66
N ASN A 709 -27.36 -24.00 -82.59
CA ASN A 709 -28.80 -24.07 -82.37
C ASN A 709 -29.41 -25.41 -82.79
N ASN A 710 -28.63 -26.33 -83.37
CA ASN A 710 -29.16 -27.64 -83.71
C ASN A 710 -28.16 -28.78 -83.49
N SER A 711 -27.13 -28.59 -82.66
CA SER A 711 -26.10 -29.59 -82.46
C SER A 711 -26.12 -30.09 -81.03
N ILE A 712 -25.91 -31.40 -80.87
CA ILE A 712 -25.94 -32.05 -79.56
C ILE A 712 -24.76 -33.01 -79.46
N ALA A 713 -24.17 -33.09 -78.28
CA ALA A 713 -23.08 -34.01 -78.01
C ALA A 713 -23.59 -35.14 -77.12
N ILE A 714 -23.35 -36.38 -77.52
CA ILE A 714 -23.85 -37.54 -76.79
C ILE A 714 -22.71 -38.50 -76.51
N PRO A 715 -22.55 -38.99 -75.28
CA PRO A 715 -21.44 -39.89 -74.98
C PRO A 715 -21.69 -41.30 -75.50
N THR A 716 -20.62 -41.93 -75.99
CA THR A 716 -20.68 -43.27 -76.54
C THR A 716 -20.06 -44.33 -75.64
N ASN A 717 -19.36 -43.92 -74.58
CA ASN A 717 -18.75 -44.86 -73.66
C ASN A 717 -18.84 -44.30 -72.25
N PHE A 718 -18.34 -45.06 -71.28
CA PHE A 718 -18.37 -44.62 -69.90
C PHE A 718 -17.20 -45.23 -69.13
N THR A 719 -16.92 -44.63 -67.98
CA THR A 719 -15.97 -45.18 -67.02
C THR A 719 -16.65 -45.14 -65.65
N ILE A 720 -16.19 -45.97 -64.74
CA ILE A 720 -16.67 -45.95 -63.37
C ILE A 720 -15.47 -45.66 -62.45
N SER A 721 -15.66 -44.72 -61.52
CA SER A 721 -14.57 -44.21 -60.73
C SER A 721 -14.87 -44.35 -59.24
N VAL A 722 -13.81 -44.51 -58.45
CA VAL A 722 -13.93 -44.62 -57.00
C VAL A 722 -13.15 -43.46 -56.38
N THR A 723 -13.81 -42.73 -55.48
CA THR A 723 -13.27 -41.53 -54.87
C THR A 723 -13.35 -41.64 -53.35
N THR A 724 -12.34 -41.15 -52.65
CA THR A 724 -12.26 -41.26 -51.20
C THR A 724 -12.64 -39.93 -50.56
N GLU A 725 -13.35 -40.01 -49.44
CA GLU A 725 -13.68 -38.85 -48.62
C GLU A 725 -13.40 -39.17 -47.16
N ILE A 726 -12.78 -38.23 -46.44
CA ILE A 726 -12.37 -38.45 -45.06
C ILE A 726 -13.11 -37.46 -44.16
N LEU A 727 -13.68 -37.98 -43.07
CA LEU A 727 -14.42 -37.12 -42.14
C LEU A 727 -14.12 -37.50 -40.69
N PRO A 728 -13.63 -36.57 -39.88
CA PRO A 728 -13.45 -36.85 -38.45
C PRO A 728 -14.78 -36.94 -37.72
N VAL A 729 -14.83 -37.81 -36.71
CA VAL A 729 -16.09 -38.11 -36.04
C VAL A 729 -16.04 -37.69 -34.57
N SER A 730 -14.86 -37.75 -33.95
CA SER A 730 -14.77 -37.48 -32.52
C SER A 730 -13.38 -36.95 -32.19
N MET A 731 -13.17 -36.70 -30.91
CA MET A 731 -11.91 -36.24 -30.36
C MET A 731 -11.68 -36.90 -29.01
N THR A 732 -10.48 -36.71 -28.46
CA THR A 732 -10.11 -37.35 -27.21
C THR A 732 -10.89 -36.75 -26.04
N LYS A 733 -11.37 -37.61 -25.15
CA LYS A 733 -12.06 -37.17 -23.96
C LYS A 733 -11.05 -36.84 -22.86
N THR A 734 -11.18 -35.66 -22.27
CA THR A 734 -10.23 -35.18 -21.28
C THR A 734 -10.96 -34.82 -19.99
N SER A 735 -10.38 -35.23 -18.86
CA SER A 735 -10.87 -34.87 -17.54
C SER A 735 -9.77 -34.18 -16.77
N VAL A 736 -10.13 -33.12 -16.05
CA VAL A 736 -9.18 -32.28 -15.33
C VAL A 736 -9.59 -32.18 -13.86
N ASP A 737 -8.62 -32.36 -12.97
CA ASP A 737 -8.82 -32.15 -11.53
C ASP A 737 -8.44 -30.71 -11.22
N CYS A 738 -9.42 -29.93 -10.73
CA CYS A 738 -9.22 -28.49 -10.57
C CYS A 738 -8.13 -28.20 -9.54
N THR A 739 -8.36 -28.59 -8.29
CA THR A 739 -7.45 -28.19 -7.21
C THR A 739 -6.07 -28.80 -7.39
N MET A 740 -6.00 -30.06 -7.81
CA MET A 740 -4.71 -30.72 -7.98
C MET A 740 -3.89 -30.03 -9.07
N TYR A 741 -4.54 -29.62 -10.16
CA TYR A 741 -3.83 -28.85 -11.17
C TYR A 741 -3.41 -27.49 -10.61
N ILE A 742 -4.29 -26.85 -9.84
CA ILE A 742 -4.00 -25.50 -9.36
C ILE A 742 -2.77 -25.50 -8.46
N CYS A 743 -2.84 -26.21 -7.34
CA CYS A 743 -1.74 -26.16 -6.38
C CYS A 743 -1.46 -27.51 -5.73
N GLY A 744 -1.61 -28.58 -6.51
CA GLY A 744 -1.11 -29.90 -6.14
C GLY A 744 -1.22 -30.31 -4.69
N ASP A 745 -2.42 -30.23 -4.12
CA ASP A 745 -2.70 -30.63 -2.74
C ASP A 745 -1.87 -29.83 -1.75
N SER A 746 -2.13 -28.53 -1.71
CA SER A 746 -1.54 -27.62 -0.73
C SER A 746 -2.66 -27.03 0.12
N THR A 747 -2.50 -27.12 1.44
CA THR A 747 -3.61 -26.80 2.34
C THR A 747 -3.94 -25.31 2.33
N GLU A 748 -2.93 -24.45 2.46
CA GLU A 748 -3.18 -23.02 2.48
C GLU A 748 -3.79 -22.54 1.17
N CYS A 749 -3.26 -23.04 0.03
CA CYS A 749 -3.85 -22.73 -1.26
C CYS A 749 -5.29 -23.21 -1.38
N SER A 750 -5.60 -24.41 -0.88
CA SER A 750 -6.98 -24.88 -0.93
C SER A 750 -7.90 -23.99 -0.11
N ASN A 751 -7.45 -23.59 1.09
CA ASN A 751 -8.24 -22.69 1.91
C ASN A 751 -8.50 -21.38 1.18
N LEU A 752 -7.48 -20.84 0.50
CA LEU A 752 -7.67 -19.65 -0.33
C LEU A 752 -8.61 -19.90 -1.51
N LEU A 753 -8.54 -21.07 -2.13
CA LEU A 753 -9.27 -21.32 -3.37
C LEU A 753 -10.76 -21.55 -3.13
N LEU A 754 -11.14 -22.24 -2.06
CA LEU A 754 -12.56 -22.39 -1.77
C LEU A 754 -13.26 -21.07 -1.49
N GLN A 755 -12.54 -19.96 -1.48
CA GLN A 755 -13.16 -18.64 -1.36
C GLN A 755 -13.51 -18.02 -2.71
N TYR A 756 -13.14 -18.66 -3.83
CA TYR A 756 -13.39 -18.10 -5.14
C TYR A 756 -14.74 -18.49 -5.72
N GLY A 757 -15.47 -19.41 -5.10
CA GLY A 757 -16.78 -19.81 -5.57
C GLY A 757 -16.76 -21.23 -6.12
N SER A 758 -17.45 -21.43 -7.24
CA SER A 758 -17.63 -22.74 -7.85
C SER A 758 -17.25 -22.77 -9.32
N PHE A 759 -16.10 -22.20 -9.68
CA PHE A 759 -15.63 -22.29 -11.05
C PHE A 759 -15.33 -23.75 -11.44
N CYS A 760 -14.70 -24.50 -10.52
CA CYS A 760 -14.29 -25.85 -10.84
C CYS A 760 -15.47 -26.74 -11.20
N THR A 761 -16.61 -26.55 -10.52
CA THR A 761 -17.80 -27.31 -10.86
C THR A 761 -18.26 -27.02 -12.28
N GLN A 762 -18.21 -25.74 -12.68
CA GLN A 762 -18.58 -25.37 -14.04
C GLN A 762 -17.66 -26.02 -15.07
N LEU A 763 -16.35 -25.98 -14.80
CA LEU A 763 -15.40 -26.57 -15.75
C LEU A 763 -15.59 -28.08 -15.84
N LYS A 764 -15.82 -28.74 -14.70
CA LYS A 764 -16.07 -30.17 -14.70
C LYS A 764 -17.33 -30.52 -15.48
N ARG A 765 -18.39 -29.73 -15.30
CA ARG A 765 -19.61 -29.96 -16.06
C ARG A 765 -19.37 -29.81 -17.55
N ALA A 766 -18.62 -28.79 -17.95
CA ALA A 766 -18.34 -28.58 -19.37
C ALA A 766 -17.57 -29.75 -19.96
N LEU A 767 -16.53 -30.22 -19.25
CA LEU A 767 -15.74 -31.33 -19.77
C LEU A 767 -16.55 -32.62 -19.85
N THR A 768 -17.39 -32.88 -18.85
CA THR A 768 -18.25 -34.05 -18.90
C THR A 768 -19.23 -33.98 -20.07
N GLY A 769 -19.79 -32.80 -20.32
CA GLY A 769 -20.66 -32.64 -21.46
C GLY A 769 -19.94 -32.91 -22.77
N ILE A 770 -18.69 -32.44 -22.89
CA ILE A 770 -17.92 -32.69 -24.10
C ILE A 770 -17.69 -34.19 -24.30
N ALA A 771 -17.35 -34.90 -23.22
CA ALA A 771 -17.10 -36.34 -23.33
C ALA A 771 -18.36 -37.09 -23.77
N VAL A 772 -19.50 -36.76 -23.15
CA VAL A 772 -20.75 -37.40 -23.52
C VAL A 772 -21.11 -37.09 -24.98
N GLU A 773 -20.83 -35.86 -25.42
CA GLU A 773 -21.09 -35.50 -26.81
C GLU A 773 -20.23 -36.33 -27.76
N GLN A 774 -18.96 -36.57 -27.42
CA GLN A 774 -18.11 -37.39 -28.28
C GLN A 774 -18.65 -38.80 -28.40
N ASP A 775 -19.06 -39.39 -27.27
CA ASP A 775 -19.62 -40.74 -27.31
C ASP A 775 -20.87 -40.78 -28.18
N LYS A 776 -21.74 -39.77 -28.04
CA LYS A 776 -22.95 -39.72 -28.84
C LYS A 776 -22.64 -39.53 -30.33
N ASN A 777 -21.62 -38.74 -30.65
CA ASN A 777 -21.21 -38.56 -32.04
C ASN A 777 -20.85 -39.90 -32.66
N THR A 778 -19.99 -40.66 -31.99
CA THR A 778 -19.60 -41.97 -32.52
C THR A 778 -20.80 -42.89 -32.66
N GLN A 779 -21.67 -42.91 -31.64
CA GLN A 779 -22.84 -43.79 -31.67
C GLN A 779 -23.75 -43.45 -32.85
N GLU A 780 -24.00 -42.16 -33.08
CA GLU A 780 -24.93 -41.79 -34.14
C GLU A 780 -24.34 -42.01 -35.52
N VAL A 781 -23.02 -41.82 -35.66
CA VAL A 781 -22.41 -42.01 -36.98
C VAL A 781 -22.36 -43.50 -37.33
N PHE A 782 -21.95 -44.34 -36.39
CA PHE A 782 -21.60 -45.71 -36.80
C PHE A 782 -22.70 -46.74 -36.54
N ALA A 783 -23.43 -46.61 -35.44
CA ALA A 783 -24.43 -47.61 -35.06
C ALA A 783 -25.79 -47.29 -35.70
N GLN A 784 -25.84 -47.43 -37.02
CA GLN A 784 -27.07 -47.21 -37.76
C GLN A 784 -27.79 -48.50 -38.09
N VAL A 785 -27.06 -49.59 -38.27
CA VAL A 785 -27.66 -50.87 -38.62
C VAL A 785 -28.15 -51.56 -37.35
N LYS A 786 -29.28 -52.26 -37.45
CA LYS A 786 -29.89 -52.90 -36.30
C LYS A 786 -29.35 -54.30 -36.07
N GLN A 787 -29.12 -55.07 -37.13
CA GLN A 787 -28.63 -56.43 -37.03
C GLN A 787 -27.26 -56.55 -37.68
N ILE A 788 -26.43 -57.43 -37.13
CA ILE A 788 -25.08 -57.66 -37.65
C ILE A 788 -25.20 -58.62 -38.82
N TYR A 789 -25.03 -58.10 -40.04
CA TYR A 789 -25.13 -58.93 -41.24
C TYR A 789 -23.76 -59.53 -41.57
N LYS A 790 -23.74 -60.81 -41.91
CA LYS A 790 -22.52 -61.51 -42.24
C LYS A 790 -22.46 -61.84 -43.72
N THR A 791 -21.26 -61.78 -44.27
CA THR A 791 -21.06 -62.06 -45.69
C THR A 791 -21.13 -63.56 -45.95
N PRO A 792 -21.62 -63.98 -47.12
CA PRO A 792 -21.67 -65.41 -47.45
C PRO A 792 -20.27 -65.99 -47.61
N PRO A 793 -20.12 -67.30 -47.39
CA PRO A 793 -18.76 -67.88 -47.54
C PRO A 793 -18.32 -67.99 -48.99
N ILE A 794 -19.23 -68.29 -49.91
CA ILE A 794 -18.91 -68.34 -51.33
C ILE A 794 -18.96 -66.90 -51.84
N LYS A 795 -17.78 -66.31 -52.08
CA LYS A 795 -17.69 -64.90 -52.43
C LYS A 795 -17.57 -64.71 -53.94
N TYR A 796 -18.69 -64.90 -54.63
CA TYR A 796 -18.81 -64.59 -56.05
C TYR A 796 -19.96 -63.63 -56.24
N PHE A 797 -19.69 -62.51 -56.89
CA PHE A 797 -20.67 -61.45 -57.10
C PHE A 797 -20.67 -60.99 -58.56
N GLY A 798 -20.66 -61.92 -59.49
CA GLY A 798 -20.69 -61.62 -60.91
C GLY A 798 -19.45 -60.91 -61.43
N GLY A 799 -18.29 -61.27 -60.88
CA GLY A 799 -17.03 -60.73 -61.34
C GLY A 799 -16.49 -59.57 -60.52
N PHE A 800 -17.30 -58.99 -59.63
CA PHE A 800 -16.82 -57.91 -58.79
C PHE A 800 -16.01 -58.45 -57.62
N ASN A 801 -14.91 -57.78 -57.31
CA ASN A 801 -13.98 -58.23 -56.27
C ASN A 801 -14.00 -57.22 -55.13
N PHE A 802 -14.47 -57.66 -53.96
CA PHE A 802 -14.57 -56.82 -52.78
C PHE A 802 -13.54 -57.17 -51.71
N SER A 803 -12.47 -57.89 -52.08
CA SER A 803 -11.53 -58.39 -51.09
C SER A 803 -10.77 -57.27 -50.40
N GLN A 804 -10.63 -56.12 -51.06
CA GLN A 804 -9.89 -55.00 -50.46
C GLN A 804 -10.65 -54.35 -49.32
N ILE A 805 -11.98 -54.44 -49.31
CA ILE A 805 -12.78 -53.80 -48.28
C ILE A 805 -13.43 -54.79 -47.32
N LEU A 806 -13.43 -56.09 -47.64
CA LEU A 806 -13.99 -57.07 -46.73
C LEU A 806 -12.97 -57.42 -45.64
N PRO A 807 -13.45 -57.75 -44.43
CA PRO A 807 -12.51 -58.07 -43.35
C PRO A 807 -11.68 -59.29 -43.67
N ASP A 808 -10.43 -59.28 -43.22
CA ASP A 808 -9.49 -60.36 -43.50
C ASP A 808 -9.38 -61.26 -42.28
N PRO A 809 -9.85 -62.50 -42.34
CA PRO A 809 -9.79 -63.36 -41.15
C PRO A 809 -8.39 -63.78 -40.75
N SER A 810 -7.39 -63.64 -41.64
CA SER A 810 -6.04 -64.06 -41.33
C SER A 810 -5.46 -63.25 -40.18
N LYS A 811 -5.54 -61.93 -40.26
CA LYS A 811 -5.01 -61.08 -39.20
C LYS A 811 -5.92 -61.14 -37.98
N PRO A 812 -5.35 -61.00 -36.77
CA PRO A 812 -6.19 -61.02 -35.57
C PRO A 812 -7.05 -59.78 -35.42
N SER A 813 -6.70 -58.67 -36.08
CA SER A 813 -7.47 -57.44 -35.96
C SER A 813 -8.82 -57.53 -36.69
N LYS A 814 -8.93 -58.42 -37.67
CA LYS A 814 -10.15 -58.57 -38.47
C LYS A 814 -10.52 -57.25 -39.15
N ARG A 815 -9.53 -56.55 -39.69
CA ARG A 815 -9.73 -55.36 -40.48
C ARG A 815 -9.40 -55.63 -41.95
N SER A 816 -10.04 -54.87 -42.82
CA SER A 816 -9.73 -54.94 -44.25
C SER A 816 -8.34 -54.37 -44.49
N PRO A 817 -7.66 -54.77 -45.58
CA PRO A 817 -6.34 -54.19 -45.86
C PRO A 817 -6.35 -52.68 -45.97
N ILE A 818 -7.40 -52.09 -46.54
CA ILE A 818 -7.49 -50.64 -46.61
C ILE A 818 -7.62 -50.04 -45.21
N GLU A 819 -8.42 -50.68 -44.35
CA GLU A 819 -8.54 -50.21 -42.97
C GLU A 819 -7.22 -50.32 -42.22
N ASP A 820 -6.49 -51.41 -42.44
CA ASP A 820 -5.19 -51.55 -41.80
C ASP A 820 -4.22 -50.47 -42.28
N LEU A 821 -4.24 -50.18 -43.58
CA LEU A 821 -3.40 -49.09 -44.10
C LEU A 821 -3.78 -47.76 -43.46
N LEU A 822 -5.08 -47.50 -43.32
CA LEU A 822 -5.52 -46.25 -42.71
C LEU A 822 -5.07 -46.15 -41.26
N PHE A 823 -5.19 -47.24 -40.50
CA PHE A 823 -4.81 -47.20 -39.09
C PHE A 823 -3.31 -47.08 -38.91
N ASN A 824 -2.52 -47.68 -39.81
CA ASN A 824 -1.07 -47.54 -39.73
C ASN A 824 -0.60 -46.17 -40.21
N LYS A 825 -1.33 -45.56 -41.14
CA LYS A 825 -0.85 -44.31 -41.75
C LYS A 825 -0.90 -43.14 -40.78
N VAL A 826 -1.92 -43.07 -39.94
CA VAL A 826 -2.06 -41.99 -38.97
C VAL A 826 -1.79 -42.56 -37.58
N THR A 827 -0.87 -41.92 -36.86
CA THR A 827 -0.41 -42.39 -35.56
C THR A 827 -0.35 -41.21 -34.60
N LEU A 828 -0.48 -41.52 -33.31
CA LEU A 828 -0.45 -40.51 -32.27
C LEU A 828 0.87 -40.55 -31.49
N PHE A 855 0.25 -35.25 -16.73
CA PHE A 855 -0.31 -35.97 -15.59
C PHE A 855 -0.20 -35.14 -14.32
N ASN A 856 -0.81 -33.94 -14.34
CA ASN A 856 -0.85 -33.06 -13.18
C ASN A 856 -2.29 -32.70 -12.83
N GLY A 857 -3.16 -33.71 -12.79
CA GLY A 857 -4.58 -33.48 -12.61
C GLY A 857 -5.36 -33.75 -13.89
N LEU A 858 -4.62 -33.86 -15.00
CA LEU A 858 -5.24 -34.14 -16.29
C LEU A 858 -5.30 -35.64 -16.54
N THR A 859 -6.36 -36.08 -17.22
CA THR A 859 -6.59 -37.49 -17.46
C THR A 859 -7.32 -37.68 -18.79
N VAL A 860 -7.11 -38.82 -19.45
CA VAL A 860 -7.75 -39.11 -20.73
C VAL A 860 -8.66 -40.33 -20.58
N LEU A 861 -9.97 -40.10 -20.66
CA LEU A 861 -10.95 -41.17 -20.57
C LEU A 861 -11.04 -41.94 -21.89
N PRO A 862 -10.97 -43.26 -21.85
CA PRO A 862 -11.10 -44.04 -23.10
C PRO A 862 -12.52 -44.01 -23.62
N PRO A 863 -12.70 -44.17 -24.93
CA PRO A 863 -14.07 -44.17 -25.49
C PRO A 863 -14.85 -45.43 -25.14
N LEU A 864 -16.16 -45.40 -25.37
CA LEU A 864 -17.02 -46.53 -25.05
C LEU A 864 -16.90 -47.63 -26.10
N LEU A 865 -16.95 -47.24 -27.37
CA LEU A 865 -16.79 -48.17 -28.48
C LEU A 865 -15.31 -48.36 -28.83
N THR A 866 -14.82 -49.58 -28.77
CA THR A 866 -13.45 -49.86 -29.19
C THR A 866 -13.36 -49.90 -30.71
N ASP A 867 -12.13 -50.00 -31.20
CA ASP A 867 -11.92 -50.09 -32.64
C ASP A 867 -12.49 -51.39 -33.21
N GLU A 868 -12.44 -52.47 -32.42
CA GLU A 868 -12.98 -53.75 -32.87
C GLU A 868 -14.48 -53.65 -33.15
N MET A 869 -15.24 -53.02 -32.25
CA MET A 869 -16.68 -52.93 -32.46
C MET A 869 -17.03 -51.97 -33.58
N ILE A 870 -16.26 -50.90 -33.76
CA ILE A 870 -16.50 -49.99 -34.89
C ILE A 870 -16.24 -50.70 -36.20
N ALA A 871 -15.16 -51.50 -36.26
CA ALA A 871 -14.91 -52.30 -37.45
C ALA A 871 -16.02 -53.33 -37.68
N GLN A 872 -16.57 -53.90 -36.61
CA GLN A 872 -17.69 -54.83 -36.76
C GLN A 872 -18.92 -54.12 -37.33
N TYR A 873 -19.20 -52.90 -36.87
CA TYR A 873 -20.30 -52.13 -37.43
C TYR A 873 -20.08 -51.87 -38.92
N THR A 874 -18.86 -51.46 -39.29
CA THR A 874 -18.56 -51.20 -40.68
C THR A 874 -18.72 -52.47 -41.53
N SER A 875 -18.27 -53.60 -41.00
CA SER A 875 -18.44 -54.87 -41.70
C SER A 875 -19.90 -55.22 -41.89
N ALA A 876 -20.73 -55.00 -40.88
CA ALA A 876 -22.16 -55.27 -41.02
C ALA A 876 -22.78 -54.40 -42.09
N LEU A 877 -22.42 -53.11 -42.12
CA LEU A 877 -22.95 -52.23 -43.15
C LEU A 877 -22.52 -52.67 -44.55
N LEU A 878 -21.25 -53.03 -44.70
CA LEU A 878 -20.75 -53.48 -46.00
C LEU A 878 -21.45 -54.76 -46.45
N ALA A 879 -21.61 -55.73 -45.55
CA ALA A 879 -22.27 -56.97 -45.91
C ALA A 879 -23.73 -56.73 -46.29
N GLY A 880 -24.42 -55.86 -45.54
CA GLY A 880 -25.79 -55.55 -45.87
C GLY A 880 -25.93 -54.92 -47.25
N THR A 881 -25.08 -53.93 -47.55
CA THR A 881 -25.19 -53.26 -48.84
C THR A 881 -24.76 -54.17 -49.99
N ILE A 882 -23.87 -55.13 -49.73
CA ILE A 882 -23.47 -56.04 -50.80
C ILE A 882 -24.55 -57.09 -51.06
N THR A 883 -25.18 -57.63 -50.02
CA THR A 883 -26.09 -58.75 -50.19
C THR A 883 -27.55 -58.35 -50.39
N SER A 884 -27.95 -57.13 -50.01
CA SER A 884 -29.36 -56.76 -50.10
C SER A 884 -29.61 -55.41 -50.74
N GLY A 885 -28.60 -54.71 -51.24
CA GLY A 885 -28.83 -53.42 -51.84
C GLY A 885 -29.24 -52.39 -50.80
N TRP A 886 -30.23 -51.57 -51.16
CA TRP A 886 -30.71 -50.55 -50.23
C TRP A 886 -31.90 -51.00 -49.40
N THR A 887 -32.35 -52.25 -49.55
CA THR A 887 -33.54 -52.69 -48.84
C THR A 887 -33.32 -52.79 -47.34
N PHE A 888 -32.10 -53.13 -46.91
CA PHE A 888 -31.82 -53.32 -45.50
C PHE A 888 -31.85 -52.01 -44.70
N GLY A 889 -31.83 -50.86 -45.38
CA GLY A 889 -31.86 -49.59 -44.69
C GLY A 889 -33.25 -49.03 -44.51
N ALA A 890 -34.23 -49.67 -45.14
CA ALA A 890 -35.63 -49.23 -45.04
C ALA A 890 -36.52 -50.22 -44.33
N GLY A 891 -36.02 -51.40 -43.99
CA GLY A 891 -36.81 -52.41 -43.33
C GLY A 891 -36.09 -53.74 -43.29
N PRO A 892 -36.82 -54.84 -43.52
CA PRO A 892 -36.17 -56.16 -43.60
C PRO A 892 -35.25 -56.22 -44.80
N ALA A 893 -34.16 -56.98 -44.66
CA ALA A 893 -33.18 -57.11 -45.73
C ALA A 893 -33.63 -58.19 -46.71
N LEU A 894 -33.76 -57.82 -47.98
CA LEU A 894 -34.19 -58.73 -49.04
C LEU A 894 -33.01 -58.99 -49.96
N GLN A 895 -32.65 -60.25 -50.13
CA GLN A 895 -31.50 -60.59 -50.95
C GLN A 895 -31.81 -60.38 -52.43
N ILE A 896 -30.77 -60.10 -53.21
CA ILE A 896 -30.89 -59.85 -54.65
C ILE A 896 -29.52 -60.09 -55.26
N PRO A 897 -29.44 -60.68 -56.46
CA PRO A 897 -28.13 -60.81 -57.12
C PRO A 897 -27.49 -59.45 -57.36
N PHE A 898 -26.17 -59.40 -57.22
CA PHE A 898 -25.46 -58.13 -57.34
C PHE A 898 -25.58 -57.49 -58.72
N PRO A 899 -25.44 -58.21 -59.84
CA PRO A 899 -25.66 -57.54 -61.15
C PRO A 899 -27.05 -56.94 -61.29
N MET A 900 -28.08 -57.57 -60.73
CA MET A 900 -29.41 -56.95 -60.78
C MET A 900 -29.45 -55.67 -59.98
N GLN A 901 -28.74 -55.61 -58.85
CA GLN A 901 -28.65 -54.38 -58.08
C GLN A 901 -27.93 -53.29 -58.87
N MET A 902 -26.89 -53.67 -59.61
CA MET A 902 -26.20 -52.70 -60.45
C MET A 902 -27.10 -52.21 -61.58
N ALA A 903 -27.94 -53.09 -62.13
CA ALA A 903 -28.92 -52.66 -63.11
C ALA A 903 -29.92 -51.69 -62.51
N TYR A 904 -30.37 -51.96 -61.28
CA TYR A 904 -31.20 -51.01 -60.55
C TYR A 904 -30.55 -49.64 -60.47
N ARG A 905 -29.27 -49.62 -60.11
CA ARG A 905 -28.58 -48.33 -59.95
C ARG A 905 -28.39 -47.62 -61.28
N PHE A 906 -28.12 -48.37 -62.36
CA PHE A 906 -28.04 -47.75 -63.67
C PHE A 906 -29.37 -47.15 -64.09
N ASN A 907 -30.47 -47.85 -63.80
CA ASN A 907 -31.79 -47.26 -64.01
C ASN A 907 -31.96 -45.99 -63.17
N GLY A 908 -31.40 -46.00 -61.97
CA GLY A 908 -31.47 -44.83 -61.12
C GLY A 908 -30.74 -43.62 -61.69
N ILE A 909 -29.61 -43.83 -62.35
CA ILE A 909 -28.85 -42.74 -62.94
C ILE A 909 -29.35 -42.40 -64.34
N GLY A 910 -30.41 -43.06 -64.81
CA GLY A 910 -31.00 -42.72 -66.09
C GLY A 910 -30.48 -43.48 -67.28
N VAL A 911 -29.88 -44.65 -67.09
CA VAL A 911 -29.39 -45.49 -68.17
C VAL A 911 -30.13 -46.82 -68.10
N THR A 912 -30.53 -47.33 -69.26
CA THR A 912 -31.30 -48.57 -69.30
C THR A 912 -30.46 -49.74 -68.81
N GLN A 913 -31.14 -50.73 -68.23
CA GLN A 913 -30.46 -51.82 -67.55
C GLN A 913 -29.70 -52.74 -68.50
N ASN A 914 -30.19 -52.91 -69.74
CA ASN A 914 -29.50 -53.78 -70.68
C ASN A 914 -28.08 -53.31 -70.96
N VAL A 915 -27.83 -51.99 -70.88
CA VAL A 915 -26.49 -51.45 -71.04
C VAL A 915 -25.54 -52.08 -70.04
N LEU A 916 -26.00 -52.30 -68.81
CA LEU A 916 -25.19 -53.03 -67.84
C LEU A 916 -24.96 -54.47 -68.27
N TYR A 917 -26.01 -55.16 -68.71
CA TYR A 917 -25.91 -56.59 -68.97
C TYR A 917 -25.07 -56.90 -70.20
N GLU A 918 -24.92 -55.95 -71.12
CA GLU A 918 -24.10 -56.13 -72.30
C GLU A 918 -22.65 -55.72 -72.08
N ASN A 919 -22.33 -55.16 -70.92
CA ASN A 919 -20.98 -54.68 -70.60
C ASN A 919 -20.56 -55.11 -69.20
N GLN A 920 -21.04 -56.26 -68.74
CA GLN A 920 -20.81 -56.66 -67.36
C GLN A 920 -19.33 -56.90 -67.08
N LYS A 921 -18.63 -57.58 -67.98
CA LYS A 921 -17.22 -57.88 -67.77
C LYS A 921 -16.38 -56.61 -67.74
N LEU A 922 -16.66 -55.69 -68.66
CA LEU A 922 -15.93 -54.43 -68.70
C LEU A 922 -16.16 -53.62 -67.43
N ILE A 923 -17.40 -53.55 -66.97
CA ILE A 923 -17.71 -52.79 -65.76
C ILE A 923 -17.04 -53.40 -64.54
N ALA A 924 -17.08 -54.73 -64.44
CA ALA A 924 -16.40 -55.40 -63.32
C ALA A 924 -14.91 -55.16 -63.35
N ASN A 925 -14.29 -55.23 -64.53
CA ASN A 925 -12.86 -54.98 -64.64
C ASN A 925 -12.51 -53.56 -64.24
N GLN A 926 -13.31 -52.58 -64.69
CA GLN A 926 -13.06 -51.19 -64.32
C GLN A 926 -13.19 -50.98 -62.82
N PHE A 927 -14.21 -51.58 -62.20
CA PHE A 927 -14.37 -51.47 -60.77
C PHE A 927 -13.18 -52.06 -60.03
N ASN A 928 -12.72 -53.24 -60.46
CA ASN A 928 -11.59 -53.89 -59.81
C ASN A 928 -10.33 -53.03 -59.93
N SER A 929 -10.10 -52.45 -61.12
CA SER A 929 -8.93 -51.60 -61.30
C SER A 929 -9.00 -50.36 -60.41
N ALA A 930 -10.17 -49.73 -60.31
CA ALA A 930 -10.31 -48.55 -59.46
C ALA A 930 -10.08 -48.87 -58.00
N ILE A 931 -10.65 -49.98 -57.52
CA ILE A 931 -10.45 -50.37 -56.13
C ILE A 931 -8.98 -50.68 -55.87
N GLY A 932 -8.31 -51.35 -56.81
CA GLY A 932 -6.90 -51.61 -56.64
C GLY A 932 -6.07 -50.34 -56.59
N LYS A 933 -6.41 -49.34 -57.41
CA LYS A 933 -5.66 -48.10 -57.41
C LYS A 933 -5.94 -47.24 -56.19
N ILE A 934 -7.06 -47.45 -55.51
CA ILE A 934 -7.40 -46.64 -54.34
C ILE A 934 -6.32 -46.77 -53.26
N GLN A 935 -5.88 -47.99 -52.97
CA GLN A 935 -4.91 -48.19 -51.89
C GLN A 935 -3.58 -47.52 -52.21
N ASP A 936 -3.12 -47.67 -53.47
CA ASP A 936 -1.89 -47.00 -53.87
C ASP A 936 -2.02 -45.48 -53.80
N SER A 937 -3.18 -44.95 -54.20
CA SER A 937 -3.39 -43.51 -54.12
C SER A 937 -3.36 -43.02 -52.67
N LEU A 938 -3.97 -43.77 -51.76
CA LEU A 938 -3.91 -43.40 -50.34
C LEU A 938 -2.49 -43.46 -49.82
N SER A 939 -1.73 -44.50 -50.17
CA SER A 939 -0.37 -44.62 -49.68
C SER A 939 0.53 -43.51 -50.22
N SER A 940 0.39 -43.17 -51.51
CA SER A 940 1.30 -42.22 -52.13
C SER A 940 1.03 -40.78 -51.71
N THR A 941 -0.22 -40.44 -51.43
CA THR A 941 -0.56 -39.07 -51.09
C THR A 941 0.07 -38.71 -49.73
N PRO A 942 0.73 -37.57 -49.62
CA PRO A 942 1.39 -37.22 -48.35
C PRO A 942 0.45 -36.70 -47.29
N SER A 943 -0.59 -35.96 -47.70
CA SER A 943 -1.51 -35.31 -46.79
C SER A 943 -2.94 -35.77 -47.05
N ALA A 944 -3.10 -37.06 -47.35
CA ALA A 944 -4.44 -37.61 -47.56
C ALA A 944 -5.23 -37.66 -46.25
N LEU A 945 -4.58 -38.01 -45.15
CA LEU A 945 -5.21 -38.15 -43.84
C LEU A 945 -5.01 -36.90 -42.98
N GLY A 946 -5.04 -35.72 -43.59
CA GLY A 946 -4.64 -34.52 -42.87
C GLY A 946 -5.56 -34.14 -41.74
N LYS A 947 -6.88 -34.29 -41.92
CA LYS A 947 -7.84 -33.75 -40.96
C LYS A 947 -7.72 -34.44 -39.60
N LEU A 948 -7.65 -35.78 -39.61
CA LEU A 948 -7.53 -36.51 -38.35
C LEU A 948 -6.23 -36.15 -37.64
N GLN A 949 -5.14 -36.02 -38.40
CA GLN A 949 -3.86 -35.64 -37.82
C GLN A 949 -3.92 -34.25 -37.21
N ASP A 950 -4.59 -33.31 -37.88
CA ASP A 950 -4.74 -31.97 -37.30
C ASP A 950 -5.55 -32.02 -36.02
N VAL A 951 -6.60 -32.85 -35.96
CA VAL A 951 -7.37 -32.97 -34.74
C VAL A 951 -6.49 -33.46 -33.59
N VAL A 952 -5.72 -34.53 -33.85
CA VAL A 952 -4.87 -35.10 -32.82
C VAL A 952 -3.81 -34.09 -32.38
N ASN A 953 -3.20 -33.40 -33.35
CA ASN A 953 -2.16 -32.44 -33.04
C ASN A 953 -2.71 -31.26 -32.24
N HIS A 954 -3.91 -30.80 -32.55
CA HIS A 954 -4.51 -29.69 -31.81
C HIS A 954 -4.77 -30.10 -30.36
N ASN A 955 -5.30 -31.31 -30.16
CA ASN A 955 -5.54 -31.76 -28.80
C ASN A 955 -4.23 -31.87 -28.02
N ALA A 956 -3.20 -32.45 -28.64
CA ALA A 956 -1.91 -32.58 -27.97
C ALA A 956 -1.31 -31.22 -27.66
N GLN A 957 -1.42 -30.27 -28.59
CA GLN A 957 -0.86 -28.94 -28.36
C GLN A 957 -1.58 -28.23 -27.22
N ALA A 958 -2.91 -28.36 -27.15
CA ALA A 958 -3.63 -27.75 -26.04
C ALA A 958 -3.19 -28.33 -24.71
N LEU A 959 -3.06 -29.66 -24.63
CA LEU A 959 -2.60 -30.27 -23.39
C LEU A 959 -1.18 -29.81 -23.04
N ASN A 960 -0.31 -29.75 -24.04
CA ASN A 960 1.08 -29.36 -23.79
C ASN A 960 1.17 -27.93 -23.27
N THR A 961 0.43 -27.00 -23.88
CA THR A 961 0.49 -25.62 -23.41
C THR A 961 -0.13 -25.50 -22.02
N LEU A 962 -1.20 -26.25 -21.73
CA LEU A 962 -1.77 -26.22 -20.40
C LEU A 962 -0.78 -26.70 -19.35
N VAL A 963 -0.04 -27.77 -19.65
CA VAL A 963 0.93 -28.29 -18.69
C VAL A 963 2.09 -27.31 -18.54
N LYS A 964 2.59 -26.76 -19.65
CA LYS A 964 3.75 -25.88 -19.58
C LYS A 964 3.45 -24.57 -18.88
N GLN A 965 2.19 -24.12 -18.90
CA GLN A 965 1.90 -22.84 -18.29
C GLN A 965 1.95 -22.86 -16.77
N LEU A 966 2.10 -24.02 -16.14
CA LEU A 966 2.27 -24.08 -14.70
C LEU A 966 3.59 -23.48 -14.24
N SER A 967 4.58 -23.40 -15.14
CA SER A 967 5.90 -22.90 -14.77
C SER A 967 5.97 -21.38 -14.69
N SER A 968 4.93 -20.68 -15.15
CA SER A 968 4.95 -19.22 -15.13
C SER A 968 4.82 -18.71 -13.71
N LYS A 969 5.37 -17.51 -13.49
CA LYS A 969 5.32 -16.88 -12.18
C LYS A 969 4.14 -15.93 -12.02
N PHE A 970 3.65 -15.35 -13.11
CA PHE A 970 2.52 -14.43 -13.11
C PHE A 970 2.75 -13.21 -12.23
N GLY A 971 4.01 -12.82 -12.04
CA GLY A 971 4.36 -11.69 -11.21
C GLY A 971 4.86 -12.04 -9.83
N ALA A 972 4.71 -13.28 -9.40
CA ALA A 972 5.20 -13.68 -8.09
C ALA A 972 6.71 -13.83 -8.10
N ILE A 973 7.29 -13.86 -6.89
CA ILE A 973 8.73 -14.01 -6.77
C ILE A 973 9.19 -15.37 -7.28
N SER A 974 8.34 -16.39 -7.20
CA SER A 974 8.68 -17.71 -7.71
C SER A 974 7.40 -18.41 -8.13
N SER A 975 7.55 -19.42 -8.98
CA SER A 975 6.41 -20.18 -9.48
C SER A 975 6.05 -21.36 -8.59
N VAL A 976 7.02 -21.90 -7.86
CA VAL A 976 6.76 -23.05 -6.99
C VAL A 976 6.22 -22.57 -5.65
N LEU A 977 5.27 -23.34 -5.10
CA LEU A 977 4.57 -22.91 -3.90
C LEU A 977 5.45 -23.01 -2.65
N ASN A 978 6.20 -24.10 -2.51
CA ASN A 978 6.89 -24.39 -1.25
C ASN A 978 7.86 -23.27 -0.88
N ASP A 979 8.58 -22.74 -1.88
CA ASP A 979 9.48 -21.62 -1.61
C ASP A 979 8.70 -20.39 -1.15
N ILE A 980 7.53 -20.15 -1.73
CA ILE A 980 6.73 -18.99 -1.35
C ILE A 980 6.26 -19.12 0.10
N LEU A 981 5.72 -20.27 0.46
CA LEU A 981 5.27 -20.48 1.84
C LEU A 981 6.41 -20.71 2.83
N SER A 982 7.63 -20.91 2.35
CA SER A 982 8.75 -21.21 3.25
C SER A 982 9.46 -19.95 3.71
N ARG A 983 9.70 -19.01 2.80
CA ARG A 983 10.51 -17.83 3.09
C ARG A 983 9.70 -16.55 3.17
N LEU A 984 8.39 -16.62 3.39
CA LEU A 984 7.59 -15.42 3.43
C LEU A 984 6.55 -15.54 4.54
N ASP A 985 6.23 -14.40 5.15
CA ASP A 985 5.21 -14.35 6.18
C ASP A 985 3.82 -14.54 5.58
N PRO A 986 2.89 -15.09 6.35
CA PRO A 986 1.53 -15.35 5.82
C PRO A 986 0.85 -14.10 5.27
N PRO A 987 0.96 -12.93 5.91
CA PRO A 987 0.25 -11.76 5.35
C PRO A 987 0.67 -11.42 3.93
N GLU A 988 1.94 -11.58 3.60
CA GLU A 988 2.38 -11.40 2.22
C GLU A 988 2.20 -12.67 1.41
N ALA A 989 2.20 -13.83 2.07
CA ALA A 989 2.01 -15.09 1.37
C ALA A 989 0.64 -15.16 0.71
N GLU A 990 -0.41 -14.68 1.38
CA GLU A 990 -1.75 -14.74 0.80
C GLU A 990 -1.81 -13.98 -0.52
N VAL A 991 -1.32 -12.74 -0.53
CA VAL A 991 -1.36 -11.93 -1.74
C VAL A 991 -0.39 -12.43 -2.79
N GLN A 992 0.72 -13.06 -2.39
CA GLN A 992 1.63 -13.63 -3.37
C GLN A 992 1.10 -14.92 -3.99
N ILE A 993 0.22 -15.63 -3.28
CA ILE A 993 -0.38 -16.84 -3.82
C ILE A 993 -1.61 -16.54 -4.68
N ASP A 994 -2.32 -15.46 -4.36
CA ASP A 994 -3.51 -15.10 -5.13
C ASP A 994 -3.18 -14.88 -6.60
N ARG A 995 -2.01 -14.32 -6.89
CA ARG A 995 -1.62 -14.08 -8.28
C ARG A 995 -1.51 -15.40 -9.05
N LEU A 996 -0.83 -16.38 -8.47
CA LEU A 996 -0.72 -17.69 -9.11
C LEU A 996 -2.08 -18.33 -9.26
N ILE A 997 -2.93 -18.21 -8.25
CA ILE A 997 -4.26 -18.82 -8.31
C ILE A 997 -5.06 -18.24 -9.46
N THR A 998 -5.08 -16.91 -9.59
CA THR A 998 -5.89 -16.30 -10.64
C THR A 998 -5.29 -16.57 -12.02
N GLY A 999 -3.97 -16.61 -12.14
CA GLY A 999 -3.38 -16.93 -13.43
C GLY A 999 -3.70 -18.35 -13.87
N ARG A 1000 -3.61 -19.30 -12.96
CA ARG A 1000 -3.91 -20.69 -13.32
C ARG A 1000 -5.39 -20.89 -13.61
N LEU A 1001 -6.26 -20.20 -12.87
CA LEU A 1001 -7.68 -20.25 -13.19
C LEU A 1001 -7.96 -19.69 -14.58
N GLN A 1002 -7.29 -18.58 -14.93
CA GLN A 1002 -7.45 -18.03 -16.27
C GLN A 1002 -7.01 -19.01 -17.34
N SER A 1003 -5.87 -19.68 -17.12
CA SER A 1003 -5.38 -20.65 -18.09
C SER A 1003 -6.37 -21.79 -18.27
N LEU A 1004 -6.90 -22.31 -17.16
CA LEU A 1004 -7.83 -23.43 -17.25
C LEU A 1004 -9.13 -23.03 -17.94
N GLN A 1005 -9.62 -21.82 -17.65
CA GLN A 1005 -10.82 -21.31 -18.31
C GLN A 1005 -10.60 -21.18 -19.82
N THR A 1006 -9.44 -20.65 -20.23
CA THR A 1006 -9.14 -20.56 -21.65
C THR A 1006 -9.12 -21.93 -22.31
N TYR A 1007 -8.51 -22.91 -21.64
CA TYR A 1007 -8.48 -24.26 -22.19
C TYR A 1007 -9.89 -24.81 -22.38
N VAL A 1008 -10.76 -24.62 -21.40
CA VAL A 1008 -12.11 -25.16 -21.49
C VAL A 1008 -12.89 -24.48 -22.62
N THR A 1009 -12.72 -23.16 -22.78
CA THR A 1009 -13.44 -22.47 -23.86
C THR A 1009 -12.98 -22.95 -25.24
N GLN A 1010 -11.66 -23.10 -25.43
CA GLN A 1010 -11.18 -23.63 -26.69
C GLN A 1010 -11.70 -25.03 -26.95
N GLN A 1011 -11.76 -25.86 -25.90
CA GLN A 1011 -12.31 -27.19 -26.05
C GLN A 1011 -13.78 -27.15 -26.47
N LEU A 1012 -14.56 -26.23 -25.91
CA LEU A 1012 -15.97 -26.12 -26.29
C LEU A 1012 -16.12 -25.76 -27.77
N ILE A 1013 -15.34 -24.79 -28.24
CA ILE A 1013 -15.44 -24.41 -29.65
C ILE A 1013 -15.04 -25.57 -30.56
N ARG A 1014 -13.95 -26.26 -30.22
CA ARG A 1014 -13.51 -27.40 -31.02
C ARG A 1014 -14.54 -28.52 -31.01
N ALA A 1015 -15.20 -28.75 -29.87
CA ALA A 1015 -16.23 -29.78 -29.79
C ALA A 1015 -17.41 -29.42 -30.68
N ALA A 1016 -17.78 -28.13 -30.74
CA ALA A 1016 -18.86 -27.73 -31.65
C ALA A 1016 -18.50 -28.03 -33.10
N GLU A 1017 -17.26 -27.71 -33.49
CA GLU A 1017 -16.83 -28.01 -34.85
C GLU A 1017 -16.88 -29.51 -35.14
N ILE A 1018 -16.37 -30.32 -34.20
CA ILE A 1018 -16.37 -31.77 -34.39
C ILE A 1018 -17.79 -32.31 -34.48
N ARG A 1019 -18.71 -31.75 -33.70
CA ARG A 1019 -20.11 -32.19 -33.76
C ARG A 1019 -20.72 -31.89 -35.13
N ALA A 1020 -20.43 -30.72 -35.69
CA ALA A 1020 -20.93 -30.42 -37.03
C ALA A 1020 -20.38 -31.41 -38.05
N SER A 1021 -19.08 -31.73 -37.94
CA SER A 1021 -18.48 -32.71 -38.85
C SER A 1021 -19.14 -34.08 -38.71
N ALA A 1022 -19.41 -34.49 -37.47
CA ALA A 1022 -20.03 -35.80 -37.24
C ALA A 1022 -21.46 -35.84 -37.76
N ASN A 1023 -22.19 -34.72 -37.67
CA ASN A 1023 -23.52 -34.67 -38.25
C ASN A 1023 -23.46 -34.83 -39.76
N LEU A 1024 -22.49 -34.17 -40.41
CA LEU A 1024 -22.32 -34.34 -41.84
C LEU A 1024 -22.00 -35.79 -42.19
N ALA A 1025 -21.13 -36.43 -41.39
CA ALA A 1025 -20.77 -37.83 -41.64
C ALA A 1025 -21.98 -38.75 -41.50
N ALA A 1026 -22.82 -38.50 -40.49
CA ALA A 1026 -24.02 -39.32 -40.32
C ALA A 1026 -24.97 -39.15 -41.49
N THR A 1027 -25.14 -37.92 -41.96
CA THR A 1027 -25.99 -37.70 -43.14
C THR A 1027 -25.44 -38.43 -44.36
N LYS A 1028 -24.12 -38.38 -44.56
CA LYS A 1028 -23.51 -39.07 -45.69
C LYS A 1028 -23.68 -40.58 -45.57
N MET A 1029 -23.55 -41.12 -44.36
CA MET A 1029 -23.75 -42.54 -44.16
C MET A 1029 -25.19 -42.95 -44.49
N SER A 1030 -26.16 -42.13 -44.08
CA SER A 1030 -27.55 -42.46 -44.34
C SER A 1030 -27.88 -42.39 -45.83
N GLU A 1031 -27.36 -41.37 -46.52
CA GLU A 1031 -27.88 -41.09 -47.86
C GLU A 1031 -26.99 -41.65 -48.97
N CYS A 1032 -25.71 -41.85 -48.71
CA CYS A 1032 -24.80 -42.40 -49.72
C CYS A 1032 -24.65 -43.90 -49.61
N VAL A 1033 -24.63 -44.44 -48.38
CA VAL A 1033 -24.35 -45.85 -48.19
C VAL A 1033 -25.64 -46.67 -48.15
N LEU A 1034 -26.64 -46.17 -47.45
CA LEU A 1034 -27.91 -46.87 -47.30
C LEU A 1034 -28.88 -46.59 -48.44
N GLY A 1035 -28.47 -45.81 -49.43
CA GLY A 1035 -29.32 -45.54 -50.56
C GLY A 1035 -28.53 -45.01 -51.74
N GLN A 1036 -29.26 -44.50 -52.73
CA GLN A 1036 -28.66 -43.84 -53.88
C GLN A 1036 -29.19 -42.42 -53.93
N SER A 1037 -28.27 -41.45 -53.85
CA SER A 1037 -28.63 -40.04 -53.75
C SER A 1037 -28.52 -39.37 -55.11
N LYS A 1038 -29.52 -38.55 -55.43
CA LYS A 1038 -29.53 -37.77 -56.66
C LYS A 1038 -29.00 -36.36 -56.48
N ARG A 1039 -28.53 -36.02 -55.28
CA ARG A 1039 -27.95 -34.71 -55.04
C ARG A 1039 -26.60 -34.60 -55.73
N VAL A 1040 -26.38 -33.49 -56.43
CA VAL A 1040 -25.20 -33.33 -57.26
C VAL A 1040 -23.98 -33.07 -56.37
N ASP A 1041 -22.91 -33.83 -56.62
CA ASP A 1041 -21.62 -33.63 -55.95
C ASP A 1041 -21.73 -33.79 -54.44
N PHE A 1042 -22.66 -34.64 -54.00
CA PHE A 1042 -22.79 -34.98 -52.59
C PHE A 1042 -22.09 -36.29 -52.27
N CYS A 1043 -22.42 -37.35 -52.99
CA CYS A 1043 -21.76 -38.64 -52.84
C CYS A 1043 -20.66 -38.80 -53.89
N GLY A 1044 -19.78 -37.80 -53.97
CA GLY A 1044 -18.69 -37.83 -54.91
C GLY A 1044 -19.03 -37.14 -56.24
N LYS A 1045 -18.00 -37.02 -57.08
CA LYS A 1045 -18.13 -36.33 -58.36
C LYS A 1045 -18.51 -37.32 -59.45
N GLY A 1046 -19.56 -37.01 -60.20
CA GLY A 1046 -20.13 -37.91 -61.17
C GLY A 1046 -21.49 -38.40 -60.72
N TYR A 1047 -22.12 -39.19 -61.60
CA TYR A 1047 -23.41 -39.79 -61.26
C TYR A 1047 -23.20 -40.89 -60.24
N HIS A 1048 -23.71 -40.69 -59.03
CA HIS A 1048 -23.44 -41.59 -57.92
C HIS A 1048 -24.09 -42.95 -58.16
N LEU A 1049 -23.29 -44.01 -58.04
CA LEU A 1049 -23.81 -45.37 -58.10
C LEU A 1049 -23.98 -45.95 -56.69
N MET A 1050 -22.91 -46.01 -55.91
CA MET A 1050 -23.03 -46.57 -54.56
C MET A 1050 -21.80 -46.19 -53.75
N SER A 1051 -21.76 -46.61 -52.49
CA SER A 1051 -20.71 -46.16 -51.58
C SER A 1051 -20.44 -47.22 -50.52
N PHE A 1052 -19.23 -47.16 -49.96
CA PHE A 1052 -18.74 -48.10 -48.97
C PHE A 1052 -18.09 -47.35 -47.80
N PRO A 1053 -18.39 -47.71 -46.56
CA PRO A 1053 -17.70 -47.10 -45.42
C PRO A 1053 -16.49 -47.90 -44.96
N GLN A 1054 -15.52 -47.17 -44.40
CA GLN A 1054 -14.33 -47.76 -43.80
C GLN A 1054 -13.99 -46.99 -42.54
N SER A 1055 -13.59 -47.71 -41.49
CA SER A 1055 -13.31 -47.09 -40.21
C SER A 1055 -11.93 -46.44 -40.21
N ALA A 1056 -11.73 -45.50 -39.29
CA ALA A 1056 -10.47 -44.80 -39.11
C ALA A 1056 -10.27 -44.60 -37.62
N PRO A 1057 -9.05 -44.26 -37.19
CA PRO A 1057 -8.82 -44.06 -35.75
C PRO A 1057 -9.74 -43.05 -35.09
N HIS A 1058 -10.07 -41.95 -35.76
CA HIS A 1058 -11.02 -41.00 -35.19
C HIS A 1058 -12.05 -40.53 -36.21
N GLY A 1059 -12.28 -41.28 -37.27
CA GLY A 1059 -13.20 -40.84 -38.29
C GLY A 1059 -13.61 -41.95 -39.23
N VAL A 1060 -14.19 -41.55 -40.34
CA VAL A 1060 -14.72 -42.48 -41.34
C VAL A 1060 -14.20 -42.08 -42.70
N VAL A 1061 -14.08 -43.07 -43.59
CA VAL A 1061 -13.67 -42.87 -44.97
C VAL A 1061 -14.75 -43.47 -45.86
N PHE A 1062 -15.27 -42.66 -46.77
CA PHE A 1062 -16.28 -43.13 -47.72
C PHE A 1062 -15.64 -43.36 -49.08
N LEU A 1063 -15.96 -44.49 -49.70
CA LEU A 1063 -15.50 -44.85 -51.04
C LEU A 1063 -16.70 -44.78 -51.98
N HIS A 1064 -16.78 -43.68 -52.72
CA HIS A 1064 -17.88 -43.46 -53.63
C HIS A 1064 -17.57 -44.04 -55.01
N VAL A 1065 -18.42 -44.94 -55.49
CA VAL A 1065 -18.37 -45.45 -56.84
C VAL A 1065 -19.39 -44.68 -57.66
N THR A 1066 -18.92 -43.98 -58.69
CA THR A 1066 -19.72 -43.10 -59.53
C THR A 1066 -19.49 -43.42 -61.01
N TYR A 1067 -20.39 -42.89 -61.83
CA TYR A 1067 -20.45 -43.16 -63.26
C TYR A 1067 -20.08 -41.88 -64.01
N VAL A 1068 -19.13 -41.97 -64.95
CA VAL A 1068 -18.65 -40.82 -65.70
C VAL A 1068 -18.77 -41.11 -67.19
N PRO A 1069 -19.54 -40.34 -67.94
CA PRO A 1069 -19.60 -40.54 -69.40
C PRO A 1069 -18.30 -40.15 -70.07
N ALA A 1070 -18.08 -40.70 -71.26
CA ALA A 1070 -16.83 -40.48 -71.98
C ALA A 1070 -17.06 -40.77 -73.46
N GLN A 1071 -16.11 -40.29 -74.28
CA GLN A 1071 -16.11 -40.52 -75.73
C GLN A 1071 -17.37 -39.97 -76.38
N GLU A 1072 -17.55 -38.67 -76.27
CA GLU A 1072 -18.72 -38.01 -76.82
C GLU A 1072 -18.61 -37.89 -78.34
N LYS A 1073 -19.76 -37.70 -78.99
CA LYS A 1073 -19.82 -37.52 -80.42
C LYS A 1073 -20.85 -36.45 -80.76
N ASN A 1074 -20.60 -35.72 -81.84
CA ASN A 1074 -21.47 -34.64 -82.28
C ASN A 1074 -22.57 -35.17 -83.20
N PHE A 1075 -23.74 -34.55 -83.09
CA PHE A 1075 -24.90 -34.96 -83.86
C PHE A 1075 -25.76 -33.74 -84.14
N THR A 1076 -26.61 -33.86 -85.17
CA THR A 1076 -27.64 -32.88 -85.46
C THR A 1076 -28.94 -33.34 -84.83
N THR A 1077 -29.62 -32.44 -84.14
CA THR A 1077 -30.82 -32.79 -83.39
C THR A 1077 -31.97 -31.87 -83.78
N ALA A 1078 -33.18 -32.36 -83.56
CA ALA A 1078 -34.41 -31.63 -83.80
C ALA A 1078 -35.33 -31.81 -82.60
N PRO A 1079 -36.18 -30.82 -82.30
CA PRO A 1079 -37.10 -30.98 -81.17
C PRO A 1079 -38.28 -31.89 -81.45
N ALA A 1080 -38.74 -31.99 -82.70
CA ALA A 1080 -39.91 -32.80 -83.01
C ALA A 1080 -39.85 -33.21 -84.47
N ILE A 1081 -40.69 -34.17 -84.82
CA ILE A 1081 -40.76 -34.70 -86.19
C ILE A 1081 -42.18 -34.49 -86.71
N CYS A 1082 -42.29 -33.89 -87.90
CA CYS A 1082 -43.58 -33.66 -88.53
C CYS A 1082 -43.88 -34.81 -89.48
N HIS A 1083 -45.00 -35.50 -89.25
CA HIS A 1083 -45.42 -36.60 -90.08
C HIS A 1083 -46.93 -36.56 -90.25
N ASP A 1084 -47.40 -36.66 -91.50
CA ASP A 1084 -48.82 -36.64 -91.81
C ASP A 1084 -49.53 -35.41 -91.25
N GLY A 1085 -48.80 -34.30 -91.12
CA GLY A 1085 -49.36 -33.08 -90.61
C GLY A 1085 -49.44 -32.97 -89.10
N LYS A 1086 -48.87 -33.91 -88.36
CA LYS A 1086 -48.88 -33.86 -86.90
C LYS A 1086 -47.47 -33.96 -86.35
N ALA A 1087 -47.28 -33.43 -85.15
CA ALA A 1087 -45.97 -33.35 -84.53
C ALA A 1087 -45.75 -34.51 -83.56
N HIS A 1088 -44.55 -35.08 -83.61
CA HIS A 1088 -44.17 -36.20 -82.77
C HIS A 1088 -42.99 -35.80 -81.90
N PHE A 1089 -43.09 -36.12 -80.62
CA PHE A 1089 -42.06 -35.89 -79.62
C PHE A 1089 -41.58 -37.23 -79.06
N PRO A 1090 -40.31 -37.33 -78.67
CA PRO A 1090 -39.82 -38.59 -78.12
C PRO A 1090 -40.29 -38.80 -76.69
N ARG A 1091 -40.74 -40.03 -76.41
CA ARG A 1091 -41.20 -40.35 -75.06
C ARG A 1091 -40.08 -40.19 -74.04
N GLU A 1092 -38.93 -40.80 -74.31
CA GLU A 1092 -37.74 -40.62 -73.49
C GLU A 1092 -36.52 -40.72 -74.39
N GLY A 1093 -35.85 -39.59 -74.60
CA GLY A 1093 -34.69 -39.55 -75.45
C GLY A 1093 -34.66 -38.32 -76.35
N VAL A 1094 -33.83 -38.42 -77.38
CA VAL A 1094 -33.53 -37.32 -78.29
C VAL A 1094 -33.56 -37.83 -79.71
N PHE A 1095 -34.10 -37.01 -80.61
CA PHE A 1095 -34.02 -37.24 -82.04
C PHE A 1095 -32.61 -36.86 -82.51
N VAL A 1096 -31.95 -37.78 -83.21
CA VAL A 1096 -30.54 -37.64 -83.59
C VAL A 1096 -30.37 -38.11 -85.02
N SER A 1097 -29.69 -37.31 -85.83
CA SER A 1097 -29.40 -37.67 -87.21
C SER A 1097 -27.90 -37.87 -87.39
N ASN A 1098 -27.54 -38.96 -88.06
CA ASN A 1098 -26.15 -39.28 -88.37
C ASN A 1098 -25.71 -38.67 -89.69
N GLY A 1099 -26.42 -37.64 -90.16
CA GLY A 1099 -26.12 -37.02 -91.43
C GLY A 1099 -27.19 -37.28 -92.47
N THR A 1100 -27.73 -38.50 -92.47
CA THR A 1100 -28.75 -38.88 -93.45
C THR A 1100 -30.02 -39.45 -92.83
N HIS A 1101 -29.93 -40.27 -91.78
CA HIS A 1101 -31.10 -40.91 -91.19
C HIS A 1101 -31.30 -40.42 -89.77
N TRP A 1102 -32.56 -40.42 -89.33
CA TRP A 1102 -32.91 -39.99 -87.98
C TRP A 1102 -33.24 -41.20 -87.10
N PHE A 1103 -32.92 -41.07 -85.82
CA PHE A 1103 -33.10 -42.13 -84.83
C PHE A 1103 -33.49 -41.49 -83.51
N VAL A 1104 -33.91 -42.33 -82.56
CA VAL A 1104 -34.16 -41.93 -81.19
C VAL A 1104 -33.11 -42.59 -80.31
N THR A 1105 -32.51 -41.81 -79.41
CA THR A 1105 -31.53 -42.38 -78.49
C THR A 1105 -31.81 -41.91 -77.08
N GLN A 1106 -31.30 -42.64 -76.10
CA GLN A 1106 -31.35 -42.16 -74.71
C GLN A 1106 -30.29 -41.09 -74.49
N ARG A 1107 -30.55 -40.20 -73.54
CA ARG A 1107 -29.77 -38.97 -73.41
C ARG A 1107 -28.33 -39.25 -72.99
N ASN A 1108 -28.12 -40.20 -72.08
CA ASN A 1108 -26.81 -40.40 -71.46
C ASN A 1108 -25.97 -41.46 -72.16
N PHE A 1109 -26.48 -42.10 -73.21
CA PHE A 1109 -25.74 -43.16 -73.88
C PHE A 1109 -26.23 -43.27 -75.30
N TYR A 1110 -25.32 -43.53 -76.24
CA TYR A 1110 -25.69 -43.58 -77.64
C TYR A 1110 -26.15 -44.97 -78.01
N GLU A 1111 -27.43 -45.12 -78.32
CA GLU A 1111 -28.00 -46.39 -78.77
C GLU A 1111 -29.15 -46.09 -79.73
N PRO A 1112 -28.84 -45.83 -81.00
CA PRO A 1112 -29.88 -45.38 -81.93
C PRO A 1112 -30.94 -46.46 -82.18
N GLN A 1113 -32.16 -46.01 -82.43
CA GLN A 1113 -33.29 -46.88 -82.71
C GLN A 1113 -34.20 -46.23 -83.74
N ILE A 1114 -35.03 -47.05 -84.37
CA ILE A 1114 -35.94 -46.56 -85.40
C ILE A 1114 -37.05 -45.75 -84.75
N ILE A 1115 -37.35 -44.58 -85.32
CA ILE A 1115 -38.43 -43.76 -84.81
C ILE A 1115 -39.76 -44.41 -85.18
N THR A 1116 -40.44 -44.97 -84.18
CA THR A 1116 -41.72 -45.63 -84.37
C THR A 1116 -42.78 -44.96 -83.51
N THR A 1117 -44.01 -45.47 -83.60
CA THR A 1117 -45.10 -44.98 -82.79
C THR A 1117 -44.97 -45.37 -81.32
N ASP A 1118 -44.20 -46.42 -81.02
CA ASP A 1118 -44.06 -46.87 -79.64
C ASP A 1118 -43.22 -45.91 -78.80
N ASN A 1119 -42.17 -45.33 -79.38
CA ASN A 1119 -41.26 -44.47 -78.64
C ASN A 1119 -41.49 -42.99 -78.93
N THR A 1120 -42.64 -42.62 -79.47
CA THR A 1120 -43.00 -41.23 -79.70
C THR A 1120 -44.45 -41.01 -79.32
N PHE A 1121 -44.80 -39.76 -79.05
CA PHE A 1121 -46.19 -39.37 -78.83
C PHE A 1121 -46.53 -38.14 -79.64
N VAL A 1122 -47.81 -37.99 -79.96
CA VAL A 1122 -48.29 -36.94 -80.85
C VAL A 1122 -49.00 -35.87 -80.04
N SER A 1123 -48.76 -34.62 -80.39
CA SER A 1123 -49.43 -33.49 -79.74
C SER A 1123 -49.47 -32.32 -80.73
N GLY A 1124 -50.61 -32.14 -81.37
CA GLY A 1124 -50.83 -30.99 -82.24
C GLY A 1124 -50.27 -31.12 -83.64
N ASN A 1125 -50.47 -30.09 -84.46
CA ASN A 1125 -49.93 -30.07 -85.81
C ASN A 1125 -48.48 -29.58 -85.81
N CYS A 1126 -47.83 -29.71 -86.96
CA CYS A 1126 -46.39 -29.48 -87.07
C CYS A 1126 -46.05 -28.12 -87.66
N ASP A 1127 -46.81 -27.08 -87.33
CA ASP A 1127 -46.49 -25.73 -87.76
C ASP A 1127 -46.24 -24.76 -86.61
N VAL A 1128 -46.39 -25.20 -85.36
CA VAL A 1128 -46.17 -24.30 -84.22
C VAL A 1128 -44.76 -24.42 -83.66
N VAL A 1129 -44.19 -25.61 -83.62
CA VAL A 1129 -42.87 -25.83 -83.04
C VAL A 1129 -41.81 -25.22 -83.95
N ILE A 1130 -40.90 -24.46 -83.36
CA ILE A 1130 -39.78 -23.87 -84.07
C ILE A 1130 -38.67 -24.90 -84.21
N GLY A 1131 -38.26 -25.15 -85.45
CA GLY A 1131 -37.21 -26.12 -85.70
C GLY A 1131 -37.69 -27.52 -86.00
N ILE A 1132 -38.98 -27.70 -86.29
CA ILE A 1132 -39.49 -29.03 -86.62
C ILE A 1132 -39.01 -29.43 -88.01
N VAL A 1133 -38.72 -30.72 -88.17
CA VAL A 1133 -38.22 -31.27 -89.42
C VAL A 1133 -39.17 -32.37 -89.88
N ASN A 1134 -39.03 -32.77 -91.14
CA ASN A 1134 -39.89 -33.77 -91.76
C ASN A 1134 -39.18 -35.10 -91.84
N ASN A 1135 -39.88 -36.16 -91.41
CA ASN A 1135 -39.35 -37.52 -91.49
C ASN A 1135 -40.53 -38.48 -91.35
N THR A 1136 -40.29 -39.72 -91.74
CA THR A 1136 -41.32 -40.75 -91.64
C THR A 1136 -41.30 -41.38 -90.25
N VAL A 1137 -42.48 -41.71 -89.74
CA VAL A 1137 -42.64 -42.36 -88.44
C VAL A 1137 -43.23 -43.74 -88.71
N TYR A 1138 -42.45 -44.77 -88.46
CA TYR A 1138 -42.87 -46.14 -88.76
C TYR A 1138 -43.90 -46.61 -87.73
N ASP A 1139 -44.87 -47.40 -88.20
CA ASP A 1139 -45.85 -48.02 -87.33
C ASP A 1139 -45.86 -49.52 -87.56
N PRO A 1140 -45.57 -50.35 -86.55
CA PRO A 1140 -45.45 -51.80 -86.78
C PRO A 1140 -46.74 -52.47 -87.22
N LEU A 1141 -47.90 -51.86 -86.96
CA LEU A 1141 -49.16 -52.53 -87.27
C LEU A 1141 -49.44 -52.53 -88.77
N GLN A 1142 -49.10 -51.44 -89.48
CA GLN A 1142 -49.46 -51.33 -90.88
C GLN A 1142 -48.85 -52.42 -91.75
N PRO A 1143 -47.55 -52.76 -91.64
CA PRO A 1143 -47.00 -53.79 -92.54
C PRO A 1143 -47.64 -55.15 -92.42
N GLU A 1144 -48.30 -55.44 -91.29
CA GLU A 1144 -48.98 -56.72 -91.16
C GLU A 1144 -50.06 -56.89 -92.23
N LEU A 1145 -50.96 -55.91 -92.35
CA LEU A 1145 -51.96 -55.86 -93.41
C LEU A 1145 -52.72 -57.18 -93.55
N ASP A 1146 -53.19 -57.69 -92.42
CA ASP A 1146 -53.87 -58.98 -92.41
C ASP A 1146 -55.01 -59.00 -91.40
N ALA B 27 -23.24 -51.81 26.93
CA ALA B 27 -22.35 -50.68 27.16
C ALA B 27 -22.21 -49.83 25.90
N TYR B 28 -22.50 -50.43 24.76
CA TYR B 28 -22.38 -49.75 23.48
C TYR B 28 -23.66 -49.95 22.68
N THR B 29 -24.01 -48.95 21.89
CA THR B 29 -25.17 -49.04 21.00
C THR B 29 -24.98 -48.05 19.87
N ASN B 30 -25.41 -48.43 18.67
CA ASN B 30 -25.28 -47.55 17.52
C ASN B 30 -26.34 -46.44 17.58
N SER B 31 -25.96 -45.26 17.11
CA SER B 31 -26.87 -44.13 17.05
C SER B 31 -27.49 -44.07 15.66
N PHE B 32 -28.82 -44.10 15.59
CA PHE B 32 -29.53 -44.04 14.33
C PHE B 32 -29.58 -42.60 13.84
N THR B 33 -30.41 -42.31 12.84
CA THR B 33 -30.49 -40.96 12.29
C THR B 33 -31.11 -40.05 13.34
N ARG B 34 -30.31 -39.77 14.37
CA ARG B 34 -30.75 -38.98 15.51
C ARG B 34 -29.68 -37.93 15.81
N GLY B 35 -30.09 -36.90 16.58
CA GLY B 35 -29.19 -35.83 16.94
C GLY B 35 -29.18 -34.65 16.00
N VAL B 36 -29.99 -34.67 14.94
CA VAL B 36 -30.04 -33.55 14.02
C VAL B 36 -30.82 -32.40 14.65
N TYR B 37 -30.31 -31.19 14.47
CA TYR B 37 -30.90 -30.00 15.08
C TYR B 37 -30.89 -28.87 14.07
N TYR B 38 -31.73 -27.87 14.32
CA TYR B 38 -31.79 -26.71 13.44
C TYR B 38 -30.56 -25.84 13.67
N PRO B 39 -29.71 -25.63 12.67
CA PRO B 39 -28.41 -24.97 12.92
C PRO B 39 -28.43 -23.45 12.85
N ASP B 40 -29.42 -22.86 12.17
CA ASP B 40 -29.37 -21.42 11.89
C ASP B 40 -30.69 -20.70 12.14
N LYS B 41 -31.72 -21.39 12.64
CA LYS B 41 -33.05 -20.81 12.91
C LYS B 41 -33.53 -19.91 11.77
N VAL B 42 -33.25 -20.33 10.54
CA VAL B 42 -33.66 -19.62 9.33
C VAL B 42 -34.76 -20.44 8.66
N PHE B 43 -35.88 -19.79 8.35
CA PHE B 43 -37.01 -20.48 7.76
C PHE B 43 -36.74 -20.82 6.30
N ARG B 44 -36.98 -22.08 5.94
CA ARG B 44 -36.88 -22.54 4.56
C ARG B 44 -38.05 -23.47 4.27
N SER B 45 -38.60 -23.37 3.07
CA SER B 45 -39.81 -24.10 2.71
C SER B 45 -39.53 -25.04 1.54
N SER B 46 -39.58 -26.34 1.81
CA SER B 46 -39.50 -27.39 0.80
C SER B 46 -38.25 -27.24 -0.06
N VAL B 47 -37.08 -27.27 0.59
CA VAL B 47 -35.81 -27.15 -0.11
C VAL B 47 -34.83 -28.13 0.51
N LEU B 48 -33.78 -28.44 -0.25
CA LEU B 48 -32.65 -29.23 0.25
C LEU B 48 -31.46 -28.32 0.44
N HIS B 49 -30.92 -28.29 1.65
CA HIS B 49 -29.82 -27.39 1.99
C HIS B 49 -28.63 -28.17 2.50
N SER B 50 -27.44 -27.82 2.02
CA SER B 50 -26.20 -28.46 2.44
C SER B 50 -25.51 -27.58 3.48
N THR B 51 -25.33 -28.10 4.68
CA THR B 51 -24.75 -27.34 5.78
C THR B 51 -23.59 -28.11 6.39
N GLN B 52 -22.49 -27.42 6.66
CA GLN B 52 -21.31 -28.00 7.28
C GLN B 52 -21.22 -27.50 8.72
N ASP B 53 -21.37 -28.41 9.67
CA ASP B 53 -21.37 -28.02 11.08
C ASP B 53 -21.05 -29.24 11.93
N LEU B 54 -21.09 -29.05 13.25
CA LEU B 54 -20.82 -30.12 14.21
C LEU B 54 -22.09 -30.95 14.39
N PHE B 55 -22.08 -32.17 13.86
CA PHE B 55 -23.21 -33.08 13.94
C PHE B 55 -22.75 -34.41 14.54
N LEU B 56 -23.73 -35.23 14.91
CA LEU B 56 -23.43 -36.58 15.37
C LEU B 56 -23.50 -37.52 14.17
N PRO B 57 -22.39 -38.17 13.79
CA PRO B 57 -22.40 -39.00 12.58
C PRO B 57 -23.41 -40.14 12.68
N PHE B 58 -24.05 -40.45 11.56
CA PHE B 58 -25.04 -41.50 11.52
C PHE B 58 -24.38 -42.86 11.73
N PHE B 59 -25.14 -43.77 12.36
CA PHE B 59 -24.73 -45.16 12.55
C PHE B 59 -23.40 -45.25 13.31
N SER B 60 -23.16 -44.32 14.21
CA SER B 60 -22.00 -44.33 15.08
C SER B 60 -22.39 -44.82 16.46
N ASN B 61 -21.48 -45.54 17.11
CA ASN B 61 -21.74 -46.06 18.44
C ASN B 61 -21.57 -44.97 19.50
N VAL B 62 -22.49 -44.98 20.46
CA VAL B 62 -22.51 -44.00 21.55
C VAL B 62 -22.38 -44.74 22.87
N THR B 63 -21.62 -44.16 23.79
CA THR B 63 -21.34 -44.84 25.05
C THR B 63 -22.60 -44.84 25.93
N TRP B 64 -22.74 -45.88 26.74
CA TRP B 64 -23.93 -46.09 27.55
C TRP B 64 -23.53 -46.13 29.02
N PHE B 65 -24.26 -45.40 29.87
CA PHE B 65 -24.07 -45.49 31.30
C PHE B 65 -25.41 -45.71 31.99
N HIS B 66 -25.35 -46.40 33.13
CA HIS B 66 -26.50 -46.66 33.98
C HIS B 66 -26.42 -45.80 35.23
N ALA B 67 -27.55 -45.18 35.58
CA ALA B 67 -27.59 -44.21 36.66
C ALA B 67 -27.89 -44.87 38.01
N ILE B 68 -27.08 -45.85 38.40
CA ILE B 68 -27.22 -46.48 39.70
C ILE B 68 -25.92 -46.31 40.49
N HIS B 69 -24.80 -46.72 39.90
CA HIS B 69 -23.49 -46.57 40.53
C HIS B 69 -22.42 -46.77 39.47
N VAL B 70 -21.35 -45.98 39.58
CA VAL B 70 -20.23 -46.04 38.64
C VAL B 70 -20.70 -45.81 37.21
N ASP B 80 -19.49 -42.66 42.37
CA ASP B 80 -18.27 -42.55 41.58
C ASP B 80 -18.59 -42.45 40.09
N ASN B 81 -19.22 -41.34 39.70
CA ASN B 81 -19.60 -41.11 38.32
C ASN B 81 -18.42 -40.48 37.57
N PRO B 82 -17.96 -41.08 36.49
CA PRO B 82 -16.77 -40.57 35.80
C PRO B 82 -16.98 -39.19 35.21
N VAL B 83 -15.89 -38.44 35.15
CA VAL B 83 -15.88 -37.14 34.47
C VAL B 83 -15.57 -37.35 33.01
N LEU B 84 -16.50 -36.96 32.14
CA LEU B 84 -16.35 -37.15 30.71
C LEU B 84 -15.86 -35.85 30.06
N PRO B 85 -14.98 -35.94 29.07
CA PRO B 85 -14.48 -34.72 28.45
C PRO B 85 -15.49 -34.09 27.51
N PHE B 86 -15.48 -32.76 27.48
CA PHE B 86 -16.33 -31.97 26.57
C PHE B 86 -15.46 -31.52 25.40
N ASN B 87 -15.18 -32.46 24.49
CA ASN B 87 -14.24 -32.20 23.41
C ASN B 87 -14.75 -31.09 22.50
N ASP B 88 -15.85 -31.32 21.78
CA ASP B 88 -16.39 -30.35 20.85
C ASP B 88 -17.87 -30.08 21.02
N GLY B 89 -18.60 -30.91 21.76
CA GLY B 89 -20.04 -30.80 21.88
C GLY B 89 -20.62 -32.15 22.21
N VAL B 90 -21.70 -32.19 22.99
CA VAL B 90 -22.18 -33.44 23.56
C VAL B 90 -23.62 -33.67 23.17
N TYR B 91 -23.92 -34.88 22.70
CA TYR B 91 -25.29 -35.36 22.53
C TYR B 91 -25.59 -36.26 23.74
N PHE B 92 -26.59 -35.88 24.51
CA PHE B 92 -26.93 -36.54 25.76
C PHE B 92 -28.37 -37.04 25.64
N ALA B 93 -28.55 -38.35 25.66
CA ALA B 93 -29.88 -38.95 25.60
C ALA B 93 -30.19 -39.59 26.94
N SER B 94 -31.43 -39.46 27.39
CA SER B 94 -31.81 -39.98 28.70
C SER B 94 -33.11 -40.76 28.57
N THR B 95 -33.15 -41.95 29.17
CA THR B 95 -34.36 -42.75 29.24
C THR B 95 -34.63 -43.10 30.71
N GLU B 96 -35.74 -42.59 31.23
CA GLU B 96 -36.13 -42.81 32.62
C GLU B 96 -37.55 -42.31 32.83
N LYS B 97 -38.13 -42.68 33.97
CA LYS B 97 -39.50 -42.29 34.28
C LYS B 97 -39.70 -41.90 35.74
N SER B 98 -38.62 -41.57 36.46
CA SER B 98 -38.75 -41.20 37.86
C SER B 98 -37.92 -39.97 38.24
N ASN B 99 -37.42 -39.22 37.26
CA ASN B 99 -36.74 -37.94 37.49
C ASN B 99 -35.53 -38.10 38.41
N ILE B 100 -34.76 -39.16 38.21
CA ILE B 100 -33.56 -39.36 39.03
C ILE B 100 -32.49 -38.32 38.68
N ILE B 101 -32.26 -38.08 37.39
CA ILE B 101 -31.27 -37.11 36.94
C ILE B 101 -31.94 -35.74 36.86
N ARG B 102 -31.25 -34.72 37.36
CA ARG B 102 -31.84 -33.39 37.48
C ARG B 102 -30.93 -32.25 37.05
N GLY B 103 -29.77 -32.52 36.48
CA GLY B 103 -28.91 -31.42 36.06
C GLY B 103 -27.58 -31.91 35.53
N TRP B 104 -26.71 -30.94 35.27
CA TRP B 104 -25.39 -31.20 34.70
C TRP B 104 -24.38 -30.23 35.30
N ILE B 105 -23.12 -30.63 35.24
CA ILE B 105 -21.99 -29.83 35.70
C ILE B 105 -21.01 -29.70 34.55
N PHE B 106 -20.56 -28.47 34.27
CA PHE B 106 -19.61 -28.19 33.21
C PHE B 106 -18.47 -27.37 33.78
N GLY B 107 -17.34 -27.38 33.07
CA GLY B 107 -16.20 -26.59 33.47
C GLY B 107 -14.90 -27.31 33.16
N THR B 108 -13.81 -26.63 33.49
CA THR B 108 -12.47 -27.16 33.24
C THR B 108 -11.95 -28.02 34.39
N THR B 109 -12.23 -27.65 35.64
CA THR B 109 -11.73 -28.40 36.78
C THR B 109 -12.72 -28.23 37.94
N LEU B 110 -12.63 -29.15 38.91
CA LEU B 110 -13.51 -29.13 40.06
C LEU B 110 -13.08 -28.12 41.12
N ASP B 111 -11.90 -27.52 40.99
CA ASP B 111 -11.43 -26.56 41.96
C ASP B 111 -12.14 -25.23 41.80
N SER B 112 -11.91 -24.32 42.76
CA SER B 112 -12.51 -23.01 42.74
C SER B 112 -11.71 -22.00 41.92
N LYS B 113 -10.51 -22.38 41.45
CA LYS B 113 -9.69 -21.48 40.65
C LYS B 113 -10.23 -21.31 39.24
N THR B 114 -11.18 -22.14 38.81
CA THR B 114 -11.74 -22.04 37.46
C THR B 114 -13.24 -21.80 37.58
N GLN B 115 -13.78 -21.08 36.58
CA GLN B 115 -15.18 -20.69 36.57
C GLN B 115 -16.01 -21.84 35.98
N SER B 116 -16.58 -22.64 36.87
CA SER B 116 -17.42 -23.75 36.46
C SER B 116 -18.86 -23.29 36.24
N LEU B 117 -19.66 -24.18 35.65
CA LEU B 117 -21.06 -23.90 35.36
C LEU B 117 -21.91 -25.04 35.89
N LEU B 118 -23.08 -24.71 36.43
CA LEU B 118 -23.96 -25.70 37.01
C LEU B 118 -25.38 -25.46 36.52
N ILE B 119 -26.03 -26.52 36.04
CA ILE B 119 -27.42 -26.47 35.60
C ILE B 119 -28.21 -27.43 36.47
N VAL B 120 -29.24 -26.94 37.15
CA VAL B 120 -30.05 -27.75 38.05
C VAL B 120 -31.51 -27.59 37.65
N ASN B 121 -32.14 -28.69 37.24
CA ASN B 121 -33.57 -28.69 37.01
C ASN B 121 -34.31 -29.09 38.28
N ASN B 122 -35.59 -28.75 38.34
CA ASN B 122 -36.41 -29.06 39.50
C ASN B 122 -37.87 -29.05 39.09
N ALA B 123 -38.74 -29.42 40.03
CA ALA B 123 -40.17 -29.43 39.77
C ALA B 123 -40.75 -28.03 39.66
N THR B 124 -40.00 -27.01 40.07
CA THR B 124 -40.46 -25.63 40.01
C THR B 124 -39.86 -24.85 38.85
N ASN B 125 -38.53 -24.80 38.74
CA ASN B 125 -37.87 -24.03 37.69
C ASN B 125 -36.43 -24.53 37.57
N VAL B 126 -35.79 -24.16 36.46
CA VAL B 126 -34.40 -24.53 36.20
C VAL B 126 -33.51 -23.35 36.59
N VAL B 127 -32.39 -23.65 37.23
CA VAL B 127 -31.44 -22.65 37.68
C VAL B 127 -30.10 -22.93 37.03
N ILE B 128 -29.55 -21.93 36.36
CA ILE B 128 -28.24 -22.02 35.72
C ILE B 128 -27.33 -20.99 36.40
N LYS B 129 -26.17 -21.44 36.85
CA LYS B 129 -25.27 -20.58 37.62
C LYS B 129 -23.85 -20.75 37.11
N VAL B 130 -23.10 -19.63 37.14
CA VAL B 130 -21.67 -19.63 36.85
C VAL B 130 -21.01 -18.87 37.99
N CYS B 131 -20.50 -19.60 38.99
CA CYS B 131 -19.98 -18.97 40.19
C CYS B 131 -18.59 -19.45 40.59
N GLU B 132 -17.97 -20.33 39.81
CA GLU B 132 -16.66 -20.89 40.15
C GLU B 132 -16.67 -21.56 41.53
N PHE B 133 -17.81 -22.14 41.90
CA PHE B 133 -17.93 -22.79 43.20
C PHE B 133 -17.30 -24.16 43.15
N GLN B 134 -16.32 -24.41 44.02
CA GLN B 134 -15.67 -25.70 44.08
C GLN B 134 -16.65 -26.76 44.58
N PHE B 135 -16.70 -27.89 43.87
CA PHE B 135 -17.57 -28.99 44.21
C PHE B 135 -16.86 -29.96 45.14
N CYS B 136 -17.52 -31.07 45.41
CA CYS B 136 -16.93 -32.14 46.22
C CYS B 136 -16.02 -33.00 45.33
N ASN B 137 -15.52 -34.09 45.91
CA ASN B 137 -14.73 -35.04 45.13
C ASN B 137 -15.57 -35.69 44.04
N ASP B 138 -16.87 -35.80 44.26
CA ASP B 138 -17.83 -36.34 43.31
C ASP B 138 -19.03 -35.42 43.25
N PRO B 139 -19.80 -35.46 42.16
CA PRO B 139 -21.04 -34.69 42.12
C PRO B 139 -21.97 -35.09 43.25
N PHE B 140 -22.46 -34.09 43.99
CA PHE B 140 -23.27 -34.35 45.17
C PHE B 140 -24.61 -35.00 44.78
N LEU B 141 -25.06 -35.90 45.64
CA LEU B 141 -26.33 -36.59 45.45
C LEU B 141 -27.39 -35.86 46.29
N ASP B 142 -28.33 -35.21 45.61
CA ASP B 142 -29.38 -34.45 46.29
C ASP B 142 -30.28 -35.36 47.10
N PHE B 157 -30.54 -30.13 52.51
CA PHE B 157 -29.19 -30.31 51.99
C PHE B 157 -29.20 -30.43 50.47
N ARG B 158 -30.01 -29.59 49.82
CA ARG B 158 -30.13 -29.61 48.37
C ARG B 158 -28.89 -29.08 47.66
N VAL B 159 -28.07 -28.27 48.32
CA VAL B 159 -26.87 -27.70 47.72
C VAL B 159 -25.68 -28.04 48.59
N TYR B 160 -24.62 -28.53 47.95
CA TYR B 160 -23.38 -28.88 48.66
C TYR B 160 -22.22 -28.44 47.77
N SER B 161 -21.64 -27.28 48.08
CA SER B 161 -20.53 -26.73 47.30
C SER B 161 -19.80 -25.71 48.15
N SER B 162 -18.65 -25.26 47.64
CA SER B 162 -17.81 -24.31 48.34
C SER B 162 -18.32 -22.89 48.09
N ALA B 163 -17.48 -21.89 48.38
CA ALA B 163 -17.87 -20.50 48.22
C ALA B 163 -18.08 -20.17 46.74
N ASN B 164 -18.92 -19.16 46.50
CA ASN B 164 -19.36 -18.80 45.17
C ASN B 164 -18.88 -17.40 44.80
N ASN B 165 -18.70 -17.20 43.50
CA ASN B 165 -18.28 -15.94 42.89
C ASN B 165 -19.17 -15.63 41.70
N CYS B 166 -20.49 -15.73 41.91
CA CYS B 166 -21.44 -15.74 40.80
C CYS B 166 -21.33 -14.50 39.94
N THR B 167 -21.21 -14.72 38.63
CA THR B 167 -21.25 -13.65 37.64
C THR B 167 -22.41 -13.77 36.67
N PHE B 168 -22.91 -14.98 36.42
CA PHE B 168 -24.06 -15.18 35.56
C PHE B 168 -25.03 -16.14 36.24
N GLU B 169 -26.32 -15.81 36.17
CA GLU B 169 -27.34 -16.62 36.80
C GLU B 169 -28.63 -16.46 36.00
N TYR B 170 -29.39 -17.55 35.92
CA TYR B 170 -30.58 -17.57 35.06
C TYR B 170 -31.62 -18.52 35.63
N VAL B 171 -32.89 -18.12 35.50
CA VAL B 171 -34.02 -18.94 35.93
C VAL B 171 -35.06 -18.95 34.81
N SER B 172 -35.60 -20.13 34.54
CA SER B 172 -36.65 -20.29 33.53
C SER B 172 -37.43 -21.56 33.86
N GLN B 173 -38.34 -21.92 32.96
CA GLN B 173 -39.14 -23.12 33.14
C GLN B 173 -38.25 -24.37 33.02
N PRO B 174 -38.55 -25.41 33.80
CA PRO B 174 -37.73 -26.62 33.75
C PRO B 174 -37.86 -27.35 32.42
N PHE B 175 -36.82 -28.12 32.10
CA PHE B 175 -36.75 -28.83 30.83
C PHE B 175 -37.54 -30.14 30.87
N LEU B 176 -38.81 -30.07 31.23
CA LEU B 176 -39.66 -31.25 31.25
C LEU B 176 -40.98 -30.99 30.51
N LYS B 187 -40.42 -45.70 27.60
CA LYS B 187 -41.01 -44.56 28.28
C LYS B 187 -40.88 -43.29 27.45
N ASN B 188 -40.28 -42.26 28.04
CA ASN B 188 -40.08 -40.98 27.38
C ASN B 188 -38.58 -40.73 27.21
N LEU B 189 -38.15 -40.50 25.97
CA LEU B 189 -36.73 -40.26 25.67
C LEU B 189 -36.53 -38.76 25.61
N ARG B 190 -35.52 -38.27 26.33
CA ARG B 190 -35.18 -36.86 26.34
C ARG B 190 -33.79 -36.66 25.74
N GLU B 191 -33.72 -35.90 24.65
CA GLU B 191 -32.47 -35.71 23.92
C GLU B 191 -32.03 -34.26 24.04
N PHE B 192 -30.73 -34.07 24.29
CA PHE B 192 -30.13 -32.76 24.43
C PHE B 192 -28.84 -32.70 23.63
N VAL B 193 -28.54 -31.52 23.12
CA VAL B 193 -27.25 -31.23 22.48
C VAL B 193 -26.69 -29.98 23.11
N PHE B 194 -25.45 -30.08 23.60
CA PHE B 194 -24.76 -28.97 24.26
C PHE B 194 -23.57 -28.57 23.40
N LYS B 195 -23.51 -27.27 23.08
CA LYS B 195 -22.45 -26.73 22.23
C LYS B 195 -21.86 -25.50 22.89
N ASN B 196 -20.58 -25.25 22.63
CA ASN B 196 -19.89 -24.08 23.16
C ASN B 196 -18.73 -23.78 22.21
N ILE B 197 -18.90 -22.77 21.35
CA ILE B 197 -17.94 -22.47 20.30
C ILE B 197 -17.47 -21.01 20.37
N ASP B 198 -18.39 -20.05 20.24
CA ASP B 198 -18.04 -18.64 20.09
C ASP B 198 -18.33 -17.83 21.33
N GLY B 199 -18.08 -18.38 22.52
CA GLY B 199 -18.42 -17.71 23.74
C GLY B 199 -19.88 -17.79 24.14
N TYR B 200 -20.69 -18.51 23.37
CA TYR B 200 -22.08 -18.74 23.67
C TYR B 200 -22.31 -20.23 23.90
N PHE B 201 -23.04 -20.55 24.95
CA PHE B 201 -23.35 -21.93 25.31
C PHE B 201 -24.78 -22.21 24.88
N LYS B 202 -24.95 -23.18 23.99
CA LYS B 202 -26.23 -23.45 23.36
C LYS B 202 -26.73 -24.84 23.74
N ILE B 203 -28.02 -24.91 24.07
CA ILE B 203 -28.70 -26.15 24.43
C ILE B 203 -29.87 -26.34 23.49
N TYR B 204 -29.87 -27.48 22.79
CA TYR B 204 -31.00 -27.94 22.00
C TYR B 204 -31.62 -29.15 22.68
N SER B 205 -32.93 -29.32 22.53
CA SER B 205 -33.58 -30.41 23.24
C SER B 205 -34.83 -30.86 22.50
N LYS B 206 -35.26 -32.09 22.83
CA LYS B 206 -36.53 -32.62 22.36
C LYS B 206 -36.92 -33.80 23.22
N HIS B 207 -38.20 -33.87 23.58
CA HIS B 207 -38.75 -34.95 24.39
C HIS B 207 -39.75 -35.71 23.54
N THR B 208 -39.55 -37.02 23.41
CA THR B 208 -40.46 -37.79 22.57
C THR B 208 -40.79 -39.14 23.19
N PRO B 209 -42.03 -39.60 23.03
CA PRO B 209 -42.37 -40.96 23.48
C PRO B 209 -41.66 -42.01 22.64
N ILE B 210 -41.40 -43.15 23.27
CA ILE B 210 -40.74 -44.25 22.58
C ILE B 210 -41.77 -45.02 21.75
N ASP B 215 -32.14 -48.50 23.52
CA ASP B 215 -33.08 -48.80 22.45
C ASP B 215 -33.57 -47.51 21.79
N LEU B 216 -32.67 -46.85 21.08
CA LEU B 216 -33.01 -45.61 20.39
C LEU B 216 -33.90 -45.92 19.18
N PRO B 217 -35.02 -45.23 19.01
CA PRO B 217 -35.92 -45.53 17.91
C PRO B 217 -35.30 -45.22 16.56
N GLN B 218 -35.80 -45.90 15.53
CA GLN B 218 -35.35 -45.70 14.16
C GLN B 218 -35.94 -44.44 13.52
N GLY B 219 -36.90 -43.80 14.17
CA GLY B 219 -37.54 -42.64 13.57
C GLY B 219 -36.62 -41.44 13.56
N PHE B 220 -36.95 -40.47 12.70
CA PHE B 220 -36.19 -39.24 12.60
C PHE B 220 -36.90 -38.10 13.32
N SER B 221 -36.12 -37.31 14.05
CA SER B 221 -36.67 -36.16 14.77
C SER B 221 -35.61 -35.07 14.92
N ALA B 222 -35.97 -33.84 14.62
CA ALA B 222 -35.03 -32.72 14.68
C ALA B 222 -35.15 -32.00 16.03
N LEU B 223 -34.01 -31.64 16.58
CA LEU B 223 -33.94 -30.98 17.87
C LEU B 223 -34.13 -29.48 17.71
N GLU B 224 -34.94 -28.90 18.58
CA GLU B 224 -35.15 -27.46 18.41
C GLU B 224 -34.29 -26.67 19.40
N PRO B 225 -33.83 -25.48 19.01
CA PRO B 225 -33.00 -24.68 19.92
C PRO B 225 -33.80 -24.22 21.12
N LEU B 226 -33.26 -24.47 22.31
CA LEU B 226 -33.96 -24.14 23.55
C LEU B 226 -33.31 -22.96 24.28
N VAL B 227 -32.00 -23.03 24.51
CA VAL B 227 -31.32 -22.07 25.38
C VAL B 227 -30.04 -21.59 24.70
N ASP B 228 -29.74 -20.30 24.86
CA ASP B 228 -28.51 -19.71 24.34
C ASP B 228 -28.03 -18.68 25.36
N LEU B 229 -26.93 -19.03 26.12
CA LEU B 229 -26.33 -18.18 27.14
C LEU B 229 -25.05 -17.51 26.64
N PRO B 230 -24.75 -16.31 27.12
CA PRO B 230 -23.55 -15.59 26.70
C PRO B 230 -22.31 -15.84 27.54
N ILE B 231 -22.36 -16.76 28.51
CA ILE B 231 -21.19 -17.03 29.34
C ILE B 231 -20.07 -17.60 28.48
N GLY B 232 -18.86 -17.09 28.69
CA GLY B 232 -17.74 -17.46 27.85
C GLY B 232 -16.66 -18.27 28.54
N ILE B 233 -17.06 -19.13 29.49
CA ILE B 233 -16.09 -19.99 30.16
C ILE B 233 -15.67 -21.12 29.22
N ASN B 234 -14.46 -21.63 29.43
CA ASN B 234 -13.94 -22.75 28.63
C ASN B 234 -14.37 -24.05 29.28
N ILE B 235 -15.23 -24.79 28.61
CA ILE B 235 -15.72 -26.07 29.12
C ILE B 235 -14.93 -27.19 28.46
N THR B 236 -14.31 -28.04 29.28
CA THR B 236 -13.55 -29.18 28.81
C THR B 236 -14.01 -30.51 29.40
N ARG B 237 -14.54 -30.52 30.61
CA ARG B 237 -15.03 -31.72 31.27
C ARG B 237 -16.47 -31.51 31.70
N PHE B 238 -17.21 -32.60 31.85
CA PHE B 238 -18.59 -32.49 32.30
C PHE B 238 -19.01 -33.73 33.06
N GLN B 239 -20.04 -33.58 33.88
CA GLN B 239 -20.57 -34.64 34.73
C GLN B 239 -22.09 -34.67 34.58
N THR B 240 -22.72 -35.58 35.32
CA THR B 240 -24.16 -35.68 35.39
C THR B 240 -24.60 -35.62 36.86
N LEU B 241 -25.72 -34.94 37.09
CA LEU B 241 -26.24 -34.69 38.43
C LEU B 241 -27.50 -35.52 38.66
N LEU B 242 -27.48 -36.33 39.70
CA LEU B 242 -28.61 -37.16 40.09
C LEU B 242 -29.27 -36.62 41.34
N ALA B 243 -30.42 -37.21 41.68
CA ALA B 243 -31.16 -36.80 42.87
C ALA B 243 -31.92 -38.00 43.41
N LEU B 244 -32.28 -37.90 44.69
CA LEU B 244 -33.05 -38.94 45.36
C LEU B 244 -33.77 -38.31 46.55
N HIS B 245 -34.99 -38.76 46.79
CA HIS B 245 -35.80 -38.22 47.87
C HIS B 245 -35.45 -38.92 49.18
N ARG B 246 -35.24 -38.12 50.23
CA ARG B 246 -34.91 -38.62 51.56
C ARG B 246 -33.69 -39.52 51.54
N SER B 247 -32.61 -39.02 50.94
CA SER B 247 -31.37 -39.76 50.79
C SER B 247 -30.25 -39.07 51.55
N TYR B 248 -29.31 -39.86 52.06
CA TYR B 248 -28.17 -39.31 52.78
C TYR B 248 -27.22 -38.61 51.83
N LEU B 249 -26.45 -37.67 52.38
CA LEU B 249 -25.48 -36.90 51.61
C LEU B 249 -24.12 -37.00 52.28
N THR B 250 -23.10 -37.30 51.48
CA THR B 250 -21.73 -37.40 51.96
C THR B 250 -20.79 -36.75 50.95
N PRO B 251 -19.77 -36.03 51.43
CA PRO B 251 -18.78 -35.45 50.51
C PRO B 251 -18.07 -36.48 49.64
N GLY B 252 -17.77 -37.65 50.21
CA GLY B 252 -17.08 -38.69 49.46
C GLY B 252 -17.43 -40.07 49.94
N ASP B 253 -17.72 -40.99 49.02
CA ASP B 253 -18.09 -42.35 49.37
C ASP B 253 -17.64 -43.30 48.27
N SER B 254 -17.75 -44.59 48.56
CA SER B 254 -17.37 -45.63 47.61
C SER B 254 -18.52 -45.83 46.61
N SER B 255 -18.45 -46.91 45.84
CA SER B 255 -19.43 -47.20 44.80
C SER B 255 -20.76 -47.71 45.35
N SER B 256 -20.91 -47.78 46.68
CA SER B 256 -22.17 -48.24 47.26
C SER B 256 -23.30 -47.27 46.96
N GLY B 257 -23.05 -45.96 47.16
CA GLY B 257 -24.05 -44.96 46.88
C GLY B 257 -25.27 -45.07 47.79
N TRP B 258 -26.42 -44.70 47.22
CA TRP B 258 -27.69 -44.77 47.93
C TRP B 258 -28.73 -45.38 47.01
N THR B 259 -29.75 -45.98 47.63
CA THR B 259 -30.82 -46.62 46.87
C THR B 259 -31.62 -45.58 46.09
N ALA B 260 -31.84 -45.88 44.81
CA ALA B 260 -32.57 -44.99 43.92
C ALA B 260 -33.06 -45.79 42.73
N GLY B 261 -33.96 -45.18 41.95
CA GLY B 261 -34.49 -45.84 40.78
C GLY B 261 -33.46 -45.97 39.67
N ALA B 262 -33.72 -46.92 38.78
CA ALA B 262 -32.81 -47.18 37.66
C ALA B 262 -33.03 -46.15 36.56
N ALA B 263 -31.94 -45.71 35.94
CA ALA B 263 -32.01 -44.80 34.81
C ALA B 263 -30.80 -45.03 33.93
N ALA B 264 -30.92 -44.63 32.66
CA ALA B 264 -29.85 -44.85 31.70
C ALA B 264 -29.69 -43.60 30.84
N TYR B 265 -28.42 -43.30 30.53
CA TYR B 265 -28.12 -42.18 29.64
C TYR B 265 -27.00 -42.55 28.67
N TYR B 266 -27.18 -42.08 27.43
CA TYR B 266 -26.26 -42.31 26.33
C TYR B 266 -25.52 -41.03 26.01
N VAL B 267 -24.23 -41.16 25.71
CA VAL B 267 -23.35 -40.02 25.43
C VAL B 267 -22.75 -40.21 24.05
N GLY B 268 -22.84 -39.18 23.22
CA GLY B 268 -22.18 -39.16 21.92
C GLY B 268 -21.49 -37.84 21.71
N TYR B 269 -20.53 -37.85 20.79
CA TYR B 269 -19.65 -36.70 20.57
C TYR B 269 -19.85 -36.15 19.16
N LEU B 270 -19.90 -34.83 19.05
CA LEU B 270 -20.10 -34.18 17.76
C LEU B 270 -18.79 -34.10 16.99
N GLN B 271 -18.91 -34.16 15.67
CA GLN B 271 -17.79 -34.06 14.74
C GLN B 271 -18.17 -33.12 13.62
N PRO B 272 -17.18 -32.46 13.00
CA PRO B 272 -17.48 -31.58 11.85
C PRO B 272 -17.84 -32.40 10.62
N ARG B 273 -19.10 -32.30 10.20
CA ARG B 273 -19.62 -33.06 9.08
C ARG B 273 -20.48 -32.17 8.19
N THR B 274 -20.63 -32.60 6.94
CA THR B 274 -21.50 -31.96 5.97
C THR B 274 -22.78 -32.78 5.85
N PHE B 275 -23.93 -32.13 6.02
CA PHE B 275 -25.22 -32.80 6.00
C PHE B 275 -26.12 -32.14 4.97
N LEU B 276 -26.96 -32.95 4.32
CA LEU B 276 -27.98 -32.46 3.41
C LEU B 276 -29.33 -32.58 4.11
N LEU B 277 -29.90 -31.44 4.50
CA LEU B 277 -31.15 -31.40 5.25
C LEU B 277 -32.32 -31.08 4.31
N LYS B 278 -33.48 -31.64 4.62
CA LYS B 278 -34.68 -31.45 3.82
C LYS B 278 -35.71 -30.67 4.64
N TYR B 279 -36.14 -29.52 4.11
CA TYR B 279 -37.19 -28.72 4.74
C TYR B 279 -38.48 -28.88 3.95
N ASN B 280 -39.56 -29.21 4.65
CA ASN B 280 -40.85 -29.40 4.02
C ASN B 280 -41.54 -28.04 3.85
N GLU B 281 -42.80 -28.07 3.42
CA GLU B 281 -43.54 -26.84 3.15
C GLU B 281 -43.84 -26.04 4.42
N ASN B 282 -43.80 -26.67 5.59
CA ASN B 282 -44.06 -25.98 6.85
C ASN B 282 -42.80 -25.51 7.54
N GLY B 283 -41.63 -25.72 6.93
CA GLY B 283 -40.39 -25.23 7.49
C GLY B 283 -39.73 -26.12 8.51
N THR B 284 -40.06 -27.41 8.53
CA THR B 284 -39.49 -28.36 9.49
C THR B 284 -38.57 -29.33 8.77
N ILE B 285 -37.49 -29.73 9.46
CA ILE B 285 -36.58 -30.74 8.91
C ILE B 285 -37.21 -32.11 9.08
N THR B 286 -37.33 -32.83 7.97
CA THR B 286 -37.92 -34.17 7.99
C THR B 286 -36.96 -35.27 7.61
N ASP B 287 -35.87 -34.97 6.90
CA ASP B 287 -34.90 -35.99 6.56
C ASP B 287 -33.53 -35.35 6.38
N ALA B 288 -32.50 -36.17 6.53
CA ALA B 288 -31.12 -35.70 6.42
C ALA B 288 -30.28 -36.80 5.79
N VAL B 289 -29.18 -36.38 5.16
CA VAL B 289 -28.23 -37.28 4.53
C VAL B 289 -26.83 -36.92 5.02
N ASP B 290 -26.10 -37.92 5.51
CA ASP B 290 -24.71 -37.75 5.92
C ASP B 290 -23.83 -37.93 4.68
N CYS B 291 -23.16 -36.85 4.27
CA CYS B 291 -22.44 -36.86 3.00
C CYS B 291 -21.18 -37.72 3.02
N ALA B 292 -20.77 -38.21 4.19
CA ALA B 292 -19.56 -39.03 4.30
C ALA B 292 -19.85 -40.38 4.96
N LEU B 293 -21.05 -40.92 4.76
CA LEU B 293 -21.39 -42.21 5.33
C LEU B 293 -21.02 -43.35 4.39
N ASP B 294 -21.55 -43.31 3.16
CA ASP B 294 -21.32 -44.34 2.16
C ASP B 294 -21.38 -43.72 0.76
N PRO B 295 -20.94 -44.42 -0.29
CA PRO B 295 -20.91 -43.78 -1.62
C PRO B 295 -22.26 -43.28 -2.11
N LEU B 296 -23.35 -43.99 -1.80
CA LEU B 296 -24.66 -43.53 -2.24
C LEU B 296 -25.02 -42.19 -1.62
N SER B 297 -24.68 -42.00 -0.34
CA SER B 297 -24.93 -40.71 0.31
C SER B 297 -24.12 -39.61 -0.34
N GLU B 298 -22.88 -39.90 -0.73
CA GLU B 298 -22.06 -38.91 -1.41
C GLU B 298 -22.65 -38.55 -2.78
N THR B 299 -23.17 -39.55 -3.50
CA THR B 299 -23.85 -39.27 -4.76
C THR B 299 -25.08 -38.39 -4.54
N LYS B 300 -25.87 -38.69 -3.51
CA LYS B 300 -27.04 -37.87 -3.20
C LYS B 300 -26.64 -36.44 -2.87
N CYS B 301 -25.58 -36.26 -2.09
CA CYS B 301 -25.12 -34.93 -1.74
C CYS B 301 -24.62 -34.17 -2.98
N THR B 302 -23.89 -34.85 -3.86
CA THR B 302 -23.41 -34.20 -5.08
C THR B 302 -24.55 -33.80 -6.00
N LEU B 303 -25.56 -34.66 -6.15
CA LEU B 303 -26.71 -34.32 -6.99
C LEU B 303 -27.74 -33.46 -6.28
N LYS B 304 -27.65 -33.34 -4.95
CA LYS B 304 -28.61 -32.57 -4.15
C LYS B 304 -30.04 -33.04 -4.39
N SER B 305 -30.23 -34.35 -4.28
CA SER B 305 -31.56 -34.94 -4.38
C SER B 305 -31.58 -36.23 -3.58
N PHE B 306 -32.72 -36.55 -2.99
CA PHE B 306 -32.82 -37.75 -2.17
C PHE B 306 -33.09 -39.00 -3.01
N THR B 307 -33.43 -38.84 -4.28
CA THR B 307 -33.62 -39.94 -5.21
C THR B 307 -32.73 -39.69 -6.43
N VAL B 308 -32.02 -40.72 -6.87
CA VAL B 308 -31.11 -40.64 -8.01
C VAL B 308 -31.61 -41.59 -9.09
N GLU B 309 -31.30 -41.26 -10.34
CA GLU B 309 -31.67 -42.11 -11.46
C GLU B 309 -30.55 -43.10 -11.78
N LYS B 310 -30.89 -44.09 -12.60
CA LYS B 310 -29.92 -45.09 -13.00
C LYS B 310 -28.80 -44.46 -13.82
N GLY B 311 -27.56 -44.80 -13.49
CA GLY B 311 -26.44 -44.34 -14.28
C GLY B 311 -25.15 -44.31 -13.49
N ILE B 312 -24.18 -43.60 -14.05
CA ILE B 312 -22.85 -43.41 -13.48
C ILE B 312 -22.68 -41.93 -13.14
N TYR B 313 -22.20 -41.64 -11.95
CA TYR B 313 -21.99 -40.27 -11.49
C TYR B 313 -20.58 -40.12 -10.94
N GLN B 314 -19.88 -39.07 -11.35
CA GLN B 314 -18.53 -38.80 -10.88
C GLN B 314 -18.65 -37.97 -9.60
N THR B 315 -18.40 -38.62 -8.46
CA THR B 315 -18.64 -37.97 -7.17
C THR B 315 -17.44 -37.17 -6.70
N SER B 316 -16.26 -37.78 -6.68
CA SER B 316 -15.09 -37.15 -6.10
C SER B 316 -13.83 -37.72 -6.74
N ASN B 317 -12.68 -37.42 -6.15
CA ASN B 317 -11.39 -37.90 -6.61
C ASN B 317 -10.63 -38.48 -5.42
N PHE B 318 -9.65 -39.33 -5.72
CA PHE B 318 -8.81 -39.93 -4.70
C PHE B 318 -7.35 -39.72 -5.05
N ARG B 319 -6.50 -39.81 -4.03
CA ARG B 319 -5.06 -39.68 -4.22
C ARG B 319 -4.36 -40.42 -3.10
N VAL B 320 -3.47 -41.35 -3.45
CA VAL B 320 -2.76 -42.10 -2.42
C VAL B 320 -1.76 -41.19 -1.74
N GLN B 321 -1.80 -41.16 -0.42
CA GLN B 321 -0.98 -40.25 0.36
C GLN B 321 0.46 -40.78 0.46
N PRO B 322 1.45 -39.88 0.55
CA PRO B 322 2.84 -40.27 0.77
C PRO B 322 3.08 -40.71 2.21
N THR B 323 4.64 -43.49 1.53
CA THR B 323 4.25 -43.75 2.91
C THR B 323 5.35 -43.33 3.88
N GLU B 324 6.31 -42.54 3.40
CA GLU B 324 7.47 -42.20 4.21
C GLU B 324 8.18 -41.03 3.53
N SER B 325 9.14 -40.44 4.24
CA SER B 325 9.90 -39.30 3.75
C SER B 325 11.38 -39.58 3.89
N ILE B 326 12.14 -39.34 2.82
CA ILE B 326 13.57 -39.58 2.79
C ILE B 326 14.30 -38.29 2.43
N VAL B 327 15.54 -38.18 2.91
CA VAL B 327 16.46 -37.14 2.51
C VAL B 327 17.79 -37.80 2.16
N ARG B 328 18.30 -37.49 0.97
CA ARG B 328 19.49 -38.17 0.45
C ARG B 328 20.61 -37.15 0.27
N PHE B 329 21.78 -37.48 0.79
CA PHE B 329 22.98 -36.69 0.64
C PHE B 329 24.16 -37.62 0.34
N PRO B 330 25.20 -37.11 -0.33
CA PRO B 330 26.28 -37.99 -0.78
C PRO B 330 27.10 -38.52 0.39
N ASN B 331 28.20 -38.54 -0.15
CA ASN B 331 29.15 -38.96 0.87
C ASN B 331 30.25 -37.93 1.04
N ILE B 332 30.03 -36.71 0.52
CA ILE B 332 31.02 -35.64 0.52
C ILE B 332 31.60 -35.45 1.91
N THR B 333 32.93 -35.56 2.01
CA THR B 333 33.61 -35.40 3.31
C THR B 333 34.90 -34.65 3.02
N ASN B 334 34.49 -33.52 2.60
CA ASN B 334 35.67 -33.35 3.44
C ASN B 334 35.37 -32.46 4.65
N LEU B 335 35.79 -32.92 5.82
CA LEU B 335 35.56 -32.18 7.06
C LEU B 335 36.70 -31.18 7.29
N CYS B 336 36.38 -30.11 7.99
CA CYS B 336 37.37 -29.08 8.28
C CYS B 336 38.34 -29.58 9.35
N PRO B 337 39.63 -29.21 9.24
CA PRO B 337 40.63 -29.74 10.16
C PRO B 337 40.58 -29.10 11.55
N PHE B 338 39.55 -29.43 12.33
CA PHE B 338 39.47 -28.95 13.71
C PHE B 338 40.41 -29.52 14.77
N ASP B 339 41.08 -30.62 14.43
CA ASP B 339 42.09 -31.20 15.30
C ASP B 339 43.53 -30.73 15.51
N GLU B 340 44.12 -30.01 14.57
CA GLU B 340 45.39 -29.34 14.78
C GLU B 340 45.24 -27.94 15.32
N VAL B 341 44.00 -27.46 15.47
CA VAL B 341 43.72 -26.16 16.07
C VAL B 341 43.46 -26.35 17.56
N PHE B 342 42.59 -27.31 17.87
CA PHE B 342 42.23 -27.63 19.26
C PHE B 342 43.18 -28.61 19.91
N ASN B 343 44.21 -29.06 19.22
CA ASN B 343 45.07 -30.03 19.94
C ASN B 343 46.25 -29.42 19.19
N ALA B 344 47.41 -29.32 19.83
CA ALA B 344 48.63 -28.87 19.11
C ALA B 344 49.41 -29.25 20.38
N THR B 345 50.73 -29.21 20.37
CA THR B 345 51.45 -29.45 21.65
C THR B 345 51.86 -28.10 22.24
N ARG B 346 51.64 -27.04 21.48
CA ARG B 346 52.00 -25.67 21.94
C ARG B 346 50.96 -24.72 21.36
N PHE B 347 50.75 -23.57 21.96
CA PHE B 347 49.81 -22.61 21.33
C PHE B 347 50.54 -21.28 21.24
N ALA B 348 50.05 -20.39 20.40
CA ALA B 348 50.71 -19.08 20.22
C ALA B 348 50.66 -18.30 21.52
N SER B 349 51.68 -17.53 21.84
CA SER B 349 51.58 -16.67 23.03
C SER B 349 50.81 -15.46 22.58
N VAL B 350 50.34 -14.64 23.50
CA VAL B 350 49.43 -13.57 23.08
C VAL B 350 50.09 -12.57 22.12
N TYR B 351 51.34 -12.17 22.34
CA TYR B 351 51.94 -11.11 21.47
C TYR B 351 51.91 -11.59 20.03
N ALA B 352 52.32 -12.84 19.77
CA ALA B 352 52.19 -13.45 18.43
C ALA B 352 50.85 -14.16 18.64
N TRP B 353 49.79 -13.78 17.95
CA TRP B 353 48.53 -14.48 18.26
C TRP B 353 48.45 -15.19 16.92
N ASN B 354 48.36 -16.52 16.92
CA ASN B 354 48.39 -17.31 15.66
C ASN B 354 47.06 -17.42 14.95
N ARG B 355 46.75 -16.52 14.02
CA ARG B 355 45.49 -16.63 13.22
C ARG B 355 45.61 -17.79 12.24
N LYS B 356 44.48 -18.34 11.77
CA LYS B 356 44.50 -19.41 10.74
C LYS B 356 43.22 -19.33 9.93
N ARG B 357 43.11 -20.10 8.85
CA ARG B 357 41.90 -20.03 7.99
C ARG B 357 41.39 -21.44 7.71
N ILE B 358 40.10 -21.67 7.90
CA ILE B 358 39.51 -22.98 7.60
C ILE B 358 38.64 -22.73 6.39
N SER B 359 38.87 -23.43 5.28
CA SER B 359 38.14 -23.07 4.04
C SER B 359 37.68 -24.27 3.21
N ASN B 360 36.62 -24.10 2.42
CA ASN B 360 36.19 -25.14 1.45
C ASN B 360 35.95 -26.49 2.12
N CYS B 361 35.31 -26.54 3.28
CA CYS B 361 35.11 -27.89 3.83
C CYS B 361 33.78 -27.98 4.53
N VAL B 362 33.22 -29.18 4.58
CA VAL B 362 31.99 -29.30 5.40
C VAL B 362 32.51 -29.06 6.81
N ALA B 363 31.92 -28.14 7.56
CA ALA B 363 32.36 -28.00 8.95
C ALA B 363 31.16 -28.24 9.85
N ASP B 364 31.21 -29.29 10.64
CA ASP B 364 30.10 -29.45 11.59
C ASP B 364 30.71 -29.07 12.93
N TYR B 365 30.19 -28.02 13.54
CA TYR B 365 30.80 -27.56 14.80
C TYR B 365 30.23 -28.47 15.87
N SER B 366 30.39 -29.78 15.68
CA SER B 366 29.92 -30.78 16.65
C SER B 366 31.13 -31.66 16.91
N VAL B 367 32.16 -31.47 16.10
CA VAL B 367 33.40 -32.24 16.32
C VAL B 367 33.93 -31.81 17.68
N LEU B 368 33.81 -30.52 17.98
CA LEU B 368 34.22 -30.00 19.32
C LEU B 368 33.01 -30.24 20.23
N TYR B 369 33.01 -29.69 21.44
CA TYR B 369 31.97 -29.99 22.45
C TYR B 369 32.30 -31.40 22.87
N ASN B 370 33.49 -31.85 22.49
CA ASN B 370 33.93 -33.23 22.83
C ASN B 370 34.94 -33.21 23.96
N PHE B 371 35.92 -32.30 23.93
CA PHE B 371 36.98 -32.40 24.98
C PHE B 371 37.15 -31.13 25.80
N ALA B 372 36.57 -30.01 25.38
CA ALA B 372 36.85 -28.77 26.13
C ALA B 372 35.75 -28.56 27.16
N PRO B 373 36.02 -28.57 28.49
CA PRO B 373 35.00 -28.24 29.50
C PRO B 373 35.25 -26.74 29.39
N PHE B 374 34.76 -26.16 28.30
CA PHE B 374 35.15 -24.78 28.05
C PHE B 374 34.80 -23.95 29.24
N PHE B 375 35.81 -23.35 29.83
CA PHE B 375 35.46 -22.34 30.83
C PHE B 375 35.01 -21.30 29.80
N ALA B 376 33.78 -20.83 29.88
CA ALA B 376 33.25 -19.80 28.95
C ALA B 376 33.16 -20.14 27.46
N PHE B 377 32.31 -21.07 27.01
CA PHE B 377 32.13 -21.24 25.55
C PHE B 377 31.58 -19.92 25.05
N LYS B 378 30.67 -19.33 25.80
CA LYS B 378 30.25 -17.94 25.53
C LYS B 378 30.02 -17.60 24.07
N CYS B 379 29.26 -18.38 23.33
CA CYS B 379 29.10 -17.92 21.94
C CYS B 379 28.20 -16.68 21.84
N TYR B 380 28.51 -15.79 20.88
CA TYR B 380 27.77 -14.53 20.77
C TYR B 380 27.02 -14.51 19.44
N GLY B 381 25.70 -14.51 19.52
CA GLY B 381 24.88 -14.37 18.30
C GLY B 381 24.62 -15.48 17.32
N VAL B 382 25.35 -16.57 17.44
CA VAL B 382 25.23 -17.61 16.39
C VAL B 382 24.48 -18.66 17.20
N SER B 383 24.89 -18.95 18.43
CA SER B 383 24.24 -19.99 19.26
C SER B 383 24.68 -21.36 18.75
N PRO B 384 24.61 -22.45 19.53
CA PRO B 384 25.16 -23.72 19.05
C PRO B 384 24.49 -24.46 17.88
N THR B 385 23.17 -24.64 17.93
CA THR B 385 22.51 -25.48 16.91
C THR B 385 22.48 -24.85 15.53
N LYS B 386 22.23 -23.55 15.44
CA LYS B 386 22.02 -22.89 14.12
C LYS B 386 23.23 -23.03 13.21
N LEU B 387 24.43 -22.98 13.77
CA LEU B 387 25.61 -22.98 12.88
C LEU B 387 25.91 -24.31 12.22
N ASN B 388 25.38 -25.39 12.78
CA ASN B 388 25.37 -26.70 12.08
C ASN B 388 24.69 -26.39 10.75
N ASP B 389 23.62 -25.59 10.79
CA ASP B 389 22.89 -25.20 9.55
C ASP B 389 23.52 -24.18 8.59
N LEU B 390 24.09 -23.07 9.07
CA LEU B 390 24.51 -21.98 8.14
C LEU B 390 25.74 -22.29 7.27
N CYS B 391 26.02 -21.44 6.27
CA CYS B 391 27.22 -21.61 5.39
C CYS B 391 27.91 -20.25 5.17
N PHE B 392 29.25 -20.18 5.33
CA PHE B 392 29.99 -18.90 5.22
C PHE B 392 31.27 -19.08 4.44
N THR B 393 31.90 -17.98 3.97
CA THR B 393 33.12 -18.05 3.13
C THR B 393 34.34 -18.64 3.85
N ASN B 394 34.63 -18.20 5.06
CA ASN B 394 35.76 -18.79 5.85
C ASN B 394 35.48 -18.68 7.34
N VAL B 395 36.16 -19.49 8.13
CA VAL B 395 36.06 -19.37 9.61
C VAL B 395 37.48 -19.08 10.08
N TYR B 396 37.68 -18.01 10.83
CA TYR B 396 39.04 -17.65 11.29
C TYR B 396 39.20 -18.07 12.75
N ALA B 397 40.12 -18.99 13.02
CA ALA B 397 40.37 -19.48 14.40
C ALA B 397 41.71 -18.95 14.90
N ASP B 398 41.73 -18.12 15.95
CA ASP B 398 42.96 -17.54 16.53
C ASP B 398 43.25 -18.26 17.85
N SER B 399 44.49 -18.50 18.20
CA SER B 399 44.80 -19.24 19.44
C SER B 399 45.84 -18.48 20.27
N PHE B 400 45.74 -18.45 21.59
CA PHE B 400 46.62 -17.64 22.46
C PHE B 400 46.76 -18.43 23.74
N VAL B 401 47.52 -17.98 24.72
CA VAL B 401 47.54 -18.58 26.07
C VAL B 401 47.54 -17.40 27.04
N ILE B 402 46.46 -17.18 27.79
CA ILE B 402 46.31 -16.04 28.73
C ILE B 402 45.96 -16.69 30.04
N ARG B 403 46.33 -16.09 31.16
CA ARG B 403 46.14 -16.73 32.47
C ARG B 403 44.71 -16.60 32.86
N GLY B 404 44.29 -17.33 33.86
CA GLY B 404 42.84 -17.40 34.11
C GLY B 404 42.15 -16.09 34.39
N ASN B 405 42.75 -15.21 35.17
CA ASN B 405 42.02 -13.98 35.54
C ASN B 405 41.72 -13.14 34.31
N GLU B 406 42.51 -13.29 33.25
CA GLU B 406 42.35 -12.43 32.06
C GLU B 406 41.41 -13.03 31.03
N VAL B 407 40.87 -14.23 31.24
CA VAL B 407 40.04 -14.89 30.20
C VAL B 407 38.78 -14.05 29.99
N SER B 408 38.37 -13.29 30.98
CA SER B 408 37.21 -12.39 30.86
C SER B 408 37.46 -11.32 29.83
N GLN B 409 38.68 -10.84 29.76
CA GLN B 409 39.01 -9.72 28.85
C GLN B 409 38.93 -10.08 27.36
N ILE B 410 39.05 -11.35 26.98
CA ILE B 410 39.11 -11.70 25.54
C ILE B 410 37.63 -11.93 25.29
N ALA B 411 36.91 -10.86 25.02
CA ALA B 411 35.45 -10.94 24.81
C ALA B 411 35.18 -9.67 24.04
N PRO B 412 33.94 -9.37 23.62
CA PRO B 412 33.67 -8.07 23.06
C PRO B 412 33.56 -7.00 24.13
N GLY B 413 34.09 -5.80 23.85
CA GLY B 413 33.98 -4.65 24.77
C GLY B 413 34.64 -4.78 26.14
N GLN B 414 35.85 -5.30 26.21
CA GLN B 414 36.54 -5.31 27.52
C GLN B 414 37.87 -4.56 27.38
N THR B 415 38.34 -3.90 28.44
CA THR B 415 39.58 -3.10 28.39
C THR B 415 40.52 -3.54 29.50
N GLY B 416 41.82 -3.58 29.22
CA GLY B 416 42.80 -4.07 30.21
C GLY B 416 44.14 -4.27 29.51
N ASN B 417 45.11 -4.86 30.18
CA ASN B 417 46.36 -5.05 29.44
C ASN B 417 46.11 -5.99 28.28
N ILE B 418 45.43 -7.09 28.51
CA ILE B 418 45.32 -8.09 27.41
C ILE B 418 44.51 -7.57 26.25
N ALA B 419 43.38 -6.96 26.49
CA ALA B 419 42.60 -6.61 25.30
C ALA B 419 43.02 -5.28 24.74
N ASP B 420 44.00 -4.60 25.33
CA ASP B 420 44.31 -3.26 24.77
C ASP B 420 45.72 -3.21 24.18
N TYR B 421 46.66 -3.95 24.75
CA TYR B 421 48.03 -3.98 24.19
C TYR B 421 48.24 -5.30 23.48
N ASN B 422 47.63 -6.41 23.93
CA ASN B 422 47.77 -7.68 23.16
C ASN B 422 46.88 -8.38 22.12
N TYR B 423 45.56 -8.46 22.30
CA TYR B 423 44.60 -8.90 21.24
C TYR B 423 43.24 -8.21 21.37
N LYS B 424 42.70 -7.61 20.33
CA LYS B 424 41.43 -6.86 20.54
C LYS B 424 40.30 -7.46 19.71
N LEU B 425 39.29 -8.02 20.37
CA LEU B 425 38.10 -8.52 19.62
C LEU B 425 37.34 -7.29 19.16
N PRO B 426 36.73 -7.32 17.96
CA PRO B 426 35.99 -6.19 17.44
C PRO B 426 34.71 -5.96 18.24
N ASP B 427 34.18 -4.75 18.16
CA ASP B 427 32.97 -4.40 18.94
C ASP B 427 31.80 -5.33 18.59
N ASP B 428 31.68 -5.70 17.32
CA ASP B 428 30.57 -6.58 16.86
C ASP B 428 31.15 -7.96 16.55
N PHE B 429 30.52 -9.02 17.02
CA PHE B 429 31.15 -10.33 16.78
C PHE B 429 30.13 -11.44 16.68
N THR B 430 30.45 -12.49 15.92
CA THR B 430 29.61 -13.70 15.87
C THR B 430 30.76 -14.67 16.05
N GLY B 431 31.02 -15.11 17.28
CA GLY B 431 32.08 -16.11 17.46
C GLY B 431 32.11 -16.71 18.83
N CYS B 432 32.84 -17.79 19.02
CA CYS B 432 32.76 -18.47 20.32
C CYS B 432 34.11 -18.56 21.02
N VAL B 433 34.39 -17.70 21.97
CA VAL B 433 35.65 -17.89 22.72
C VAL B 433 35.57 -19.22 23.44
N ILE B 434 36.65 -20.01 23.44
CA ILE B 434 36.68 -21.32 24.15
C ILE B 434 37.98 -21.40 24.95
N ALA B 435 37.95 -21.75 26.23
CA ALA B 435 39.18 -21.75 27.03
C ALA B 435 39.23 -23.01 27.85
N TRP B 436 40.34 -23.71 27.90
CA TRP B 436 40.38 -24.91 28.78
C TRP B 436 41.59 -24.79 29.70
N ASN B 437 41.56 -25.34 30.91
CA ASN B 437 42.69 -25.05 31.82
C ASN B 437 43.84 -25.92 31.44
N SER B 438 44.73 -25.41 30.60
CA SER B 438 45.81 -26.27 30.09
C SER B 438 46.87 -26.34 31.15
N ASN B 439 46.47 -26.76 32.34
CA ASN B 439 47.46 -26.73 33.43
C ASN B 439 48.58 -27.69 33.13
N LYS B 440 48.24 -28.93 32.77
CA LYS B 440 49.30 -29.95 32.65
C LYS B 440 50.34 -29.65 31.57
N LEU B 441 49.92 -29.31 30.36
CA LEU B 441 50.88 -29.16 29.25
C LEU B 441 51.80 -27.93 29.35
N ASP B 442 51.28 -26.77 29.74
CA ASP B 442 52.09 -25.51 29.66
C ASP B 442 52.72 -25.10 30.99
N SER B 443 52.61 -25.91 32.04
CA SER B 443 53.13 -25.48 33.36
C SER B 443 54.53 -26.03 33.58
N LYS B 444 55.52 -25.18 33.82
CA LYS B 444 56.88 -25.67 34.15
C LYS B 444 57.13 -25.35 35.62
N VAL B 445 57.65 -26.29 36.41
CA VAL B 445 57.80 -25.99 37.87
C VAL B 445 58.71 -24.79 37.95
N GLY B 446 59.75 -24.78 37.12
CA GLY B 446 60.60 -23.58 37.06
C GLY B 446 59.77 -22.42 36.58
N GLY B 447 58.84 -22.69 35.68
CA GLY B 447 58.03 -21.61 35.09
C GLY B 447 58.23 -21.89 33.62
N ASN B 448 57.38 -21.33 32.78
CA ASN B 448 57.52 -21.69 31.35
C ASN B 448 57.73 -20.24 31.00
N TYR B 449 58.92 -19.91 30.56
CA TYR B 449 59.20 -18.48 30.31
C TYR B 449 58.91 -18.20 28.84
N ASN B 450 58.42 -19.22 28.15
CA ASN B 450 58.20 -19.04 26.70
C ASN B 450 56.79 -18.48 26.43
N TYR B 451 55.99 -18.20 27.44
CA TYR B 451 54.67 -17.57 27.17
C TYR B 451 54.77 -16.14 27.67
N ARG B 452 54.45 -15.13 26.86
CA ARG B 452 54.71 -13.73 27.29
C ARG B 452 53.63 -12.76 26.81
N TYR B 453 53.53 -11.58 27.42
CA TYR B 453 52.49 -10.59 27.08
C TYR B 453 53.13 -9.22 27.02
N ARG B 454 52.48 -8.26 26.38
CA ARG B 454 53.11 -6.94 26.21
C ARG B 454 52.63 -6.02 27.32
N LEU B 455 53.52 -5.64 28.24
CA LEU B 455 53.11 -4.78 29.37
C LEU B 455 52.75 -3.37 28.91
N PHE B 456 53.53 -2.77 28.01
CA PHE B 456 53.29 -1.35 27.66
C PHE B 456 53.31 -1.08 26.16
N ARG B 457 52.33 -0.34 25.64
CA ARG B 457 52.34 0.09 24.22
C ARG B 457 51.72 1.48 24.21
N LYS B 458 52.14 2.36 23.30
CA LYS B 458 51.65 3.76 23.34
C LYS B 458 50.14 3.82 23.08
N SER B 459 49.62 2.97 22.22
CA SER B 459 48.17 3.09 21.89
C SER B 459 47.46 1.74 21.93
N ASN B 460 46.15 1.77 22.16
CA ASN B 460 45.34 0.52 22.22
C ASN B 460 45.34 -0.14 20.85
N LEU B 461 45.36 -1.47 20.79
CA LEU B 461 45.44 -2.15 19.47
C LEU B 461 44.14 -1.95 18.70
N LYS B 462 44.23 -1.73 17.38
CA LYS B 462 43.01 -1.64 16.53
C LYS B 462 42.43 -3.05 16.39
N PRO B 463 41.11 -3.24 16.18
CA PRO B 463 40.54 -4.58 16.21
C PRO B 463 41.25 -5.57 15.30
N PHE B 464 41.57 -6.74 15.84
CA PHE B 464 42.21 -7.83 15.07
C PHE B 464 43.60 -7.43 14.59
N GLU B 465 44.22 -6.41 15.19
CA GLU B 465 45.60 -6.07 14.78
C GLU B 465 46.56 -7.13 15.31
N ARG B 466 47.67 -7.39 14.63
CA ARG B 466 48.70 -8.31 15.17
C ARG B 466 49.99 -7.50 15.34
N ASP B 467 50.62 -7.49 16.51
CA ASP B 467 51.85 -6.63 16.60
C ASP B 467 53.00 -7.42 17.25
N ILE B 468 54.13 -7.55 16.56
CA ILE B 468 55.28 -8.33 17.10
C ILE B 468 56.56 -7.48 17.01
N SER B 469 57.19 -7.18 18.14
CA SER B 469 58.43 -6.36 18.12
C SER B 469 59.18 -6.45 19.46
N THR B 470 60.44 -6.01 19.49
CA THR B 470 61.21 -5.94 20.76
C THR B 470 61.56 -4.50 20.36
N GLU B 471 61.07 -3.50 21.12
CA GLU B 471 61.58 -2.11 21.13
C GLU B 471 61.49 -1.53 22.54
N ILE B 472 62.54 -0.86 23.02
CA ILE B 472 62.56 -0.37 24.43
C ILE B 472 61.46 0.66 24.65
N TYR B 473 60.87 0.65 25.84
CA TYR B 473 59.85 1.68 26.18
C TYR B 473 60.47 2.56 27.25
N GLN B 474 60.49 3.87 27.03
CA GLN B 474 61.16 4.81 27.95
C GLN B 474 60.14 5.63 28.74
N ALA B 475 60.61 6.34 29.75
CA ALA B 475 59.72 7.28 30.47
C ALA B 475 60.36 8.65 30.29
N GLY B 476 61.69 8.66 30.23
CA GLY B 476 62.44 9.92 30.04
C GLY B 476 62.59 10.24 28.57
N ASN B 477 63.20 11.39 28.26
CA ASN B 477 63.41 11.81 26.85
C ASN B 477 64.62 11.08 26.25
N LYS B 478 65.48 10.52 27.10
CA LYS B 478 66.73 9.92 26.57
C LYS B 478 66.37 8.79 25.61
N PRO B 479 67.07 8.65 24.47
CA PRO B 479 66.84 7.51 23.60
C PRO B 479 67.19 6.27 24.41
N CYS B 480 68.27 6.34 25.19
CA CYS B 480 68.66 5.24 26.13
C CYS B 480 69.46 4.14 25.41
N ASN B 481 69.54 4.18 24.08
CA ASN B 481 70.39 3.22 23.34
C ASN B 481 70.08 1.76 23.73
N GLY B 482 68.80 1.40 23.91
CA GLY B 482 68.42 -0.01 24.13
C GLY B 482 69.16 -0.74 25.23
N VAL B 483 69.21 -0.19 26.44
CA VAL B 483 69.85 -0.90 27.59
C VAL B 483 68.80 -1.04 28.68
N ALA B 484 68.98 -1.98 29.62
CA ALA B 484 68.04 -2.09 30.76
C ALA B 484 68.45 -1.06 31.80
N GLY B 485 67.74 0.07 31.87
CA GLY B 485 68.17 1.16 32.78
C GLY B 485 67.02 2.07 33.16
N VAL B 486 67.31 3.10 33.95
CA VAL B 486 66.20 3.96 34.44
C VAL B 486 65.46 4.44 33.20
N ASN B 487 64.13 4.33 33.23
CA ASN B 487 63.29 4.77 32.09
C ASN B 487 63.62 3.94 30.85
N CYS B 488 64.14 2.72 31.03
CA CYS B 488 64.36 1.81 29.88
C CYS B 488 63.91 0.40 30.27
N TYR B 489 63.00 -0.23 29.52
CA TYR B 489 62.44 -1.54 29.94
C TYR B 489 62.22 -2.45 28.72
N PHE B 490 62.21 -3.76 28.94
CA PHE B 490 61.90 -4.71 27.85
C PHE B 490 60.39 -4.92 27.88
N PRO B 491 59.63 -4.52 26.84
CA PRO B 491 58.15 -4.54 26.92
C PRO B 491 57.49 -5.91 27.13
N LEU B 492 57.98 -6.96 26.49
CA LEU B 492 57.33 -8.26 26.74
C LEU B 492 57.71 -8.68 28.15
N GLN B 493 56.83 -9.39 28.85
CA GLN B 493 57.16 -9.90 30.19
C GLN B 493 56.56 -11.30 30.25
N SER B 494 57.17 -12.22 30.98
CA SER B 494 56.68 -13.62 31.00
C SER B 494 55.51 -13.80 31.95
N TYR B 495 54.79 -14.92 31.82
CA TYR B 495 53.62 -15.19 32.69
C TYR B 495 54.10 -15.98 33.88
N GLY B 496 55.32 -16.47 33.81
CA GLY B 496 55.88 -17.20 34.96
C GLY B 496 54.98 -18.35 35.39
N PHE B 497 54.35 -19.06 34.45
CA PHE B 497 53.38 -20.09 34.86
C PHE B 497 54.15 -21.14 35.64
N ARG B 498 53.61 -21.60 36.77
CA ARG B 498 54.26 -22.61 37.64
C ARG B 498 53.14 -23.40 38.28
N PRO B 499 53.28 -24.71 38.48
CA PRO B 499 52.16 -25.50 38.96
C PRO B 499 51.58 -25.13 40.31
N THR B 500 52.44 -24.77 41.25
CA THR B 500 51.93 -24.52 42.63
C THR B 500 51.57 -23.04 42.45
N TYR B 501 50.36 -22.72 41.99
CA TYR B 501 49.97 -21.35 41.67
C TYR B 501 48.50 -21.74 41.84
N GLY B 502 47.65 -20.73 41.96
CA GLY B 502 46.21 -20.92 42.07
C GLY B 502 45.54 -20.93 40.71
N VAL B 503 44.21 -20.99 40.75
CA VAL B 503 43.42 -21.06 39.52
C VAL B 503 43.61 -19.78 38.70
N GLY B 504 43.82 -18.66 39.37
CA GLY B 504 43.97 -17.39 38.69
C GLY B 504 45.17 -17.29 37.79
N HIS B 505 46.23 -18.02 38.13
CA HIS B 505 47.50 -17.89 37.41
C HIS B 505 47.61 -19.36 37.04
N GLN B 506 47.16 -19.73 35.86
CA GLN B 506 47.27 -21.09 35.34
C GLN B 506 46.99 -20.86 33.87
N PRO B 507 47.66 -21.61 32.99
CA PRO B 507 47.47 -21.41 31.54
C PRO B 507 46.04 -21.72 31.13
N TYR B 508 45.48 -20.84 30.30
CA TYR B 508 44.13 -21.04 29.76
C TYR B 508 44.18 -20.75 28.27
N ARG B 509 44.30 -21.80 27.46
CA ARG B 509 44.35 -21.66 26.02
C ARG B 509 43.02 -21.15 25.49
N VAL B 510 43.08 -20.21 24.55
CA VAL B 510 41.89 -19.53 24.05
C VAL B 510 41.82 -19.70 22.54
N VAL B 511 40.63 -20.03 22.04
CA VAL B 511 40.42 -20.20 20.61
C VAL B 511 39.22 -19.34 20.19
N VAL B 512 39.50 -18.23 19.51
CA VAL B 512 38.45 -17.29 19.13
C VAL B 512 37.99 -17.57 17.71
N LEU B 513 36.97 -18.41 17.56
CA LEU B 513 36.42 -18.68 16.25
C LEU B 513 35.57 -17.51 15.78
N SER B 514 35.78 -17.09 14.54
CA SER B 514 35.00 -16.02 13.91
C SER B 514 34.37 -16.54 12.62
N PHE B 515 33.35 -15.84 12.16
CA PHE B 515 32.60 -16.23 10.97
C PHE B 515 32.61 -15.08 9.98
N GLU B 516 33.31 -15.26 8.87
CA GLU B 516 33.45 -14.22 7.85
C GLU B 516 32.54 -14.54 6.67
N LEU B 517 31.69 -13.58 6.31
CA LEU B 517 30.77 -13.72 5.18
C LEU B 517 30.99 -12.55 4.24
N LEU B 518 31.30 -12.85 2.98
CA LEU B 518 31.54 -11.81 1.99
C LEU B 518 30.61 -12.02 0.80
N HIS B 519 30.68 -11.14 -0.20
CA HIS B 519 29.82 -11.27 -1.38
C HIS B 519 30.23 -12.40 -2.30
N ALA B 520 31.43 -12.96 -2.12
CA ALA B 520 31.83 -14.14 -2.88
C ALA B 520 30.99 -15.34 -2.45
N PRO B 521 30.82 -16.32 -3.33
CA PRO B 521 30.03 -17.52 -2.96
C PRO B 521 30.61 -18.24 -1.76
N ALA B 522 29.73 -18.69 -0.86
CA ALA B 522 30.17 -19.37 0.34
C ALA B 522 30.70 -20.76 0.02
N THR B 523 31.82 -21.11 0.67
CA THR B 523 32.44 -22.41 0.46
C THR B 523 32.52 -23.27 1.71
N VAL B 524 32.33 -22.74 2.91
CA VAL B 524 32.41 -23.50 4.14
C VAL B 524 30.98 -23.68 4.63
N CYS B 525 30.34 -24.79 4.25
CA CYS B 525 28.98 -25.10 4.65
C CYS B 525 29.01 -26.14 5.77
N GLY B 526 27.83 -26.58 6.18
CA GLY B 526 27.72 -27.56 7.24
C GLY B 526 27.03 -28.85 6.80
N PRO B 527 27.10 -31.10 8.39
CA PRO B 527 27.23 -32.50 7.98
C PRO B 527 26.20 -32.98 6.97
N LYS B 528 24.96 -32.49 7.04
CA LYS B 528 23.88 -32.96 6.18
C LYS B 528 23.76 -34.47 6.27
N LYS B 529 23.41 -34.97 7.45
CA LYS B 529 23.41 -36.41 7.73
C LYS B 529 22.52 -37.21 6.78
N SER B 530 21.35 -38.10 6.57
CA SER B 530 20.45 -38.62 5.55
C SER B 530 19.71 -39.86 6.02
N THR B 531 18.92 -40.46 5.13
CA THR B 531 18.13 -41.64 5.44
C THR B 531 18.39 -42.72 4.39
N ASN B 532 17.91 -43.93 4.68
CA ASN B 532 18.09 -45.03 3.76
C ASN B 532 17.18 -44.86 2.54
N LEU B 533 17.57 -45.49 1.43
CA LEU B 533 16.80 -45.39 0.20
C LEU B 533 15.60 -46.33 0.23
N VAL B 534 14.45 -45.81 -0.19
CA VAL B 534 13.20 -46.57 -0.20
C VAL B 534 12.62 -46.54 -1.61
N LYS B 535 12.20 -47.71 -2.10
CA LYS B 535 11.74 -47.87 -3.46
C LYS B 535 10.33 -48.43 -3.49
N ASN B 536 9.62 -48.16 -4.59
CA ASN B 536 8.31 -48.72 -4.90
C ASN B 536 7.22 -48.30 -3.92
N LYS B 537 7.35 -47.12 -3.32
CA LYS B 537 6.31 -46.58 -2.45
C LYS B 537 6.19 -45.09 -2.72
N CYS B 538 4.97 -44.56 -2.59
CA CYS B 538 4.79 -43.12 -2.75
C CYS B 538 5.51 -42.41 -1.62
N VAL B 539 6.65 -41.82 -1.92
CA VAL B 539 7.58 -41.33 -0.91
C VAL B 539 7.84 -39.85 -1.17
N ASN B 540 8.15 -39.12 -0.10
CA ASN B 540 8.57 -37.73 -0.23
C ASN B 540 10.10 -37.68 -0.23
N PHE B 541 10.68 -37.42 -1.39
CA PHE B 541 12.13 -37.47 -1.56
C PHE B 541 12.71 -36.06 -1.65
N ASN B 542 13.94 -35.92 -1.14
CA ASN B 542 14.68 -34.66 -1.17
C ASN B 542 16.12 -35.00 -1.55
N PHE B 543 16.44 -34.86 -2.83
CA PHE B 543 17.76 -35.17 -3.37
C PHE B 543 18.55 -33.87 -3.51
N ASN B 544 19.40 -33.58 -2.53
CA ASN B 544 20.30 -32.42 -2.57
C ASN B 544 19.55 -31.12 -2.77
N GLY B 545 18.36 -31.01 -2.18
CA GLY B 545 17.51 -29.84 -2.29
C GLY B 545 16.39 -29.99 -3.30
N LEU B 546 16.53 -30.92 -4.23
CA LEU B 546 15.46 -31.21 -5.20
C LEU B 546 14.37 -31.98 -4.48
N THR B 547 13.25 -31.32 -4.21
CA THR B 547 12.16 -31.91 -3.44
C THR B 547 11.07 -32.42 -4.37
N GLY B 548 10.47 -33.55 -4.02
CA GLY B 548 9.39 -34.09 -4.82
C GLY B 548 8.67 -35.20 -4.10
N THR B 549 7.59 -35.66 -4.73
CA THR B 549 6.76 -36.74 -4.21
C THR B 549 6.49 -37.74 -5.32
N GLY B 550 6.63 -39.01 -5.00
CA GLY B 550 6.35 -40.05 -5.98
C GLY B 550 7.06 -41.34 -5.64
N VAL B 551 6.92 -42.29 -6.55
CA VAL B 551 7.55 -43.61 -6.40
C VAL B 551 8.80 -43.66 -7.26
N LEU B 552 9.78 -44.45 -6.82
CA LEU B 552 11.07 -44.56 -7.45
C LEU B 552 11.23 -45.94 -8.08
N THR B 553 11.88 -45.99 -9.24
CA THR B 553 12.11 -47.23 -9.96
C THR B 553 13.54 -47.28 -10.44
N GLU B 554 14.10 -48.49 -10.49
CA GLU B 554 15.44 -48.67 -11.04
C GLU B 554 15.46 -48.28 -12.51
N SER B 555 16.50 -47.54 -12.90
CA SER B 555 16.55 -46.97 -14.23
C SER B 555 17.36 -47.85 -15.18
N ASN B 556 17.20 -47.55 -16.48
CA ASN B 556 17.96 -48.21 -17.54
C ASN B 556 18.53 -47.21 -18.54
N LYS B 557 18.56 -45.92 -18.20
CA LYS B 557 19.07 -44.89 -19.09
C LYS B 557 20.46 -44.45 -18.64
N LYS B 558 21.28 -44.04 -19.60
CA LYS B 558 22.68 -43.70 -19.35
C LYS B 558 22.81 -42.20 -19.12
N PHE B 559 22.99 -41.81 -17.87
CA PHE B 559 23.31 -40.42 -17.57
C PHE B 559 24.78 -40.13 -17.86
N LEU B 560 25.04 -38.92 -18.35
CA LEU B 560 26.41 -38.47 -18.47
C LEU B 560 26.95 -38.11 -17.08
N PRO B 561 28.26 -38.28 -16.87
CA PRO B 561 28.80 -38.11 -15.50
C PRO B 561 28.61 -36.73 -14.92
N PHE B 562 28.42 -35.69 -15.73
CA PHE B 562 28.21 -34.34 -15.25
C PHE B 562 26.74 -33.98 -15.08
N GLN B 563 25.82 -34.90 -15.37
CA GLN B 563 24.40 -34.65 -15.28
C GLN B 563 23.82 -35.28 -14.02
N GLN B 564 23.03 -34.50 -13.28
CA GLN B 564 22.42 -34.97 -12.05
C GLN B 564 20.90 -34.94 -12.08
N PHE B 565 20.28 -34.16 -12.96
CA PHE B 565 18.83 -34.08 -13.06
C PHE B 565 18.39 -34.74 -14.35
N GLY B 566 17.08 -34.85 -14.50
CA GLY B 566 16.49 -35.34 -15.74
C GLY B 566 15.12 -34.74 -15.94
N ARG B 567 14.92 -34.13 -17.11
CA ARG B 567 13.66 -33.48 -17.42
C ARG B 567 13.12 -34.01 -18.74
N ASP B 568 11.82 -34.28 -18.76
CA ASP B 568 11.13 -34.69 -19.97
C ASP B 568 10.56 -33.45 -20.66
N ILE B 569 9.70 -33.67 -21.66
CA ILE B 569 9.02 -32.54 -22.30
C ILE B 569 8.11 -31.87 -21.27
N ALA B 570 7.92 -30.55 -21.44
CA ALA B 570 7.15 -29.72 -20.52
C ALA B 570 7.83 -29.58 -19.16
N ASP B 571 9.14 -29.81 -19.13
CA ASP B 571 9.99 -29.54 -17.97
C ASP B 571 9.52 -30.26 -16.71
N THR B 572 9.11 -31.52 -16.84
CA THR B 572 8.73 -32.31 -15.68
C THR B 572 9.89 -33.21 -15.27
N THR B 573 10.20 -33.24 -13.97
CA THR B 573 11.29 -34.07 -13.47
C THR B 573 10.97 -35.54 -13.66
N ASP B 574 11.92 -36.29 -14.23
CA ASP B 574 11.67 -37.67 -14.60
C ASP B 574 12.71 -38.61 -14.00
N ALA B 575 13.96 -38.19 -13.88
CA ALA B 575 14.99 -39.06 -13.34
C ALA B 575 15.93 -38.23 -12.47
N VAL B 576 16.65 -38.92 -11.58
CA VAL B 576 17.59 -38.27 -10.68
C VAL B 576 18.64 -39.29 -10.25
N ARG B 577 19.86 -38.82 -10.01
CA ARG B 577 20.95 -39.68 -9.56
C ARG B 577 21.05 -39.65 -8.05
N ASP B 578 21.33 -40.81 -7.46
CA ASP B 578 21.56 -40.89 -6.03
C ASP B 578 22.90 -40.27 -5.71
N PRO B 579 22.96 -39.25 -4.84
CA PRO B 579 24.24 -38.59 -4.54
C PRO B 579 25.28 -39.50 -3.91
N GLN B 580 24.88 -40.58 -3.26
CA GLN B 580 25.81 -41.46 -2.56
C GLN B 580 26.31 -42.61 -3.44
N THR B 581 25.41 -43.44 -3.94
CA THR B 581 25.78 -44.63 -4.72
C THR B 581 25.81 -44.36 -6.21
N LEU B 582 25.49 -43.15 -6.66
CA LEU B 582 25.53 -42.75 -8.06
C LEU B 582 24.60 -43.59 -8.93
N GLU B 583 23.50 -44.09 -8.36
CA GLU B 583 22.53 -44.87 -9.13
C GLU B 583 21.43 -43.97 -9.66
N ILE B 584 20.96 -44.27 -10.87
CA ILE B 584 19.91 -43.48 -11.49
C ILE B 584 18.56 -44.06 -11.11
N LEU B 585 17.63 -43.19 -10.71
CA LEU B 585 16.30 -43.59 -10.29
C LEU B 585 15.26 -42.78 -11.06
N ASP B 586 14.25 -43.47 -11.56
CA ASP B 586 13.13 -42.85 -12.26
C ASP B 586 12.02 -42.53 -11.28
N ILE B 587 11.51 -41.31 -11.38
CA ILE B 587 10.46 -40.80 -10.49
C ILE B 587 9.17 -40.78 -11.27
N THR B 588 8.15 -41.45 -10.77
CA THR B 588 6.82 -41.31 -11.36
C THR B 588 5.80 -41.10 -10.25
N PRO B 589 4.83 -40.20 -10.43
CA PRO B 589 3.93 -39.85 -9.32
C PRO B 589 3.08 -41.03 -8.90
N CYS B 590 2.81 -41.11 -7.59
CA CYS B 590 1.93 -42.15 -7.09
C CYS B 590 0.49 -41.87 -7.51
N SER B 591 -0.30 -42.94 -7.56
CA SER B 591 -1.53 -42.95 -8.35
C SER B 591 -2.55 -41.92 -7.89
N PHE B 592 -3.30 -41.39 -8.85
CA PHE B 592 -4.44 -40.53 -8.58
C PHE B 592 -5.48 -40.76 -9.67
N GLY B 593 -6.71 -40.36 -9.39
CA GLY B 593 -7.77 -40.52 -10.36
C GLY B 593 -9.11 -40.18 -9.75
N GLY B 594 -10.13 -40.27 -10.60
CA GLY B 594 -11.48 -39.98 -10.18
C GLY B 594 -12.24 -41.21 -9.74
N VAL B 595 -13.30 -40.99 -8.95
CA VAL B 595 -14.15 -42.04 -8.43
C VAL B 595 -15.54 -41.89 -9.04
N SER B 596 -16.09 -42.98 -9.54
CA SER B 596 -17.41 -42.99 -10.13
C SER B 596 -18.31 -43.96 -9.40
N VAL B 597 -19.60 -43.65 -9.36
CA VAL B 597 -20.60 -44.44 -8.66
C VAL B 597 -21.59 -44.97 -9.68
N ILE B 598 -21.76 -46.29 -9.72
CA ILE B 598 -22.74 -46.98 -10.55
C ILE B 598 -23.95 -47.25 -9.69
N THR B 599 -25.13 -46.76 -10.12
CA THR B 599 -26.34 -47.01 -9.36
C THR B 599 -27.48 -47.38 -10.31
N PRO B 600 -28.34 -48.32 -9.92
CA PRO B 600 -29.56 -48.59 -10.70
C PRO B 600 -30.73 -47.69 -10.37
N GLY B 601 -30.57 -46.74 -9.44
CA GLY B 601 -31.65 -45.87 -9.03
C GLY B 601 -32.21 -46.26 -7.68
N THR B 602 -32.46 -45.25 -6.82
CA THR B 602 -33.02 -45.53 -5.51
C THR B 602 -34.39 -46.17 -5.62
N ASN B 603 -35.13 -45.86 -6.69
CA ASN B 603 -36.42 -46.48 -6.94
C ASN B 603 -36.33 -47.98 -7.10
N THR B 604 -35.20 -48.50 -7.58
CA THR B 604 -35.03 -49.94 -7.78
C THR B 604 -34.33 -50.60 -6.58
N SER B 605 -33.16 -50.09 -6.20
CA SER B 605 -32.39 -50.67 -5.10
C SER B 605 -31.38 -49.65 -4.62
N ASN B 606 -30.84 -49.89 -3.43
CA ASN B 606 -29.79 -49.06 -2.85
C ASN B 606 -28.40 -49.62 -3.08
N GLN B 607 -28.27 -50.73 -3.80
CA GLN B 607 -26.95 -51.30 -4.05
C GLN B 607 -26.17 -50.42 -5.02
N VAL B 608 -24.87 -50.31 -4.78
CA VAL B 608 -24.01 -49.36 -5.48
C VAL B 608 -22.71 -50.06 -5.86
N ALA B 609 -22.16 -49.70 -7.02
CA ALA B 609 -20.83 -50.13 -7.43
C ALA B 609 -19.91 -48.93 -7.54
N VAL B 610 -18.60 -49.18 -7.41
CA VAL B 610 -17.60 -48.12 -7.42
C VAL B 610 -16.61 -48.39 -8.54
N LEU B 611 -16.17 -47.33 -9.22
CA LEU B 611 -15.17 -47.42 -10.28
C LEU B 611 -14.04 -46.46 -9.97
N TYR B 612 -12.81 -46.99 -9.93
CA TYR B 612 -11.61 -46.16 -9.87
C TYR B 612 -11.02 -46.11 -11.27
N GLN B 613 -10.90 -44.92 -11.83
CA GLN B 613 -10.72 -44.76 -13.27
C GLN B 613 -9.30 -45.02 -13.75
N GLY B 614 -8.34 -44.24 -13.28
CA GLY B 614 -7.01 -44.31 -13.86
C GLY B 614 -6.02 -45.20 -13.14
N VAL B 615 -6.52 -46.11 -12.29
CA VAL B 615 -5.65 -46.93 -11.46
C VAL B 615 -6.12 -48.37 -11.54
N ASN B 616 -5.25 -49.29 -11.16
CA ASN B 616 -5.59 -50.70 -11.00
C ASN B 616 -5.54 -51.08 -9.52
N CYS B 617 -6.67 -50.89 -8.83
CA CYS B 617 -6.69 -51.11 -7.39
C CYS B 617 -6.57 -52.59 -7.02
N THR B 618 -6.58 -53.48 -8.01
CA THR B 618 -6.28 -54.88 -7.74
C THR B 618 -4.89 -55.07 -7.17
N GLU B 619 -3.97 -54.15 -7.43
CA GLU B 619 -2.62 -54.18 -6.87
C GLU B 619 -2.23 -52.81 -6.31
N VAL B 620 -3.20 -52.09 -5.76
CA VAL B 620 -2.93 -50.78 -5.18
C VAL B 620 -2.25 -50.93 -3.82
N ASN B 641 -15.82 -58.18 -4.15
CA ASN B 641 -15.19 -58.63 -5.39
C ASN B 641 -14.62 -57.48 -6.22
N VAL B 642 -13.53 -57.76 -6.94
CA VAL B 642 -12.80 -56.75 -7.69
C VAL B 642 -12.63 -57.23 -9.12
N PHE B 643 -12.86 -56.34 -10.09
CA PHE B 643 -12.66 -56.66 -11.48
C PHE B 643 -11.82 -55.57 -12.12
N GLN B 644 -11.06 -55.95 -13.15
CA GLN B 644 -10.14 -55.04 -13.82
C GLN B 644 -10.57 -54.84 -15.27
N THR B 645 -10.60 -53.58 -15.70
CA THR B 645 -10.95 -53.22 -17.07
C THR B 645 -9.98 -52.15 -17.53
N ARG B 646 -9.92 -51.95 -18.85
CA ARG B 646 -9.08 -50.88 -19.38
C ARG B 646 -9.54 -49.51 -18.93
N ALA B 647 -10.76 -49.39 -18.41
CA ALA B 647 -11.27 -48.14 -17.87
C ALA B 647 -10.99 -47.97 -16.38
N GLY B 648 -10.42 -48.97 -15.72
CA GLY B 648 -10.10 -48.88 -14.32
C GLY B 648 -10.56 -50.13 -13.58
N CYS B 649 -10.62 -50.03 -12.26
CA CYS B 649 -11.00 -51.17 -11.43
C CYS B 649 -12.39 -50.96 -10.87
N LEU B 650 -13.21 -52.01 -10.92
CA LEU B 650 -14.61 -51.97 -10.55
C LEU B 650 -14.82 -52.83 -9.31
N ILE B 651 -15.47 -52.26 -8.29
CA ILE B 651 -15.71 -52.91 -7.02
C ILE B 651 -17.22 -52.97 -6.78
N GLY B 652 -17.71 -54.16 -6.43
CA GLY B 652 -19.12 -54.35 -6.15
C GLY B 652 -19.92 -54.96 -7.28
N ALA B 653 -19.28 -55.28 -8.41
CA ALA B 653 -19.96 -55.87 -9.55
C ALA B 653 -19.18 -57.10 -10.00
N GLU B 654 -19.90 -58.07 -10.55
CA GLU B 654 -19.30 -59.32 -11.02
C GLU B 654 -19.33 -59.39 -12.54
N TYR B 655 -18.27 -59.96 -13.11
CA TYR B 655 -18.16 -60.09 -14.55
C TYR B 655 -18.83 -61.38 -15.01
N VAL B 656 -19.54 -61.32 -16.14
CA VAL B 656 -20.22 -62.46 -16.73
C VAL B 656 -19.80 -62.58 -18.18
N ASN B 657 -19.99 -63.76 -18.75
CA ASN B 657 -19.61 -64.00 -20.14
C ASN B 657 -20.75 -63.75 -21.12
N SER B 658 -21.99 -63.75 -20.67
CA SER B 658 -23.10 -63.44 -21.54
C SER B 658 -23.12 -61.95 -21.87
N SER B 659 -23.48 -61.62 -23.11
CA SER B 659 -23.45 -60.25 -23.61
C SER B 659 -24.87 -59.75 -23.81
N TYR B 660 -25.12 -58.51 -23.38
CA TYR B 660 -26.43 -57.88 -23.49
C TYR B 660 -26.28 -56.51 -24.12
N GLU B 661 -27.40 -55.94 -24.54
CA GLU B 661 -27.43 -54.54 -24.93
C GLU B 661 -27.51 -53.67 -23.67
N CYS B 662 -26.43 -52.96 -23.38
CA CYS B 662 -26.25 -52.40 -22.05
C CYS B 662 -27.01 -51.09 -21.88
N ASP B 663 -27.25 -50.75 -20.61
CA ASP B 663 -27.93 -49.51 -20.24
C ASP B 663 -27.05 -48.55 -19.46
N ILE B 664 -26.04 -49.03 -18.74
CA ILE B 664 -25.10 -48.17 -18.04
C ILE B 664 -23.73 -48.33 -18.67
N PRO B 665 -23.26 -47.37 -19.47
CA PRO B 665 -21.94 -47.48 -20.10
C PRO B 665 -20.83 -47.17 -19.09
N ILE B 666 -19.93 -48.14 -18.90
CA ILE B 666 -18.75 -47.93 -18.07
C ILE B 666 -17.58 -47.44 -18.90
N GLY B 667 -17.30 -48.09 -20.01
CA GLY B 667 -16.27 -47.65 -20.93
C GLY B 667 -15.42 -48.80 -21.43
N ALA B 668 -14.70 -48.54 -22.51
CA ALA B 668 -13.80 -49.52 -23.13
C ALA B 668 -14.54 -50.81 -23.48
N GLY B 669 -15.78 -50.69 -23.93
CA GLY B 669 -16.59 -51.83 -24.27
C GLY B 669 -17.26 -52.52 -23.11
N ILE B 670 -17.12 -52.00 -21.89
CA ILE B 670 -17.68 -52.61 -20.70
C ILE B 670 -18.89 -51.83 -20.24
N CYS B 671 -19.96 -52.53 -19.90
CA CYS B 671 -21.20 -51.93 -19.42
C CYS B 671 -21.65 -52.67 -18.16
N ALA B 672 -22.63 -52.09 -17.47
CA ALA B 672 -23.13 -52.66 -16.22
C ALA B 672 -24.64 -52.63 -16.23
N SER B 673 -25.23 -53.56 -15.47
CA SER B 673 -26.68 -53.68 -15.40
C SER B 673 -27.05 -54.38 -14.09
N TYR B 674 -28.33 -54.26 -13.74
CA TYR B 674 -28.85 -54.92 -12.54
C TYR B 674 -29.50 -56.24 -12.92
N GLN B 675 -29.01 -57.33 -12.34
CA GLN B 675 -29.50 -58.66 -12.70
C GLN B 675 -30.97 -58.83 -12.34
N THR B 676 -31.30 -58.69 -11.05
CA THR B 676 -32.67 -58.84 -10.56
C THR B 676 -33.28 -60.17 -10.97
N GLN B 690 -30.56 -60.71 -7.34
CA GLN B 690 -30.41 -59.30 -7.68
C GLN B 690 -29.01 -58.80 -7.36
N SER B 691 -28.27 -58.42 -8.39
CA SER B 691 -26.91 -57.91 -8.23
C SER B 691 -26.56 -57.06 -9.43
N ILE B 692 -25.47 -56.31 -9.29
CA ILE B 692 -24.93 -55.51 -10.38
C ILE B 692 -23.88 -56.35 -11.10
N ILE B 693 -24.01 -56.49 -12.41
CA ILE B 693 -23.14 -57.30 -13.22
C ILE B 693 -22.42 -56.41 -14.23
N ALA B 694 -21.22 -56.84 -14.64
CA ALA B 694 -20.48 -56.17 -15.69
C ALA B 694 -20.27 -57.13 -16.85
N TYR B 695 -20.29 -56.60 -18.07
CA TYR B 695 -20.18 -57.44 -19.25
C TYR B 695 -19.69 -56.61 -20.42
N THR B 696 -19.38 -57.31 -21.52
CA THR B 696 -19.06 -56.66 -22.78
C THR B 696 -20.33 -56.45 -23.60
N MET B 697 -20.40 -55.32 -24.30
CA MET B 697 -21.61 -54.96 -25.02
C MET B 697 -21.89 -55.92 -26.17
N SER B 698 -23.17 -56.07 -26.48
CA SER B 698 -23.62 -56.81 -27.65
C SER B 698 -24.11 -55.81 -28.69
N LEU B 699 -23.63 -55.96 -29.92
CA LEU B 699 -23.95 -55.03 -31.00
C LEU B 699 -25.20 -55.44 -31.77
N GLY B 700 -25.89 -56.48 -31.31
CA GLY B 700 -27.10 -56.95 -31.98
C GLY B 700 -26.98 -58.39 -32.43
N ALA B 701 -28.09 -58.92 -32.92
CA ALA B 701 -28.17 -60.31 -33.33
C ALA B 701 -27.53 -60.53 -34.68
N GLU B 702 -26.94 -61.71 -34.85
CA GLU B 702 -26.33 -62.11 -36.11
C GLU B 702 -27.42 -62.49 -37.11
N ASN B 703 -27.29 -61.99 -38.33
CA ASN B 703 -28.24 -62.29 -39.41
C ASN B 703 -27.45 -62.54 -40.69
N SER B 704 -27.45 -63.79 -41.14
CA SER B 704 -26.76 -64.15 -42.38
C SER B 704 -27.81 -64.34 -43.48
N VAL B 705 -27.99 -63.28 -44.26
CA VAL B 705 -28.97 -63.32 -45.35
C VAL B 705 -28.50 -64.30 -46.43
N ALA B 706 -29.43 -65.12 -46.91
CA ALA B 706 -29.11 -66.18 -47.86
C ALA B 706 -28.88 -65.57 -49.24
N TYR B 707 -27.64 -65.17 -49.51
CA TYR B 707 -27.31 -64.65 -50.82
C TYR B 707 -27.17 -65.78 -51.84
N SER B 708 -27.72 -65.54 -53.02
CA SER B 708 -27.62 -66.49 -54.12
C SER B 708 -27.58 -65.71 -55.42
N ASN B 709 -27.04 -66.34 -56.45
CA ASN B 709 -26.86 -65.65 -57.73
C ASN B 709 -28.09 -65.73 -58.64
N ASN B 710 -29.17 -66.40 -58.22
CA ASN B 710 -30.41 -66.36 -58.98
C ASN B 710 -31.66 -66.32 -58.11
N SER B 711 -31.58 -65.83 -56.87
CA SER B 711 -32.73 -65.77 -55.98
C SER B 711 -32.96 -64.35 -55.50
N ILE B 712 -34.24 -63.99 -55.34
CA ILE B 712 -34.64 -62.67 -54.85
C ILE B 712 -35.65 -62.88 -53.73
N ALA B 713 -35.84 -61.85 -52.91
CA ALA B 713 -36.89 -61.80 -51.91
C ALA B 713 -37.79 -60.62 -52.21
N ILE B 714 -39.10 -60.85 -52.22
CA ILE B 714 -40.05 -59.79 -52.54
C ILE B 714 -41.13 -59.74 -51.45
N PRO B 715 -41.48 -58.56 -50.94
CA PRO B 715 -42.50 -58.48 -49.89
C PRO B 715 -43.90 -58.64 -50.45
N THR B 716 -44.75 -59.32 -49.68
CA THR B 716 -46.13 -59.55 -50.06
C THR B 716 -47.13 -58.72 -49.27
N ASN B 717 -46.66 -57.95 -48.27
CA ASN B 717 -47.54 -57.12 -47.47
C ASN B 717 -46.78 -55.88 -47.03
N PHE B 718 -47.46 -55.00 -46.32
CA PHE B 718 -46.84 -53.77 -45.85
C PHE B 718 -47.50 -53.31 -44.55
N THR B 719 -46.79 -52.46 -43.83
CA THR B 719 -47.33 -51.79 -42.66
C THR B 719 -46.93 -50.32 -42.74
N ILE B 720 -47.85 -49.43 -42.41
CA ILE B 720 -47.55 -48.01 -42.34
C ILE B 720 -47.34 -47.63 -40.89
N SER B 721 -46.25 -46.93 -40.61
CA SER B 721 -45.83 -46.62 -39.25
C SER B 721 -45.70 -45.12 -39.06
N VAL B 722 -45.84 -44.69 -37.80
CA VAL B 722 -45.71 -43.30 -37.40
C VAL B 722 -44.65 -43.21 -36.33
N THR B 723 -43.69 -42.31 -36.52
CA THR B 723 -42.61 -42.08 -35.56
C THR B 723 -42.56 -40.60 -35.22
N THR B 724 -41.96 -40.28 -34.07
CA THR B 724 -41.90 -38.90 -33.58
C THR B 724 -40.46 -38.43 -33.50
N GLU B 725 -40.23 -37.17 -33.89
CA GLU B 725 -38.93 -36.53 -33.78
C GLU B 725 -39.09 -35.20 -33.05
N ILE B 726 -38.19 -34.91 -32.12
CA ILE B 726 -38.26 -33.71 -31.29
C ILE B 726 -37.08 -32.81 -31.60
N LEU B 727 -37.35 -31.52 -31.82
CA LEU B 727 -36.26 -30.58 -32.09
C LEU B 727 -36.47 -29.26 -31.35
N PRO B 728 -35.53 -28.83 -30.52
CA PRO B 728 -35.64 -27.50 -29.90
C PRO B 728 -35.39 -26.39 -30.90
N VAL B 729 -36.15 -25.30 -30.76
CA VAL B 729 -36.14 -24.23 -31.76
C VAL B 729 -35.61 -22.93 -31.18
N SER B 730 -35.85 -22.69 -29.89
CA SER B 730 -35.47 -21.41 -29.31
C SER B 730 -35.10 -21.61 -27.84
N MET B 731 -34.49 -20.58 -27.27
CA MET B 731 -34.08 -20.54 -25.88
C MET B 731 -34.56 -19.24 -25.25
N THR B 732 -34.40 -19.15 -23.93
CA THR B 732 -34.93 -18.00 -23.20
C THR B 732 -34.09 -16.76 -23.48
N LYS B 733 -34.77 -15.61 -23.56
CA LYS B 733 -34.10 -14.34 -23.79
C LYS B 733 -33.83 -13.65 -22.45
N THR B 734 -32.60 -13.16 -22.28
CA THR B 734 -32.16 -12.59 -21.02
C THR B 734 -31.47 -11.25 -21.28
N SER B 735 -31.71 -10.29 -20.39
CA SER B 735 -31.04 -9.00 -20.42
C SER B 735 -30.43 -8.73 -19.06
N VAL B 736 -29.34 -7.96 -19.04
CA VAL B 736 -28.57 -7.73 -17.83
C VAL B 736 -28.42 -6.23 -17.60
N ASP B 737 -28.40 -5.82 -16.33
CA ASP B 737 -28.03 -4.48 -15.93
C ASP B 737 -26.61 -4.56 -15.38
N CYS B 738 -25.67 -3.92 -16.07
CA CYS B 738 -24.26 -4.09 -15.74
C CYS B 738 -23.94 -3.58 -14.34
N THR B 739 -24.13 -2.27 -14.11
CA THR B 739 -23.75 -1.67 -12.84
C THR B 739 -24.56 -2.24 -11.69
N MET B 740 -25.87 -2.46 -11.91
CA MET B 740 -26.72 -2.98 -10.85
C MET B 740 -26.28 -4.36 -10.41
N TYR B 741 -25.91 -5.22 -11.35
CA TYR B 741 -25.36 -6.52 -10.98
C TYR B 741 -24.01 -6.36 -10.29
N ILE B 742 -23.17 -5.47 -10.79
CA ILE B 742 -21.81 -5.35 -10.27
C ILE B 742 -21.83 -4.92 -8.81
N CYS B 743 -22.35 -3.74 -8.53
CA CYS B 743 -22.34 -3.24 -7.16
C CYS B 743 -23.64 -2.51 -6.80
N GLY B 744 -24.77 -3.09 -7.19
CA GLY B 744 -26.08 -2.70 -6.71
C GLY B 744 -26.34 -1.23 -6.49
N ASP B 745 -26.00 -0.40 -7.48
CA ASP B 745 -26.27 1.04 -7.46
C ASP B 745 -25.58 1.72 -6.27
N SER B 746 -24.25 1.70 -6.30
CA SER B 746 -23.42 2.44 -5.35
C SER B 746 -22.61 3.46 -6.14
N THR B 747 -22.66 4.72 -5.68
CA THR B 747 -22.13 5.82 -6.50
C THR B 747 -20.61 5.76 -6.63
N GLU B 748 -19.91 5.54 -5.52
CA GLU B 748 -18.44 5.47 -5.59
C GLU B 748 -17.98 4.30 -6.44
N CYS B 749 -18.61 3.14 -6.28
CA CYS B 749 -18.31 2.01 -7.14
C CYS B 749 -18.65 2.29 -8.60
N SER B 750 -19.73 3.02 -8.87
CA SER B 750 -20.03 3.38 -10.24
C SER B 750 -18.93 4.25 -10.84
N ASN B 751 -18.44 5.23 -10.07
CA ASN B 751 -17.33 6.06 -10.55
C ASN B 751 -16.08 5.22 -10.80
N LEU B 752 -15.79 4.27 -9.92
CA LEU B 752 -14.66 3.37 -10.14
C LEU B 752 -14.83 2.49 -11.37
N LEU B 753 -16.04 1.99 -11.61
CA LEU B 753 -16.30 1.10 -12.74
C LEU B 753 -16.29 1.86 -14.06
N LEU B 754 -16.58 3.16 -14.04
CA LEU B 754 -16.51 3.95 -15.26
C LEU B 754 -15.09 4.00 -15.84
N GLN B 755 -14.09 3.64 -15.05
CA GLN B 755 -12.70 3.67 -15.49
C GLN B 755 -12.30 2.44 -16.29
N TYR B 756 -13.18 1.46 -16.44
CA TYR B 756 -12.80 0.19 -17.07
C TYR B 756 -13.07 0.15 -18.57
N GLY B 757 -13.89 1.05 -19.11
CA GLY B 757 -14.10 1.16 -20.53
C GLY B 757 -15.50 0.72 -20.92
N SER B 758 -15.59 -0.03 -22.02
CA SER B 758 -16.85 -0.38 -22.65
C SER B 758 -17.16 -1.87 -22.60
N PHE B 759 -16.89 -2.51 -21.46
CA PHE B 759 -17.29 -3.91 -21.30
C PHE B 759 -18.81 -4.05 -21.30
N CYS B 760 -19.50 -3.18 -20.57
CA CYS B 760 -20.94 -3.30 -20.43
C CYS B 760 -21.65 -3.14 -21.76
N THR B 761 -21.18 -2.22 -22.61
CA THR B 761 -21.77 -2.03 -23.92
C THR B 761 -21.62 -3.30 -24.77
N GLN B 762 -20.43 -3.91 -24.73
CA GLN B 762 -20.21 -5.14 -25.48
C GLN B 762 -21.14 -6.25 -25.02
N LEU B 763 -21.27 -6.44 -23.71
CA LEU B 763 -22.12 -7.50 -23.18
C LEU B 763 -23.58 -7.25 -23.53
N LYS B 764 -24.03 -6.00 -23.40
CA LYS B 764 -25.42 -5.66 -23.75
C LYS B 764 -25.69 -5.91 -25.22
N ARG B 765 -24.76 -5.53 -26.09
CA ARG B 765 -24.92 -5.77 -27.52
C ARG B 765 -25.00 -7.27 -27.82
N ALA B 766 -24.14 -8.06 -27.18
CA ALA B 766 -24.17 -9.50 -27.41
C ALA B 766 -25.50 -10.10 -27.00
N LEU B 767 -26.02 -9.72 -25.83
CA LEU B 767 -27.29 -10.29 -25.37
C LEU B 767 -28.45 -9.85 -26.27
N THR B 768 -28.43 -8.60 -26.72
CA THR B 768 -29.47 -8.14 -27.65
C THR B 768 -29.44 -8.94 -28.94
N GLY B 769 -28.24 -9.19 -29.47
CA GLY B 769 -28.12 -10.02 -30.66
C GLY B 769 -28.66 -11.42 -30.44
N ILE B 770 -28.39 -12.00 -29.28
CA ILE B 770 -28.89 -13.35 -28.99
C ILE B 770 -30.42 -13.36 -28.98
N ALA B 771 -31.04 -12.36 -28.34
CA ALA B 771 -32.49 -12.32 -28.27
C ALA B 771 -33.11 -12.16 -29.66
N VAL B 772 -32.55 -11.27 -30.47
CA VAL B 772 -33.05 -11.09 -31.83
C VAL B 772 -32.90 -12.38 -32.63
N GLU B 773 -31.80 -13.10 -32.43
CA GLU B 773 -31.57 -14.37 -33.11
C GLU B 773 -32.63 -15.39 -32.71
N GLN B 774 -33.01 -15.45 -31.43
CA GLN B 774 -34.04 -16.38 -31.02
C GLN B 774 -35.37 -16.07 -31.69
N ASP B 775 -35.75 -14.79 -31.73
CA ASP B 775 -36.99 -14.42 -32.41
C ASP B 775 -36.96 -14.80 -33.88
N LYS B 776 -35.82 -14.55 -34.54
CA LYS B 776 -35.67 -14.91 -35.95
C LYS B 776 -35.74 -16.41 -36.16
N ASN B 777 -35.17 -17.20 -35.25
CA ASN B 777 -35.25 -18.65 -35.35
C ASN B 777 -36.71 -19.11 -35.33
N THR B 778 -37.48 -18.61 -34.37
CA THR B 778 -38.89 -18.99 -34.30
C THR B 778 -39.62 -18.59 -35.57
N GLN B 779 -39.39 -17.37 -36.06
CA GLN B 779 -40.06 -16.91 -37.26
C GLN B 779 -39.74 -17.80 -38.46
N GLU B 780 -38.47 -18.16 -38.62
CA GLU B 780 -38.08 -18.98 -39.76
C GLU B 780 -38.65 -20.39 -39.68
N VAL B 781 -38.70 -20.97 -38.49
CA VAL B 781 -39.22 -22.34 -38.39
C VAL B 781 -40.73 -22.37 -38.62
N PHE B 782 -41.47 -21.44 -38.02
CA PHE B 782 -42.92 -21.62 -38.00
C PHE B 782 -43.67 -20.79 -39.03
N ALA B 783 -43.18 -19.60 -39.38
CA ALA B 783 -43.92 -18.70 -40.26
C ALA B 783 -43.54 -18.94 -41.73
N GLN B 784 -43.78 -20.16 -42.17
CA GLN B 784 -43.48 -20.54 -43.56
C GLN B 784 -44.71 -20.42 -44.45
N VAL B 785 -45.90 -20.71 -43.92
CA VAL B 785 -47.12 -20.68 -44.71
C VAL B 785 -47.54 -19.23 -44.92
N LYS B 786 -48.09 -18.94 -46.10
CA LYS B 786 -48.48 -17.58 -46.45
C LYS B 786 -49.89 -17.22 -45.97
N GLN B 787 -50.81 -18.18 -45.99
CA GLN B 787 -52.21 -17.93 -45.64
C GLN B 787 -52.64 -18.91 -44.55
N ILE B 788 -53.64 -18.51 -43.78
CA ILE B 788 -54.16 -19.33 -42.69
C ILE B 788 -55.24 -20.24 -43.26
N TYR B 789 -54.89 -21.51 -43.52
CA TYR B 789 -55.82 -22.45 -44.11
C TYR B 789 -56.71 -23.05 -43.02
N LYS B 790 -57.99 -23.19 -43.33
CA LYS B 790 -58.97 -23.70 -42.38
C LYS B 790 -59.51 -25.06 -42.82
N THR B 791 -59.76 -25.92 -41.85
CA THR B 791 -60.30 -27.25 -42.08
C THR B 791 -61.79 -27.17 -42.43
N PRO B 792 -62.25 -27.93 -43.41
CA PRO B 792 -63.68 -27.94 -43.74
C PRO B 792 -64.50 -28.45 -42.57
N PRO B 793 -65.75 -27.99 -42.44
CA PRO B 793 -66.55 -28.42 -41.28
C PRO B 793 -66.89 -29.90 -41.29
N ILE B 794 -67.02 -30.50 -42.47
CA ILE B 794 -67.24 -31.94 -42.59
C ILE B 794 -65.89 -32.62 -42.56
N LYS B 795 -65.54 -33.21 -41.42
CA LYS B 795 -64.21 -33.82 -41.24
C LYS B 795 -64.25 -35.31 -41.54
N TYR B 796 -64.46 -35.63 -42.82
CA TYR B 796 -64.38 -36.99 -43.33
C TYR B 796 -63.40 -37.00 -44.50
N PHE B 797 -62.36 -37.82 -44.38
CA PHE B 797 -61.29 -37.87 -45.37
C PHE B 797 -61.05 -39.30 -45.85
N GLY B 798 -62.13 -40.00 -46.16
CA GLY B 798 -62.03 -41.36 -46.70
C GLY B 798 -61.53 -42.39 -45.72
N GLY B 799 -61.93 -42.29 -44.46
CA GLY B 799 -61.59 -43.28 -43.46
C GLY B 799 -60.42 -42.91 -42.57
N PHE B 800 -59.64 -41.89 -42.92
CA PHE B 800 -58.52 -41.48 -42.09
C PHE B 800 -58.98 -40.54 -41.00
N ASN B 801 -58.51 -40.76 -39.77
CA ASN B 801 -58.93 -40.02 -38.59
C ASN B 801 -57.78 -39.14 -38.13
N PHE B 802 -57.97 -37.82 -38.23
CA PHE B 802 -56.98 -36.85 -37.80
C PHE B 802 -57.37 -36.16 -36.49
N SER B 803 -58.24 -36.80 -35.69
CA SER B 803 -58.75 -36.17 -34.48
C SER B 803 -57.64 -35.89 -33.47
N GLN B 804 -56.59 -36.72 -33.46
CA GLN B 804 -55.55 -36.57 -32.46
C GLN B 804 -54.60 -35.41 -32.76
N ILE B 805 -54.55 -34.94 -34.00
CA ILE B 805 -53.65 -33.86 -34.37
C ILE B 805 -54.38 -32.59 -34.78
N LEU B 806 -55.68 -32.64 -35.05
CA LEU B 806 -56.41 -31.43 -35.36
C LEU B 806 -56.74 -30.66 -34.09
N PRO B 807 -56.82 -29.33 -34.16
CA PRO B 807 -57.13 -28.54 -32.95
C PRO B 807 -58.49 -28.90 -32.38
N ASP B 808 -58.57 -28.90 -31.05
CA ASP B 808 -59.79 -29.25 -30.36
C ASP B 808 -60.52 -27.98 -29.96
N PRO B 809 -61.71 -27.71 -30.51
CA PRO B 809 -62.39 -26.44 -30.19
C PRO B 809 -62.91 -26.36 -28.77
N SER B 810 -63.02 -27.48 -28.06
CA SER B 810 -63.61 -27.47 -26.72
C SER B 810 -62.78 -26.63 -25.76
N LYS B 811 -61.47 -26.86 -25.73
CA LYS B 811 -60.60 -26.13 -24.83
C LYS B 811 -60.32 -24.73 -25.35
N PRO B 812 -60.08 -23.76 -24.46
CA PRO B 812 -59.79 -22.40 -24.94
C PRO B 812 -58.46 -22.27 -25.66
N SER B 813 -57.50 -23.15 -25.39
CA SER B 813 -56.19 -23.04 -26.00
C SER B 813 -56.19 -23.39 -27.49
N LYS B 814 -57.22 -24.10 -27.95
CA LYS B 814 -57.31 -24.56 -29.34
C LYS B 814 -56.09 -25.39 -29.74
N ARG B 815 -55.65 -26.26 -28.83
CA ARG B 815 -54.58 -27.21 -29.10
C ARG B 815 -55.16 -28.60 -29.33
N SER B 816 -54.42 -29.41 -30.07
CA SER B 816 -54.75 -30.82 -30.25
C SER B 816 -54.43 -31.56 -28.95
N PRO B 817 -55.04 -32.72 -28.71
CA PRO B 817 -54.69 -33.48 -27.50
C PRO B 817 -53.22 -33.83 -27.40
N ILE B 818 -52.57 -34.13 -28.52
CA ILE B 818 -51.13 -34.41 -28.49
C ILE B 818 -50.36 -33.17 -28.06
N GLU B 819 -50.76 -32.00 -28.55
CA GLU B 819 -50.11 -30.76 -28.13
C GLU B 819 -50.33 -30.49 -26.65
N ASP B 820 -51.52 -30.82 -26.14
CA ASP B 820 -51.78 -30.68 -24.72
C ASP B 820 -50.87 -31.58 -23.90
N LEU B 821 -50.70 -32.84 -24.34
CA LEU B 821 -49.79 -33.74 -23.64
C LEU B 821 -48.37 -33.21 -23.69
N LEU B 822 -47.95 -32.67 -24.83
CA LEU B 822 -46.60 -32.13 -24.94
C LEU B 822 -46.39 -30.95 -24.00
N PHE B 823 -47.38 -30.06 -23.90
CA PHE B 823 -47.23 -28.89 -23.04
C PHE B 823 -47.30 -29.26 -21.56
N ASN B 824 -48.07 -30.29 -21.21
CA ASN B 824 -48.12 -30.72 -19.81
C ASN B 824 -46.89 -31.53 -19.41
N LYS B 825 -46.31 -32.28 -20.34
CA LYS B 825 -45.19 -33.17 -20.00
C LYS B 825 -43.96 -32.38 -19.56
N VAL B 826 -43.65 -31.29 -20.24
CA VAL B 826 -42.50 -30.45 -19.91
C VAL B 826 -43.00 -29.13 -19.34
N THR B 827 -42.54 -28.80 -18.14
CA THR B 827 -42.96 -27.59 -17.44
C THR B 827 -41.74 -26.94 -16.80
N LEU B 828 -41.90 -25.67 -16.43
CA LEU B 828 -40.83 -24.91 -15.81
C LEU B 828 -41.28 -24.30 -14.49
N PHE B 855 -33.48 -11.51 -8.57
CA PHE B 855 -33.44 -10.23 -9.27
C PHE B 855 -32.28 -9.36 -8.79
N ASN B 856 -31.21 -9.32 -9.58
CA ASN B 856 -30.06 -8.47 -9.28
C ASN B 856 -29.61 -7.72 -10.53
N GLY B 857 -30.56 -7.23 -11.33
CA GLY B 857 -30.23 -6.61 -12.59
C GLY B 857 -30.57 -7.53 -13.74
N LEU B 858 -30.84 -8.79 -13.43
CA LEU B 858 -31.18 -9.79 -14.41
C LEU B 858 -32.68 -9.75 -14.71
N THR B 859 -33.05 -10.12 -15.94
CA THR B 859 -34.44 -10.12 -16.35
C THR B 859 -34.67 -11.05 -17.54
N VAL B 860 -35.92 -11.46 -17.74
CA VAL B 860 -36.28 -12.37 -18.83
C VAL B 860 -37.27 -11.70 -19.77
N LEU B 861 -36.85 -11.46 -21.01
CA LEU B 861 -37.70 -10.87 -22.04
C LEU B 861 -38.71 -11.88 -22.55
N PRO B 862 -39.98 -11.50 -22.71
CA PRO B 862 -40.97 -12.41 -23.28
C PRO B 862 -40.77 -12.57 -24.78
N PRO B 863 -41.16 -13.71 -25.35
CA PRO B 863 -41.01 -13.89 -26.81
C PRO B 863 -41.98 -13.04 -27.61
N LEU B 864 -41.78 -12.97 -28.92
CA LEU B 864 -42.61 -12.15 -29.79
C LEU B 864 -43.87 -12.90 -30.20
N LEU B 865 -43.70 -14.14 -30.66
CA LEU B 865 -44.85 -15.00 -30.98
C LEU B 865 -45.32 -15.73 -29.73
N THR B 866 -46.59 -15.57 -29.38
CA THR B 866 -47.16 -16.28 -28.25
C THR B 866 -47.49 -17.73 -28.65
N ASP B 867 -47.94 -18.51 -27.67
CA ASP B 867 -48.20 -19.93 -27.89
C ASP B 867 -49.37 -20.14 -28.84
N GLU B 868 -50.42 -19.34 -28.70
CA GLU B 868 -51.59 -19.52 -29.56
C GLU B 868 -51.29 -19.17 -31.01
N MET B 869 -50.41 -18.20 -31.25
CA MET B 869 -50.00 -17.91 -32.62
C MET B 869 -49.23 -19.08 -33.24
N ILE B 870 -48.34 -19.70 -32.47
CA ILE B 870 -47.59 -20.85 -32.98
C ILE B 870 -48.53 -22.02 -33.25
N ALA B 871 -49.51 -22.22 -32.36
CA ALA B 871 -50.52 -23.23 -32.60
C ALA B 871 -51.34 -22.94 -33.85
N GLN B 872 -51.65 -21.66 -34.09
CA GLN B 872 -52.37 -21.28 -35.29
C GLN B 872 -51.56 -21.60 -36.55
N TYR B 873 -50.25 -21.31 -36.52
CA TYR B 873 -49.39 -21.67 -37.63
C TYR B 873 -49.38 -23.17 -37.87
N THR B 874 -49.25 -23.95 -36.80
CA THR B 874 -49.23 -25.40 -36.93
C THR B 874 -50.54 -25.93 -37.50
N SER B 875 -51.68 -25.41 -37.02
CA SER B 875 -52.96 -25.84 -37.53
C SER B 875 -53.14 -25.45 -38.99
N ALA B 876 -52.65 -24.28 -39.39
CA ALA B 876 -52.72 -23.88 -40.79
C ALA B 876 -51.92 -24.82 -41.67
N LEU B 877 -50.71 -25.19 -41.22
CA LEU B 877 -49.91 -26.14 -41.98
C LEU B 877 -50.62 -27.49 -42.10
N LEU B 878 -51.20 -27.97 -41.00
CA LEU B 878 -51.89 -29.25 -41.01
C LEU B 878 -53.08 -29.21 -41.97
N ALA B 879 -53.90 -28.16 -41.89
CA ALA B 879 -55.07 -28.06 -42.76
C ALA B 879 -54.65 -27.96 -44.22
N GLY B 880 -53.61 -27.19 -44.51
CA GLY B 880 -53.14 -27.08 -45.88
C GLY B 880 -52.67 -28.41 -46.44
N THR B 881 -51.89 -29.15 -45.66
CA THR B 881 -51.38 -30.42 -46.17
C THR B 881 -52.47 -31.49 -46.25
N ILE B 882 -53.47 -31.42 -45.37
CA ILE B 882 -54.56 -32.40 -45.44
C ILE B 882 -55.49 -32.12 -46.61
N THR B 883 -55.74 -30.84 -46.93
CA THR B 883 -56.73 -30.51 -47.95
C THR B 883 -56.15 -30.29 -49.34
N SER B 884 -54.84 -30.01 -49.45
CA SER B 884 -54.28 -29.68 -50.76
C SER B 884 -52.97 -30.40 -51.09
N GLY B 885 -52.53 -31.35 -50.27
CA GLY B 885 -51.31 -32.06 -50.59
C GLY B 885 -50.09 -31.16 -50.49
N TRP B 886 -49.19 -31.30 -51.46
CA TRP B 886 -47.99 -30.48 -51.48
C TRP B 886 -48.12 -29.25 -52.37
N THR B 887 -49.29 -29.03 -52.98
CA THR B 887 -49.44 -27.92 -53.91
C THR B 887 -49.37 -26.57 -53.22
N PHE B 888 -49.84 -26.49 -51.98
CA PHE B 888 -49.84 -25.21 -51.26
C PHE B 888 -48.45 -24.75 -50.87
N GLY B 889 -47.44 -25.59 -50.99
CA GLY B 889 -46.08 -25.21 -50.66
C GLY B 889 -45.31 -24.63 -51.84
N ALA B 890 -45.86 -24.78 -53.05
CA ALA B 890 -45.23 -24.28 -54.26
C ALA B 890 -45.99 -23.14 -54.92
N GLY B 891 -47.17 -22.80 -54.40
CA GLY B 891 -47.97 -21.74 -54.98
C GLY B 891 -49.38 -21.75 -54.43
N PRO B 892 -50.36 -21.59 -55.30
CA PRO B 892 -51.77 -21.65 -54.86
C PRO B 892 -52.14 -23.06 -54.41
N ALA B 893 -53.00 -23.15 -53.41
CA ALA B 893 -53.45 -24.44 -52.91
C ALA B 893 -54.54 -25.00 -53.81
N LEU B 894 -54.38 -26.24 -54.27
CA LEU B 894 -55.33 -26.91 -55.13
C LEU B 894 -55.90 -28.10 -54.37
N GLN B 895 -57.23 -28.15 -54.25
CA GLN B 895 -57.86 -29.22 -53.49
C GLN B 895 -57.79 -30.54 -54.24
N ILE B 896 -57.76 -31.63 -53.47
CA ILE B 896 -57.69 -32.99 -54.03
C ILE B 896 -58.22 -33.94 -52.97
N PRO B 897 -58.99 -34.97 -53.33
CA PRO B 897 -59.41 -35.97 -52.34
C PRO B 897 -58.21 -36.63 -51.68
N PHE B 898 -58.34 -36.92 -50.39
CA PHE B 898 -57.21 -37.47 -49.63
C PHE B 898 -56.75 -38.84 -50.13
N PRO B 899 -57.64 -39.80 -50.42
CA PRO B 899 -57.13 -41.06 -51.01
C PRO B 899 -56.36 -40.86 -52.31
N MET B 900 -56.74 -39.89 -53.13
CA MET B 900 -55.97 -39.62 -54.34
C MET B 900 -54.58 -39.07 -54.00
N GLN B 901 -54.48 -38.26 -52.95
CA GLN B 901 -53.17 -37.80 -52.49
C GLN B 901 -52.33 -38.98 -52.01
N MET B 902 -52.94 -39.92 -51.28
CA MET B 902 -52.21 -41.13 -50.87
C MET B 902 -51.76 -41.95 -52.06
N ALA B 903 -52.58 -42.02 -53.12
CA ALA B 903 -52.16 -42.72 -54.33
C ALA B 903 -50.97 -42.02 -54.98
N TYR B 904 -51.00 -40.69 -55.02
CA TYR B 904 -49.84 -39.92 -55.48
C TYR B 904 -48.59 -40.30 -54.70
N ARG B 905 -48.71 -40.41 -53.39
CA ARG B 905 -47.53 -40.68 -52.57
C ARG B 905 -47.05 -42.12 -52.72
N PHE B 906 -47.97 -43.07 -52.89
CA PHE B 906 -47.55 -44.44 -53.19
C PHE B 906 -46.82 -44.52 -54.51
N ASN B 907 -47.30 -43.79 -55.53
CA ASN B 907 -46.54 -43.67 -56.77
C ASN B 907 -45.17 -43.05 -56.50
N GLY B 908 -45.11 -42.10 -55.57
CA GLY B 908 -43.84 -41.49 -55.23
C GLY B 908 -42.84 -42.45 -54.62
N ILE B 909 -43.32 -43.42 -53.83
CA ILE B 909 -42.43 -44.39 -53.20
C ILE B 909 -42.23 -45.62 -54.08
N GLY B 910 -42.77 -45.61 -55.30
CA GLY B 910 -42.51 -46.70 -56.23
C GLY B 910 -43.51 -47.83 -56.24
N VAL B 911 -44.71 -47.62 -55.70
CA VAL B 911 -45.76 -48.63 -55.70
C VAL B 911 -46.93 -48.10 -56.52
N THR B 912 -47.54 -48.96 -57.32
CA THR B 912 -48.64 -48.53 -58.19
C THR B 912 -49.84 -48.09 -57.35
N GLN B 913 -50.61 -47.15 -57.91
CA GLN B 913 -51.70 -46.53 -57.16
C GLN B 913 -52.85 -47.50 -56.89
N ASN B 914 -53.09 -48.47 -57.76
CA ASN B 914 -54.18 -49.41 -57.52
C ASN B 914 -53.97 -50.19 -56.23
N VAL B 915 -52.71 -50.42 -55.83
CA VAL B 915 -52.43 -51.08 -54.57
C VAL B 915 -53.04 -50.31 -53.41
N LEU B 916 -53.06 -48.98 -53.50
CA LEU B 916 -53.77 -48.19 -52.51
C LEU B 916 -55.27 -48.45 -52.54
N TYR B 917 -55.86 -48.45 -53.74
CA TYR B 917 -57.31 -48.45 -53.85
C TYR B 917 -57.91 -49.81 -53.49
N GLU B 918 -57.12 -50.86 -53.56
CA GLU B 918 -57.58 -52.20 -53.19
C GLU B 918 -57.36 -52.50 -51.71
N ASN B 919 -56.69 -51.62 -50.97
CA ASN B 919 -56.41 -51.82 -49.56
C ASN B 919 -56.67 -50.55 -48.77
N GLN B 920 -57.66 -49.76 -49.17
CA GLN B 920 -57.89 -48.47 -48.54
C GLN B 920 -58.30 -48.61 -47.07
N LYS B 921 -59.21 -49.54 -46.79
CA LYS B 921 -59.69 -49.72 -45.42
C LYS B 921 -58.57 -50.20 -44.51
N LEU B 922 -57.76 -51.14 -45.00
CA LEU B 922 -56.64 -51.65 -44.19
C LEU B 922 -55.64 -50.55 -43.87
N ILE B 923 -55.31 -49.73 -44.88
CA ILE B 923 -54.33 -48.66 -44.68
C ILE B 923 -54.88 -47.59 -43.72
N ALA B 924 -56.17 -47.26 -43.86
CA ALA B 924 -56.78 -46.31 -42.92
C ALA B 924 -56.77 -46.85 -41.50
N ASN B 925 -57.09 -48.14 -41.34
CA ASN B 925 -57.07 -48.75 -40.01
C ASN B 925 -55.68 -48.74 -39.41
N GLN B 926 -54.66 -49.07 -40.21
CA GLN B 926 -53.29 -49.07 -39.72
C GLN B 926 -52.86 -47.66 -39.31
N PHE B 927 -53.20 -46.65 -40.12
CA PHE B 927 -52.86 -45.27 -39.77
C PHE B 927 -53.54 -44.86 -38.48
N ASN B 928 -54.83 -45.18 -38.32
CA ASN B 928 -55.54 -44.81 -37.11
C ASN B 928 -54.94 -45.48 -35.88
N SER B 929 -54.59 -46.76 -36.00
CA SER B 929 -53.98 -47.47 -34.87
C SER B 929 -52.63 -46.86 -34.49
N ALA B 930 -51.79 -46.55 -35.48
CA ALA B 930 -50.49 -45.98 -35.18
C ALA B 930 -50.61 -44.60 -34.54
N ILE B 931 -51.52 -43.76 -35.08
CA ILE B 931 -51.72 -42.44 -34.50
C ILE B 931 -52.26 -42.54 -33.08
N GLY B 932 -53.14 -43.50 -32.82
CA GLY B 932 -53.61 -43.69 -31.46
C GLY B 932 -52.51 -44.14 -30.52
N LYS B 933 -51.60 -45.01 -30.99
CA LYS B 933 -50.51 -45.47 -30.15
C LYS B 933 -49.45 -44.40 -29.92
N ILE B 934 -49.38 -43.39 -30.78
CA ILE B 934 -48.36 -42.35 -30.63
C ILE B 934 -48.51 -41.63 -29.28
N GLN B 935 -49.73 -41.25 -28.91
CA GLN B 935 -49.92 -40.49 -27.68
C GLN B 935 -49.55 -41.32 -26.45
N ASP B 936 -49.95 -42.60 -26.44
CA ASP B 936 -49.59 -43.47 -25.32
C ASP B 936 -48.08 -43.67 -25.25
N SER B 937 -47.42 -43.82 -26.39
CA SER B 937 -45.96 -43.98 -26.39
C SER B 937 -45.28 -42.72 -25.86
N LEU B 938 -45.76 -41.54 -26.26
CA LEU B 938 -45.18 -40.31 -25.73
C LEU B 938 -45.39 -40.17 -24.24
N SER B 939 -46.58 -40.51 -23.75
CA SER B 939 -46.88 -40.38 -22.33
C SER B 939 -46.09 -41.38 -21.49
N SER B 940 -45.89 -42.59 -22.01
CA SER B 940 -45.25 -43.64 -21.22
C SER B 940 -43.76 -43.42 -21.02
N THR B 941 -43.07 -42.88 -22.02
CA THR B 941 -41.63 -42.70 -21.92
C THR B 941 -41.31 -41.66 -20.85
N PRO B 942 -40.37 -41.94 -19.95
CA PRO B 942 -40.09 -40.99 -18.86
C PRO B 942 -39.26 -39.80 -19.30
N SER B 943 -38.51 -39.96 -20.38
CA SER B 943 -37.61 -38.93 -20.90
C SER B 943 -37.78 -38.78 -22.41
N ALA B 944 -39.03 -38.74 -22.87
CA ALA B 944 -39.30 -38.53 -24.28
C ALA B 944 -38.97 -37.11 -24.72
N LEU B 945 -39.18 -36.14 -23.83
CA LEU B 945 -38.96 -34.73 -24.12
C LEU B 945 -37.61 -34.23 -23.60
N GLY B 946 -36.58 -35.07 -23.70
CA GLY B 946 -35.33 -34.78 -23.02
C GLY B 946 -34.64 -33.50 -23.50
N LYS B 947 -34.67 -33.24 -24.80
CA LYS B 947 -33.90 -32.12 -25.35
C LYS B 947 -34.38 -30.79 -24.83
N LEU B 948 -35.70 -30.56 -24.86
CA LEU B 948 -36.25 -29.30 -24.38
C LEU B 948 -35.98 -29.12 -22.89
N GLN B 949 -36.13 -30.20 -22.13
CA GLN B 949 -35.87 -30.12 -20.69
C GLN B 949 -34.42 -29.80 -20.41
N ASP B 950 -33.49 -30.39 -21.17
CA ASP B 950 -32.07 -30.07 -20.98
C ASP B 950 -31.77 -28.63 -21.31
N VAL B 951 -32.40 -28.09 -22.37
CA VAL B 951 -32.20 -26.68 -22.70
C VAL B 951 -32.68 -25.79 -21.55
N VAL B 952 -33.88 -26.07 -21.05
CA VAL B 952 -34.44 -25.27 -19.95
C VAL B 952 -33.57 -25.37 -18.71
N ASN B 953 -33.11 -26.59 -18.40
CA ASN B 953 -32.28 -26.79 -17.22
C ASN B 953 -30.94 -26.08 -17.34
N HIS B 954 -30.35 -26.09 -18.54
CA HIS B 954 -29.08 -25.40 -18.72
C HIS B 954 -29.24 -23.90 -18.51
N ASN B 955 -30.32 -23.33 -19.06
CA ASN B 955 -30.54 -21.90 -18.87
C ASN B 955 -30.75 -21.57 -17.38
N ALA B 956 -31.57 -22.38 -16.70
CA ALA B 956 -31.85 -22.12 -15.28
C ALA B 956 -30.57 -22.26 -14.44
N GLN B 957 -29.76 -23.28 -14.73
CA GLN B 957 -28.53 -23.47 -13.99
C GLN B 957 -27.56 -22.32 -14.20
N ALA B 958 -27.44 -21.84 -15.44
CA ALA B 958 -26.56 -20.70 -15.70
C ALA B 958 -27.02 -19.47 -14.94
N LEU B 959 -28.32 -19.19 -14.96
CA LEU B 959 -28.82 -18.02 -14.23
C LEU B 959 -28.59 -18.16 -12.73
N ASN B 960 -28.84 -19.34 -12.18
CA ASN B 960 -28.69 -19.55 -10.74
C ASN B 960 -27.24 -19.41 -10.32
N THR B 961 -26.31 -19.99 -11.10
CA THR B 961 -24.90 -19.87 -10.71
C THR B 961 -24.40 -18.44 -10.88
N LEU B 962 -24.90 -17.71 -11.89
CA LEU B 962 -24.53 -16.30 -12.00
C LEU B 962 -25.00 -15.51 -10.78
N VAL B 963 -26.23 -15.76 -10.33
CA VAL B 963 -26.74 -15.06 -9.16
C VAL B 963 -25.94 -15.43 -7.91
N LYS B 964 -25.63 -16.72 -7.75
CA LYS B 964 -24.95 -17.16 -6.54
C LYS B 964 -23.48 -16.78 -6.52
N GLN B 965 -22.91 -16.45 -7.68
CA GLN B 965 -21.50 -16.06 -7.73
C GLN B 965 -21.21 -14.74 -7.01
N LEU B 966 -22.23 -13.96 -6.68
CA LEU B 966 -22.00 -12.68 -6.01
C LEU B 966 -21.45 -12.85 -4.59
N SER B 967 -21.78 -13.94 -3.91
CA SER B 967 -21.37 -14.13 -2.53
C SER B 967 -19.87 -14.32 -2.36
N SER B 968 -19.14 -14.61 -3.43
CA SER B 968 -17.71 -14.80 -3.33
C SER B 968 -17.01 -13.48 -3.01
N LYS B 969 -15.96 -13.56 -2.19
CA LYS B 969 -15.22 -12.38 -1.78
C LYS B 969 -14.08 -12.05 -2.74
N PHE B 970 -13.59 -13.04 -3.49
CA PHE B 970 -12.55 -12.86 -4.51
C PHE B 970 -11.28 -12.23 -3.94
N GLY B 971 -10.90 -12.60 -2.71
CA GLY B 971 -9.72 -12.08 -2.07
C GLY B 971 -9.97 -10.86 -1.20
N ALA B 972 -11.14 -10.24 -1.30
CA ALA B 972 -11.46 -9.11 -0.45
C ALA B 972 -11.84 -9.58 0.94
N ILE B 973 -11.88 -8.62 1.88
CA ILE B 973 -12.24 -8.95 3.25
C ILE B 973 -13.72 -9.23 3.40
N SER B 974 -14.55 -8.79 2.46
CA SER B 974 -15.98 -9.03 2.53
C SER B 974 -16.56 -8.94 1.13
N SER B 975 -17.79 -9.46 0.99
CA SER B 975 -18.46 -9.45 -0.31
C SER B 975 -19.46 -8.30 -0.44
N VAL B 976 -20.09 -7.88 0.65
CA VAL B 976 -21.08 -6.81 0.59
C VAL B 976 -20.36 -5.47 0.55
N LEU B 977 -20.90 -4.54 -0.24
CA LEU B 977 -20.21 -3.28 -0.51
C LEU B 977 -20.20 -2.36 0.71
N ASN B 978 -21.32 -2.32 1.44
CA ASN B 978 -21.47 -1.37 2.53
C ASN B 978 -20.46 -1.65 3.64
N ASP B 979 -20.20 -2.93 3.92
CA ASP B 979 -19.23 -3.27 4.96
C ASP B 979 -17.84 -2.76 4.63
N ILE B 980 -17.43 -2.89 3.36
CA ILE B 980 -16.15 -2.36 2.94
C ILE B 980 -16.14 -0.83 3.04
N LEU B 981 -17.21 -0.19 2.57
CA LEU B 981 -17.26 1.26 2.57
C LEU B 981 -17.47 1.86 3.96
N SER B 982 -17.77 1.04 4.96
CA SER B 982 -18.08 1.54 6.30
C SER B 982 -16.84 1.70 7.17
N ARG B 983 -16.09 0.62 7.38
CA ARG B 983 -14.99 0.61 8.35
C ARG B 983 -13.62 0.73 7.72
N LEU B 984 -13.53 1.13 6.45
CA LEU B 984 -12.24 1.30 5.80
C LEU B 984 -12.13 2.72 5.27
N ASP B 985 -10.91 3.26 5.36
CA ASP B 985 -10.61 4.53 4.71
C ASP B 985 -10.59 4.33 3.19
N PRO B 986 -10.85 5.39 2.43
CA PRO B 986 -10.92 5.24 0.96
C PRO B 986 -9.61 4.75 0.33
N PRO B 987 -8.41 5.08 0.85
CA PRO B 987 -7.21 4.47 0.24
C PRO B 987 -7.24 2.96 0.24
N GLU B 988 -7.72 2.33 1.31
CA GLU B 988 -7.88 0.89 1.33
C GLU B 988 -9.21 0.46 0.71
N ALA B 989 -10.21 1.32 0.76
CA ALA B 989 -11.51 0.97 0.18
C ALA B 989 -11.42 0.75 -1.31
N GLU B 990 -10.66 1.59 -2.03
CA GLU B 990 -10.59 1.44 -3.48
C GLU B 990 -9.97 0.10 -3.87
N VAL B 991 -8.87 -0.27 -3.20
CA VAL B 991 -8.22 -1.54 -3.51
C VAL B 991 -9.06 -2.72 -3.06
N GLN B 992 -9.84 -2.58 -1.97
CA GLN B 992 -10.74 -3.66 -1.58
C GLN B 992 -11.93 -3.78 -2.52
N ILE B 993 -12.31 -2.71 -3.22
CA ILE B 993 -13.43 -2.77 -4.15
C ILE B 993 -12.98 -3.30 -5.51
N ASP B 994 -11.77 -2.98 -5.94
CA ASP B 994 -11.31 -3.37 -7.27
C ASP B 994 -11.33 -4.88 -7.45
N ARG B 995 -10.99 -5.63 -6.40
CA ARG B 995 -11.00 -7.09 -6.50
C ARG B 995 -12.38 -7.62 -6.83
N LEU B 996 -13.40 -7.14 -6.10
CA LEU B 996 -14.77 -7.55 -6.37
C LEU B 996 -15.20 -7.12 -7.77
N ILE B 997 -14.80 -5.92 -8.18
CA ILE B 997 -15.16 -5.44 -9.51
C ILE B 997 -14.64 -6.39 -10.59
N THR B 998 -13.35 -6.72 -10.52
CA THR B 998 -12.76 -7.60 -11.52
C THR B 998 -13.39 -8.99 -11.48
N GLY B 999 -13.61 -9.54 -10.28
CA GLY B 999 -14.20 -10.86 -10.19
C GLY B 999 -15.59 -10.92 -10.79
N ARG B 1000 -16.44 -9.95 -10.46
CA ARG B 1000 -17.80 -9.94 -10.98
C ARG B 1000 -17.83 -9.68 -12.48
N LEU B 1001 -16.95 -8.80 -12.98
CA LEU B 1001 -16.87 -8.57 -14.42
C LEU B 1001 -16.46 -9.84 -15.15
N GLN B 1002 -15.48 -10.57 -14.60
CA GLN B 1002 -15.06 -11.82 -15.22
C GLN B 1002 -16.19 -12.85 -15.24
N SER B 1003 -16.93 -12.95 -14.13
CA SER B 1003 -18.03 -13.91 -14.09
C SER B 1003 -19.09 -13.56 -15.14
N LEU B 1004 -19.42 -12.27 -15.26
CA LEU B 1004 -20.42 -11.85 -16.25
C LEU B 1004 -19.95 -12.15 -17.67
N GLN B 1005 -18.66 -11.90 -17.94
CA GLN B 1005 -18.11 -12.19 -19.27
C GLN B 1005 -18.18 -13.69 -19.57
N THR B 1006 -17.85 -14.52 -18.58
CA THR B 1006 -17.96 -15.97 -18.78
C THR B 1006 -19.39 -16.38 -19.09
N TYR B 1007 -20.36 -15.82 -18.36
CA TYR B 1007 -21.76 -16.12 -18.63
C TYR B 1007 -22.13 -15.76 -20.06
N VAL B 1008 -21.69 -14.58 -20.52
CA VAL B 1008 -22.03 -14.15 -21.87
C VAL B 1008 -21.42 -15.07 -22.92
N THR B 1009 -20.18 -15.51 -22.71
CA THR B 1009 -19.54 -16.41 -23.67
C THR B 1009 -20.26 -17.75 -23.76
N GLN B 1010 -20.62 -18.33 -22.62
CA GLN B 1010 -21.37 -19.59 -22.66
C GLN B 1010 -22.73 -19.40 -23.33
N GLN B 1011 -23.37 -18.25 -23.09
CA GLN B 1011 -24.63 -17.96 -23.77
C GLN B 1011 -24.44 -17.91 -25.28
N LEU B 1012 -23.35 -17.30 -25.75
CA LEU B 1012 -23.12 -17.23 -27.19
C LEU B 1012 -22.94 -18.63 -27.79
N ILE B 1013 -22.17 -19.49 -27.12
CA ILE B 1013 -21.95 -20.84 -27.63
C ILE B 1013 -23.26 -21.62 -27.70
N ARG B 1014 -24.05 -21.56 -26.62
CA ARG B 1014 -25.33 -22.27 -26.62
C ARG B 1014 -26.29 -21.71 -27.65
N ALA B 1015 -26.25 -20.39 -27.89
CA ALA B 1015 -27.10 -19.79 -28.91
C ALA B 1015 -26.72 -20.29 -30.30
N ALA B 1016 -25.43 -20.44 -30.57
CA ALA B 1016 -25.01 -21.01 -31.84
C ALA B 1016 -25.55 -22.43 -32.02
N GLU B 1017 -25.46 -23.24 -30.95
CA GLU B 1017 -25.99 -24.60 -31.03
C GLU B 1017 -27.49 -24.59 -31.32
N ILE B 1018 -28.24 -23.75 -30.62
CA ILE B 1018 -29.68 -23.66 -30.84
C ILE B 1018 -30.00 -23.20 -32.24
N ARG B 1019 -29.20 -22.26 -32.79
CA ARG B 1019 -29.42 -21.80 -34.14
C ARG B 1019 -29.24 -22.92 -35.16
N ALA B 1020 -28.21 -23.75 -34.97
CA ALA B 1020 -28.02 -24.89 -35.86
C ALA B 1020 -29.22 -25.84 -35.80
N SER B 1021 -29.70 -26.12 -34.58
CA SER B 1021 -30.86 -27.01 -34.45
C SER B 1021 -32.10 -26.41 -35.12
N ALA B 1022 -32.29 -25.10 -35.00
CA ALA B 1022 -33.45 -24.46 -35.59
C ALA B 1022 -33.37 -24.45 -37.11
N ASN B 1023 -32.17 -24.30 -37.67
CA ASN B 1023 -32.00 -24.42 -39.10
C ASN B 1023 -32.37 -25.82 -39.59
N LEU B 1024 -31.94 -26.85 -38.84
CA LEU B 1024 -32.33 -28.20 -39.18
C LEU B 1024 -33.85 -28.37 -39.14
N ALA B 1025 -34.49 -27.80 -38.12
CA ALA B 1025 -35.95 -27.89 -38.00
C ALA B 1025 -36.64 -27.22 -39.18
N ALA B 1026 -36.14 -26.06 -39.61
CA ALA B 1026 -36.73 -25.38 -40.76
C ALA B 1026 -36.58 -26.20 -42.03
N THR B 1027 -35.42 -26.82 -42.22
CA THR B 1027 -35.24 -27.69 -43.39
C THR B 1027 -36.20 -28.86 -43.35
N LYS B 1028 -36.39 -29.46 -42.17
CA LYS B 1028 -37.33 -30.58 -42.05
C LYS B 1028 -38.76 -30.13 -42.32
N MET B 1029 -39.13 -28.94 -41.85
CA MET B 1029 -40.47 -28.42 -42.13
C MET B 1029 -40.67 -28.24 -43.63
N SER B 1030 -39.66 -27.71 -44.31
CA SER B 1030 -39.79 -27.47 -45.75
C SER B 1030 -39.88 -28.79 -46.53
N GLU B 1031 -39.06 -29.77 -46.17
CA GLU B 1031 -38.90 -30.92 -47.06
C GLU B 1031 -39.77 -32.11 -46.67
N CYS B 1032 -40.13 -32.24 -45.40
CA CYS B 1032 -40.97 -33.36 -44.97
C CYS B 1032 -42.45 -33.00 -44.97
N VAL B 1033 -42.80 -31.78 -44.57
CA VAL B 1033 -44.20 -31.42 -44.40
C VAL B 1033 -44.77 -30.82 -45.68
N LEU B 1034 -43.99 -29.99 -46.36
CA LEU B 1034 -44.45 -29.34 -47.58
C LEU B 1034 -44.19 -30.18 -48.83
N GLY B 1035 -43.67 -31.38 -48.67
CA GLY B 1035 -43.46 -32.24 -49.82
C GLY B 1035 -43.18 -33.65 -49.38
N GLN B 1036 -42.77 -34.48 -50.35
CA GLN B 1036 -42.38 -35.85 -50.08
C GLN B 1036 -40.91 -36.00 -50.45
N SER B 1037 -40.08 -36.37 -49.47
CA SER B 1037 -38.64 -36.39 -49.62
C SER B 1037 -38.15 -37.79 -49.94
N LYS B 1038 -37.28 -37.89 -50.94
CA LYS B 1038 -36.65 -39.14 -51.32
C LYS B 1038 -35.34 -39.40 -50.59
N ARG B 1039 -34.89 -38.45 -49.75
CA ARG B 1039 -33.67 -38.66 -48.98
C ARG B 1039 -33.88 -39.76 -47.95
N VAL B 1040 -32.89 -40.64 -47.82
CA VAL B 1040 -33.02 -41.82 -47.00
C VAL B 1040 -32.87 -41.47 -45.53
N ASP B 1041 -33.81 -41.92 -44.70
CA ASP B 1041 -33.74 -41.81 -43.25
C ASP B 1041 -33.69 -40.35 -42.80
N PHE B 1042 -34.27 -39.46 -43.60
CA PHE B 1042 -34.38 -38.05 -43.25
C PHE B 1042 -35.71 -37.73 -42.61
N CYS B 1043 -36.81 -38.12 -43.25
CA CYS B 1043 -38.15 -37.92 -42.70
C CYS B 1043 -38.65 -39.23 -42.07
N GLY B 1044 -37.94 -39.69 -41.06
CA GLY B 1044 -38.26 -40.93 -40.39
C GLY B 1044 -37.62 -42.14 -41.05
N LYS B 1045 -37.88 -43.31 -40.47
CA LYS B 1045 -37.30 -44.56 -40.94
C LYS B 1045 -38.31 -45.29 -41.83
N GLY B 1046 -37.88 -45.68 -43.01
CA GLY B 1046 -38.74 -46.26 -44.02
C GLY B 1046 -38.96 -45.31 -45.19
N TYR B 1047 -39.80 -45.75 -46.11
CA TYR B 1047 -40.15 -44.91 -47.26
C TYR B 1047 -41.13 -43.84 -46.82
N HIS B 1048 -40.73 -42.58 -46.95
CA HIS B 1048 -41.51 -41.48 -46.41
C HIS B 1048 -42.81 -41.29 -47.18
N LEU B 1049 -43.92 -41.27 -46.45
CA LEU B 1049 -45.23 -40.93 -47.02
C LEU B 1049 -45.59 -39.47 -46.74
N MET B 1050 -45.64 -39.10 -45.47
CA MET B 1050 -45.93 -37.70 -45.13
C MET B 1050 -45.43 -37.40 -43.72
N SER B 1051 -45.70 -36.18 -43.27
CA SER B 1051 -45.28 -35.73 -41.95
C SER B 1051 -46.23 -34.65 -41.46
N PHE B 1052 -46.38 -34.56 -40.14
CA PHE B 1052 -47.25 -33.60 -39.50
C PHE B 1052 -46.48 -32.82 -38.44
N PRO B 1053 -46.63 -31.51 -38.38
CA PRO B 1053 -45.97 -30.73 -37.32
C PRO B 1053 -46.86 -30.55 -36.10
N GLN B 1054 -46.21 -30.47 -34.94
CA GLN B 1054 -46.89 -30.17 -33.67
C GLN B 1054 -46.02 -29.23 -32.88
N SER B 1055 -46.66 -28.23 -32.26
CA SER B 1055 -45.94 -27.25 -31.46
C SER B 1055 -45.52 -27.84 -30.12
N ALA B 1056 -44.43 -27.31 -29.57
CA ALA B 1056 -43.94 -27.67 -28.26
C ALA B 1056 -43.55 -26.39 -27.56
N PRO B 1057 -43.37 -26.41 -26.23
CA PRO B 1057 -43.04 -25.17 -25.51
C PRO B 1057 -41.82 -24.44 -26.07
N HIS B 1058 -40.79 -25.16 -26.52
CA HIS B 1058 -39.65 -24.50 -27.12
C HIS B 1058 -39.18 -25.17 -28.41
N GLY B 1059 -40.04 -25.91 -29.09
CA GLY B 1059 -39.58 -26.64 -30.25
C GLY B 1059 -40.73 -27.24 -31.05
N VAL B 1060 -40.36 -28.20 -31.89
CA VAL B 1060 -41.26 -28.80 -32.85
C VAL B 1060 -41.21 -30.31 -32.67
N VAL B 1061 -42.36 -30.96 -32.88
CA VAL B 1061 -42.45 -32.41 -32.90
C VAL B 1061 -42.98 -32.80 -34.28
N PHE B 1062 -42.24 -33.67 -34.96
CA PHE B 1062 -42.62 -34.14 -36.28
C PHE B 1062 -43.16 -35.57 -36.18
N LEU B 1063 -44.31 -35.81 -36.80
CA LEU B 1063 -44.93 -37.13 -36.84
C LEU B 1063 -44.77 -37.67 -38.25
N HIS B 1064 -43.72 -38.47 -38.44
CA HIS B 1064 -43.42 -39.03 -39.76
C HIS B 1064 -44.23 -40.30 -39.99
N VAL B 1065 -44.98 -40.32 -41.09
CA VAL B 1065 -45.72 -41.49 -41.53
C VAL B 1065 -44.97 -42.09 -42.72
N THR B 1066 -44.53 -43.34 -42.55
CA THR B 1066 -43.68 -44.04 -43.51
C THR B 1066 -44.25 -45.42 -43.83
N TYR B 1067 -43.72 -46.00 -44.91
CA TYR B 1067 -44.17 -47.27 -45.46
C TYR B 1067 -43.08 -48.30 -45.24
N VAL B 1068 -43.45 -49.49 -44.73
CA VAL B 1068 -42.48 -50.53 -44.39
C VAL B 1068 -42.95 -51.85 -44.99
N PRO B 1069 -42.20 -52.43 -45.92
CA PRO B 1069 -42.60 -53.74 -46.47
C PRO B 1069 -42.48 -54.85 -45.44
N ALA B 1070 -43.25 -55.92 -45.65
CA ALA B 1070 -43.32 -57.00 -44.69
C ALA B 1070 -43.79 -58.27 -45.39
N GLN B 1071 -43.56 -59.41 -44.75
CA GLN B 1071 -43.99 -60.72 -45.21
C GLN B 1071 -43.39 -61.05 -46.59
N GLU B 1072 -42.07 -61.14 -46.61
CA GLU B 1072 -41.35 -61.40 -47.84
C GLU B 1072 -41.40 -62.89 -48.21
N LYS B 1073 -41.14 -63.16 -49.48
CA LYS B 1073 -41.09 -64.53 -49.98
C LYS B 1073 -39.94 -64.66 -50.97
N ASN B 1074 -39.38 -65.87 -51.06
CA ASN B 1074 -38.27 -66.15 -51.95
C ASN B 1074 -38.77 -66.54 -53.33
N PHE B 1075 -38.00 -66.12 -54.34
CA PHE B 1075 -38.34 -66.41 -55.72
C PHE B 1075 -37.05 -66.62 -56.50
N THR B 1076 -37.16 -67.30 -57.64
CA THR B 1076 -36.07 -67.47 -58.57
C THR B 1076 -36.23 -66.50 -59.73
N THR B 1077 -35.15 -65.80 -60.07
CA THR B 1077 -35.21 -64.74 -61.06
C THR B 1077 -34.19 -64.97 -62.16
N ALA B 1078 -34.39 -64.23 -63.25
CA ALA B 1078 -33.47 -64.18 -64.38
C ALA B 1078 -33.34 -62.74 -64.82
N PRO B 1079 -32.19 -62.36 -65.39
CA PRO B 1079 -32.05 -60.98 -65.87
C PRO B 1079 -32.82 -60.68 -67.15
N ALA B 1080 -33.07 -61.68 -67.98
CA ALA B 1080 -33.76 -61.46 -69.26
C ALA B 1080 -34.40 -62.75 -69.71
N ILE B 1081 -35.30 -62.64 -70.68
CA ILE B 1081 -35.98 -63.79 -71.28
C ILE B 1081 -35.56 -63.89 -72.74
N CYS B 1082 -35.04 -65.05 -73.13
CA CYS B 1082 -34.68 -65.31 -74.52
C CYS B 1082 -35.88 -65.92 -75.23
N HIS B 1083 -36.43 -65.19 -76.19
CA HIS B 1083 -37.57 -65.65 -76.97
C HIS B 1083 -37.34 -65.27 -78.43
N ASP B 1084 -37.61 -66.20 -79.34
CA ASP B 1084 -37.47 -65.98 -80.77
C ASP B 1084 -36.07 -65.48 -81.11
N GLY B 1085 -35.06 -65.94 -80.37
CA GLY B 1085 -33.69 -65.57 -80.62
C GLY B 1085 -33.30 -64.19 -80.13
N LYS B 1086 -34.17 -63.48 -79.40
CA LYS B 1086 -33.86 -62.14 -78.93
C LYS B 1086 -34.13 -62.02 -77.44
N ALA B 1087 -33.45 -61.08 -76.80
CA ALA B 1087 -33.50 -60.91 -75.36
C ALA B 1087 -34.53 -59.85 -74.97
N HIS B 1088 -35.30 -60.15 -73.93
CA HIS B 1088 -36.36 -59.28 -73.44
C HIS B 1088 -36.06 -58.89 -72.00
N PHE B 1089 -36.20 -57.60 -71.71
CA PHE B 1089 -36.00 -57.02 -70.39
C PHE B 1089 -37.30 -56.39 -69.91
N PRO B 1090 -37.56 -56.42 -68.61
CA PRO B 1090 -38.80 -55.81 -68.09
C PRO B 1090 -38.70 -54.29 -68.04
N ARG B 1091 -39.78 -53.62 -68.48
CA ARG B 1091 -39.82 -52.17 -68.43
C ARG B 1091 -39.75 -51.66 -67.00
N GLU B 1092 -40.61 -52.19 -66.13
CA GLU B 1092 -40.60 -51.88 -64.70
C GLU B 1092 -40.91 -53.16 -63.94
N GLY B 1093 -40.01 -53.55 -63.06
CA GLY B 1093 -40.15 -54.76 -62.29
C GLY B 1093 -39.09 -55.79 -62.62
N VAL B 1094 -39.30 -57.00 -62.11
CA VAL B 1094 -38.37 -58.10 -62.31
C VAL B 1094 -39.13 -59.35 -62.72
N PHE B 1095 -38.41 -60.24 -63.41
CA PHE B 1095 -38.90 -61.57 -63.74
C PHE B 1095 -38.82 -62.44 -62.50
N VAL B 1096 -39.88 -63.21 -62.25
CA VAL B 1096 -40.00 -64.02 -61.05
C VAL B 1096 -40.62 -65.35 -61.42
N SER B 1097 -40.05 -66.45 -60.92
CA SER B 1097 -40.61 -67.77 -61.14
C SER B 1097 -41.08 -68.37 -59.83
N ASN B 1098 -42.28 -68.95 -59.84
CA ASN B 1098 -42.85 -69.63 -58.68
C ASN B 1098 -42.51 -71.11 -58.66
N GLY B 1099 -41.54 -71.52 -59.48
CA GLY B 1099 -41.15 -72.91 -59.55
C GLY B 1099 -41.32 -73.50 -60.93
N THR B 1100 -42.40 -73.13 -61.62
CA THR B 1100 -42.68 -73.64 -62.97
C THR B 1100 -43.09 -72.57 -63.96
N HIS B 1101 -43.60 -71.42 -63.53
CA HIS B 1101 -44.07 -70.38 -64.42
C HIS B 1101 -43.30 -69.10 -64.18
N TRP B 1102 -43.19 -68.26 -65.21
CA TRP B 1102 -42.50 -66.99 -65.13
C TRP B 1102 -43.46 -65.83 -65.26
N PHE B 1103 -43.26 -64.82 -64.42
CA PHE B 1103 -44.13 -63.66 -64.34
C PHE B 1103 -43.26 -62.41 -64.23
N VAL B 1104 -43.90 -61.25 -64.40
CA VAL B 1104 -43.28 -59.96 -64.16
C VAL B 1104 -43.96 -59.33 -62.95
N THR B 1105 -43.17 -58.75 -62.05
CA THR B 1105 -43.75 -58.12 -60.88
C THR B 1105 -43.07 -56.79 -60.62
N GLN B 1106 -43.73 -55.91 -59.88
CA GLN B 1106 -43.09 -54.69 -59.42
C GLN B 1106 -42.15 -55.01 -58.26
N ARG B 1107 -41.12 -54.17 -58.10
CA ARG B 1107 -40.03 -54.50 -57.20
C ARG B 1107 -40.45 -54.48 -55.74
N ASN B 1108 -41.29 -53.53 -55.34
CA ASN B 1108 -41.60 -53.29 -53.94
C ASN B 1108 -42.88 -53.98 -53.47
N PHE B 1109 -43.56 -54.72 -54.34
CA PHE B 1109 -44.80 -55.39 -53.96
C PHE B 1109 -45.02 -56.56 -54.89
N TYR B 1110 -45.62 -57.63 -54.38
CA TYR B 1110 -45.83 -58.82 -55.19
C TYR B 1110 -47.17 -58.75 -55.90
N GLU B 1111 -47.14 -58.67 -57.23
CA GLU B 1111 -48.36 -58.70 -58.04
C GLU B 1111 -47.99 -59.30 -59.40
N PRO B 1112 -47.91 -60.62 -59.48
CA PRO B 1112 -47.40 -61.25 -60.71
C PRO B 1112 -48.31 -61.01 -61.90
N GLN B 1113 -47.69 -60.93 -63.07
CA GLN B 1113 -48.40 -60.70 -64.32
C GLN B 1113 -47.73 -61.49 -65.44
N ILE B 1114 -48.50 -61.80 -66.48
CA ILE B 1114 -48.00 -62.57 -67.60
C ILE B 1114 -47.03 -61.72 -68.42
N ILE B 1115 -45.91 -62.32 -68.81
CA ILE B 1115 -44.93 -61.62 -69.64
C ILE B 1115 -45.53 -61.40 -71.02
N THR B 1116 -45.63 -60.14 -71.43
CA THR B 1116 -46.14 -59.76 -72.74
C THR B 1116 -45.17 -58.78 -73.39
N THR B 1117 -45.50 -58.39 -74.62
CA THR B 1117 -44.71 -57.37 -75.31
C THR B 1117 -45.00 -55.97 -74.80
N ASP B 1118 -46.08 -55.79 -74.05
CA ASP B 1118 -46.42 -54.46 -73.53
C ASP B 1118 -45.57 -54.08 -72.34
N ASN B 1119 -45.14 -55.05 -71.53
CA ASN B 1119 -44.37 -54.78 -70.33
C ASN B 1119 -42.90 -55.23 -70.46
N THR B 1120 -42.44 -55.49 -71.67
CA THR B 1120 -41.04 -55.84 -71.90
C THR B 1120 -40.54 -55.11 -73.14
N PHE B 1121 -39.21 -54.95 -73.23
CA PHE B 1121 -38.57 -54.39 -74.40
C PHE B 1121 -37.41 -55.25 -74.83
N VAL B 1122 -37.13 -55.24 -76.12
CA VAL B 1122 -36.10 -56.10 -76.71
C VAL B 1122 -34.82 -55.30 -76.92
N SER B 1123 -33.68 -55.97 -76.77
CA SER B 1123 -32.38 -55.35 -77.05
C SER B 1123 -31.40 -56.46 -77.37
N GLY B 1124 -31.15 -56.67 -78.66
CA GLY B 1124 -30.15 -57.64 -79.09
C GLY B 1124 -30.58 -59.08 -79.01
N ASN B 1125 -29.68 -60.00 -79.31
CA ASN B 1125 -29.96 -61.42 -79.21
C ASN B 1125 -29.73 -61.91 -77.77
N CYS B 1126 -29.95 -63.21 -77.57
CA CYS B 1126 -29.90 -63.80 -76.23
C CYS B 1126 -28.66 -64.67 -76.02
N ASP B 1127 -27.50 -64.26 -76.56
CA ASP B 1127 -26.26 -64.99 -76.36
C ASP B 1127 -25.22 -64.20 -75.57
N VAL B 1128 -25.44 -62.92 -75.32
CA VAL B 1128 -24.45 -62.12 -74.61
C VAL B 1128 -24.80 -61.92 -73.13
N VAL B 1129 -26.09 -61.91 -72.79
CA VAL B 1129 -26.52 -61.74 -71.40
C VAL B 1129 -26.28 -63.03 -70.64
N ILE B 1130 -25.64 -62.92 -69.48
CA ILE B 1130 -25.30 -64.07 -68.64
C ILE B 1130 -26.48 -64.38 -67.74
N GLY B 1131 -26.96 -65.63 -67.80
CA GLY B 1131 -28.07 -66.05 -66.98
C GLY B 1131 -29.43 -65.95 -67.63
N ILE B 1132 -29.47 -65.72 -68.94
CA ILE B 1132 -30.75 -65.63 -69.64
C ILE B 1132 -31.43 -66.99 -69.70
N VAL B 1133 -32.75 -66.99 -69.59
CA VAL B 1133 -33.55 -68.20 -69.60
C VAL B 1133 -34.54 -68.13 -70.76
N ASN B 1134 -35.02 -69.30 -71.17
CA ASN B 1134 -35.93 -69.43 -72.31
C ASN B 1134 -37.37 -69.51 -71.82
N ASN B 1135 -38.23 -68.66 -72.39
CA ASN B 1135 -39.64 -68.64 -72.05
C ASN B 1135 -40.39 -67.97 -73.19
N THR B 1136 -41.72 -68.11 -73.16
CA THR B 1136 -42.57 -67.51 -74.18
C THR B 1136 -43.02 -66.12 -73.75
N VAL B 1137 -43.21 -65.24 -74.72
CA VAL B 1137 -43.68 -63.88 -74.49
C VAL B 1137 -44.94 -63.71 -75.34
N TYR B 1138 -46.08 -63.55 -74.68
CA TYR B 1138 -47.34 -63.42 -75.40
C TYR B 1138 -47.45 -62.04 -76.05
N ASP B 1139 -48.05 -62.00 -77.24
CA ASP B 1139 -48.38 -60.76 -77.91
C ASP B 1139 -49.87 -60.75 -78.20
N PRO B 1140 -50.64 -59.78 -77.68
CA PRO B 1140 -52.10 -59.83 -77.84
C PRO B 1140 -52.57 -59.70 -79.27
N LEU B 1141 -51.73 -59.20 -80.19
CA LEU B 1141 -52.16 -59.01 -81.57
C LEU B 1141 -52.49 -60.33 -82.26
N GLN B 1142 -51.70 -61.39 -82.00
CA GLN B 1142 -51.89 -62.64 -82.74
C GLN B 1142 -53.17 -63.36 -82.33
N PRO B 1143 -53.62 -63.33 -81.07
CA PRO B 1143 -54.93 -63.92 -80.76
C PRO B 1143 -56.07 -63.42 -81.63
N GLU B 1144 -56.05 -62.15 -82.04
CA GLU B 1144 -57.15 -61.64 -82.86
C GLU B 1144 -57.24 -62.37 -84.19
N LEU B 1145 -56.14 -62.44 -84.94
CA LEU B 1145 -56.05 -63.21 -86.18
C LEU B 1145 -57.22 -62.89 -87.11
N ASP B 1146 -57.44 -61.60 -87.34
CA ASP B 1146 -58.54 -61.15 -88.19
C ASP B 1146 -58.11 -61.10 -89.65
N ALA C 27 -38.27 38.51 -14.07
CA ALA C 27 -38.65 38.12 -15.43
C ALA C 27 -37.99 36.80 -15.81
N TYR C 28 -38.51 36.17 -16.87
CA TYR C 28 -37.97 34.92 -17.37
C TYR C 28 -38.13 34.87 -18.88
N THR C 29 -37.27 34.09 -19.53
CA THR C 29 -37.36 33.84 -20.96
C THR C 29 -36.54 32.60 -21.27
N ASN C 30 -37.08 31.72 -22.12
CA ASN C 30 -36.40 30.46 -22.41
C ASN C 30 -35.20 30.69 -23.31
N SER C 31 -34.18 29.87 -23.12
CA SER C 31 -33.00 29.90 -23.97
C SER C 31 -33.11 28.82 -25.03
N PHE C 32 -32.88 29.20 -26.28
CA PHE C 32 -32.92 28.25 -27.39
C PHE C 32 -31.62 27.47 -27.41
N THR C 33 -31.33 26.76 -28.51
CA THR C 33 -30.09 26.01 -28.62
C THR C 33 -28.95 27.02 -28.73
N ARG C 34 -28.61 27.61 -27.58
CA ARG C 34 -27.57 28.62 -27.48
C ARG C 34 -26.72 28.34 -26.26
N GLY C 35 -25.52 28.92 -26.25
CA GLY C 35 -24.63 28.80 -25.12
C GLY C 35 -23.56 27.73 -25.23
N VAL C 36 -23.38 27.14 -26.41
CA VAL C 36 -22.34 26.12 -26.58
C VAL C 36 -21.01 26.80 -26.88
N TYR C 37 -19.92 26.09 -26.62
CA TYR C 37 -18.59 26.61 -26.85
C TYR C 37 -17.65 25.47 -27.20
N TYR C 38 -16.51 25.81 -27.76
CA TYR C 38 -15.49 24.81 -28.07
C TYR C 38 -14.81 24.39 -26.77
N PRO C 39 -14.91 23.13 -26.35
CA PRO C 39 -14.46 22.76 -25.00
C PRO C 39 -12.99 22.37 -24.89
N ASP C 40 -12.36 21.97 -26.00
CA ASP C 40 -11.03 21.37 -25.92
C ASP C 40 -10.03 21.95 -26.93
N LYS C 41 -10.45 22.90 -27.77
CA LYS C 41 -9.62 23.49 -28.83
C LYS C 41 -8.80 22.43 -29.58
N VAL C 42 -9.43 21.28 -29.82
CA VAL C 42 -8.85 20.18 -30.58
C VAL C 42 -9.60 20.07 -31.90
N PHE C 43 -8.86 20.15 -33.01
CA PHE C 43 -9.48 20.13 -34.32
C PHE C 43 -10.07 18.75 -34.61
N ARG C 44 -11.32 18.75 -35.07
CA ARG C 44 -12.00 17.54 -35.52
C ARG C 44 -12.77 17.87 -36.78
N SER C 45 -12.76 16.93 -37.75
CA SER C 45 -13.34 17.17 -39.06
C SER C 45 -14.44 16.15 -39.34
N SER C 46 -15.66 16.63 -39.53
CA SER C 46 -16.79 15.81 -39.94
C SER C 46 -16.96 14.57 -39.05
N VAL C 47 -17.25 14.83 -37.77
CA VAL C 47 -17.35 13.77 -36.79
C VAL C 47 -18.32 14.18 -35.69
N LEU C 48 -18.94 13.19 -35.05
CA LEU C 48 -19.79 13.42 -33.90
C LEU C 48 -19.04 13.03 -32.64
N HIS C 49 -18.97 13.96 -31.68
CA HIS C 49 -18.21 13.73 -30.46
C HIS C 49 -19.10 13.98 -29.25
N SER C 50 -19.00 13.09 -28.26
CA SER C 50 -19.78 13.19 -27.03
C SER C 50 -18.89 13.73 -25.92
N THR C 51 -19.28 14.86 -25.34
CA THR C 51 -18.48 15.51 -24.31
C THR C 51 -19.34 15.77 -23.08
N GLN C 52 -18.78 15.49 -21.90
CA GLN C 52 -19.43 15.76 -20.63
C GLN C 52 -18.74 16.97 -20.00
N ASP C 53 -19.45 18.08 -19.90
CA ASP C 53 -18.85 19.32 -19.39
C ASP C 53 -19.96 20.26 -18.92
N LEU C 54 -19.56 21.44 -18.51
CA LEU C 54 -20.50 22.46 -18.03
C LEU C 54 -21.10 23.19 -19.22
N PHE C 55 -22.39 22.99 -19.45
CA PHE C 55 -23.10 23.60 -20.56
C PHE C 55 -24.42 24.21 -20.05
N LEU C 56 -25.01 25.05 -20.90
CA LEU C 56 -26.33 25.60 -20.62
C LEU C 56 -27.37 24.69 -21.24
N PRO C 57 -28.24 24.04 -20.46
CA PRO C 57 -29.19 23.09 -21.03
C PRO C 57 -30.13 23.75 -22.01
N PHE C 58 -30.46 23.02 -23.08
CA PHE C 58 -31.36 23.55 -24.11
C PHE C 58 -32.76 23.75 -23.54
N PHE C 59 -33.46 24.75 -24.08
CA PHE C 59 -34.83 25.05 -23.73
C PHE C 59 -35.01 25.29 -22.23
N SER C 60 -34.07 26.03 -21.63
CA SER C 60 -34.15 26.41 -20.24
C SER C 60 -34.28 27.93 -20.12
N ASN C 61 -35.00 28.37 -19.09
CA ASN C 61 -35.26 29.79 -18.92
C ASN C 61 -34.04 30.50 -18.34
N VAL C 62 -33.79 31.71 -18.84
CA VAL C 62 -32.68 32.54 -18.40
C VAL C 62 -33.24 33.86 -17.90
N THR C 63 -32.66 34.38 -16.82
CA THR C 63 -33.19 35.59 -16.21
C THR C 63 -32.87 36.81 -17.07
N TRP C 64 -33.82 37.74 -17.14
CA TRP C 64 -33.74 38.90 -18.03
C TRP C 64 -33.69 40.17 -17.19
N PHE C 65 -32.79 41.09 -17.55
CA PHE C 65 -32.72 42.40 -16.92
C PHE C 65 -32.66 43.48 -17.98
N HIS C 66 -33.27 44.62 -17.66
CA HIS C 66 -33.23 45.81 -18.48
C HIS C 66 -32.16 46.76 -17.96
N ALA C 67 -31.31 47.23 -18.88
CA ALA C 67 -30.24 48.14 -18.50
C ALA C 67 -30.64 49.59 -18.69
N ILE C 68 -31.73 50.00 -18.04
CA ILE C 68 -32.14 51.39 -18.02
C ILE C 68 -32.30 51.85 -16.57
N HIS C 69 -33.14 51.14 -15.82
CA HIS C 69 -33.35 51.42 -14.40
C HIS C 69 -34.10 50.25 -13.79
N VAL C 70 -34.27 50.30 -12.48
CA VAL C 70 -34.97 49.24 -11.75
C VAL C 70 -36.29 49.75 -11.19
N ASP C 80 -28.65 49.86 -6.80
CA ASP C 80 -29.88 49.22 -7.26
C ASP C 80 -29.56 48.07 -8.23
N ASN C 81 -28.28 47.70 -8.29
CA ASN C 81 -27.82 46.64 -9.18
C ASN C 81 -27.73 45.33 -8.39
N PRO C 82 -28.53 44.32 -8.73
CA PRO C 82 -28.51 43.07 -7.98
C PRO C 82 -27.18 42.34 -8.12
N VAL C 83 -26.82 41.63 -7.05
CA VAL C 83 -25.65 40.77 -7.07
C VAL C 83 -26.08 39.36 -7.45
N LEU C 84 -25.35 38.76 -8.39
CA LEU C 84 -25.71 37.45 -8.89
C LEU C 84 -24.65 36.42 -8.51
N PRO C 85 -25.04 35.27 -7.97
CA PRO C 85 -24.04 34.28 -7.56
C PRO C 85 -23.37 33.61 -8.74
N PHE C 86 -22.10 33.26 -8.53
CA PHE C 86 -21.31 32.52 -9.52
C PHE C 86 -21.24 31.07 -9.07
N ASN C 87 -22.31 30.32 -9.35
CA ASN C 87 -22.42 28.95 -8.88
C ASN C 87 -21.35 28.06 -9.50
N ASP C 88 -21.42 27.86 -10.81
CA ASP C 88 -20.45 27.03 -11.52
C ASP C 88 -19.96 27.65 -12.83
N GLY C 89 -20.52 28.75 -13.27
CA GLY C 89 -20.20 29.35 -14.55
C GLY C 89 -21.38 30.12 -15.06
N VAL C 90 -21.16 31.19 -15.82
CA VAL C 90 -22.22 32.11 -16.20
C VAL C 90 -22.23 32.29 -17.71
N TYR C 91 -23.41 32.18 -18.31
CA TYR C 91 -23.64 32.55 -19.69
C TYR C 91 -24.31 33.91 -19.69
N PHE C 92 -23.65 34.91 -20.28
CA PHE C 92 -24.07 36.30 -20.23
C PHE C 92 -24.29 36.77 -21.66
N ALA C 93 -25.54 37.11 -21.98
CA ALA C 93 -25.88 37.62 -23.30
C ALA C 93 -26.30 39.08 -23.19
N SER C 94 -25.94 39.89 -24.18
CA SER C 94 -26.23 41.31 -24.14
C SER C 94 -26.72 41.77 -25.51
N THR C 95 -27.80 42.54 -25.53
CA THR C 95 -28.28 43.19 -26.74
C THR C 95 -28.41 44.68 -26.45
N GLU C 96 -27.73 45.50 -27.27
CA GLU C 96 -27.68 46.94 -27.04
C GLU C 96 -27.08 47.61 -28.27
N LYS C 97 -27.21 48.94 -28.31
CA LYS C 97 -26.63 49.73 -29.39
C LYS C 97 -26.03 51.04 -28.90
N SER C 98 -25.72 51.16 -27.60
CA SER C 98 -25.17 52.40 -27.06
C SER C 98 -24.00 52.17 -26.12
N ASN C 99 -23.51 50.93 -26.00
CA ASN C 99 -22.37 50.60 -25.14
C ASN C 99 -22.63 51.04 -23.70
N ILE C 100 -23.82 50.70 -23.18
CA ILE C 100 -24.15 51.07 -21.80
C ILE C 100 -23.31 50.28 -20.80
N ILE C 101 -23.17 48.97 -21.01
CA ILE C 101 -22.39 48.10 -20.12
C ILE C 101 -20.99 47.95 -20.68
N ARG C 102 -19.99 48.00 -19.81
CA ARG C 102 -18.60 48.03 -20.24
C ARG C 102 -17.66 47.13 -19.45
N GLY C 103 -18.16 46.27 -18.58
CA GLY C 103 -17.27 45.42 -17.82
C GLY C 103 -18.01 44.56 -16.83
N TRP C 104 -17.23 43.90 -15.98
CA TRP C 104 -17.75 42.98 -14.97
C TRP C 104 -16.86 42.99 -13.73
N ILE C 105 -17.45 42.55 -12.62
CA ILE C 105 -16.77 42.44 -11.34
C ILE C 105 -17.00 41.02 -10.81
N PHE C 106 -15.93 40.37 -10.36
CA PHE C 106 -16.01 39.03 -9.81
C PHE C 106 -15.31 39.02 -8.45
N GLY C 107 -15.60 38.00 -7.66
CA GLY C 107 -14.98 37.84 -6.37
C GLY C 107 -15.98 37.33 -5.35
N THR C 108 -15.49 37.16 -4.12
CA THR C 108 -16.31 36.68 -3.02
C THR C 108 -17.00 37.80 -2.27
N THR C 109 -16.35 38.95 -2.10
CA THR C 109 -16.96 40.08 -1.40
C THR C 109 -16.40 41.36 -1.99
N LEU C 110 -17.16 42.44 -1.83
CA LEU C 110 -16.76 43.74 -2.35
C LEU C 110 -15.78 44.48 -1.45
N ASP C 111 -15.50 43.95 -0.26
CA ASP C 111 -14.57 44.60 0.65
C ASP C 111 -13.12 44.27 0.26
N SER C 112 -12.20 44.71 1.11
CA SER C 112 -10.77 44.50 0.88
C SER C 112 -10.26 43.18 1.45
N LYS C 113 -11.13 42.38 2.06
CA LYS C 113 -10.70 41.12 2.65
C LYS C 113 -10.39 40.05 1.62
N THR C 114 -11.03 40.07 0.46
CA THR C 114 -10.81 39.06 -0.57
C THR C 114 -10.41 39.74 -1.86
N GLN C 115 -9.47 39.12 -2.58
CA GLN C 115 -8.91 39.69 -3.81
C GLN C 115 -9.92 39.53 -4.94
N SER C 116 -10.62 40.63 -5.22
CA SER C 116 -11.61 40.64 -6.28
C SER C 116 -10.95 40.76 -7.66
N LEU C 117 -11.76 40.56 -8.69
CA LEU C 117 -11.33 40.68 -10.08
C LEU C 117 -12.21 41.70 -10.79
N LEU C 118 -11.58 42.52 -11.64
CA LEU C 118 -12.29 43.58 -12.34
C LEU C 118 -11.90 43.56 -13.80
N ILE C 119 -12.91 43.57 -14.68
CA ILE C 119 -12.70 43.66 -16.11
C ILE C 119 -13.41 44.92 -16.60
N VAL C 120 -12.66 45.82 -17.25
CA VAL C 120 -13.20 47.06 -17.77
C VAL C 120 -12.86 47.15 -19.25
N ASN C 121 -13.89 47.18 -20.09
CA ASN C 121 -13.70 47.42 -21.51
C ASN C 121 -13.77 48.91 -21.81
N ASN C 122 -13.22 49.29 -22.96
CA ASN C 122 -13.19 50.69 -23.37
C ASN C 122 -13.08 50.75 -24.89
N ALA C 123 -13.10 51.97 -25.42
CA ALA C 123 -12.93 52.16 -26.84
C ALA C 123 -11.50 51.91 -27.31
N THR C 124 -10.55 51.89 -26.39
CA THR C 124 -9.14 51.70 -26.73
C THR C 124 -8.66 50.29 -26.46
N ASN C 125 -8.92 49.75 -25.28
CA ASN C 125 -8.44 48.42 -24.91
C ASN C 125 -9.26 47.92 -23.73
N VAL C 126 -9.00 46.67 -23.35
CA VAL C 126 -9.63 46.04 -22.19
C VAL C 126 -8.58 45.87 -21.10
N VAL C 127 -8.94 46.25 -19.87
CA VAL C 127 -8.04 46.18 -18.74
C VAL C 127 -8.62 45.20 -17.72
N ILE C 128 -7.85 44.19 -17.36
CA ILE C 128 -8.24 43.20 -16.36
C ILE C 128 -7.28 43.31 -15.20
N LYS C 129 -7.81 43.45 -13.98
CA LYS C 129 -6.99 43.60 -12.80
C LYS C 129 -7.50 42.66 -11.71
N VAL C 130 -6.58 42.18 -10.87
CA VAL C 130 -6.95 41.40 -9.68
C VAL C 130 -6.24 42.03 -8.49
N CYS C 131 -6.88 43.04 -7.87
CA CYS C 131 -6.44 43.50 -6.56
C CYS C 131 -7.54 44.05 -5.66
N GLU C 132 -8.77 43.56 -5.77
CA GLU C 132 -9.84 43.88 -4.82
C GLU C 132 -10.08 45.37 -4.69
N PHE C 133 -10.50 46.02 -5.77
CA PHE C 133 -10.89 47.43 -5.70
C PHE C 133 -12.05 47.58 -4.74
N GLN C 134 -11.86 48.37 -3.68
CA GLN C 134 -12.87 48.49 -2.64
C GLN C 134 -14.16 49.09 -3.19
N PHE C 135 -15.21 48.27 -3.23
CA PHE C 135 -16.53 48.71 -3.67
C PHE C 135 -17.39 49.07 -2.46
N CYS C 136 -18.45 49.83 -2.73
CA CYS C 136 -19.42 50.19 -1.72
C CYS C 136 -20.48 49.10 -1.61
N ASN C 137 -21.60 49.42 -0.95
CA ASN C 137 -22.74 48.50 -0.93
C ASN C 137 -23.19 48.15 -2.34
N ASP C 138 -23.01 49.05 -3.29
CA ASP C 138 -23.14 48.78 -4.70
C ASP C 138 -21.88 49.28 -5.40
N PRO C 139 -21.38 48.54 -6.39
CA PRO C 139 -20.19 49.00 -7.12
C PRO C 139 -20.44 50.34 -7.80
N PHE C 140 -19.40 51.17 -7.82
CA PHE C 140 -19.52 52.50 -8.41
C PHE C 140 -19.77 52.41 -9.91
N LEU C 141 -20.58 53.34 -10.41
CA LEU C 141 -20.96 53.38 -11.82
C LEU C 141 -19.89 54.13 -12.60
N ASP C 142 -19.20 53.43 -13.49
CA ASP C 142 -18.16 54.05 -14.31
C ASP C 142 -18.76 54.63 -15.59
N PHE C 157 -13.61 61.98 -8.92
CA PHE C 157 -14.02 60.73 -8.31
C PHE C 157 -13.78 59.56 -9.25
N ARG C 158 -12.73 59.64 -10.05
CA ARG C 158 -12.38 58.59 -10.99
C ARG C 158 -11.87 57.33 -10.32
N VAL C 159 -11.21 57.44 -9.17
CA VAL C 159 -10.72 56.29 -8.43
C VAL C 159 -11.26 56.39 -7.01
N TYR C 160 -11.94 55.31 -6.57
CA TYR C 160 -12.48 55.26 -5.22
C TYR C 160 -12.27 53.84 -4.70
N SER C 161 -11.14 53.61 -4.04
CA SER C 161 -10.80 52.28 -3.54
C SER C 161 -9.82 52.43 -2.38
N SER C 162 -9.69 51.35 -1.62
CA SER C 162 -8.76 51.31 -0.50
C SER C 162 -7.38 50.87 -1.00
N ALA C 163 -6.52 50.45 -0.08
CA ALA C 163 -5.19 49.99 -0.45
C ALA C 163 -5.29 48.77 -1.36
N ASN C 164 -4.34 48.68 -2.30
CA ASN C 164 -4.35 47.65 -3.32
C ASN C 164 -3.05 46.86 -3.29
N ASN C 165 -3.14 45.61 -3.72
CA ASN C 165 -2.02 44.67 -3.77
C ASN C 165 -1.96 44.02 -5.15
N CYS C 166 -2.00 44.85 -6.19
CA CYS C 166 -2.27 44.35 -7.53
C CYS C 166 -1.15 43.45 -8.05
N THR C 167 -1.45 42.15 -8.12
CA THR C 167 -0.52 41.15 -8.63
C THR C 167 -0.73 40.80 -10.09
N PHE C 168 -1.97 40.79 -10.57
CA PHE C 168 -2.23 40.35 -11.93
C PHE C 168 -2.96 41.46 -12.68
N GLU C 169 -2.43 41.79 -13.86
CA GLU C 169 -3.00 42.83 -14.71
C GLU C 169 -2.75 42.44 -16.16
N TYR C 170 -3.73 42.76 -17.01
CA TYR C 170 -3.71 42.29 -18.39
C TYR C 170 -4.38 43.33 -19.28
N VAL C 171 -3.78 43.56 -20.45
CA VAL C 171 -4.28 44.52 -21.42
C VAL C 171 -4.27 43.87 -22.79
N SER C 172 -5.35 44.08 -23.54
CA SER C 172 -5.47 43.56 -24.90
C SER C 172 -6.54 44.37 -25.63
N GLN C 173 -6.82 43.96 -26.87
CA GLN C 173 -7.84 44.63 -27.66
C GLN C 173 -9.21 44.48 -27.01
N PRO C 174 -10.04 45.52 -27.09
CA PRO C 174 -11.35 45.47 -26.43
C PRO C 174 -12.28 44.47 -27.10
N PHE C 175 -13.25 43.99 -26.31
CA PHE C 175 -14.24 43.04 -26.78
C PHE C 175 -15.36 43.76 -27.54
N LEU C 176 -15.04 44.33 -28.70
CA LEU C 176 -16.02 45.04 -29.49
C LEU C 176 -16.86 44.08 -30.33
N LYS C 187 -27.87 45.89 -31.91
CA LYS C 187 -28.42 44.80 -32.70
C LYS C 187 -27.48 43.59 -32.67
N ASN C 188 -26.18 43.85 -32.55
CA ASN C 188 -25.19 42.80 -32.49
C ASN C 188 -25.24 42.14 -31.12
N LEU C 189 -25.76 40.92 -31.07
CA LEU C 189 -25.88 40.17 -29.82
C LEU C 189 -24.49 39.72 -29.41
N ARG C 190 -24.10 40.04 -28.18
CA ARG C 190 -22.81 39.63 -27.65
C ARG C 190 -23.01 38.53 -26.61
N GLU C 191 -22.42 37.36 -26.85
CA GLU C 191 -22.57 36.23 -25.94
C GLU C 191 -21.21 35.91 -25.32
N PHE C 192 -21.21 35.68 -24.02
CA PHE C 192 -20.00 35.37 -23.27
C PHE C 192 -20.27 34.21 -22.33
N VAL C 193 -19.25 33.39 -22.11
CA VAL C 193 -19.27 32.33 -21.11
C VAL C 193 -18.07 32.54 -20.20
N PHE C 194 -18.33 32.65 -18.90
CA PHE C 194 -17.31 32.83 -17.89
C PHE C 194 -17.25 31.57 -17.03
N LYS C 195 -16.06 30.98 -16.92
CA LYS C 195 -15.87 29.74 -16.18
C LYS C 195 -14.61 29.84 -15.34
N ASN C 196 -14.56 29.09 -14.24
CA ASN C 196 -13.39 29.07 -13.36
C ASN C 196 -13.45 27.75 -12.59
N ILE C 197 -12.62 26.78 -13.01
CA ILE C 197 -12.70 25.42 -12.52
C ILE C 197 -11.36 24.93 -11.97
N ASP C 198 -10.30 25.00 -12.76
CA ASP C 198 -9.02 24.39 -12.43
C ASP C 198 -7.94 25.42 -12.11
N GLY C 199 -8.30 26.48 -11.39
CA GLY C 199 -7.34 27.52 -11.10
C GLY C 199 -7.10 28.50 -12.23
N TYR C 200 -7.83 28.36 -13.34
CA TYR C 200 -7.74 29.27 -14.47
C TYR C 200 -9.13 29.85 -14.71
N PHE C 201 -9.18 31.09 -15.19
CA PHE C 201 -10.43 31.76 -15.47
C PHE C 201 -10.58 31.91 -16.98
N LYS C 202 -11.61 31.27 -17.53
CA LYS C 202 -11.79 31.18 -18.98
C LYS C 202 -12.97 32.01 -19.43
N ILE C 203 -12.77 32.75 -20.52
CA ILE C 203 -13.79 33.57 -21.15
C ILE C 203 -13.90 33.16 -22.61
N TYR C 204 -15.08 32.67 -22.98
CA TYR C 204 -15.45 32.40 -24.37
C TYR C 204 -16.45 33.45 -24.81
N SER C 205 -16.50 33.74 -26.10
CA SER C 205 -17.42 34.77 -26.57
C SER C 205 -17.66 34.66 -28.07
N LYS C 206 -18.73 35.32 -28.50
CA LYS C 206 -19.03 35.47 -29.92
C LYS C 206 -19.97 36.65 -30.10
N HIS C 207 -19.74 37.42 -31.16
CA HIS C 207 -20.56 38.58 -31.51
C HIS C 207 -21.31 38.24 -32.80
N THR C 208 -22.63 38.15 -32.71
CA THR C 208 -23.40 37.69 -33.86
C THR C 208 -24.48 38.70 -34.24
N PRO C 209 -24.69 38.92 -35.54
CA PRO C 209 -25.77 39.80 -35.96
C PRO C 209 -27.14 39.23 -35.63
N ILE C 210 -28.10 40.12 -35.44
CA ILE C 210 -29.46 39.71 -35.12
C ILE C 210 -30.11 39.04 -36.33
N ASP C 215 -37.18 36.73 -29.24
CA ASP C 215 -36.03 37.63 -29.17
C ASP C 215 -34.75 36.93 -29.63
N LEU C 216 -34.30 35.95 -28.85
CA LEU C 216 -33.12 35.19 -29.22
C LEU C 216 -33.43 34.31 -30.42
N PRO C 217 -32.64 34.39 -31.50
CA PRO C 217 -32.98 33.64 -32.71
C PRO C 217 -32.74 32.15 -32.54
N GLN C 218 -33.27 31.38 -33.50
CA GLN C 218 -33.10 29.94 -33.50
C GLN C 218 -31.79 29.50 -34.15
N GLY C 219 -30.99 30.43 -34.66
CA GLY C 219 -29.75 30.06 -35.30
C GLY C 219 -28.76 29.49 -34.30
N PHE C 220 -27.87 28.63 -34.80
CA PHE C 220 -26.88 27.97 -33.96
C PHE C 220 -25.51 28.60 -34.16
N SER C 221 -24.83 28.89 -33.05
CA SER C 221 -23.49 29.46 -33.11
C SER C 221 -22.68 29.05 -31.87
N ALA C 222 -21.47 28.55 -32.09
CA ALA C 222 -20.61 28.11 -31.01
C ALA C 222 -19.66 29.23 -30.60
N LEU C 223 -19.45 29.33 -29.28
CA LEU C 223 -18.65 30.40 -28.72
C LEU C 223 -17.16 30.03 -28.76
N GLU C 224 -16.36 30.92 -29.34
CA GLU C 224 -14.95 30.58 -29.46
C GLU C 224 -14.17 31.05 -28.25
N PRO C 225 -13.17 30.28 -27.83
CA PRO C 225 -12.36 30.69 -26.66
C PRO C 225 -11.57 31.95 -26.95
N LEU C 226 -11.72 32.95 -26.08
CA LEU C 226 -10.89 34.15 -26.20
C LEU C 226 -9.75 34.17 -25.17
N VAL C 227 -10.09 34.07 -23.89
CA VAL C 227 -9.10 34.35 -22.84
C VAL C 227 -9.06 33.19 -21.86
N ASP C 228 -7.85 32.83 -21.44
CA ASP C 228 -7.64 31.82 -20.41
C ASP C 228 -6.59 32.36 -19.43
N LEU C 229 -7.05 33.10 -18.39
CA LEU C 229 -6.22 33.74 -17.39
C LEU C 229 -5.74 32.72 -16.35
N PRO C 230 -4.53 32.91 -15.82
CA PRO C 230 -3.99 31.96 -14.83
C PRO C 230 -4.26 32.33 -13.38
N ILE C 231 -5.07 33.35 -13.11
CA ILE C 231 -5.32 33.76 -11.72
C ILE C 231 -6.08 32.67 -10.99
N GLY C 232 -5.75 32.47 -9.72
CA GLY C 232 -6.33 31.40 -8.94
C GLY C 232 -7.15 31.86 -7.74
N ILE C 233 -7.95 32.90 -7.92
CA ILE C 233 -8.81 33.38 -6.84
C ILE C 233 -10.12 32.62 -6.85
N ASN C 234 -10.84 32.68 -5.72
CA ASN C 234 -12.15 32.03 -5.60
C ASN C 234 -13.23 33.04 -5.97
N ILE C 235 -14.06 32.69 -6.94
CA ILE C 235 -15.15 33.55 -7.38
C ILE C 235 -16.48 32.88 -7.06
N THR C 236 -17.35 33.60 -6.35
CA THR C 236 -18.68 33.10 -6.03
C THR C 236 -19.80 34.09 -6.28
N ARG C 237 -19.50 35.36 -6.49
CA ARG C 237 -20.49 36.38 -6.79
C ARG C 237 -19.97 37.26 -7.91
N PHE C 238 -20.90 37.89 -8.64
CA PHE C 238 -20.50 38.81 -9.69
C PHE C 238 -21.61 39.81 -9.96
N GLN C 239 -21.26 40.90 -10.64
CA GLN C 239 -22.20 41.90 -11.07
C GLN C 239 -21.89 42.29 -12.51
N THR C 240 -22.61 43.31 -12.98
CA THR C 240 -22.33 43.95 -14.26
C THR C 240 -21.95 45.40 -14.02
N LEU C 241 -21.19 45.96 -14.96
CA LEU C 241 -20.66 47.31 -14.86
C LEU C 241 -21.26 48.17 -15.96
N LEU C 242 -21.91 49.26 -15.56
CA LEU C 242 -22.55 50.19 -16.48
C LEU C 242 -21.74 51.48 -16.53
N ALA C 243 -22.00 52.28 -17.56
CA ALA C 243 -21.27 53.52 -17.75
C ALA C 243 -22.22 54.59 -18.29
N LEU C 244 -21.91 55.84 -17.96
CA LEU C 244 -22.67 56.99 -18.42
C LEU C 244 -21.84 58.25 -18.20
N HIS C 245 -21.81 59.12 -19.20
CA HIS C 245 -21.06 60.36 -19.11
C HIS C 245 -21.81 61.36 -18.23
N ARG C 246 -21.04 62.15 -17.47
CA ARG C 246 -21.60 63.16 -16.57
C ARG C 246 -22.59 62.53 -15.60
N SER C 247 -22.18 61.43 -14.98
CA SER C 247 -23.01 60.70 -14.03
C SER C 247 -22.51 60.92 -12.61
N TYR C 248 -23.41 61.31 -11.73
CA TYR C 248 -23.06 61.52 -10.34
C TYR C 248 -22.76 60.18 -9.65
N LEU C 249 -21.82 60.21 -8.72
CA LEU C 249 -21.40 59.02 -8.00
C LEU C 249 -21.82 59.15 -6.54
N THR C 250 -22.60 58.17 -6.07
CA THR C 250 -23.07 58.13 -4.70
C THR C 250 -22.93 56.72 -4.16
N PRO C 251 -22.65 56.58 -2.86
CA PRO C 251 -22.57 55.22 -2.29
C PRO C 251 -23.86 54.44 -2.40
N GLY C 252 -25.01 55.11 -2.35
CA GLY C 252 -26.28 54.43 -2.45
C GLY C 252 -27.34 55.21 -3.20
N ASP C 253 -28.07 54.55 -4.08
CA ASP C 253 -29.15 55.18 -4.82
C ASP C 253 -30.32 54.21 -4.91
N SER C 254 -31.51 54.76 -5.10
CA SER C 254 -32.74 53.97 -5.13
C SER C 254 -32.87 53.30 -6.51
N SER C 255 -33.96 52.56 -6.70
CA SER C 255 -34.20 51.84 -7.94
C SER C 255 -34.74 52.72 -9.06
N SER C 256 -35.08 53.99 -8.75
CA SER C 256 -35.55 54.88 -9.80
C SER C 256 -34.46 55.15 -10.84
N GLY C 257 -33.23 55.36 -10.38
CA GLY C 257 -32.12 55.56 -11.28
C GLY C 257 -32.25 56.82 -12.13
N TRP C 258 -31.66 56.75 -13.32
CA TRP C 258 -31.67 57.86 -14.27
C TRP C 258 -31.94 57.30 -15.66
N THR C 259 -32.48 58.16 -16.52
CA THR C 259 -32.75 57.77 -17.89
C THR C 259 -31.45 57.52 -18.65
N ALA C 260 -31.46 56.47 -19.47
CA ALA C 260 -30.27 56.07 -20.23
C ALA C 260 -30.73 55.36 -21.49
N GLY C 261 -29.75 54.93 -22.28
CA GLY C 261 -30.05 54.23 -23.51
C GLY C 261 -30.69 52.88 -23.27
N ALA C 262 -31.39 52.39 -24.30
CA ALA C 262 -32.09 51.11 -24.20
C ALA C 262 -31.09 49.97 -24.33
N ALA C 263 -31.16 49.03 -23.40
CA ALA C 263 -30.29 47.85 -23.42
C ALA C 263 -30.93 46.76 -22.58
N ALA C 264 -30.48 45.52 -22.82
CA ALA C 264 -31.01 44.38 -22.11
C ALA C 264 -29.94 43.30 -22.05
N TYR C 265 -29.96 42.53 -20.96
CA TYR C 265 -29.01 41.44 -20.80
C TYR C 265 -29.65 40.25 -20.10
N TYR C 266 -29.23 39.06 -20.53
CA TYR C 266 -29.74 37.79 -20.07
C TYR C 266 -28.64 37.01 -19.36
N VAL C 267 -29.03 36.30 -18.29
CA VAL C 267 -28.10 35.56 -17.45
C VAL C 267 -28.59 34.12 -17.35
N GLY C 268 -27.70 33.16 -17.61
CA GLY C 268 -28.01 31.76 -17.44
C GLY C 268 -26.87 31.04 -16.74
N TYR C 269 -27.19 29.88 -16.19
CA TYR C 269 -26.27 29.13 -15.34
C TYR C 269 -25.84 27.85 -16.04
N LEU C 270 -24.57 27.49 -15.86
CA LEU C 270 -24.04 26.27 -16.45
C LEU C 270 -24.20 25.09 -15.51
N GLN C 271 -24.51 23.93 -16.08
CA GLN C 271 -24.72 22.69 -15.34
C GLN C 271 -23.90 21.60 -15.98
N PRO C 272 -23.50 20.58 -15.21
CA PRO C 272 -22.75 19.45 -15.79
C PRO C 272 -23.67 18.57 -16.61
N ARG C 273 -23.50 18.60 -17.94
CA ARG C 273 -24.34 17.87 -18.86
C ARG C 273 -23.48 17.21 -19.92
N THR C 274 -24.06 16.20 -20.57
CA THR C 274 -23.45 15.50 -21.69
C THR C 274 -24.07 16.04 -22.97
N PHE C 275 -23.24 16.35 -23.95
CA PHE C 275 -23.67 16.91 -25.23
C PHE C 275 -23.06 16.10 -26.36
N LEU C 276 -23.76 16.08 -27.50
CA LEU C 276 -23.26 15.45 -28.72
C LEU C 276 -23.07 16.53 -29.77
N LEU C 277 -21.81 16.87 -30.04
CA LEU C 277 -21.48 17.96 -30.95
C LEU C 277 -21.09 17.41 -32.31
N LYS C 278 -21.43 18.17 -33.36
CA LYS C 278 -21.15 17.77 -34.74
C LYS C 278 -20.13 18.73 -35.33
N TYR C 279 -19.04 18.19 -35.86
CA TYR C 279 -18.00 18.97 -36.53
C TYR C 279 -18.07 18.70 -38.03
N ASN C 280 -18.09 19.78 -38.81
CA ASN C 280 -18.12 19.66 -40.26
C ASN C 280 -16.70 19.44 -40.78
N GLU C 281 -16.57 19.40 -42.11
CA GLU C 281 -15.28 19.21 -42.76
C GLU C 281 -14.32 20.37 -42.54
N ASN C 282 -14.82 21.53 -42.11
CA ASN C 282 -13.98 22.70 -41.87
C ASN C 282 -13.59 22.84 -40.41
N GLY C 283 -13.96 21.89 -39.56
CA GLY C 283 -13.58 21.92 -38.16
C GLY C 283 -14.40 22.82 -37.28
N THR C 284 -15.59 23.24 -37.72
CA THR C 284 -16.46 24.12 -36.95
C THR C 284 -17.69 23.36 -36.48
N ILE C 285 -18.12 23.66 -35.26
CA ILE C 285 -19.32 23.04 -34.71
C ILE C 285 -20.53 23.63 -35.41
N THR C 286 -21.37 22.77 -35.98
CA THR C 286 -22.57 23.19 -36.71
C THR C 286 -23.87 22.80 -36.04
N ASP C 287 -23.86 21.80 -35.16
CA ASP C 287 -25.07 21.39 -34.46
C ASP C 287 -24.69 20.64 -33.19
N ALA C 288 -25.65 20.57 -32.27
CA ALA C 288 -25.45 19.89 -31.00
C ALA C 288 -26.74 19.22 -30.58
N VAL C 289 -26.61 18.22 -29.72
CA VAL C 289 -27.74 17.50 -29.14
C VAL C 289 -27.57 17.47 -27.63
N ASP C 290 -28.59 17.91 -26.91
CA ASP C 290 -28.63 17.81 -25.46
C ASP C 290 -29.02 16.38 -25.10
N CYS C 291 -28.16 15.70 -24.33
CA CYS C 291 -28.29 14.27 -24.19
C CYS C 291 -29.39 13.85 -23.22
N ALA C 292 -29.90 14.79 -22.41
CA ALA C 292 -30.92 14.48 -21.41
C ALA C 292 -32.13 15.40 -21.53
N LEU C 293 -32.50 15.76 -22.74
CA LEU C 293 -33.65 16.65 -22.95
C LEU C 293 -34.95 15.84 -23.07
N ASP C 294 -34.95 14.85 -23.96
CA ASP C 294 -36.13 14.04 -24.22
C ASP C 294 -35.70 12.66 -24.72
N PRO C 295 -36.61 11.67 -24.77
CA PRO C 295 -36.17 10.31 -25.18
C PRO C 295 -35.54 10.25 -26.56
N LEU C 296 -35.98 11.09 -27.50
CA LEU C 296 -35.39 11.07 -28.83
C LEU C 296 -33.91 11.48 -28.79
N SER C 297 -33.60 12.48 -27.97
CA SER C 297 -32.20 12.87 -27.80
C SER C 297 -31.38 11.77 -27.14
N GLU C 298 -31.99 11.05 -26.20
CA GLU C 298 -31.31 9.91 -25.60
C GLU C 298 -31.02 8.82 -26.63
N THR C 299 -31.97 8.56 -27.53
CA THR C 299 -31.73 7.60 -28.61
C THR C 299 -30.61 8.08 -29.52
N LYS C 300 -30.60 9.38 -29.84
CA LYS C 300 -29.53 9.92 -30.68
C LYS C 300 -28.17 9.76 -30.00
N CYS C 301 -28.11 9.98 -28.69
CA CYS C 301 -26.88 9.73 -27.95
C CYS C 301 -26.46 8.28 -28.02
N THR C 302 -27.40 7.35 -27.77
CA THR C 302 -27.06 5.94 -27.75
C THR C 302 -26.56 5.46 -29.11
N LEU C 303 -27.20 5.89 -30.19
CA LEU C 303 -26.76 5.50 -31.53
C LEU C 303 -25.64 6.39 -32.06
N LYS C 304 -25.37 7.53 -31.43
CA LYS C 304 -24.36 8.49 -31.89
C LYS C 304 -24.59 8.90 -33.34
N SER C 305 -25.82 9.30 -33.64
CA SER C 305 -26.18 9.75 -34.97
C SER C 305 -27.32 10.75 -34.86
N PHE C 306 -27.35 11.74 -35.77
CA PHE C 306 -28.42 12.73 -35.75
C PHE C 306 -29.69 12.21 -36.41
N THR C 307 -29.61 11.10 -37.13
CA THR C 307 -30.77 10.47 -37.77
C THR C 307 -30.88 9.04 -37.25
N VAL C 308 -32.10 8.65 -36.87
CA VAL C 308 -32.36 7.31 -36.37
C VAL C 308 -33.34 6.62 -37.32
N GLU C 309 -33.11 5.35 -37.58
CA GLU C 309 -34.01 4.56 -38.42
C GLU C 309 -35.19 4.05 -37.59
N LYS C 310 -36.21 3.56 -38.29
CA LYS C 310 -37.37 3.01 -37.63
C LYS C 310 -37.01 1.75 -36.85
N GLY C 311 -37.51 1.66 -35.63
CA GLY C 311 -37.25 0.48 -34.82
C GLY C 311 -37.48 0.79 -33.35
N ILE C 312 -37.00 -0.13 -32.51
CA ILE C 312 -37.06 0.00 -31.06
C ILE C 312 -35.64 -0.10 -30.52
N TYR C 313 -35.28 0.83 -29.64
CA TYR C 313 -33.92 0.94 -29.12
C TYR C 313 -33.97 1.05 -27.61
N GLN C 314 -33.15 0.24 -26.93
CA GLN C 314 -33.02 0.33 -25.48
C GLN C 314 -32.02 1.44 -25.15
N THR C 315 -32.46 2.42 -24.37
CA THR C 315 -31.66 3.60 -24.07
C THR C 315 -31.08 3.61 -22.67
N SER C 316 -31.88 3.35 -21.65
CA SER C 316 -31.40 3.49 -20.28
C SER C 316 -32.15 2.51 -19.39
N ASN C 317 -31.93 2.62 -18.08
CA ASN C 317 -32.58 1.78 -17.09
C ASN C 317 -33.40 2.65 -16.17
N PHE C 318 -34.47 2.06 -15.63
CA PHE C 318 -35.36 2.74 -14.71
C PHE C 318 -35.40 1.96 -13.40
N ARG C 319 -35.28 2.68 -12.29
CA ARG C 319 -35.29 2.05 -10.98
C ARG C 319 -35.90 3.01 -9.97
N VAL C 320 -36.99 2.61 -9.34
CA VAL C 320 -37.62 3.43 -8.32
C VAL C 320 -36.76 3.39 -7.06
N GLN C 321 -36.70 4.53 -6.37
CA GLN C 321 -35.84 4.72 -5.21
C GLN C 321 -36.66 4.82 -3.93
N PRO C 322 -36.10 4.45 -2.79
CA PRO C 322 -36.85 4.50 -1.53
C PRO C 322 -37.17 5.93 -1.12
N THR C 323 -38.22 6.07 -0.32
CA THR C 323 -38.66 7.36 0.16
C THR C 323 -38.75 7.45 1.68
N GLU C 324 -38.33 6.42 2.42
CA GLU C 324 -38.42 6.43 3.86
C GLU C 324 -37.41 5.42 4.40
N SER C 325 -37.06 5.58 5.68
CA SER C 325 -36.17 4.66 6.37
C SER C 325 -36.77 4.33 7.73
N ILE C 326 -36.77 3.05 8.09
CA ILE C 326 -37.33 2.59 9.35
C ILE C 326 -36.35 1.68 10.05
N VAL C 327 -36.42 1.68 11.38
CA VAL C 327 -35.66 0.75 12.22
C VAL C 327 -36.66 0.05 13.13
N ARG C 328 -36.52 -1.26 13.27
CA ARG C 328 -37.48 -2.07 14.01
C ARG C 328 -36.70 -2.93 15.02
N PHE C 329 -36.95 -2.68 16.30
CA PHE C 329 -36.31 -3.36 17.41
C PHE C 329 -37.37 -3.85 18.39
N PRO C 330 -37.05 -4.83 19.23
CA PRO C 330 -38.05 -5.39 20.14
C PRO C 330 -38.59 -4.36 21.12
N ASN C 331 -39.98 -4.82 22.44
CA ASN C 331 -40.86 -3.90 23.13
C ASN C 331 -40.10 -2.99 24.09
N ILE C 332 -39.20 -3.58 24.88
CA ILE C 332 -38.37 -2.86 25.84
C ILE C 332 -39.24 -2.19 26.89
N THR C 333 -39.46 -2.89 28.00
CA THR C 333 -40.23 -2.34 29.12
C THR C 333 -39.47 -2.53 30.42
N ASN C 334 -36.80 -4.31 31.52
CA ASN C 334 -36.96 -3.33 30.45
C ASN C 334 -36.13 -2.09 30.77
N LEU C 335 -36.70 -1.18 31.56
CA LEU C 335 -36.01 0.03 31.99
C LEU C 335 -35.52 -0.13 33.43
N CYS C 336 -34.75 0.86 33.88
CA CYS C 336 -34.14 0.79 35.19
C CYS C 336 -35.04 1.44 36.24
N PRO C 337 -34.97 1.00 37.49
CA PRO C 337 -35.79 1.56 38.58
C PRO C 337 -35.20 2.80 39.25
N PHE C 338 -35.39 3.95 38.61
CA PHE C 338 -34.82 5.21 39.07
C PHE C 338 -35.78 6.03 39.92
N ASP C 339 -37.09 5.93 39.68
CA ASP C 339 -38.05 6.80 40.34
C ASP C 339 -38.04 6.60 41.86
N GLU C 340 -37.96 5.34 42.31
CA GLU C 340 -37.92 5.04 43.72
C GLU C 340 -36.72 5.67 44.43
N VAL C 341 -35.65 5.99 43.69
CA VAL C 341 -34.56 6.74 44.29
C VAL C 341 -34.98 8.19 44.51
N PHE C 342 -36.01 8.64 43.81
CA PHE C 342 -36.42 10.04 43.84
C PHE C 342 -37.83 10.27 44.36
N ASN C 343 -38.73 9.30 44.15
CA ASN C 343 -40.10 9.36 44.65
C ASN C 343 -40.26 8.23 45.67
N ALA C 344 -39.88 8.50 46.91
CA ALA C 344 -40.01 7.54 48.00
C ALA C 344 -39.85 8.27 49.32
N THR C 345 -40.39 7.69 50.37
CA THR C 345 -40.45 8.36 51.67
C THR C 345 -39.23 8.10 52.55
N ARG C 346 -38.32 7.22 52.14
CA ARG C 346 -37.11 6.99 52.92
C ARG C 346 -35.93 6.78 51.99
N PHE C 347 -34.86 7.52 52.25
CA PHE C 347 -33.65 7.55 51.44
C PHE C 347 -32.42 7.41 52.34
N ALA C 348 -31.25 7.65 51.76
CA ALA C 348 -29.98 7.54 52.46
C ALA C 348 -29.44 8.92 52.82
N SER C 349 -28.65 8.96 53.90
CA SER C 349 -28.04 10.18 54.39
C SER C 349 -26.58 10.26 53.94
N VAL C 350 -25.92 11.37 54.26
CA VAL C 350 -24.60 11.63 53.68
C VAL C 350 -23.56 10.69 54.28
N TYR C 351 -23.62 10.44 55.58
CA TYR C 351 -22.68 9.50 56.18
C TYR C 351 -22.88 8.10 55.62
N ALA C 352 -24.12 7.67 55.49
CA ALA C 352 -24.45 6.41 54.80
C ALA C 352 -24.97 6.69 53.38
N TRP C 353 -24.10 7.28 52.56
CA TRP C 353 -24.49 7.63 51.20
C TRP C 353 -24.56 6.36 50.36
N ASN C 354 -25.78 5.87 50.14
CA ASN C 354 -25.99 4.62 49.41
C ASN C 354 -25.40 4.71 48.02
N ARG C 355 -24.79 3.63 47.57
CA ARG C 355 -24.31 3.48 46.20
C ARG C 355 -25.00 2.26 45.60
N LYS C 356 -25.94 2.50 44.68
CA LYS C 356 -26.77 1.45 44.12
C LYS C 356 -26.45 1.28 42.64
N ARG C 357 -26.11 0.05 42.25
CA ARG C 357 -25.68 -0.26 40.89
C ARG C 357 -26.87 -0.38 39.96
N ILE C 358 -26.62 -0.14 38.68
CA ILE C 358 -27.63 -0.22 37.62
C ILE C 358 -27.13 -1.18 36.57
N SER C 359 -28.00 -2.10 36.15
CA SER C 359 -27.59 -3.12 35.19
C SER C 359 -28.82 -3.72 34.53
N ASN C 360 -28.61 -4.22 33.31
CA ASN C 360 -29.60 -5.00 32.55
C ASN C 360 -30.95 -4.30 32.51
N CYS C 361 -30.97 -3.15 31.85
CA CYS C 361 -32.17 -2.32 31.73
C CYS C 361 -31.89 -1.25 30.68
N VAL C 362 -32.84 -0.33 30.53
CA VAL C 362 -32.75 0.75 29.55
C VAL C 362 -32.53 2.05 30.28
N ALA C 363 -31.48 2.78 29.90
CA ALA C 363 -31.19 4.09 30.46
C ALA C 363 -31.73 5.17 29.51
N ASP C 364 -33.05 5.21 29.38
CA ASP C 364 -33.69 6.28 28.63
C ASP C 364 -33.72 7.52 29.51
N TYR C 365 -33.06 8.59 29.06
CA TYR C 365 -32.89 9.79 29.87
C TYR C 365 -34.21 10.55 29.99
N SER C 366 -35.15 9.90 30.66
CA SER C 366 -36.44 10.49 30.99
C SER C 366 -36.62 10.63 32.49
N VAL C 367 -35.61 10.27 33.28
CA VAL C 367 -35.75 10.26 34.73
C VAL C 367 -35.94 11.67 35.27
N LEU C 368 -35.27 12.65 34.66
CA LEU C 368 -35.52 14.05 34.96
C LEU C 368 -36.66 14.53 34.08
N TYR C 369 -36.86 15.85 34.00
CA TYR C 369 -37.81 16.48 33.09
C TYR C 369 -39.24 16.03 33.33
N ASN C 370 -39.50 15.36 34.45
CA ASN C 370 -40.83 14.88 34.78
C ASN C 370 -41.43 15.65 35.95
N PHE C 371 -40.76 15.67 37.11
CA PHE C 371 -41.20 16.47 38.23
C PHE C 371 -40.10 17.23 38.95
N ALA C 372 -38.84 16.83 38.82
CA ALA C 372 -37.77 17.41 39.64
C ALA C 372 -37.40 18.81 39.15
N PRO C 373 -37.52 19.85 39.98
CA PRO C 373 -36.96 21.16 39.64
C PRO C 373 -35.46 21.15 39.82
N PHE C 374 -34.73 20.74 38.78
CA PHE C 374 -33.33 20.37 38.86
C PHE C 374 -32.47 21.24 39.77
N PHE C 375 -32.72 22.56 39.81
CA PHE C 375 -32.05 23.45 40.76
C PHE C 375 -30.52 23.35 40.63
N ALA C 376 -30.03 23.88 39.50
CA ALA C 376 -28.64 23.73 39.10
C ALA C 376 -28.32 22.27 38.81
N PHE C 377 -29.04 21.76 37.82
CA PHE C 377 -28.71 20.49 37.17
C PHE C 377 -27.21 20.40 36.92
N LYS C 378 -26.70 21.34 36.13
CA LYS C 378 -25.27 21.66 36.03
C LYS C 378 -24.45 20.37 35.99
N CYS C 379 -24.64 19.63 34.90
CA CYS C 379 -24.08 18.31 34.78
C CYS C 379 -22.67 18.44 34.21
N TYR C 380 -21.67 18.07 35.00
CA TYR C 380 -20.28 18.30 34.62
C TYR C 380 -19.81 17.29 33.58
N GLY C 381 -19.83 16.00 33.93
CA GLY C 381 -19.35 15.00 33.02
C GLY C 381 -20.35 14.70 31.92
N VAL C 382 -19.81 14.35 30.74
CA VAL C 382 -20.61 13.94 29.59
C VAL C 382 -21.58 15.04 29.17
N SER C 383 -22.51 15.39 30.07
CA SER C 383 -23.59 16.36 29.86
C SER C 383 -24.57 15.79 28.85
N PRO C 384 -25.89 16.03 29.00
CA PRO C 384 -26.87 15.22 28.26
C PRO C 384 -26.75 15.29 26.76
N THR C 385 -26.96 16.48 26.19
CA THR C 385 -27.11 16.65 24.74
C THR C 385 -27.94 15.51 24.15
N LYS C 386 -28.94 15.05 24.90
CA LYS C 386 -29.86 13.99 24.47
C LYS C 386 -29.11 12.73 24.03
N LEU C 387 -28.02 12.42 24.75
CA LEU C 387 -27.14 11.32 24.35
C LEU C 387 -27.59 10.00 24.98
N ASN C 388 -28.86 9.68 24.76
CA ASN C 388 -29.36 8.37 25.16
C ASN C 388 -28.72 7.25 24.36
N ASP C 389 -28.41 7.50 23.10
CA ASP C 389 -27.80 6.48 22.25
C ASP C 389 -26.52 5.93 22.87
N LEU C 390 -25.79 6.76 23.61
CA LEU C 390 -24.63 6.29 24.34
C LEU C 390 -25.07 5.30 25.41
N CYS C 391 -24.66 4.05 25.26
CA CYS C 391 -24.96 2.99 26.21
C CYS C 391 -23.69 2.67 26.98
N PHE C 392 -23.78 2.68 28.30
CA PHE C 392 -22.64 2.42 29.16
C PHE C 392 -22.87 1.16 29.97
N THR C 393 -21.84 0.75 30.70
CA THR C 393 -21.87 -0.53 31.39
C THR C 393 -22.62 -0.43 32.72
N ASN C 394 -22.12 0.40 33.63
CA ASN C 394 -22.65 0.46 34.99
C ASN C 394 -23.00 1.90 35.35
N VAL C 395 -23.92 2.03 36.30
CA VAL C 395 -24.32 3.33 36.82
C VAL C 395 -24.45 3.21 38.33
N TYR C 396 -23.95 4.20 39.07
CA TYR C 396 -24.04 4.22 40.52
C TYR C 396 -24.76 5.48 40.97
N ALA C 397 -25.69 5.32 41.92
CA ALA C 397 -26.52 6.42 42.40
C ALA C 397 -26.28 6.62 43.89
N ASP C 398 -25.95 7.84 44.28
CA ASP C 398 -25.82 8.19 45.68
C ASP C 398 -26.78 9.34 46.00
N SER C 399 -27.41 9.28 47.16
CA SER C 399 -28.42 10.26 47.55
C SER C 399 -28.28 10.59 49.02
N PHE C 400 -28.43 11.86 49.36
CA PHE C 400 -28.34 12.33 50.74
C PHE C 400 -28.84 13.77 50.79
N VAL C 401 -28.68 14.42 51.95
CA VAL C 401 -29.09 15.81 52.15
C VAL C 401 -27.98 16.53 52.88
N ILE C 402 -27.65 17.74 52.42
CA ILE C 402 -26.69 18.58 53.12
C ILE C 402 -27.27 19.99 53.25
N ARG C 403 -26.50 20.91 53.80
CA ARG C 403 -26.95 22.29 53.99
C ARG C 403 -26.80 23.10 52.71
N GLY C 404 -27.64 24.13 52.58
CA GLY C 404 -27.56 25.01 51.42
C GLY C 404 -26.32 25.87 51.38
N ASN C 405 -25.56 25.93 52.48
CA ASN C 405 -24.36 26.75 52.52
C ASN C 405 -23.27 26.22 51.59
N GLU C 406 -23.13 24.90 51.50
CA GLU C 406 -22.00 24.26 50.82
C GLU C 406 -22.31 23.87 49.39
N VAL C 407 -23.39 24.40 48.82
CA VAL C 407 -23.80 24.01 47.47
C VAL C 407 -22.69 24.27 46.46
N SER C 408 -21.93 25.33 46.64
CA SER C 408 -20.88 25.68 45.69
C SER C 408 -19.66 24.76 45.80
N GLN C 409 -19.56 23.97 46.86
CA GLN C 409 -18.41 23.09 47.03
C GLN C 409 -18.49 21.83 46.19
N ILE C 410 -19.64 21.54 45.58
CA ILE C 410 -19.76 20.33 44.79
C ILE C 410 -19.20 20.59 43.40
N ALA C 411 -17.96 20.19 43.19
CA ALA C 411 -17.28 20.36 41.90
C ALA C 411 -16.04 19.48 41.91
N PRO C 412 -15.52 19.10 40.75
CA PRO C 412 -14.33 18.24 40.72
C PRO C 412 -13.13 18.95 41.33
N GLY C 413 -12.67 18.43 42.47
CA GLY C 413 -11.51 19.01 43.13
C GLY C 413 -11.75 20.35 43.78
N GLN C 414 -12.53 20.38 44.86
CA GLN C 414 -12.81 21.59 45.60
C GLN C 414 -12.14 21.54 46.97
N THR C 415 -12.07 22.70 47.60
CA THR C 415 -11.52 22.84 48.93
C THR C 415 -12.67 23.00 49.93
N GLY C 416 -12.70 22.15 50.93
CA GLY C 416 -13.73 22.23 51.95
C GLY C 416 -13.96 20.87 52.59
N ASN C 417 -14.72 20.91 53.68
CA ASN C 417 -14.97 19.70 54.47
C ASN C 417 -15.72 18.65 53.66
N ILE C 418 -16.80 19.05 52.99
CA ILE C 418 -17.61 18.09 52.27
C ILE C 418 -16.87 17.56 51.05
N ALA C 419 -16.14 18.45 50.36
CA ALA C 419 -15.48 18.07 49.13
C ALA C 419 -14.37 17.04 49.33
N ASP C 420 -13.93 16.82 50.56
CA ASP C 420 -12.83 15.89 50.80
C ASP C 420 -13.16 14.79 51.80
N TYR C 421 -13.86 15.11 52.88
CA TYR C 421 -14.00 14.21 54.01
C TYR C 421 -15.27 13.35 53.92
N ASN C 422 -16.14 13.59 52.94
CA ASN C 422 -17.21 12.67 52.60
C ASN C 422 -17.03 12.08 51.21
N TYR C 423 -16.80 12.92 50.21
CA TYR C 423 -16.48 12.44 48.88
C TYR C 423 -15.78 13.55 48.10
N LYS C 424 -14.79 13.16 47.31
CA LYS C 424 -14.13 14.04 46.36
C LYS C 424 -14.51 13.62 44.95
N LEU C 425 -15.15 14.51 44.21
CA LEU C 425 -15.49 14.18 42.83
C LEU C 425 -14.24 14.32 41.96
N PRO C 426 -13.90 13.29 41.18
CA PRO C 426 -12.63 13.33 40.44
C PRO C 426 -12.59 14.47 39.44
N ASP C 427 -11.39 14.99 39.20
CA ASP C 427 -11.23 16.10 38.26
C ASP C 427 -11.76 15.73 36.89
N ASP C 428 -11.46 14.52 36.44
CA ASP C 428 -12.07 13.95 35.23
C ASP C 428 -13.19 13.03 35.67
N PHE C 429 -14.38 13.20 35.09
CA PHE C 429 -15.51 12.39 35.49
C PHE C 429 -16.55 12.37 34.37
N THR C 430 -17.24 11.24 34.24
CA THR C 430 -18.40 11.09 33.37
C THR C 430 -19.59 10.81 34.28
N GLY C 431 -20.61 11.65 34.21
CA GLY C 431 -21.66 11.70 35.19
C GLY C 431 -21.58 13.01 35.93
N CYS C 432 -22.47 13.19 36.90
CA CYS C 432 -22.59 14.51 37.53
C CYS C 432 -23.47 14.43 38.76
N VAL C 433 -23.83 15.61 39.28
CA VAL C 433 -24.54 15.76 40.54
C VAL C 433 -25.73 16.69 40.35
N ILE C 434 -26.87 16.32 40.91
CA ILE C 434 -28.07 17.14 40.89
C ILE C 434 -28.50 17.39 42.33
N ALA C 435 -28.77 18.65 42.66
CA ALA C 435 -29.18 19.04 44.00
C ALA C 435 -30.39 19.94 43.91
N TRP C 436 -31.31 19.81 44.87
CA TRP C 436 -32.53 20.60 44.89
C TRP C 436 -32.99 20.77 46.33
N ASN C 437 -33.64 21.89 46.59
CA ASN C 437 -33.99 22.24 47.97
C ASN C 437 -35.05 21.27 48.49
N SER C 438 -34.59 20.28 49.26
CA SER C 438 -35.50 19.42 50.03
C SER C 438 -35.59 19.91 51.47
N ASN C 439 -36.01 21.16 51.63
CA ASN C 439 -36.08 21.77 52.95
C ASN C 439 -37.34 21.36 53.70
N LYS C 440 -38.50 21.69 53.13
CA LYS C 440 -39.78 21.49 53.81
C LYS C 440 -40.09 20.03 54.09
N LEU C 441 -39.40 19.09 53.43
CA LEU C 441 -39.60 17.68 53.72
C LEU C 441 -38.51 17.09 54.61
N ASP C 442 -37.37 17.77 54.76
CA ASP C 442 -36.26 17.24 55.53
C ASP C 442 -35.74 18.21 56.57
N SER C 443 -36.54 19.21 56.97
CA SER C 443 -36.19 20.14 58.03
C SER C 443 -37.26 20.13 59.11
N LYS C 444 -36.86 19.97 60.36
CA LYS C 444 -37.76 20.00 61.50
C LYS C 444 -37.47 21.20 62.38
N VAL C 445 -38.54 21.79 62.93
CA VAL C 445 -38.40 22.95 63.80
C VAL C 445 -37.56 22.61 65.01
N GLY C 446 -37.84 21.48 65.64
CA GLY C 446 -37.04 21.04 66.77
C GLY C 446 -35.68 20.51 66.39
N GLY C 447 -35.37 20.48 65.11
CA GLY C 447 -34.09 19.98 64.64
C GLY C 447 -34.21 18.59 64.05
N ASN C 448 -34.07 18.50 62.73
CA ASN C 448 -34.19 17.20 62.07
C ASN C 448 -32.93 16.43 62.38
N TYR C 449 -32.95 15.69 63.49
CA TYR C 449 -31.83 14.83 63.85
C TYR C 449 -31.82 13.54 63.06
N ASN C 450 -32.89 13.23 62.33
CA ASN C 450 -32.90 12.04 61.48
C ASN C 450 -31.78 12.11 60.46
N TYR C 451 -31.61 13.25 59.82
CA TYR C 451 -30.52 13.44 58.87
C TYR C 451 -29.27 13.83 59.65
N ARG C 452 -28.20 13.08 59.43
CA ARG C 452 -26.94 13.31 60.13
C ARG C 452 -25.80 13.37 59.11
N TYR C 453 -24.66 13.88 59.57
CA TYR C 453 -23.50 14.01 58.71
C TYR C 453 -22.27 13.49 59.43
N ARG C 454 -21.45 12.73 58.72
CA ARG C 454 -20.13 12.39 59.22
C ARG C 454 -19.21 13.58 58.96
N LEU C 455 -18.59 14.09 60.02
CA LEU C 455 -17.98 15.41 59.99
C LEU C 455 -16.46 15.38 59.95
N PHE C 456 -15.82 14.69 60.89
CA PHE C 456 -14.38 14.80 61.06
C PHE C 456 -13.64 13.68 60.34
N ARG C 457 -12.45 14.01 59.84
CA ARG C 457 -11.54 13.05 59.24
C ARG C 457 -10.15 13.66 59.16
N LYS C 458 -9.14 12.82 59.33
CA LYS C 458 -7.75 13.23 59.19
C LYS C 458 -7.27 13.23 57.76
N SER C 459 -8.09 12.73 56.83
CA SER C 459 -7.66 12.53 55.45
C SER C 459 -8.77 12.92 54.48
N ASN C 460 -8.37 13.22 53.25
CA ASN C 460 -9.33 13.50 52.19
C ASN C 460 -9.71 12.20 51.49
N LEU C 461 -11.01 11.96 51.37
CA LEU C 461 -11.51 10.75 50.74
C LEU C 461 -11.37 10.91 49.22
N LYS C 462 -10.73 9.92 48.59
CA LYS C 462 -10.48 9.99 47.16
C LYS C 462 -11.77 9.76 46.37
N PRO C 463 -11.77 10.09 45.08
CA PRO C 463 -12.90 9.73 44.24
C PRO C 463 -13.17 8.23 44.26
N PHE C 464 -14.45 7.88 44.29
CA PHE C 464 -14.90 6.50 44.44
C PHE C 464 -14.25 5.82 45.65
N GLU C 465 -14.16 6.55 46.75
CA GLU C 465 -13.77 6.01 48.04
C GLU C 465 -14.92 6.19 49.02
N ARG C 466 -15.31 5.11 49.68
CA ARG C 466 -16.46 5.11 50.57
C ARG C 466 -15.99 4.93 52.01
N ASP C 467 -16.35 5.89 52.86
CA ASP C 467 -16.02 5.83 54.28
C ASP C 467 -17.32 5.99 55.06
N ILE C 468 -17.87 4.86 55.51
CA ILE C 468 -19.03 4.83 56.38
C ILE C 468 -18.62 4.09 57.65
N SER C 469 -18.62 4.80 58.77
CA SER C 469 -18.10 4.26 60.02
C SER C 469 -18.78 4.97 61.19
N THR C 470 -18.61 4.39 62.38
CA THR C 470 -19.14 4.93 63.62
C THR C 470 -18.01 4.96 64.66
N GLU C 471 -17.26 6.07 64.68
CA GLU C 471 -16.17 6.23 65.63
C GLU C 471 -16.16 7.67 66.13
N ILE C 472 -15.91 7.83 67.42
CA ILE C 472 -15.83 9.17 68.00
C ILE C 472 -14.43 9.73 67.75
N TYR C 473 -14.36 11.02 67.47
CA TYR C 473 -13.17 11.65 66.94
C TYR C 473 -12.41 12.38 68.04
N GLN C 474 -11.09 12.29 67.98
CA GLN C 474 -10.20 12.97 68.91
C GLN C 474 -9.55 14.15 68.20
N ALA C 475 -9.61 15.33 68.85
CA ALA C 475 -9.04 16.53 68.27
C ALA C 475 -7.86 17.04 69.09
N GLY C 476 -8.07 17.35 70.37
CA GLY C 476 -7.00 17.90 71.18
C GLY C 476 -5.93 16.88 71.55
N ASN C 477 -6.26 15.97 72.44
CA ASN C 477 -5.32 14.93 72.82
C ASN C 477 -5.92 13.52 72.80
N LYS C 478 -7.17 13.37 73.24
CA LYS C 478 -7.79 12.07 73.43
C LYS C 478 -9.21 12.08 72.91
N PRO C 479 -9.74 10.92 72.51
CA PRO C 479 -11.16 10.82 72.15
C PRO C 479 -12.12 10.84 73.33
N CYS C 480 -11.63 11.18 74.52
CA CYS C 480 -12.45 11.39 75.72
C CYS C 480 -13.37 10.20 75.98
N ASN C 481 -12.85 9.00 75.76
CA ASN C 481 -13.52 7.72 76.00
C ASN C 481 -15.01 7.76 75.63
N GLY C 482 -15.27 8.27 74.44
CA GLY C 482 -16.61 8.21 73.85
C GLY C 482 -17.70 8.99 74.56
N VAL C 483 -17.41 10.21 75.00
CA VAL C 483 -18.40 11.08 75.61
C VAL C 483 -18.34 12.45 74.96
N ALA C 484 -19.10 13.41 75.48
CA ALA C 484 -18.98 14.81 75.10
C ALA C 484 -18.26 15.55 76.20
N GLY C 485 -17.14 16.19 75.86
CA GLY C 485 -16.33 16.83 76.88
C GLY C 485 -15.50 18.00 76.39
N VAL C 486 -14.31 18.16 76.96
CA VAL C 486 -13.46 19.30 76.65
C VAL C 486 -12.80 19.09 75.28
N ASN C 487 -13.21 19.91 74.30
CA ASN C 487 -12.66 19.88 72.95
C ASN C 487 -12.74 18.48 72.33
N CYS C 488 -13.84 17.78 72.62
CA CYS C 488 -14.02 16.40 72.16
C CYS C 488 -15.44 16.29 71.59
N TYR C 489 -15.54 16.32 70.27
CA TYR C 489 -16.82 16.34 69.58
C TYR C 489 -16.93 15.16 68.62
N PHE C 490 -18.18 14.80 68.31
CA PHE C 490 -18.47 13.55 67.63
C PHE C 490 -18.74 13.83 66.15
N PRO C 491 -18.09 13.12 65.23
CA PRO C 491 -18.27 13.44 63.80
C PRO C 491 -19.68 13.18 63.29
N LEU C 492 -20.27 12.02 63.61
CA LEU C 492 -21.61 11.70 63.13
C LEU C 492 -22.59 12.58 63.89
N GLN C 493 -22.66 13.83 63.47
CA GLN C 493 -23.45 14.85 64.14
C GLN C 493 -24.73 15.10 63.36
N SER C 494 -25.83 15.19 64.10
CA SER C 494 -27.07 15.65 63.49
C SER C 494 -26.94 17.13 63.14
N TYR C 495 -27.58 17.53 62.05
CA TYR C 495 -27.45 18.89 61.56
C TYR C 495 -28.04 19.92 62.52
N GLY C 496 -29.17 19.63 63.14
CA GLY C 496 -29.87 20.63 63.91
C GLY C 496 -30.61 21.58 63.00
N PHE C 497 -31.40 21.03 62.09
CA PHE C 497 -32.10 21.84 61.11
C PHE C 497 -33.16 22.70 61.76
N ARG C 498 -33.50 23.81 61.10
CA ARG C 498 -34.68 24.60 61.42
C ARG C 498 -35.27 25.15 60.14
N PRO C 499 -36.56 24.93 59.88
CA PRO C 499 -37.18 25.57 58.70
C PRO C 499 -37.16 27.08 58.78
N THR C 500 -36.93 27.65 59.96
CA THR C 500 -36.71 29.07 60.12
C THR C 500 -35.33 29.53 59.63
N TYR C 501 -34.51 28.61 59.12
CA TYR C 501 -33.26 29.01 58.47
C TYR C 501 -33.53 29.88 57.25
N GLY C 502 -32.58 30.78 56.99
CA GLY C 502 -32.61 31.60 55.81
C GLY C 502 -32.27 30.80 54.57
N VAL C 503 -32.30 31.49 53.44
CA VAL C 503 -32.13 30.83 52.15
C VAL C 503 -30.78 30.12 52.09
N GLY C 504 -29.75 30.69 52.71
CA GLY C 504 -28.45 30.04 52.73
C GLY C 504 -28.43 28.74 53.50
N HIS C 505 -29.17 28.65 54.61
CA HIS C 505 -29.20 27.44 55.42
C HIS C 505 -30.35 26.51 55.05
N GLN C 506 -30.84 26.58 53.82
CA GLN C 506 -31.91 25.68 53.40
C GLN C 506 -31.29 24.40 52.86
N PRO C 507 -31.48 23.26 53.52
CA PRO C 507 -30.82 22.03 53.08
C PRO C 507 -31.32 21.54 51.72
N TYR C 508 -30.41 20.88 51.01
CA TYR C 508 -30.63 20.40 49.66
C TYR C 508 -30.54 18.89 49.67
N ARG C 509 -31.51 18.24 49.01
CA ARG C 509 -31.34 16.87 48.58
C ARG C 509 -30.30 16.84 47.46
N VAL C 510 -29.22 16.12 47.70
CA VAL C 510 -28.08 16.05 46.80
C VAL C 510 -27.90 14.61 46.37
N VAL C 511 -27.92 14.37 45.06
CA VAL C 511 -27.71 13.05 44.50
C VAL C 511 -26.60 13.17 43.48
N VAL C 512 -25.79 12.12 43.35
CA VAL C 512 -24.78 12.02 42.31
C VAL C 512 -25.04 10.76 41.51
N LEU C 513 -25.02 10.90 40.19
CA LEU C 513 -25.05 9.79 39.25
C LEU C 513 -23.65 9.63 38.67
N SER C 514 -23.15 8.40 38.68
CA SER C 514 -21.78 8.11 38.27
C SER C 514 -21.80 7.05 37.18
N PHE C 515 -21.08 7.33 36.10
CA PHE C 515 -21.00 6.47 34.93
C PHE C 515 -19.79 5.55 35.07
N GLU C 516 -19.95 4.30 34.63
CA GLU C 516 -18.83 3.37 34.60
C GLU C 516 -18.84 2.62 33.26
N LEU C 517 -17.71 2.67 32.57
CA LEU C 517 -17.54 2.01 31.28
C LEU C 517 -16.54 0.89 31.44
N LEU C 518 -17.02 -0.36 31.43
CA LEU C 518 -16.17 -1.51 31.65
C LEU C 518 -16.13 -2.37 30.39
N HIS C 519 -15.22 -3.35 30.39
CA HIS C 519 -15.08 -4.22 29.23
C HIS C 519 -16.31 -5.07 28.99
N ALA C 520 -17.17 -5.21 30.00
CA ALA C 520 -18.39 -5.95 29.85
C ALA C 520 -19.30 -5.27 28.82
N PRO C 521 -20.18 -6.03 28.17
CA PRO C 521 -21.10 -5.40 27.20
C PRO C 521 -21.94 -4.32 27.86
N ALA C 522 -22.05 -3.19 27.18
CA ALA C 522 -22.88 -2.11 27.69
C ALA C 522 -24.35 -2.48 27.49
N THR C 523 -25.05 -2.70 28.61
CA THR C 523 -26.43 -3.12 28.56
C THR C 523 -27.41 -2.05 29.02
N VAL C 524 -26.94 -1.06 29.78
CA VAL C 524 -27.80 -0.02 30.31
C VAL C 524 -27.84 1.04 29.20
N CYS C 525 -28.72 0.83 28.23
CA CYS C 525 -28.73 1.57 26.97
C CYS C 525 -29.91 2.53 26.92
N GLY C 526 -29.89 3.41 25.93
CA GLY C 526 -30.98 4.35 25.73
C GLY C 526 -31.43 4.43 24.29
N PRO C 527 -33.17 3.02 24.61
CA PRO C 527 -34.46 2.51 24.10
C PRO C 527 -34.43 1.86 22.73
N LYS C 528 -33.79 2.49 21.74
CA LYS C 528 -33.75 1.95 20.39
C LYS C 528 -35.16 1.74 19.83
N LYS C 529 -35.89 2.83 19.60
CA LYS C 529 -37.28 2.79 19.16
C LYS C 529 -37.45 2.04 17.85
N SER C 530 -37.41 2.52 18.37
CA SER C 530 -37.87 1.98 17.09
C SER C 530 -38.83 2.96 16.44
N THR C 531 -38.84 2.98 15.11
CA THR C 531 -39.80 3.78 14.37
C THR C 531 -41.05 2.96 14.05
N ASN C 532 -41.98 3.59 13.36
CA ASN C 532 -43.25 2.94 13.02
C ASN C 532 -43.11 2.08 11.78
N LEU C 533 -44.15 1.29 11.50
CA LEU C 533 -44.12 0.37 10.38
C LEU C 533 -44.84 0.96 9.17
N VAL C 534 -44.19 0.88 8.02
CA VAL C 534 -44.73 1.37 6.75
C VAL C 534 -44.70 0.24 5.75
N LYS C 535 -45.81 0.04 5.03
CA LYS C 535 -45.98 -1.09 4.14
C LYS C 535 -46.35 -0.61 2.73
N ASN C 536 -46.12 -1.50 1.75
CA ASN C 536 -46.49 -1.30 0.35
C ASN C 536 -45.72 -0.17 -0.33
N LYS C 537 -44.56 0.20 0.20
CA LYS C 537 -43.71 1.22 -0.41
C LYS C 537 -42.27 0.75 -0.41
N CYS C 538 -41.54 1.07 -1.48
CA CYS C 538 -40.11 0.78 -1.50
C CYS C 538 -39.43 1.58 -0.39
N VAL C 539 -38.98 0.88 0.65
CA VAL C 539 -38.50 1.53 1.87
C VAL C 539 -37.21 0.84 2.29
N ASN C 540 -36.38 1.56 3.03
CA ASN C 540 -35.19 0.98 3.65
C ASN C 540 -35.54 0.55 5.07
N PHE C 541 -35.32 -0.71 5.38
CA PHE C 541 -35.72 -1.28 6.66
C PHE C 541 -34.52 -1.88 7.39
N ASN C 542 -34.57 -1.82 8.71
CA ASN C 542 -33.55 -2.38 9.60
C ASN C 542 -34.29 -3.18 10.66
N PHE C 543 -34.53 -4.47 10.37
CA PHE C 543 -35.25 -5.36 11.29
C PHE C 543 -34.23 -6.04 12.18
N ASN C 544 -34.07 -5.52 13.41
CA ASN C 544 -33.27 -6.16 14.45
C ASN C 544 -31.84 -6.41 14.00
N GLY C 545 -31.29 -5.49 13.20
CA GLY C 545 -29.93 -5.58 12.70
C GLY C 545 -29.84 -6.05 11.26
N LEU C 546 -30.90 -6.63 10.73
CA LEU C 546 -30.93 -7.06 9.33
C LEU C 546 -31.37 -5.88 8.47
N THR C 547 -30.47 -5.39 7.63
CA THR C 547 -30.73 -4.20 6.82
C THR C 547 -31.04 -4.60 5.39
N GLY C 548 -32.03 -3.92 4.81
CA GLY C 548 -32.40 -4.19 3.43
C GLY C 548 -33.27 -3.09 2.87
N THR C 549 -33.67 -3.27 1.62
CA THR C 549 -34.55 -2.34 0.94
C THR C 549 -35.60 -3.10 0.14
N GLY C 550 -36.79 -2.54 0.08
CA GLY C 550 -37.87 -3.17 -0.65
C GLY C 550 -39.21 -2.83 -0.04
N VAL C 551 -40.24 -3.50 -0.56
CA VAL C 551 -41.61 -3.30 -0.11
C VAL C 551 -41.98 -4.40 0.88
N LEU C 552 -42.62 -4.01 1.98
CA LEU C 552 -43.07 -4.95 2.99
C LEU C 552 -44.56 -5.22 2.81
N THR C 553 -44.91 -6.50 2.81
CA THR C 553 -46.30 -6.88 2.56
C THR C 553 -46.72 -7.93 3.58
N GLU C 554 -48.01 -7.96 3.89
CA GLU C 554 -48.54 -9.03 4.73
C GLU C 554 -48.38 -10.37 4.01
N SER C 555 -47.97 -11.39 4.76
CA SER C 555 -47.66 -12.68 4.16
C SER C 555 -48.46 -13.82 4.80
N ASN C 556 -48.33 -15.02 4.24
CA ASN C 556 -49.01 -16.19 4.77
C ASN C 556 -48.04 -17.25 5.28
N LYS C 557 -46.74 -16.95 5.35
CA LYS C 557 -45.77 -17.90 5.88
C LYS C 557 -46.05 -18.18 7.35
N LYS C 558 -45.88 -19.44 7.74
CA LYS C 558 -46.07 -19.88 9.12
C LYS C 558 -44.73 -20.40 9.64
N PHE C 559 -43.98 -19.53 10.32
CA PHE C 559 -42.70 -19.93 10.86
C PHE C 559 -42.90 -20.79 12.12
N LEU C 560 -41.84 -21.49 12.51
CA LEU C 560 -41.78 -22.12 13.81
C LEU C 560 -41.40 -21.09 14.86
N PRO C 561 -41.80 -21.28 16.12
CA PRO C 561 -41.61 -20.21 17.10
C PRO C 561 -40.17 -20.08 17.60
N PHE C 562 -39.21 -20.17 16.68
CA PHE C 562 -37.85 -19.76 16.97
C PHE C 562 -37.16 -19.12 15.78
N GLN C 563 -37.86 -18.91 14.66
CA GLN C 563 -37.24 -18.45 13.43
C GLN C 563 -37.73 -17.04 13.09
N GLN C 564 -36.81 -16.09 13.03
CA GLN C 564 -37.11 -14.73 12.56
C GLN C 564 -36.08 -14.36 11.51
N PHE C 565 -36.31 -14.84 10.28
CA PHE C 565 -35.66 -14.71 8.96
C PHE C 565 -36.46 -15.48 7.92
N GLY C 566 -35.97 -15.46 6.69
CA GLY C 566 -36.55 -16.26 5.63
C GLY C 566 -35.65 -16.21 4.40
N ARG C 567 -35.40 -17.36 3.79
CA ARG C 567 -34.52 -17.38 2.63
C ARG C 567 -35.08 -18.32 1.57
N ASP C 568 -35.02 -17.86 0.33
CA ASP C 568 -35.34 -18.68 -0.83
C ASP C 568 -34.05 -19.29 -1.38
N ILE C 569 -34.14 -19.83 -2.60
CA ILE C 569 -32.96 -20.36 -3.26
C ILE C 569 -31.95 -19.23 -3.47
N ALA C 570 -30.67 -19.55 -3.31
CA ALA C 570 -29.50 -18.67 -3.44
C ALA C 570 -29.42 -17.67 -2.28
N ASP C 571 -30.06 -17.95 -1.15
CA ASP C 571 -29.94 -17.14 0.06
C ASP C 571 -30.34 -15.69 -0.16
N THR C 572 -31.61 -15.46 -0.47
CA THR C 572 -32.17 -14.12 -0.57
C THR C 572 -33.22 -13.94 0.52
N THR C 573 -33.23 -12.78 1.16
CA THR C 573 -34.10 -12.56 2.31
C THR C 573 -35.55 -12.40 1.85
N ASP C 574 -36.25 -13.52 1.69
CA ASP C 574 -37.62 -13.54 1.21
C ASP C 574 -38.57 -12.89 2.22
N ALA C 575 -38.43 -13.23 3.50
CA ALA C 575 -39.38 -12.79 4.50
C ALA C 575 -38.65 -12.40 5.78
N VAL C 576 -39.40 -11.78 6.69
CA VAL C 576 -38.86 -11.35 7.97
C VAL C 576 -40.00 -11.43 8.99
N ARG C 577 -39.64 -11.40 10.27
CA ARG C 577 -40.62 -11.39 11.34
C ARG C 577 -40.51 -10.10 12.13
N ASP C 578 -41.65 -9.47 12.40
CA ASP C 578 -41.68 -8.19 13.08
C ASP C 578 -41.31 -8.37 14.55
N PRO C 579 -40.28 -7.67 15.06
CA PRO C 579 -39.83 -7.85 16.45
C PRO C 579 -40.70 -7.15 17.49
N GLN C 580 -41.84 -6.63 17.06
CA GLN C 580 -42.72 -5.89 17.98
C GLN C 580 -44.12 -6.47 18.00
N THR C 581 -44.58 -6.99 16.85
CA THR C 581 -45.91 -7.58 16.74
C THR C 581 -45.87 -9.07 16.44
N LEU C 582 -44.74 -9.59 15.99
CA LEU C 582 -44.55 -11.00 15.67
C LEU C 582 -45.53 -11.45 14.59
N GLU C 583 -45.40 -10.80 13.44
CA GLU C 583 -46.12 -11.17 12.23
C GLU C 583 -45.10 -11.29 11.10
N ILE C 584 -45.46 -12.09 10.09
CA ILE C 584 -44.54 -12.39 9.00
C ILE C 584 -44.77 -11.39 7.87
N LEU C 585 -43.68 -10.75 7.44
CA LEU C 585 -43.73 -9.77 6.37
C LEU C 585 -42.89 -10.26 5.20
N ASP C 586 -43.49 -10.23 4.01
CA ASP C 586 -42.81 -10.61 2.78
C ASP C 586 -42.08 -9.38 2.22
N ILE C 587 -40.90 -9.62 1.68
CA ILE C 587 -40.04 -8.57 1.14
C ILE C 587 -39.82 -8.87 -0.33
N THR C 588 -40.33 -8.01 -1.19
CA THR C 588 -39.89 -8.11 -2.58
C THR C 588 -39.22 -6.82 -3.00
N PRO C 589 -38.18 -6.89 -3.84
CA PRO C 589 -37.50 -5.66 -4.26
C PRO C 589 -38.41 -4.79 -5.10
N CYS C 590 -38.27 -3.48 -4.92
CA CYS C 590 -39.10 -2.55 -5.67
C CYS C 590 -38.62 -2.47 -7.11
N SER C 591 -39.49 -1.94 -7.97
CA SER C 591 -39.41 -2.21 -9.41
C SER C 591 -38.15 -1.66 -10.05
N PHE C 592 -37.65 -2.40 -11.03
CA PHE C 592 -36.55 -1.96 -11.88
C PHE C 592 -36.72 -2.60 -13.25
N GLY C 593 -36.11 -2.00 -14.25
CA GLY C 593 -36.21 -2.53 -15.60
C GLY C 593 -35.48 -1.66 -16.58
N GLY C 594 -35.63 -2.00 -17.87
CA GLY C 594 -35.09 -1.19 -18.93
C GLY C 594 -36.12 -0.28 -19.55
N VAL C 595 -35.64 0.70 -20.32
CA VAL C 595 -36.52 1.64 -21.01
C VAL C 595 -36.19 1.58 -22.50
N SER C 596 -37.22 1.35 -23.32
CA SER C 596 -37.05 1.30 -24.76
C SER C 596 -37.80 2.45 -25.42
N VAL C 597 -37.27 2.90 -26.55
CA VAL C 597 -37.81 4.03 -27.29
C VAL C 597 -38.24 3.54 -28.68
N ILE C 598 -39.49 3.80 -29.03
CA ILE C 598 -40.07 3.38 -30.30
C ILE C 598 -40.28 4.64 -31.14
N THR C 599 -39.64 4.67 -32.31
CA THR C 599 -39.75 5.81 -33.20
C THR C 599 -39.93 5.34 -34.64
N PRO C 600 -40.69 6.06 -35.46
CA PRO C 600 -40.82 5.72 -36.88
C PRO C 600 -39.73 6.30 -37.76
N GLY C 601 -38.67 6.86 -37.20
CA GLY C 601 -37.62 7.47 -37.98
C GLY C 601 -37.70 8.98 -37.98
N THR C 602 -36.57 9.65 -37.80
CA THR C 602 -36.56 11.11 -37.76
C THR C 602 -36.96 11.70 -39.11
N ASN C 603 -36.74 10.95 -40.19
CA ASN C 603 -37.17 11.38 -41.52
C ASN C 603 -38.69 11.51 -41.63
N THR C 604 -39.44 10.67 -40.92
CA THR C 604 -40.90 10.70 -41.00
C THR C 604 -41.51 11.64 -39.96
N SER C 605 -41.15 11.45 -38.69
CA SER C 605 -41.73 12.26 -37.61
C SER C 605 -40.80 12.23 -36.42
N ASN C 606 -41.04 13.15 -35.49
CA ASN C 606 -40.32 13.21 -34.23
C ASN C 606 -41.08 12.57 -33.07
N GLN C 607 -42.24 11.98 -33.33
CA GLN C 607 -43.02 11.37 -32.26
C GLN C 607 -42.32 10.12 -31.74
N VAL C 608 -42.40 9.93 -30.43
CA VAL C 608 -41.68 8.85 -29.75
C VAL C 608 -42.62 8.21 -28.73
N ALA C 609 -42.59 6.88 -28.66
CA ALA C 609 -43.28 6.13 -27.62
C ALA C 609 -42.26 5.48 -26.71
N VAL C 610 -42.63 5.27 -25.45
CA VAL C 610 -41.71 4.74 -24.45
C VAL C 610 -42.28 3.45 -23.89
N LEU C 611 -41.45 2.42 -23.82
CA LEU C 611 -41.82 1.14 -23.24
C LEU C 611 -41.02 0.94 -21.96
N TYR C 612 -41.72 0.73 -20.85
CA TYR C 612 -41.10 0.31 -19.59
C TYR C 612 -41.31 -1.19 -19.47
N GLN C 613 -40.21 -1.94 -19.42
CA GLN C 613 -40.25 -3.37 -19.68
C GLN C 613 -40.73 -4.21 -18.51
N GLY C 614 -40.00 -4.18 -17.40
CA GLY C 614 -40.34 -5.07 -16.31
C GLY C 614 -41.12 -4.44 -15.18
N VAL C 615 -41.96 -3.46 -15.48
CA VAL C 615 -42.70 -2.73 -14.46
C VAL C 615 -44.14 -2.56 -14.93
N ASN C 616 -45.02 -2.26 -13.98
CA ASN C 616 -46.41 -1.91 -14.25
C ASN C 616 -46.61 -0.43 -13.93
N CYS C 617 -46.34 0.43 -14.92
CA CYS C 617 -46.32 1.86 -14.62
C CYS C 617 -47.71 2.45 -14.46
N THR C 618 -48.76 1.63 -14.54
CA THR C 618 -50.04 2.06 -14.00
C THR C 618 -49.95 2.34 -12.51
N GLU C 619 -48.96 1.73 -11.84
CA GLU C 619 -48.58 2.03 -10.46
C GLU C 619 -47.08 2.25 -10.37
N VAL C 620 -46.54 3.06 -11.29
CA VAL C 620 -45.10 3.29 -11.40
C VAL C 620 -44.49 3.73 -10.09
N ASN C 641 -50.91 8.70 -23.56
CA ASN C 641 -51.78 7.58 -23.23
C ASN C 641 -51.00 6.47 -22.53
N VAL C 642 -51.71 5.57 -21.84
CA VAL C 642 -51.09 4.49 -21.09
C VAL C 642 -51.74 3.18 -21.49
N PHE C 643 -50.92 2.19 -21.82
CA PHE C 643 -51.41 0.85 -22.16
C PHE C 643 -50.56 -0.17 -21.42
N GLN C 644 -51.17 -1.30 -21.08
CA GLN C 644 -50.48 -2.37 -20.36
C GLN C 644 -50.42 -3.62 -21.21
N THR C 645 -49.20 -4.17 -21.36
CA THR C 645 -48.98 -5.38 -22.14
C THR C 645 -48.22 -6.37 -21.27
N ARG C 646 -48.24 -7.64 -21.70
CA ARG C 646 -47.46 -8.65 -21.00
C ARG C 646 -45.98 -8.38 -21.06
N ALA C 647 -45.53 -7.49 -21.95
CA ALA C 647 -44.15 -7.07 -22.03
C ALA C 647 -43.82 -5.84 -21.22
N GLY C 648 -44.80 -5.26 -20.52
CA GLY C 648 -44.55 -4.08 -19.71
C GLY C 648 -45.67 -3.08 -19.85
N CYS C 649 -45.31 -1.81 -19.93
CA CYS C 649 -46.28 -0.75 -20.15
C CYS C 649 -45.79 0.22 -21.20
N LEU C 650 -46.72 0.71 -22.02
CA LEU C 650 -46.41 1.56 -23.16
C LEU C 650 -47.05 2.92 -22.98
N ILE C 651 -46.26 3.98 -23.15
CA ILE C 651 -46.70 5.35 -22.98
C ILE C 651 -46.47 6.09 -24.28
N GLY C 652 -47.51 6.76 -24.78
CA GLY C 652 -47.43 7.50 -26.01
C GLY C 652 -48.02 6.82 -27.22
N ALA C 653 -48.68 5.68 -27.04
CA ALA C 653 -49.33 4.98 -28.14
C ALA C 653 -50.69 4.50 -27.69
N GLU C 654 -51.63 4.42 -28.62
CA GLU C 654 -53.00 3.98 -28.33
C GLU C 654 -53.27 2.63 -28.96
N TYR C 655 -54.08 1.82 -28.27
CA TYR C 655 -54.38 0.47 -28.74
C TYR C 655 -55.60 0.47 -29.64
N VAL C 656 -55.46 -0.19 -30.80
CA VAL C 656 -56.56 -0.31 -31.76
C VAL C 656 -56.91 -1.78 -31.91
N ASN C 657 -58.15 -2.04 -32.29
CA ASN C 657 -58.65 -3.41 -32.38
C ASN C 657 -58.33 -4.08 -33.72
N SER C 658 -58.05 -3.30 -34.76
CA SER C 658 -57.71 -3.87 -36.05
C SER C 658 -56.30 -4.45 -36.01
N SER C 659 -56.09 -5.55 -36.74
CA SER C 659 -54.81 -6.24 -36.77
C SER C 659 -54.12 -6.01 -38.11
N TYR C 660 -52.80 -5.91 -38.07
CA TYR C 660 -51.99 -5.70 -39.26
C TYR C 660 -50.72 -6.54 -39.17
N GLU C 661 -50.11 -6.78 -40.33
CA GLU C 661 -48.76 -7.34 -40.36
C GLU C 661 -47.78 -6.28 -39.91
N CYS C 662 -47.16 -6.48 -38.76
CA CYS C 662 -46.47 -5.39 -38.08
C CYS C 662 -45.03 -5.25 -38.55
N ASP C 663 -44.47 -4.08 -38.26
CA ASP C 663 -43.09 -3.75 -38.59
C ASP C 663 -42.21 -3.46 -37.39
N ILE C 664 -42.78 -2.96 -36.29
CA ILE C 664 -42.01 -2.73 -35.08
C ILE C 664 -42.47 -3.71 -34.01
N PRO C 665 -41.66 -4.73 -33.68
CA PRO C 665 -42.09 -5.73 -32.69
C PRO C 665 -41.87 -5.23 -31.27
N ILE C 666 -42.97 -5.06 -30.53
CA ILE C 666 -42.91 -4.71 -29.12
C ILE C 666 -42.73 -5.95 -28.25
N GLY C 667 -43.55 -6.96 -28.46
CA GLY C 667 -43.40 -8.22 -27.77
C GLY C 667 -44.74 -8.80 -27.34
N ALA C 668 -44.73 -10.10 -27.05
CA ALA C 668 -45.91 -10.82 -26.58
C ALA C 668 -47.09 -10.66 -27.53
N GLY C 669 -46.80 -10.66 -28.83
CA GLY C 669 -47.82 -10.51 -29.84
C GLY C 669 -48.21 -9.09 -30.16
N ILE C 670 -47.63 -8.11 -29.48
CA ILE C 670 -47.99 -6.70 -29.66
C ILE C 670 -46.94 -6.03 -30.52
N CYS C 671 -47.38 -5.26 -31.51
CA CYS C 671 -46.51 -4.51 -32.39
C CYS C 671 -46.97 -3.06 -32.44
N ALA C 672 -46.19 -2.21 -33.11
CA ALA C 672 -46.50 -0.80 -33.21
C ALA C 672 -46.20 -0.32 -34.62
N SER C 673 -46.86 0.77 -35.01
CA SER C 673 -46.69 1.35 -36.34
C SER C 673 -47.16 2.79 -36.32
N TYR C 674 -46.81 3.52 -37.38
CA TYR C 674 -47.23 4.90 -37.53
C TYR C 674 -48.54 4.97 -38.31
N GLN C 675 -49.58 5.54 -37.68
CA GLN C 675 -50.90 5.58 -38.29
C GLN C 675 -50.91 6.42 -39.56
N THR C 676 -50.21 7.56 -39.52
CA THR C 676 -50.14 8.48 -40.66
C THR C 676 -51.52 8.91 -41.13
N GLN C 690 -51.90 11.53 -37.91
CA GLN C 690 -50.68 10.76 -37.75
C GLN C 690 -50.35 10.53 -36.28
N SER C 691 -50.26 9.26 -35.89
CA SER C 691 -49.95 8.90 -34.51
C SER C 691 -49.33 7.52 -34.50
N ILE C 692 -48.88 7.11 -33.32
CA ILE C 692 -48.32 5.78 -33.11
C ILE C 692 -49.39 4.91 -32.47
N ILE C 693 -49.67 3.77 -33.09
CA ILE C 693 -50.70 2.85 -32.64
C ILE C 693 -50.08 1.53 -32.27
N ALA C 694 -50.64 0.87 -31.26
CA ALA C 694 -50.25 -0.48 -30.87
C ALA C 694 -51.39 -1.44 -31.19
N TYR C 695 -51.04 -2.66 -31.59
CA TYR C 695 -52.04 -3.63 -32.01
C TYR C 695 -51.49 -5.03 -31.88
N THR C 696 -52.40 -6.00 -31.98
CA THR C 696 -52.03 -7.41 -32.03
C THR C 696 -51.74 -7.81 -33.46
N MET C 697 -50.71 -8.64 -33.65
CA MET C 697 -50.30 -9.02 -34.99
C MET C 697 -51.37 -9.86 -35.67
N SER C 698 -51.36 -9.84 -37.01
CA SER C 698 -52.16 -10.73 -37.84
C SER C 698 -51.21 -11.65 -38.59
N LEU C 699 -51.54 -12.94 -38.61
CA LEU C 699 -50.69 -13.95 -39.24
C LEU C 699 -51.01 -14.14 -40.73
N GLY C 700 -51.93 -13.36 -41.27
CA GLY C 700 -52.33 -13.47 -42.66
C GLY C 700 -53.82 -13.70 -42.80
N ALA C 701 -54.27 -13.62 -44.06
CA ALA C 701 -55.68 -13.80 -44.37
C ALA C 701 -56.08 -15.27 -44.24
N GLU C 702 -57.34 -15.50 -43.87
CA GLU C 702 -57.85 -16.85 -43.70
C GLU C 702 -58.39 -17.36 -45.03
N ASN C 703 -57.96 -18.56 -45.42
CA ASN C 703 -58.34 -19.18 -46.68
C ASN C 703 -58.92 -20.55 -46.39
N SER C 704 -60.22 -20.71 -46.62
CA SER C 704 -60.88 -22.01 -46.48
C SER C 704 -60.98 -22.63 -47.87
N VAL C 705 -60.03 -23.52 -48.17
CA VAL C 705 -60.03 -24.19 -49.47
C VAL C 705 -61.20 -25.16 -49.54
N ALA C 706 -61.81 -25.24 -50.72
CA ALA C 706 -63.06 -25.98 -50.90
C ALA C 706 -62.75 -27.46 -51.04
N TYR C 707 -62.66 -28.16 -49.92
CA TYR C 707 -62.40 -29.59 -49.95
C TYR C 707 -63.68 -30.35 -50.28
N SER C 708 -63.53 -31.37 -51.12
CA SER C 708 -64.63 -32.27 -51.47
C SER C 708 -64.03 -33.63 -51.78
N ASN C 709 -64.87 -34.65 -51.72
CA ASN C 709 -64.36 -36.01 -51.92
C ASN C 709 -64.38 -36.45 -53.38
N ASN C 710 -64.79 -35.59 -54.32
CA ASN C 710 -64.66 -35.91 -55.73
C ASN C 710 -64.30 -34.71 -56.61
N SER C 711 -63.74 -33.64 -56.04
CA SER C 711 -63.43 -32.44 -56.80
C SER C 711 -61.95 -32.15 -56.74
N ILE C 712 -61.41 -31.65 -57.86
CA ILE C 712 -59.99 -31.33 -57.97
C ILE C 712 -59.85 -29.95 -58.59
N ALA C 713 -58.69 -29.33 -58.39
CA ALA C 713 -58.33 -28.07 -59.02
C ALA C 713 -57.05 -28.29 -59.83
N ILE C 714 -57.09 -27.89 -61.11
CA ILE C 714 -55.95 -28.08 -61.99
C ILE C 714 -55.58 -26.74 -62.62
N PRO C 715 -54.30 -26.37 -62.64
CA PRO C 715 -53.91 -25.08 -63.21
C PRO C 715 -53.90 -25.12 -64.74
N THR C 716 -54.36 -24.02 -65.34
CA THR C 716 -54.42 -23.89 -66.78
C THR C 716 -53.37 -22.94 -67.35
N ASN C 717 -52.48 -22.41 -66.51
CA ASN C 717 -51.44 -21.51 -66.97
C ASN C 717 -50.27 -21.57 -66.00
N PHE C 718 -49.20 -20.85 -66.31
CA PHE C 718 -48.02 -20.84 -65.48
C PHE C 718 -47.31 -19.49 -65.59
N THR C 719 -46.48 -19.20 -64.59
CA THR C 719 -45.58 -18.05 -64.62
C THR C 719 -44.22 -18.53 -64.15
N ILE C 720 -43.16 -18.04 -64.79
CA ILE C 720 -41.81 -18.35 -64.38
C ILE C 720 -41.22 -17.12 -63.68
N SER C 721 -40.66 -17.34 -62.50
CA SER C 721 -40.24 -16.25 -61.63
C SER C 721 -38.77 -16.39 -61.25
N VAL C 722 -38.17 -15.26 -60.89
CA VAL C 722 -36.77 -15.20 -60.51
C VAL C 722 -36.68 -14.63 -59.09
N THR C 723 -35.94 -15.32 -58.23
CA THR C 723 -35.81 -14.97 -56.82
C THR C 723 -34.33 -14.77 -56.50
N THR C 724 -34.05 -13.81 -55.61
CA THR C 724 -32.68 -13.48 -55.24
C THR C 724 -32.38 -13.98 -53.83
N GLU C 725 -31.25 -14.66 -53.67
CA GLU C 725 -30.79 -15.12 -52.37
C GLU C 725 -29.36 -14.63 -52.12
N ILE C 726 -29.12 -14.06 -50.95
CA ILE C 726 -27.81 -13.50 -50.60
C ILE C 726 -27.19 -14.32 -49.48
N LEU C 727 -25.91 -14.67 -49.64
CA LEU C 727 -25.20 -15.45 -48.63
C LEU C 727 -23.78 -14.94 -48.42
N PRO C 728 -23.38 -14.62 -47.19
CA PRO C 728 -21.99 -14.26 -46.93
C PRO C 728 -21.07 -15.47 -46.99
N VAL C 729 -19.85 -15.26 -47.48
CA VAL C 729 -18.92 -16.37 -47.72
C VAL C 729 -17.67 -16.24 -46.86
N SER C 730 -17.25 -15.02 -46.55
CA SER C 730 -15.99 -14.84 -45.83
C SER C 730 -16.03 -13.51 -45.08
N MET C 731 -14.97 -13.27 -44.31
CA MET C 731 -14.78 -12.04 -43.55
C MET C 731 -13.34 -11.57 -43.73
N THR C 732 -13.03 -10.42 -43.14
CA THR C 732 -11.70 -9.83 -43.29
C THR C 732 -10.67 -10.59 -42.47
N LYS C 733 -9.45 -10.69 -43.01
CA LYS C 733 -8.36 -11.36 -42.33
C LYS C 733 -7.52 -10.35 -41.57
N THR C 734 -7.38 -10.56 -40.27
CA THR C 734 -6.71 -9.61 -39.39
C THR C 734 -5.60 -10.31 -38.61
N SER C 735 -4.54 -9.57 -38.31
CA SER C 735 -3.43 -10.06 -37.50
C SER C 735 -3.11 -9.03 -36.42
N VAL C 736 -2.53 -9.50 -35.33
CA VAL C 736 -2.20 -8.64 -34.19
C VAL C 736 -0.74 -8.84 -33.83
N ASP C 737 -0.11 -7.76 -33.35
CA ASP C 737 1.20 -7.83 -32.72
C ASP C 737 0.97 -7.71 -31.21
N CYS C 738 1.38 -8.73 -30.47
CA CYS C 738 1.08 -8.77 -29.03
C CYS C 738 1.76 -7.62 -28.31
N THR C 739 3.09 -7.56 -28.36
CA THR C 739 3.83 -6.57 -27.59
C THR C 739 3.53 -5.15 -28.06
N MET C 740 3.45 -4.93 -29.38
CA MET C 740 3.20 -3.59 -29.89
C MET C 740 1.84 -3.09 -29.46
N TYR C 741 0.82 -3.95 -29.48
CA TYR C 741 -0.48 -3.54 -28.96
C TYR C 741 -0.43 -3.29 -27.46
N ILE C 742 0.26 -4.16 -26.73
CA ILE C 742 0.27 -4.05 -25.27
C ILE C 742 0.91 -2.74 -24.84
N CYS C 743 2.19 -2.56 -25.13
CA CYS C 743 2.90 -1.37 -24.67
C CYS C 743 3.90 -0.85 -25.71
N GLY C 744 3.50 -0.89 -26.98
CA GLY C 744 4.21 -0.22 -28.06
C GLY C 744 5.73 -0.25 -28.03
N ASP C 745 6.32 -1.44 -27.94
CA ASP C 745 7.78 -1.61 -27.98
C ASP C 745 8.47 -0.83 -26.85
N SER C 746 8.19 -1.25 -25.62
CA SER C 746 8.82 -0.71 -24.42
C SER C 746 9.65 -1.81 -23.77
N THR C 747 10.92 -1.51 -23.49
CA THR C 747 11.86 -2.54 -23.07
C THR C 747 11.50 -3.11 -21.70
N GLU C 748 11.30 -2.25 -20.70
CA GLU C 748 10.96 -2.73 -19.37
C GLU C 748 9.63 -3.45 -19.36
N CYS C 749 8.63 -2.90 -20.07
CA CYS C 749 7.35 -3.56 -20.20
C CYS C 749 7.45 -4.91 -20.91
N SER C 750 8.26 -4.99 -21.97
CA SER C 750 8.44 -6.28 -22.64
C SER C 750 9.08 -7.29 -21.70
N ASN C 751 10.09 -6.86 -20.94
CA ASN C 751 10.72 -7.76 -19.98
C ASN C 751 9.72 -8.26 -18.95
N LEU C 752 8.85 -7.37 -18.45
CA LEU C 752 7.80 -7.77 -17.54
C LEU C 752 6.75 -8.65 -18.21
N LEU C 753 6.58 -8.52 -19.53
CA LEU C 753 5.56 -9.30 -20.24
C LEU C 753 6.00 -10.74 -20.52
N LEU C 754 7.28 -10.95 -20.82
CA LEU C 754 7.73 -12.31 -21.16
C LEU C 754 7.63 -13.30 -20.00
N GLN C 755 7.19 -12.87 -18.82
CA GLN C 755 7.02 -13.81 -17.71
C GLN C 755 5.60 -14.37 -17.61
N TYR C 756 4.71 -14.01 -18.53
CA TYR C 756 3.32 -14.46 -18.44
C TYR C 756 3.06 -15.75 -19.18
N GLY C 757 4.02 -16.28 -19.93
CA GLY C 757 3.88 -17.55 -20.60
C GLY C 757 3.79 -17.37 -22.12
N SER C 758 2.87 -18.11 -22.73
CA SER C 758 2.71 -18.13 -24.18
C SER C 758 1.31 -17.75 -24.63
N PHE C 759 0.75 -16.68 -24.05
CA PHE C 759 -0.55 -16.20 -24.49
C PHE C 759 -0.48 -15.67 -25.93
N CYS C 760 0.56 -14.90 -26.23
CA CYS C 760 0.66 -14.27 -27.55
C CYS C 760 0.76 -15.31 -28.66
N THR C 761 1.50 -16.39 -28.41
CA THR C 761 1.60 -17.46 -29.40
C THR C 761 0.23 -18.08 -29.67
N GLN C 762 -0.55 -18.32 -28.60
CA GLN C 762 -1.88 -18.88 -28.76
C GLN C 762 -2.78 -17.96 -29.59
N LEU C 763 -2.77 -16.67 -29.26
CA LEU C 763 -3.62 -15.72 -29.99
C LEU C 763 -3.21 -15.62 -31.46
N LYS C 764 -1.91 -15.57 -31.72
CA LYS C 764 -1.44 -15.49 -33.10
C LYS C 764 -1.81 -16.74 -33.88
N ARG C 765 -1.69 -17.92 -33.25
CA ARG C 765 -2.08 -19.15 -33.91
C ARG C 765 -3.57 -19.17 -34.23
N ALA C 766 -4.39 -18.71 -33.30
CA ALA C 766 -5.83 -18.67 -33.54
C ALA C 766 -6.18 -17.76 -34.72
N LEU C 767 -5.57 -16.58 -34.77
CA LEU C 767 -5.87 -15.65 -35.86
C LEU C 767 -5.38 -16.20 -37.20
N THR C 768 -4.21 -16.85 -37.20
CA THR C 768 -3.73 -17.47 -38.43
C THR C 768 -4.68 -18.54 -38.92
N GLY C 769 -5.19 -19.37 -38.00
CA GLY C 769 -6.17 -20.37 -38.38
C GLY C 769 -7.43 -19.75 -38.95
N ILE C 770 -7.88 -18.64 -38.36
CA ILE C 770 -9.07 -17.96 -38.88
C ILE C 770 -8.84 -17.48 -40.32
N ALA C 771 -7.67 -16.89 -40.58
CA ALA C 771 -7.39 -16.39 -41.93
C ALA C 771 -7.33 -17.52 -42.94
N VAL C 772 -6.65 -18.62 -42.59
CA VAL C 772 -6.58 -19.77 -43.50
C VAL C 772 -7.98 -20.32 -43.76
N GLU C 773 -8.82 -20.36 -42.73
CA GLU C 773 -10.19 -20.83 -42.91
C GLU C 773 -10.98 -19.94 -43.85
N GLN C 774 -10.79 -18.61 -43.76
CA GLN C 774 -11.49 -17.72 -44.68
C GLN C 774 -11.09 -17.98 -46.13
N ASP C 775 -9.78 -18.14 -46.38
CA ASP C 775 -9.34 -18.43 -47.74
C ASP C 775 -9.91 -19.76 -48.23
N LYS C 776 -9.93 -20.77 -47.35
CA LYS C 776 -10.50 -22.06 -47.71
C LYS C 776 -11.99 -21.97 -48.01
N ASN C 777 -12.72 -21.14 -47.25
CA ASN C 777 -14.15 -20.96 -47.51
C ASN C 777 -14.37 -20.40 -48.91
N THR C 778 -13.61 -19.36 -49.26
CA THR C 778 -13.76 -18.79 -50.60
C THR C 778 -13.43 -19.80 -51.68
N GLN C 779 -12.33 -20.54 -51.51
CA GLN C 779 -11.95 -21.56 -52.49
C GLN C 779 -13.04 -22.62 -52.64
N GLU C 780 -13.60 -23.08 -51.52
CA GLU C 780 -14.62 -24.11 -51.56
C GLU C 780 -15.89 -23.63 -52.24
N VAL C 781 -16.31 -22.39 -51.98
CA VAL C 781 -17.54 -21.90 -52.59
C VAL C 781 -17.38 -21.66 -54.08
N PHE C 782 -16.27 -21.03 -54.49
CA PHE C 782 -16.25 -20.51 -55.86
C PHE C 782 -15.50 -21.40 -56.85
N ALA C 783 -14.40 -22.03 -56.45
CA ALA C 783 -13.55 -22.77 -57.39
C ALA C 783 -14.01 -24.22 -57.54
N GLN C 784 -15.22 -24.37 -58.08
CA GLN C 784 -15.79 -25.70 -58.29
C GLN C 784 -15.61 -26.19 -59.72
N VAL C 785 -15.65 -25.28 -60.69
CA VAL C 785 -15.53 -25.65 -62.10
C VAL C 785 -14.08 -25.98 -62.41
N LYS C 786 -13.87 -26.98 -63.26
CA LYS C 786 -12.53 -27.46 -63.59
C LYS C 786 -11.87 -26.62 -64.67
N GLN C 787 -12.63 -26.14 -65.65
CA GLN C 787 -12.10 -25.41 -66.79
C GLN C 787 -12.84 -24.09 -66.94
N ILE C 788 -12.15 -23.09 -67.49
CA ILE C 788 -12.74 -21.78 -67.73
C ILE C 788 -13.51 -21.85 -69.05
N TYR C 789 -14.83 -22.00 -68.96
CA TYR C 789 -15.67 -22.07 -70.15
C TYR C 789 -15.97 -20.68 -70.67
N LYS C 790 -15.93 -20.51 -71.99
CA LYS C 790 -16.13 -19.22 -72.62
C LYS C 790 -17.46 -19.18 -73.37
N THR C 791 -18.09 -18.01 -73.34
CA THR C 791 -19.38 -17.79 -73.99
C THR C 791 -19.19 -17.69 -75.50
N PRO C 792 -20.06 -18.32 -76.29
CA PRO C 792 -19.96 -18.21 -77.74
C PRO C 792 -20.19 -16.78 -78.21
N PRO C 793 -19.59 -16.38 -79.34
CA PRO C 793 -19.76 -14.99 -79.79
C PRO C 793 -21.15 -14.69 -80.30
N ILE C 794 -21.80 -15.65 -80.96
CA ILE C 794 -23.18 -15.49 -81.41
C ILE C 794 -24.07 -15.75 -80.20
N LYS C 795 -24.55 -14.68 -79.57
CA LYS C 795 -25.30 -14.79 -78.31
C LYS C 795 -26.81 -14.79 -78.57
N TYR C 796 -27.27 -15.89 -79.17
CA TYR C 796 -28.69 -16.14 -79.37
C TYR C 796 -29.03 -17.49 -78.79
N PHE C 797 -29.97 -17.54 -77.86
CA PHE C 797 -30.36 -18.75 -77.17
C PHE C 797 -31.86 -18.97 -77.23
N GLY C 798 -32.43 -18.86 -78.43
CA GLY C 798 -33.85 -19.11 -78.64
C GLY C 798 -34.78 -18.11 -78.00
N GLY C 799 -34.39 -16.84 -77.99
CA GLY C 799 -35.22 -15.79 -77.46
C GLY C 799 -34.93 -15.39 -76.03
N PHE C 800 -34.16 -16.19 -75.30
CA PHE C 800 -33.82 -15.84 -73.93
C PHE C 800 -32.67 -14.83 -73.91
N ASN C 801 -32.78 -13.84 -73.04
CA ASN C 801 -31.84 -12.72 -72.98
C ASN C 801 -31.07 -12.82 -71.65
N PHE C 802 -29.78 -13.10 -71.74
CA PHE C 802 -28.91 -13.20 -70.58
C PHE C 802 -27.98 -12.00 -70.45
N SER C 803 -28.33 -10.86 -71.04
CA SER C 803 -27.42 -9.72 -71.08
C SER C 803 -27.17 -9.14 -69.70
N GLN C 804 -28.13 -9.25 -68.79
CA GLN C 804 -27.97 -8.66 -67.47
C GLN C 804 -27.04 -9.46 -66.57
N ILE C 805 -26.83 -10.74 -66.86
CA ILE C 805 -25.97 -11.58 -66.03
C ILE C 805 -24.67 -11.97 -66.72
N LEU C 806 -24.57 -11.85 -68.04
CA LEU C 806 -23.31 -12.13 -68.71
C LEU C 806 -22.33 -10.99 -68.48
N PRO C 807 -21.03 -11.28 -68.47
CA PRO C 807 -20.04 -10.23 -68.26
C PRO C 807 -20.07 -9.19 -69.38
N ASP C 808 -19.81 -7.93 -69.00
CA ASP C 808 -19.81 -6.84 -69.95
C ASP C 808 -18.36 -6.51 -70.31
N PRO C 809 -17.93 -6.71 -71.55
CA PRO C 809 -16.51 -6.47 -71.88
C PRO C 809 -16.20 -5.01 -72.15
N SER C 810 -17.20 -4.13 -72.16
CA SER C 810 -16.93 -2.71 -72.32
C SER C 810 -16.17 -2.15 -71.12
N LYS C 811 -16.76 -2.26 -69.94
CA LYS C 811 -16.13 -1.75 -68.74
C LYS C 811 -14.90 -2.59 -68.38
N PRO C 812 -13.85 -1.96 -67.84
CA PRO C 812 -12.64 -2.72 -67.51
C PRO C 812 -12.84 -3.76 -66.42
N SER C 813 -13.88 -3.61 -65.60
CA SER C 813 -14.12 -4.58 -64.53
C SER C 813 -14.54 -5.94 -65.06
N LYS C 814 -15.10 -5.99 -66.28
CA LYS C 814 -15.62 -7.23 -66.87
C LYS C 814 -16.66 -7.89 -65.98
N ARG C 815 -17.50 -7.08 -65.36
CA ARG C 815 -18.60 -7.56 -64.55
C ARG C 815 -19.92 -7.34 -65.26
N SER C 816 -20.92 -8.12 -64.87
CA SER C 816 -22.28 -7.92 -65.36
C SER C 816 -22.87 -6.67 -64.73
N PRO C 817 -23.89 -6.06 -65.32
CA PRO C 817 -24.53 -4.91 -64.67
C PRO C 817 -25.05 -5.22 -63.27
N ILE C 818 -25.56 -6.44 -63.05
CA ILE C 818 -26.03 -6.82 -61.72
C ILE C 818 -24.86 -6.87 -60.74
N GLU C 819 -23.72 -7.40 -61.18
CA GLU C 819 -22.55 -7.47 -60.32
C GLU C 819 -22.04 -6.07 -59.96
N ASP C 820 -22.03 -5.15 -60.92
CA ASP C 820 -21.63 -3.78 -60.64
C ASP C 820 -22.60 -3.12 -59.67
N LEU C 821 -23.91 -3.36 -59.85
CA LEU C 821 -24.89 -2.82 -58.92
C LEU C 821 -24.65 -3.36 -57.51
N LEU C 822 -24.34 -4.66 -57.40
CA LEU C 822 -24.07 -5.24 -56.08
C LEU C 822 -22.83 -4.63 -55.45
N PHE C 823 -21.76 -4.44 -56.25
CA PHE C 823 -20.54 -3.86 -55.69
C PHE C 823 -20.74 -2.41 -55.29
N ASN C 824 -21.57 -1.66 -56.02
CA ASN C 824 -21.83 -0.27 -55.65
C ASN C 824 -22.77 -0.16 -54.45
N LYS C 825 -23.69 -1.11 -54.28
CA LYS C 825 -24.68 -0.99 -53.22
C LYS C 825 -24.06 -1.11 -51.84
N VAL C 826 -23.08 -1.99 -51.67
CA VAL C 826 -22.44 -2.22 -50.37
C VAL C 826 -20.99 -1.74 -50.44
N THR C 827 -20.69 -0.68 -49.69
CA THR C 827 -19.35 -0.12 -49.60
C THR C 827 -19.08 0.28 -48.16
N LEU C 828 -17.85 0.67 -47.89
CA LEU C 828 -17.45 1.09 -46.54
C LEU C 828 -17.33 2.60 -46.45
N PHE C 855 -2.20 1.85 -37.35
CA PHE C 855 -2.79 1.20 -36.18
C PHE C 855 -1.76 1.03 -35.07
N ASN C 856 -2.05 0.11 -34.16
CA ASN C 856 -1.20 -0.19 -33.01
C ASN C 856 -0.74 -1.64 -33.01
N GLY C 857 -0.32 -2.15 -34.16
CA GLY C 857 0.06 -3.55 -34.27
C GLY C 857 -0.98 -4.34 -35.03
N LEU C 858 -2.18 -3.78 -35.18
CA LEU C 858 -3.24 -4.42 -35.93
C LEU C 858 -3.05 -4.18 -37.43
N THR C 859 -3.41 -5.19 -38.22
CA THR C 859 -3.25 -5.10 -39.67
C THR C 859 -4.29 -5.96 -40.38
N VAL C 860 -4.49 -5.69 -41.67
CA VAL C 860 -5.50 -6.39 -42.46
C VAL C 860 -4.84 -7.10 -43.64
N LEU C 861 -4.78 -8.43 -43.57
CA LEU C 861 -4.22 -9.23 -44.64
C LEU C 861 -5.18 -9.25 -45.83
N PRO C 862 -4.69 -9.05 -47.04
CA PRO C 862 -5.57 -9.07 -48.22
C PRO C 862 -6.05 -10.48 -48.53
N PRO C 863 -7.19 -10.62 -49.18
CA PRO C 863 -7.65 -11.96 -49.59
C PRO C 863 -6.77 -12.55 -50.68
N LEU C 864 -6.80 -13.87 -50.82
CA LEU C 864 -5.95 -14.55 -51.78
C LEU C 864 -6.47 -14.41 -53.20
N LEU C 865 -7.75 -14.71 -53.41
CA LEU C 865 -8.37 -14.50 -54.71
C LEU C 865 -8.92 -13.08 -54.82
N THR C 866 -8.53 -12.37 -55.86
CA THR C 866 -9.04 -11.03 -56.07
C THR C 866 -10.48 -11.09 -56.58
N ASP C 867 -11.12 -9.91 -56.63
CA ASP C 867 -12.50 -9.84 -57.09
C ASP C 867 -12.60 -10.21 -58.56
N GLU C 868 -11.57 -9.87 -59.35
CA GLU C 868 -11.58 -10.20 -60.76
C GLU C 868 -11.58 -11.71 -61.00
N MET C 869 -10.78 -12.44 -60.20
CA MET C 869 -10.76 -13.89 -60.34
C MET C 869 -12.10 -14.52 -59.96
N ILE C 870 -12.76 -14.01 -58.92
CA ILE C 870 -14.06 -14.51 -58.54
C ILE C 870 -15.09 -14.22 -59.64
N ALA C 871 -15.00 -13.04 -60.25
CA ALA C 871 -15.87 -12.74 -61.38
C ALA C 871 -15.61 -13.67 -62.55
N GLN C 872 -14.35 -14.02 -62.81
CA GLN C 872 -14.02 -14.97 -63.86
C GLN C 872 -14.61 -16.35 -63.56
N TYR C 873 -14.53 -16.79 -62.30
CA TYR C 873 -15.15 -18.05 -61.91
C TYR C 873 -16.65 -18.04 -62.14
N THR C 874 -17.31 -16.95 -61.75
CA THR C 874 -18.75 -16.84 -61.95
C THR C 874 -19.10 -16.85 -63.44
N SER C 875 -18.30 -16.17 -64.25
CA SER C 875 -18.52 -16.17 -65.69
C SER C 875 -18.36 -17.57 -66.27
N ALA C 876 -17.36 -18.33 -65.82
CA ALA C 876 -17.18 -19.69 -66.29
C ALA C 876 -18.37 -20.57 -65.92
N LEU C 877 -18.87 -20.44 -64.69
CA LEU C 877 -20.04 -21.21 -64.28
C LEU C 877 -21.25 -20.87 -65.13
N LEU C 878 -21.47 -19.58 -65.39
CA LEU C 878 -22.61 -19.16 -66.19
C LEU C 878 -22.50 -19.69 -67.62
N ALA C 879 -21.31 -19.58 -68.22
CA ALA C 879 -21.13 -20.08 -69.58
C ALA C 879 -21.37 -21.58 -69.65
N GLY C 880 -20.86 -22.32 -68.66
CA GLY C 880 -21.08 -23.76 -68.65
C GLY C 880 -22.55 -24.12 -68.54
N THR C 881 -23.26 -23.48 -67.61
CA THR C 881 -24.66 -23.85 -67.42
C THR C 881 -25.54 -23.38 -68.58
N ILE C 882 -25.10 -22.36 -69.31
CA ILE C 882 -25.92 -21.90 -70.44
C ILE C 882 -25.66 -22.73 -71.68
N THR C 883 -24.42 -23.18 -71.91
CA THR C 883 -24.11 -23.89 -73.14
C THR C 883 -24.16 -25.40 -73.01
N SER C 884 -24.17 -25.96 -71.81
CA SER C 884 -24.10 -27.41 -71.65
C SER C 884 -25.09 -27.98 -70.65
N GLY C 885 -25.98 -27.17 -70.07
CA GLY C 885 -26.92 -27.71 -69.11
C GLY C 885 -26.23 -28.14 -67.84
N TRP C 886 -26.62 -29.31 -67.33
CA TRP C 886 -26.01 -29.86 -66.13
C TRP C 886 -24.89 -30.84 -66.42
N THR C 887 -24.57 -31.08 -67.69
CA THR C 887 -23.60 -32.12 -68.03
C THR C 887 -22.19 -31.73 -67.62
N PHE C 888 -21.88 -30.43 -67.60
CA PHE C 888 -20.53 -29.99 -67.30
C PHE C 888 -20.16 -30.17 -65.83
N GLY C 889 -21.13 -30.47 -64.97
CA GLY C 889 -20.85 -30.65 -63.56
C GLY C 889 -20.59 -32.09 -63.16
N ALA C 890 -20.93 -33.03 -64.04
CA ALA C 890 -20.72 -34.44 -63.79
C ALA C 890 -19.59 -35.04 -64.62
N GLY C 891 -18.99 -34.27 -65.53
CA GLY C 891 -17.94 -34.77 -66.37
C GLY C 891 -17.62 -33.78 -67.49
N PRO C 892 -17.38 -34.30 -68.69
CA PRO C 892 -17.13 -33.40 -69.83
C PRO C 892 -18.38 -32.61 -70.17
N ALA C 893 -18.17 -31.40 -70.68
CA ALA C 893 -19.28 -30.55 -71.07
C ALA C 893 -19.78 -30.93 -72.46
N LEU C 894 -21.06 -31.23 -72.57
CA LEU C 894 -21.68 -31.62 -73.84
C LEU C 894 -22.67 -30.53 -74.24
N GLN C 895 -22.50 -30.01 -75.45
CA GLN C 895 -23.33 -28.91 -75.91
C GLN C 895 -24.76 -29.39 -76.19
N ILE C 896 -25.72 -28.49 -76.03
CA ILE C 896 -27.13 -28.79 -76.27
C ILE C 896 -27.85 -27.47 -76.52
N PRO C 897 -28.79 -27.41 -77.47
CA PRO C 897 -29.57 -26.18 -77.64
C PRO C 897 -30.33 -25.82 -76.38
N PHE C 898 -30.41 -24.52 -76.09
CA PHE C 898 -31.03 -24.08 -74.84
C PHE C 898 -32.50 -24.44 -74.71
N PRO C 899 -33.34 -24.29 -75.75
CA PRO C 899 -34.74 -24.76 -75.59
C PRO C 899 -34.85 -26.23 -75.29
N MET C 900 -33.96 -27.07 -75.82
CA MET C 900 -34.00 -28.49 -75.46
C MET C 900 -33.62 -28.71 -74.01
N GLN C 901 -32.67 -27.93 -73.48
CA GLN C 901 -32.35 -27.98 -72.07
C GLN C 901 -33.55 -27.57 -71.22
N MET C 902 -34.27 -26.53 -71.64
CA MET C 902 -35.44 -26.09 -70.89
C MET C 902 -36.56 -27.13 -70.95
N ALA C 903 -36.69 -27.84 -72.07
CA ALA C 903 -37.62 -28.96 -72.14
C ALA C 903 -37.21 -30.07 -71.18
N TYR C 904 -35.91 -30.36 -71.10
CA TYR C 904 -35.41 -31.30 -70.10
C TYR C 904 -35.86 -30.90 -68.70
N ARG C 905 -35.71 -29.62 -68.37
CA ARG C 905 -36.05 -29.18 -67.02
C ARG C 905 -37.54 -29.23 -66.77
N PHE C 906 -38.36 -28.92 -67.79
CA PHE C 906 -39.80 -29.05 -67.64
C PHE C 906 -40.20 -30.50 -67.40
N ASN C 907 -39.55 -31.43 -68.11
CA ASN C 907 -39.73 -32.85 -67.80
C ASN C 907 -39.32 -33.15 -66.36
N GLY C 908 -38.25 -32.49 -65.90
CA GLY C 908 -37.79 -32.69 -64.54
C GLY C 908 -38.79 -32.28 -63.48
N ILE C 909 -39.54 -31.22 -63.73
CA ILE C 909 -40.55 -30.76 -62.78
C ILE C 909 -41.90 -31.44 -63.01
N GLY C 910 -41.97 -32.37 -63.96
CA GLY C 910 -43.18 -33.13 -64.17
C GLY C 910 -44.15 -32.58 -65.18
N VAL C 911 -43.68 -31.82 -66.16
CA VAL C 911 -44.51 -31.29 -67.25
C VAL C 911 -43.93 -31.80 -68.57
N THR C 912 -44.81 -32.23 -69.47
CA THR C 912 -44.36 -32.76 -70.75
C THR C 912 -43.65 -31.68 -71.57
N GLN C 913 -42.68 -32.12 -72.37
CA GLN C 913 -41.82 -31.19 -73.08
C GLN C 913 -42.56 -30.40 -74.15
N ASN C 914 -43.60 -30.96 -74.75
CA ASN C 914 -44.35 -30.24 -75.77
C ASN C 914 -44.94 -28.94 -75.23
N VAL C 915 -45.30 -28.93 -73.95
CA VAL C 915 -45.83 -27.71 -73.33
C VAL C 915 -44.82 -26.57 -73.45
N LEU C 916 -43.53 -26.89 -73.40
CA LEU C 916 -42.52 -25.86 -73.60
C LEU C 916 -42.48 -25.40 -75.05
N TYR C 917 -42.56 -26.34 -76.00
CA TYR C 917 -42.33 -26.00 -77.40
C TYR C 917 -43.50 -25.23 -77.99
N GLU C 918 -44.68 -25.32 -77.40
CA GLU C 918 -45.84 -24.58 -77.87
C GLU C 918 -46.02 -23.24 -77.17
N ASN C 919 -45.14 -22.90 -76.23
CA ASN C 919 -45.22 -21.65 -75.48
C ASN C 919 -43.84 -21.00 -75.35
N GLN C 920 -42.96 -21.26 -76.31
CA GLN C 920 -41.56 -20.82 -76.18
C GLN C 920 -41.45 -19.30 -76.12
N LYS C 921 -42.20 -18.59 -76.97
CA LYS C 921 -42.11 -17.14 -76.99
C LYS C 921 -42.62 -16.53 -75.68
N LEU C 922 -43.74 -17.05 -75.17
CA LEU C 922 -44.29 -16.54 -73.92
C LEU C 922 -43.33 -16.79 -72.76
N ILE C 923 -42.74 -17.98 -72.70
CA ILE C 923 -41.81 -18.31 -71.61
C ILE C 923 -40.57 -17.42 -71.69
N ALA C 924 -40.04 -17.22 -72.90
CA ALA C 924 -38.89 -16.33 -73.06
C ALA C 924 -39.23 -14.91 -72.64
N ASN C 925 -40.40 -14.42 -73.01
CA ASN C 925 -40.81 -13.06 -72.63
C ASN C 925 -40.94 -12.94 -71.11
N GLN C 926 -41.54 -13.94 -70.46
CA GLN C 926 -41.68 -13.90 -69.02
C GLN C 926 -40.32 -13.92 -68.33
N PHE C 927 -39.40 -14.75 -68.81
CA PHE C 927 -38.06 -14.78 -68.25
C PHE C 927 -37.35 -13.44 -68.41
N ASN C 928 -37.46 -12.83 -69.58
CA ASN C 928 -36.81 -11.54 -69.81
C ASN C 928 -37.39 -10.47 -68.90
N SER C 929 -38.71 -10.45 -68.75
CA SER C 929 -39.35 -9.47 -67.88
C SER C 929 -38.92 -9.65 -66.43
N ALA C 930 -38.85 -10.90 -65.96
CA ALA C 930 -38.44 -11.15 -64.58
C ALA C 930 -36.99 -10.72 -64.34
N ILE C 931 -36.10 -11.06 -65.28
CA ILE C 931 -34.70 -10.67 -65.12
C ILE C 931 -34.56 -9.16 -65.17
N GLY C 932 -35.34 -8.48 -66.01
CA GLY C 932 -35.31 -7.03 -66.03
C GLY C 932 -35.78 -6.42 -64.73
N LYS C 933 -36.82 -7.00 -64.11
CA LYS C 933 -37.32 -6.48 -62.85
C LYS C 933 -36.38 -6.79 -61.68
N ILE C 934 -35.53 -7.80 -61.81
CA ILE C 934 -34.63 -8.16 -60.71
C ILE C 934 -33.71 -7.00 -60.34
N GLN C 935 -33.13 -6.33 -61.34
CA GLN C 935 -32.19 -5.25 -61.05
C GLN C 935 -32.89 -4.09 -60.36
N ASP C 936 -34.09 -3.73 -60.83
CA ASP C 936 -34.84 -2.66 -60.18
C ASP C 936 -35.22 -3.04 -58.76
N SER C 937 -35.60 -4.30 -58.53
CA SER C 937 -35.94 -4.74 -57.19
C SER C 937 -34.73 -4.66 -56.26
N LEU C 938 -33.56 -5.06 -56.74
CA LEU C 938 -32.35 -4.95 -55.93
C LEU C 938 -32.01 -3.50 -55.63
N SER C 939 -32.13 -2.63 -56.64
CA SER C 939 -31.75 -1.22 -56.46
C SER C 939 -32.70 -0.50 -55.50
N SER C 940 -34.01 -0.73 -55.64
CA SER C 940 -34.99 0.03 -54.86
C SER C 940 -35.07 -0.43 -53.41
N THR C 941 -34.64 -1.66 -53.13
CA THR C 941 -34.73 -2.18 -51.77
C THR C 941 -33.81 -1.39 -50.84
N PRO C 942 -34.24 -1.10 -49.61
CA PRO C 942 -33.39 -0.32 -48.69
C PRO C 942 -32.31 -1.14 -48.03
N SER C 943 -32.59 -2.40 -47.72
CA SER C 943 -31.68 -3.27 -46.98
C SER C 943 -31.63 -4.66 -47.60
N ALA C 944 -31.51 -4.72 -48.92
CA ALA C 944 -31.40 -6.02 -49.58
C ALA C 944 -30.09 -6.72 -49.26
N LEU C 945 -29.00 -5.96 -49.11
CA LEU C 945 -27.67 -6.49 -48.85
C LEU C 945 -27.31 -6.45 -47.37
N GLY C 946 -28.28 -6.71 -46.50
CA GLY C 946 -28.07 -6.48 -45.08
C GLY C 946 -27.02 -7.37 -44.45
N LYS C 947 -26.89 -8.60 -44.94
CA LYS C 947 -26.00 -9.57 -44.29
C LYS C 947 -24.53 -9.19 -44.48
N LEU C 948 -24.15 -8.84 -45.71
CA LEU C 948 -22.77 -8.46 -45.97
C LEU C 948 -22.40 -7.18 -45.22
N GLN C 949 -23.30 -6.20 -45.23
CA GLN C 949 -23.07 -4.97 -44.49
C GLN C 949 -22.94 -5.25 -42.99
N ASP C 950 -23.76 -6.16 -42.47
CA ASP C 950 -23.67 -6.51 -41.06
C ASP C 950 -22.33 -7.15 -40.73
N VAL C 951 -21.84 -8.03 -41.59
CA VAL C 951 -20.52 -8.65 -41.37
C VAL C 951 -19.44 -7.58 -41.34
N VAL C 952 -19.47 -6.67 -42.32
CA VAL C 952 -18.47 -5.62 -42.40
C VAL C 952 -18.52 -4.72 -41.16
N ASN C 953 -19.73 -4.35 -40.74
CA ASN C 953 -19.89 -3.46 -39.60
C ASN C 953 -19.44 -4.12 -38.31
N HIS C 954 -19.73 -5.42 -38.15
CA HIS C 954 -19.28 -6.13 -36.95
C HIS C 954 -17.76 -6.16 -36.88
N ASN C 955 -17.10 -6.46 -38.01
CA ASN C 955 -15.64 -6.44 -38.00
C ASN C 955 -15.11 -5.05 -37.66
N ALA C 956 -15.70 -4.01 -38.27
CA ALA C 956 -15.23 -2.65 -38.06
C ALA C 956 -15.39 -2.23 -36.60
N GLN C 957 -16.54 -2.55 -35.99
CA GLN C 957 -16.75 -2.14 -34.61
C GLN C 957 -15.87 -2.93 -33.65
N ALA C 958 -15.59 -4.20 -33.96
CA ALA C 958 -14.66 -4.96 -33.14
C ALA C 958 -13.27 -4.33 -33.15
N LEU C 959 -12.77 -3.99 -34.34
CA LEU C 959 -11.47 -3.34 -34.40
C LEU C 959 -11.49 -1.99 -33.70
N ASN C 960 -12.57 -1.22 -33.89
CA ASN C 960 -12.65 0.11 -33.28
C ASN C 960 -12.63 0.03 -31.76
N THR C 961 -13.41 -0.89 -31.18
CA THR C 961 -13.42 -1.00 -29.72
C THR C 961 -12.10 -1.55 -29.19
N LEU C 962 -11.45 -2.45 -29.94
CA LEU C 962 -10.13 -2.92 -29.51
C LEU C 962 -9.13 -1.77 -29.47
N VAL C 963 -9.15 -0.91 -30.49
CA VAL C 963 -8.25 0.24 -30.49
C VAL C 963 -8.60 1.21 -29.37
N LYS C 964 -9.90 1.46 -29.17
CA LYS C 964 -10.34 2.45 -28.20
C LYS C 964 -10.07 2.02 -26.77
N GLN C 965 -10.06 0.71 -26.50
CA GLN C 965 -9.87 0.25 -25.13
C GLN C 965 -8.48 0.54 -24.57
N LEU C 966 -7.52 0.92 -25.42
CA LEU C 966 -6.19 1.28 -24.94
C LEU C 966 -6.20 2.48 -24.00
N SER C 967 -7.12 3.42 -24.20
CA SER C 967 -7.16 4.61 -23.37
C SER C 967 -7.60 4.32 -21.93
N SER C 968 -8.14 3.14 -21.68
CA SER C 968 -8.57 2.79 -20.32
C SER C 968 -7.37 2.66 -19.40
N LYS C 969 -7.60 2.93 -18.11
CA LYS C 969 -6.52 2.88 -17.13
C LYS C 969 -6.49 1.59 -16.34
N PHE C 970 -7.64 0.93 -16.16
CA PHE C 970 -7.75 -0.33 -15.42
C PHE C 970 -7.24 -0.23 -13.99
N GLY C 971 -7.36 0.95 -13.38
CA GLY C 971 -6.96 1.18 -12.01
C GLY C 971 -5.59 1.81 -11.84
N ALA C 972 -4.79 1.87 -12.91
CA ALA C 972 -3.49 2.50 -12.81
C ALA C 972 -3.62 4.01 -12.71
N ILE C 973 -2.54 4.65 -12.27
CA ILE C 973 -2.55 6.10 -12.09
C ILE C 973 -2.67 6.83 -13.43
N SER C 974 -2.28 6.21 -14.53
CA SER C 974 -2.34 6.84 -15.84
C SER C 974 -2.44 5.76 -16.90
N SER C 975 -2.84 6.18 -18.10
CA SER C 975 -2.98 5.25 -19.21
C SER C 975 -1.75 5.16 -20.08
N VAL C 976 -1.02 6.27 -20.24
CA VAL C 976 0.16 6.28 -21.09
C VAL C 976 1.35 5.71 -20.31
N LEU C 977 2.21 4.97 -21.02
CA LEU C 977 3.37 4.36 -20.38
C LEU C 977 4.35 5.41 -19.87
N ASN C 978 4.56 6.49 -20.62
CA ASN C 978 5.64 7.41 -20.34
C ASN C 978 5.47 8.09 -18.98
N ASP C 979 4.24 8.52 -18.66
CA ASP C 979 4.02 9.19 -17.39
C ASP C 979 4.25 8.24 -16.22
N ILE C 980 3.84 6.98 -16.37
CA ILE C 980 4.03 6.02 -15.29
C ILE C 980 5.52 5.72 -15.10
N LEU C 981 6.24 5.50 -16.19
CA LEU C 981 7.66 5.13 -16.08
C LEU C 981 8.58 6.32 -15.83
N SER C 982 8.08 7.55 -15.95
CA SER C 982 8.92 8.73 -15.83
C SER C 982 8.91 9.28 -14.41
N ARG C 983 7.72 9.63 -13.89
CA ARG C 983 7.59 10.28 -12.60
C ARG C 983 7.23 9.31 -11.48
N LEU C 984 7.71 8.07 -11.55
CA LEU C 984 7.46 7.11 -10.48
C LEU C 984 8.66 6.18 -10.39
N ASP C 985 8.91 5.67 -9.19
CA ASP C 985 10.03 4.76 -8.97
C ASP C 985 9.76 3.42 -9.65
N PRO C 986 10.81 2.75 -10.12
CA PRO C 986 10.64 1.44 -10.78
C PRO C 986 9.92 0.42 -9.90
N PRO C 987 10.21 0.37 -8.58
CA PRO C 987 9.46 -0.59 -7.74
C PRO C 987 7.95 -0.38 -7.79
N GLU C 988 7.50 0.86 -7.86
CA GLU C 988 6.07 1.12 -8.02
C GLU C 988 5.65 1.07 -9.48
N ALA C 989 6.57 1.38 -10.39
CA ALA C 989 6.25 1.29 -11.81
C ALA C 989 5.90 -0.13 -12.21
N GLU C 990 6.57 -1.13 -11.62
CA GLU C 990 6.25 -2.52 -11.93
C GLU C 990 4.79 -2.83 -11.61
N VAL C 991 4.35 -2.53 -10.39
CA VAL C 991 2.98 -2.85 -10.01
C VAL C 991 1.98 -1.97 -10.74
N GLN C 992 2.37 -0.75 -11.15
CA GLN C 992 1.45 0.09 -11.91
C GLN C 992 1.33 -0.36 -13.37
N ILE C 993 2.34 -1.01 -13.92
CA ILE C 993 2.26 -1.51 -15.29
C ILE C 993 1.63 -2.91 -15.33
N ASP C 994 1.68 -3.64 -14.22
CA ASP C 994 1.05 -4.96 -14.16
C ASP C 994 -0.43 -4.87 -14.48
N ARG C 995 -1.12 -3.87 -13.90
CA ARG C 995 -2.55 -3.72 -14.14
C ARG C 995 -2.86 -3.45 -15.61
N LEU C 996 -2.10 -2.54 -16.23
CA LEU C 996 -2.31 -2.23 -17.63
C LEU C 996 -2.07 -3.47 -18.50
N ILE C 997 -1.00 -4.22 -18.21
CA ILE C 997 -0.68 -5.40 -18.99
C ILE C 997 -1.80 -6.41 -18.91
N THR C 998 -2.28 -6.68 -17.69
CA THR C 998 -3.30 -7.73 -17.54
C THR C 998 -4.63 -7.30 -18.16
N GLY C 999 -4.98 -6.01 -18.04
CA GLY C 999 -6.21 -5.54 -18.65
C GLY C 999 -6.18 -5.62 -20.17
N ARG C 1000 -5.07 -5.19 -20.77
CA ARG C 1000 -4.95 -5.25 -22.22
C ARG C 1000 -4.91 -6.69 -22.70
N LEU C 1001 -4.26 -7.59 -21.95
CA LEU C 1001 -4.26 -9.00 -22.31
C LEU C 1001 -5.67 -9.57 -22.29
N GLN C 1002 -6.46 -9.22 -21.26
CA GLN C 1002 -7.84 -9.70 -21.19
C GLN C 1002 -8.67 -9.19 -22.36
N SER C 1003 -8.50 -7.92 -22.72
CA SER C 1003 -9.25 -7.36 -23.85
C SER C 1003 -8.89 -8.07 -25.15
N LEU C 1004 -7.60 -8.33 -25.36
CA LEU C 1004 -7.17 -9.01 -26.58
C LEU C 1004 -7.72 -10.43 -26.63
N GLN C 1005 -7.72 -11.13 -25.50
CA GLN C 1005 -8.28 -12.47 -25.45
C GLN C 1005 -9.78 -12.46 -25.79
N THR C 1006 -10.51 -11.49 -25.24
CA THR C 1006 -11.94 -11.38 -25.56
C THR C 1006 -12.14 -11.16 -27.05
N TYR C 1007 -11.35 -10.27 -27.65
CA TYR C 1007 -11.47 -10.02 -29.09
C TYR C 1007 -11.24 -11.31 -29.88
N VAL C 1008 -10.21 -12.07 -29.51
CA VAL C 1008 -9.91 -13.30 -30.24
C VAL C 1008 -11.04 -14.30 -30.13
N THR C 1009 -11.63 -14.42 -28.93
CA THR C 1009 -12.73 -15.38 -28.75
C THR C 1009 -13.94 -15.01 -29.60
N GLN C 1010 -14.32 -13.73 -29.60
CA GLN C 1010 -15.45 -13.32 -30.44
C GLN C 1010 -15.14 -13.55 -31.92
N GLN C 1011 -13.89 -13.31 -32.34
CA GLN C 1011 -13.51 -13.60 -33.70
C GLN C 1011 -13.66 -15.07 -34.04
N LEU C 1012 -13.29 -15.96 -33.12
CA LEU C 1012 -13.45 -17.40 -33.36
C LEU C 1012 -14.92 -17.77 -33.55
N ILE C 1013 -15.79 -17.25 -32.69
CA ILE C 1013 -17.21 -17.59 -32.80
C ILE C 1013 -17.79 -17.08 -34.12
N ARG C 1014 -17.45 -15.84 -34.49
CA ARG C 1014 -17.92 -15.30 -35.76
C ARG C 1014 -17.38 -16.09 -36.95
N ALA C 1015 -16.13 -16.54 -36.87
CA ALA C 1015 -15.57 -17.34 -37.95
C ALA C 1015 -16.30 -18.66 -38.09
N ALA C 1016 -16.69 -19.28 -36.98
CA ALA C 1016 -17.47 -20.51 -37.06
C ALA C 1016 -18.81 -20.27 -37.76
N GLU C 1017 -19.48 -19.17 -37.42
CA GLU C 1017 -20.75 -18.85 -38.09
C GLU C 1017 -20.56 -18.64 -39.59
N ILE C 1018 -19.50 -17.90 -39.96
CA ILE C 1018 -19.22 -17.67 -41.36
C ILE C 1018 -18.91 -18.97 -42.08
N ARG C 1019 -18.21 -19.90 -41.41
CA ARG C 1019 -17.94 -21.20 -42.02
C ARG C 1019 -19.22 -21.97 -42.29
N ALA C 1020 -20.16 -21.93 -41.36
CA ALA C 1020 -21.45 -22.58 -41.60
C ALA C 1020 -22.15 -21.97 -42.82
N SER C 1021 -22.15 -20.64 -42.90
CA SER C 1021 -22.78 -19.99 -44.04
C SER C 1021 -22.11 -20.36 -45.36
N ALA C 1022 -20.78 -20.45 -45.36
CA ALA C 1022 -20.05 -20.80 -46.57
C ALA C 1022 -20.31 -22.23 -46.99
N ASN C 1023 -20.43 -23.15 -46.02
CA ASN C 1023 -20.79 -24.52 -46.36
C ASN C 1023 -22.17 -24.57 -47.00
N LEU C 1024 -23.12 -23.81 -46.47
CA LEU C 1024 -24.45 -23.75 -47.09
C LEU C 1024 -24.35 -23.22 -48.51
N ALA C 1025 -23.55 -22.17 -48.72
CA ALA C 1025 -23.42 -21.59 -50.06
C ALA C 1025 -22.78 -22.58 -51.03
N ALA C 1026 -21.79 -23.34 -50.58
CA ALA C 1026 -21.18 -24.34 -51.44
C ALA C 1026 -22.18 -25.44 -51.82
N THR C 1027 -23.00 -25.88 -50.86
CA THR C 1027 -24.04 -26.87 -51.18
C THR C 1027 -25.03 -26.31 -52.18
N LYS C 1028 -25.42 -25.03 -52.02
CA LYS C 1028 -26.34 -24.42 -52.98
C LYS C 1028 -25.72 -24.31 -54.36
N MET C 1029 -24.43 -24.00 -54.45
CA MET C 1029 -23.76 -23.95 -55.74
C MET C 1029 -23.74 -25.33 -56.39
N SER C 1030 -23.50 -26.37 -55.59
CA SER C 1030 -23.45 -27.72 -56.14
C SER C 1030 -24.82 -28.17 -56.64
N GLU C 1031 -25.89 -27.85 -55.90
CA GLU C 1031 -27.17 -28.49 -56.19
C GLU C 1031 -28.09 -27.60 -57.04
N CYS C 1032 -28.16 -26.30 -56.74
CA CYS C 1032 -29.02 -25.40 -57.51
C CYS C 1032 -28.41 -25.04 -58.87
N VAL C 1033 -27.10 -24.79 -58.93
CA VAL C 1033 -26.51 -24.25 -60.15
C VAL C 1033 -26.01 -25.37 -61.05
N LEU C 1034 -25.39 -26.40 -60.47
CA LEU C 1034 -24.84 -27.50 -61.25
C LEU C 1034 -25.85 -28.61 -61.49
N GLY C 1035 -27.08 -28.44 -61.05
CA GLY C 1035 -28.10 -29.43 -61.30
C GLY C 1035 -29.48 -28.88 -61.06
N GLN C 1036 -30.46 -29.78 -61.03
CA GLN C 1036 -31.84 -29.43 -60.74
C GLN C 1036 -32.27 -30.19 -59.49
N SER C 1037 -32.66 -29.46 -58.46
CA SER C 1037 -32.96 -30.05 -57.16
C SER C 1037 -34.46 -30.24 -57.00
N LYS C 1038 -34.84 -31.41 -56.50
CA LYS C 1038 -36.24 -31.71 -56.19
C LYS C 1038 -36.58 -31.40 -54.74
N ARG C 1039 -35.61 -30.96 -53.93
CA ARG C 1039 -35.89 -30.57 -52.56
C ARG C 1039 -36.77 -29.32 -52.53
N VAL C 1040 -37.76 -29.32 -51.63
CA VAL C 1040 -38.76 -28.27 -51.63
C VAL C 1040 -38.23 -27.04 -50.91
N ASP C 1041 -38.39 -25.87 -51.55
CA ASP C 1041 -38.08 -24.58 -50.94
C ASP C 1041 -36.59 -24.46 -50.63
N PHE C 1042 -35.76 -25.18 -51.37
CA PHE C 1042 -34.31 -25.10 -51.24
C PHE C 1042 -33.73 -24.13 -52.27
N CYS C 1043 -34.02 -24.37 -53.55
CA CYS C 1043 -33.54 -23.50 -54.62
C CYS C 1043 -34.62 -22.51 -55.04
N GLY C 1044 -35.13 -21.77 -54.07
CA GLY C 1044 -36.18 -20.80 -54.32
C GLY C 1044 -37.58 -21.35 -54.06
N LYS C 1045 -38.57 -20.47 -54.23
CA LYS C 1045 -39.95 -20.82 -53.96
C LYS C 1045 -40.66 -21.20 -55.26
N GLY C 1046 -41.26 -22.39 -55.28
CA GLY C 1046 -41.86 -22.94 -56.48
C GLY C 1046 -41.15 -24.19 -56.92
N TYR C 1047 -41.43 -24.59 -58.16
CA TYR C 1047 -40.73 -25.72 -58.75
C TYR C 1047 -39.45 -25.23 -59.43
N HIS C 1048 -38.31 -25.73 -58.96
CA HIS C 1048 -37.02 -25.20 -59.39
C HIS C 1048 -36.73 -25.58 -60.83
N LEU C 1049 -36.42 -24.57 -61.65
CA LEU C 1049 -35.96 -24.79 -63.02
C LEU C 1049 -34.43 -24.70 -63.10
N MET C 1050 -33.87 -23.57 -62.69
CA MET C 1050 -32.42 -23.41 -62.77
C MET C 1050 -31.99 -22.29 -61.84
N SER C 1051 -30.68 -22.01 -61.83
CA SER C 1051 -30.13 -20.97 -60.97
C SER C 1051 -28.88 -20.39 -61.63
N PHE C 1052 -28.57 -19.15 -61.27
CA PHE C 1052 -27.40 -18.45 -61.78
C PHE C 1052 -26.65 -17.79 -60.63
N PRO C 1053 -25.33 -17.95 -60.55
CA PRO C 1053 -24.56 -17.28 -59.50
C PRO C 1053 -24.07 -15.90 -59.90
N GLN C 1054 -23.92 -15.04 -58.90
CA GLN C 1054 -23.36 -13.72 -59.08
C GLN C 1054 -22.46 -13.42 -57.90
N SER C 1055 -21.31 -12.79 -58.16
CA SER C 1055 -20.37 -12.49 -57.10
C SER C 1055 -20.78 -11.21 -56.36
N ALA C 1056 -20.37 -11.12 -55.10
CA ALA C 1056 -20.61 -9.96 -54.25
C ALA C 1056 -19.31 -9.65 -53.54
N PRO C 1057 -19.18 -8.46 -52.94
CA PRO C 1057 -17.92 -8.12 -52.26
C PRO C 1057 -17.49 -9.13 -51.21
N HIS C 1058 -18.43 -9.73 -50.47
CA HIS C 1058 -18.06 -10.75 -49.50
C HIS C 1058 -18.94 -11.99 -49.57
N GLY C 1059 -19.64 -12.22 -50.68
CA GLY C 1059 -20.55 -13.35 -50.71
C GLY C 1059 -21.06 -13.64 -52.11
N VAL C 1060 -22.20 -14.34 -52.14
CA VAL C 1060 -22.79 -14.86 -53.36
C VAL C 1060 -24.24 -14.42 -53.42
N VAL C 1061 -24.73 -14.20 -54.64
CA VAL C 1061 -26.14 -13.92 -54.89
C VAL C 1061 -26.62 -14.97 -55.89
N PHE C 1062 -27.63 -15.73 -55.52
CA PHE C 1062 -28.22 -16.74 -56.39
C PHE C 1062 -29.51 -16.22 -57.00
N LEU C 1063 -29.67 -16.45 -58.30
CA LEU C 1063 -30.87 -16.07 -59.04
C LEU C 1063 -31.62 -17.34 -59.42
N HIS C 1064 -32.59 -17.70 -58.60
CA HIS C 1064 -33.35 -18.93 -58.81
C HIS C 1064 -34.52 -18.69 -59.77
N VAL C 1065 -34.52 -19.41 -60.88
CA VAL C 1065 -35.62 -19.41 -61.83
C VAL C 1065 -36.49 -20.62 -61.54
N THR C 1066 -37.76 -20.36 -61.22
CA THR C 1066 -38.71 -21.38 -60.77
C THR C 1066 -40.02 -21.26 -61.54
N TYR C 1067 -40.79 -22.34 -61.49
CA TYR C 1067 -42.05 -22.49 -62.20
C TYR C 1067 -43.18 -22.42 -61.18
N VAL C 1068 -44.23 -21.64 -61.49
CA VAL C 1068 -45.35 -21.43 -60.59
C VAL C 1068 -46.64 -21.64 -61.35
N PRO C 1069 -47.47 -22.62 -60.99
CA PRO C 1069 -48.77 -22.79 -61.66
C PRO C 1069 -49.72 -21.64 -61.32
N ALA C 1070 -50.68 -21.42 -62.23
CA ALA C 1070 -51.60 -20.30 -62.10
C ALA C 1070 -52.86 -20.61 -62.90
N GLN C 1071 -53.91 -19.85 -62.60
CA GLN C 1071 -55.21 -19.95 -63.29
C GLN C 1071 -55.81 -21.35 -63.13
N GLU C 1072 -56.08 -21.72 -61.88
CA GLU C 1072 -56.66 -23.02 -61.59
C GLU C 1072 -58.13 -23.06 -61.99
N LYS C 1073 -58.61 -24.28 -62.23
CA LYS C 1073 -59.99 -24.51 -62.61
C LYS C 1073 -60.49 -25.77 -61.92
N ASN C 1074 -61.78 -25.79 -61.61
CA ASN C 1074 -62.39 -26.90 -60.88
C ASN C 1074 -62.83 -28.01 -61.82
N PHE C 1075 -62.75 -29.24 -61.34
CA PHE C 1075 -63.13 -30.41 -62.11
C PHE C 1075 -63.62 -31.50 -61.18
N THR C 1076 -64.31 -32.49 -61.74
CA THR C 1076 -64.74 -33.67 -61.02
C THR C 1076 -63.83 -34.84 -61.36
N THR C 1077 -63.49 -35.64 -60.36
CA THR C 1077 -62.54 -36.73 -60.54
C THR C 1077 -63.12 -38.05 -60.07
N ALA C 1078 -62.54 -39.13 -60.58
CA ALA C 1078 -62.81 -40.49 -60.15
C ALA C 1078 -61.48 -41.22 -60.02
N PRO C 1079 -61.36 -42.13 -59.05
CA PRO C 1079 -60.12 -42.92 -58.93
C PRO C 1079 -59.89 -43.89 -60.09
N ALA C 1080 -60.95 -44.41 -60.70
CA ALA C 1080 -60.80 -45.39 -61.76
C ALA C 1080 -62.05 -45.37 -62.64
N ILE C 1081 -61.96 -46.03 -63.79
CA ILE C 1081 -63.07 -46.15 -64.73
C ILE C 1081 -63.42 -47.62 -64.89
N CYS C 1082 -64.68 -47.97 -64.69
CA CYS C 1082 -65.15 -49.35 -64.87
C CYS C 1082 -65.66 -49.50 -66.29
N HIS C 1083 -65.05 -50.43 -67.04
CA HIS C 1083 -65.46 -50.73 -68.39
C HIS C 1083 -65.35 -52.23 -68.63
N ASP C 1084 -66.39 -52.81 -69.24
CA ASP C 1084 -66.44 -54.24 -69.51
C ASP C 1084 -66.24 -55.07 -68.25
N GLY C 1085 -66.61 -54.52 -67.10
CA GLY C 1085 -66.47 -55.22 -65.84
C GLY C 1085 -65.10 -55.15 -65.20
N LYS C 1086 -64.15 -54.41 -65.78
CA LYS C 1086 -62.81 -54.30 -65.22
C LYS C 1086 -62.48 -52.84 -64.94
N ALA C 1087 -61.55 -52.64 -64.01
CA ALA C 1087 -61.18 -51.31 -63.55
C ALA C 1087 -59.93 -50.82 -64.26
N HIS C 1088 -59.97 -49.57 -64.71
CA HIS C 1088 -58.88 -48.93 -65.43
C HIS C 1088 -58.36 -47.75 -64.62
N PHE C 1089 -57.05 -47.67 -64.49
CA PHE C 1089 -56.36 -46.59 -63.80
C PHE C 1089 -55.45 -45.85 -64.77
N PRO C 1090 -55.21 -44.56 -64.56
CA PRO C 1090 -54.36 -43.81 -65.49
C PRO C 1090 -52.88 -44.02 -65.21
N ARG C 1091 -52.12 -44.20 -66.28
CA ARG C 1091 -50.67 -44.36 -66.14
C ARG C 1091 -50.03 -43.10 -65.60
N GLU C 1092 -50.31 -41.96 -66.22
CA GLU C 1092 -49.81 -40.67 -65.77
C GLU C 1092 -50.93 -39.66 -65.84
N GLY C 1093 -51.22 -39.01 -64.73
CA GLY C 1093 -52.28 -38.03 -64.67
C GLY C 1093 -53.51 -38.56 -63.96
N VAL C 1094 -54.62 -37.83 -64.13
CA VAL C 1094 -55.87 -38.14 -63.47
C VAL C 1094 -57.03 -38.00 -64.44
N PHE C 1095 -58.16 -38.63 -64.08
CA PHE C 1095 -59.41 -38.52 -64.81
C PHE C 1095 -60.14 -37.26 -64.37
N VAL C 1096 -60.57 -36.44 -65.32
CA VAL C 1096 -61.33 -35.23 -65.03
C VAL C 1096 -62.52 -35.17 -65.98
N SER C 1097 -63.64 -34.64 -65.49
CA SER C 1097 -64.83 -34.45 -66.30
C SER C 1097 -65.13 -32.97 -66.43
N ASN C 1098 -65.40 -32.53 -67.67
CA ASN C 1098 -65.79 -31.15 -67.96
C ASN C 1098 -67.27 -30.92 -67.66
N GLY C 1099 -67.91 -31.87 -66.98
CA GLY C 1099 -69.34 -31.79 -66.70
C GLY C 1099 -70.10 -32.95 -67.31
N THR C 1100 -69.71 -33.37 -68.52
CA THR C 1100 -70.40 -34.44 -69.22
C THR C 1100 -69.48 -35.50 -69.82
N HIS C 1101 -68.21 -35.19 -70.08
CA HIS C 1101 -67.29 -36.12 -70.72
C HIS C 1101 -66.04 -36.28 -69.88
N TRP C 1102 -65.43 -37.46 -69.96
CA TRP C 1102 -64.28 -37.80 -69.13
C TRP C 1102 -63.01 -37.83 -69.97
N PHE C 1103 -61.93 -37.32 -69.39
CA PHE C 1103 -60.65 -37.17 -70.06
C PHE C 1103 -59.52 -37.51 -69.09
N VAL C 1104 -58.34 -37.76 -69.64
CA VAL C 1104 -57.13 -37.94 -68.87
C VAL C 1104 -56.27 -36.70 -69.03
N THR C 1105 -55.72 -36.20 -67.93
CA THR C 1105 -54.85 -35.03 -68.01
C THR C 1105 -53.65 -35.22 -67.10
N GLN C 1106 -52.57 -34.51 -67.39
CA GLN C 1106 -51.42 -34.49 -66.49
C GLN C 1106 -51.72 -33.60 -65.29
N ARG C 1107 -51.06 -33.91 -64.17
CA ARG C 1107 -51.44 -33.31 -62.90
C ARG C 1107 -51.12 -31.83 -62.84
N ASN C 1108 -50.00 -31.41 -63.42
CA ASN C 1108 -49.50 -30.05 -63.24
C ASN C 1108 -49.97 -29.08 -64.32
N PHE C 1109 -50.72 -29.54 -65.32
CA PHE C 1109 -51.13 -28.67 -66.41
C PHE C 1109 -52.35 -29.28 -67.08
N TYR C 1110 -53.34 -28.46 -67.39
CA TYR C 1110 -54.58 -28.96 -67.97
C TYR C 1110 -54.42 -29.17 -69.47
N GLU C 1111 -54.47 -30.43 -69.90
CA GLU C 1111 -54.42 -30.78 -71.31
C GLU C 1111 -55.20 -32.06 -71.51
N PRO C 1112 -56.52 -31.97 -71.65
CA PRO C 1112 -57.36 -33.18 -71.66
C PRO C 1112 -57.10 -34.05 -72.89
N GLN C 1113 -57.31 -35.35 -72.72
CA GLN C 1113 -57.12 -36.32 -73.79
C GLN C 1113 -58.19 -37.41 -73.68
N ILE C 1114 -58.41 -38.09 -74.80
CA ILE C 1114 -59.39 -39.16 -74.84
C ILE C 1114 -58.87 -40.35 -74.04
N ILE C 1115 -59.75 -40.93 -73.22
CA ILE C 1115 -59.38 -42.11 -72.45
C ILE C 1115 -59.30 -43.31 -73.39
N THR C 1116 -58.10 -43.86 -73.55
CA THR C 1116 -57.87 -45.03 -74.39
C THR C 1116 -57.14 -46.08 -73.58
N THR C 1117 -56.91 -47.24 -74.21
CA THR C 1117 -56.10 -48.27 -73.58
C THR C 1117 -54.62 -47.94 -73.58
N ASP C 1118 -54.22 -46.91 -74.32
CA ASP C 1118 -52.80 -46.53 -74.39
C ASP C 1118 -52.35 -45.79 -73.15
N ASN C 1119 -53.22 -44.96 -72.57
CA ASN C 1119 -52.87 -44.17 -71.40
C ASN C 1119 -53.53 -44.68 -70.12
N THR C 1120 -54.01 -45.92 -70.13
CA THR C 1120 -54.60 -46.54 -68.96
C THR C 1120 -54.08 -47.96 -68.83
N PHE C 1121 -54.14 -48.50 -67.61
CA PHE C 1121 -53.82 -49.89 -67.36
C PHE C 1121 -54.92 -50.54 -66.55
N VAL C 1122 -55.08 -51.85 -66.73
CA VAL C 1122 -56.16 -52.61 -66.12
C VAL C 1122 -55.63 -53.37 -64.92
N SER C 1123 -56.37 -53.31 -63.81
CA SER C 1123 -55.99 -54.04 -62.61
C SER C 1123 -57.26 -54.42 -61.86
N GLY C 1124 -57.71 -55.66 -62.06
CA GLY C 1124 -58.85 -56.19 -61.33
C GLY C 1124 -60.20 -55.75 -61.85
N ASN C 1125 -61.26 -56.23 -61.23
CA ASN C 1125 -62.61 -55.85 -61.61
C ASN C 1125 -63.04 -54.60 -60.84
N CYS C 1126 -64.20 -54.04 -61.25
CA CYS C 1126 -64.60 -52.71 -60.82
C CYS C 1126 -65.62 -52.73 -59.68
N ASP C 1127 -65.48 -53.67 -58.74
CA ASP C 1127 -66.33 -53.71 -57.56
C ASP C 1127 -65.60 -53.52 -56.25
N VAL C 1128 -64.27 -53.46 -56.26
CA VAL C 1128 -63.52 -53.24 -55.02
C VAL C 1128 -63.21 -51.77 -54.79
N VAL C 1129 -62.92 -51.02 -55.85
CA VAL C 1129 -62.54 -49.61 -55.73
C VAL C 1129 -63.76 -48.79 -55.32
N ILE C 1130 -63.55 -47.85 -54.40
CA ILE C 1130 -64.60 -46.96 -53.92
C ILE C 1130 -64.58 -45.69 -54.73
N GLY C 1131 -65.74 -45.35 -55.32
CA GLY C 1131 -65.83 -44.16 -56.14
C GLY C 1131 -65.64 -44.38 -57.62
N ILE C 1132 -65.65 -45.63 -58.08
CA ILE C 1132 -65.47 -45.91 -59.50
C ILE C 1132 -66.72 -45.50 -60.27
N VAL C 1133 -66.51 -45.01 -61.49
CA VAL C 1133 -67.59 -44.55 -62.35
C VAL C 1133 -67.53 -45.32 -63.66
N ASN C 1134 -68.60 -45.20 -64.45
CA ASN C 1134 -68.74 -45.92 -65.72
C ASN C 1134 -68.49 -44.97 -66.88
N ASN C 1135 -67.62 -45.37 -67.79
CA ASN C 1135 -67.33 -44.63 -69.00
C ASN C 1135 -66.74 -45.59 -70.02
N THR C 1136 -66.73 -45.17 -71.28
CA THR C 1136 -66.18 -45.99 -72.35
C THR C 1136 -64.68 -45.74 -72.47
N VAL C 1137 -63.92 -46.81 -72.64
CA VAL C 1137 -62.50 -46.75 -72.92
C VAL C 1137 -62.28 -47.12 -74.38
N TYR C 1138 -61.73 -46.19 -75.15
CA TYR C 1138 -61.66 -46.31 -76.60
C TYR C 1138 -60.45 -47.15 -76.99
N ASP C 1139 -60.71 -48.29 -77.62
CA ASP C 1139 -59.67 -49.17 -78.14
C ASP C 1139 -59.30 -48.72 -79.56
N PRO C 1140 -58.07 -48.29 -79.80
CA PRO C 1140 -57.69 -47.80 -81.13
C PRO C 1140 -57.40 -48.88 -82.16
N LEU C 1141 -57.74 -50.14 -81.88
CA LEU C 1141 -57.50 -51.23 -82.83
C LEU C 1141 -58.77 -51.60 -83.59
N GLN C 1142 -59.91 -51.63 -82.91
CA GLN C 1142 -61.18 -52.07 -83.49
C GLN C 1142 -61.55 -51.31 -84.77
N PRO C 1143 -61.44 -49.96 -84.83
CA PRO C 1143 -61.77 -49.27 -86.09
C PRO C 1143 -60.91 -49.71 -87.27
N GLU C 1144 -59.59 -49.58 -87.13
CA GLU C 1144 -58.69 -49.97 -88.21
C GLU C 1144 -58.73 -51.48 -88.45
N LEU C 1145 -58.56 -52.26 -87.39
CA LEU C 1145 -58.58 -53.72 -87.43
C LEU C 1145 -57.49 -54.28 -88.32
N ASP C 1146 -56.59 -53.43 -88.81
CA ASP C 1146 -55.51 -53.81 -89.72
C ASP C 1146 -56.05 -54.56 -90.95
N GLU D 1 18.11 69.76 32.63
CA GLU D 1 19.14 68.93 33.21
C GLU D 1 18.97 67.47 32.79
N VAL D 2 20.08 66.81 32.44
CA VAL D 2 20.04 65.43 31.97
C VAL D 2 21.07 65.16 33.08
N GLN D 3 20.85 64.60 34.11
CA GLN D 3 21.83 64.38 35.16
C GLN D 3 21.48 62.90 35.32
N LEU D 4 22.51 62.09 35.55
CA LEU D 4 22.37 60.65 35.71
C LEU D 4 23.04 60.20 37.00
N VAL D 5 22.43 59.22 37.68
CA VAL D 5 22.91 58.76 38.97
C VAL D 5 22.74 57.43 38.24
N GLU D 6 23.90 56.87 37.89
CA GLU D 6 23.95 55.51 37.28
C GLU D 6 24.85 55.05 38.39
N SER D 7 24.23 54.41 39.37
CA SER D 7 25.06 54.12 40.54
C SER D 7 24.52 52.73 40.89
N GLY D 8 25.32 51.71 40.64
CA GLY D 8 24.98 50.34 41.07
C GLY D 8 26.27 49.58 41.00
N GLY D 9 26.44 48.50 41.73
CA GLY D 9 27.68 47.72 41.54
C GLY D 9 28.52 48.17 42.70
N ASP D 10 29.35 47.28 43.23
CA ASP D 10 30.53 47.64 44.04
C ASP D 10 30.78 46.14 43.85
N LEU D 11 31.82 45.62 44.50
CA LEU D 11 32.22 44.21 44.24
C LEU D 11 32.18 42.79 44.79
N VAL D 12 32.26 41.80 43.91
CA VAL D 12 31.76 40.42 43.91
C VAL D 12 32.99 39.55 43.71
N GLN D 13 32.81 38.24 43.74
CA GLN D 13 33.89 37.28 43.62
C GLN D 13 33.98 37.17 42.10
N PRO D 14 35.05 36.54 41.58
CA PRO D 14 35.10 36.19 40.16
C PRO D 14 34.10 35.10 39.79
N GLY D 15 33.23 35.39 38.83
CA GLY D 15 32.19 34.47 38.43
C GLY D 15 30.82 34.86 38.95
N GLY D 16 30.72 36.07 39.50
CA GLY D 16 29.48 36.58 40.03
C GLY D 16 28.62 37.24 38.98
N SER D 17 27.57 37.91 39.45
CA SER D 17 26.63 38.57 38.54
C SER D 17 26.15 39.85 39.21
N LEU D 18 26.58 41.00 38.67
CA LEU D 18 26.18 42.31 39.15
C LEU D 18 25.14 42.92 38.22
N ARG D 19 24.41 43.90 38.74
CA ARG D 19 23.32 44.53 38.01
C ARG D 19 23.45 46.04 38.12
N LEU D 20 23.72 46.70 37.00
CA LEU D 20 23.81 48.15 36.98
C LEU D 20 22.44 48.76 36.69
N SER D 21 22.34 50.06 36.95
CA SER D 21 21.08 50.77 36.80
C SER D 21 21.59 52.14 36.37
N CYS D 22 20.86 52.78 35.46
CA CYS D 22 21.22 54.12 35.01
C CYS D 22 19.95 54.89 35.33
N ALA D 23 19.96 56.19 35.09
CA ALA D 23 18.77 57.02 35.33
C ALA D 23 18.79 58.31 34.53
N ALA D 24 17.59 58.91 34.48
CA ALA D 24 17.12 59.84 33.45
C ALA D 24 16.24 61.06 33.66
N SER D 25 16.82 62.22 33.41
CA SER D 25 16.07 63.48 33.63
C SER D 25 15.11 64.27 32.73
N GLY D 26 15.50 64.52 31.47
CA GLY D 26 14.63 65.26 30.53
C GLY D 26 13.98 64.22 29.64
N PHE D 27 14.68 63.13 29.30
CA PHE D 27 14.12 62.14 28.34
C PHE D 27 13.63 60.77 28.82
N ILE D 28 13.08 59.95 27.91
CA ILE D 28 12.70 58.58 28.19
C ILE D 28 13.75 57.65 27.59
N VAL D 29 14.14 56.63 28.35
CA VAL D 29 15.24 55.76 27.95
C VAL D 29 14.93 55.06 26.64
N SER D 30 13.73 54.49 26.52
CA SER D 30 13.39 53.75 25.31
C SER D 30 13.21 54.45 23.97
N ARG D 31 13.10 55.78 23.99
CA ARG D 31 13.17 56.61 22.81
C ARG D 31 14.43 57.20 22.18
N ASN D 32 15.57 57.15 22.87
CA ASN D 32 16.81 57.75 22.41
C ASN D 32 17.93 56.71 22.47
N TYR D 33 18.92 56.87 21.59
CA TYR D 33 20.05 55.97 21.57
C TYR D 33 20.84 56.08 22.86
N MET D 34 21.18 54.93 23.46
CA MET D 34 21.98 54.91 24.67
C MET D 34 23.01 53.78 24.58
N SER D 35 24.11 53.96 25.32
CA SER D 35 25.20 53.00 25.29
C SER D 35 25.94 53.06 26.62
N TRP D 36 26.86 52.11 26.81
CA TRP D 36 27.62 51.99 28.04
C TRP D 36 29.10 51.88 27.72
N VAL D 37 29.85 52.94 28.02
CA VAL D 37 31.31 52.93 27.84
C VAL D 37 31.96 52.29 29.06
N ARG D 38 33.24 51.97 28.95
CA ARG D 38 33.98 51.34 30.04
C ARG D 38 35.40 51.89 30.13
N GLN D 39 35.73 52.53 31.24
CA GLN D 39 37.03 53.18 31.43
C GLN D 39 37.82 52.42 32.48
N ALA D 40 38.81 51.66 32.04
CA ALA D 40 39.72 51.00 32.96
C ALA D 40 40.60 52.05 33.64
N PRO D 41 41.05 51.83 34.88
CA PRO D 41 41.88 52.84 35.54
C PRO D 41 43.19 53.09 34.82
N GLY D 42 43.37 54.32 34.33
CA GLY D 42 44.55 54.69 33.59
C GLY D 42 44.62 54.21 32.16
N LYS D 43 43.48 53.88 31.55
CA LYS D 43 43.47 53.37 30.19
C LYS D 43 42.37 54.09 29.40
N GLY D 44 42.50 54.04 28.08
CA GLY D 44 41.53 54.67 27.21
C GLY D 44 40.16 54.02 27.34
N LEU D 45 39.10 54.82 27.22
CA LEU D 45 37.73 54.31 27.34
C LEU D 45 37.43 53.29 26.25
N GLU D 46 36.76 52.21 26.61
CA GLU D 46 36.39 51.17 25.65
C GLU D 46 34.89 50.94 25.65
N TRP D 47 34.34 50.76 24.46
CA TRP D 47 32.92 50.49 24.29
C TRP D 47 32.27 49.12 24.43
N VAL D 48 31.56 48.93 25.54
CA VAL D 48 30.90 47.66 25.80
C VAL D 48 29.60 47.24 25.14
N SER D 49 28.59 48.10 25.18
CA SER D 49 27.28 47.74 24.65
C SER D 49 26.56 49.01 24.22
N SER D 50 25.50 48.83 23.44
CA SER D 50 24.72 49.95 22.94
C SER D 50 23.32 49.47 22.61
N ILE D 51 22.33 50.29 22.94
CA ILE D 51 20.94 50.02 22.64
C ILE D 51 20.45 51.03 21.62
N TYR D 52 19.43 50.66 20.86
CA TYR D 52 18.82 51.58 19.90
C TYR D 52 17.44 52.01 20.34
N SER D 53 16.74 52.77 19.50
CA SER D 53 15.42 53.28 19.83
C SER D 53 14.31 52.27 19.53
N GLY D 54 14.66 51.08 19.04
CA GLY D 54 13.68 50.06 18.77
C GLY D 54 14.08 48.70 19.30
N GLY D 55 14.99 48.69 20.27
CA GLY D 55 15.44 47.45 20.86
C GLY D 55 16.62 46.66 20.35
N SER D 56 17.32 47.21 19.36
CA SER D 56 18.49 46.54 18.81
C SER D 56 19.65 46.59 19.81
N THR D 57 20.30 45.46 20.01
CA THR D 57 21.39 45.33 20.96
C THR D 57 22.68 44.99 20.22
N PHE D 58 23.75 45.72 20.53
CA PHE D 58 25.06 45.45 19.98
C PHE D 58 26.06 45.39 21.12
N TYR D 59 26.97 44.42 21.05
CA TYR D 59 27.93 44.16 22.12
C TYR D 59 29.34 44.31 21.60
N ALA D 60 30.30 44.20 22.51
CA ALA D 60 31.71 44.20 22.17
C ALA D 60 32.23 42.76 22.15
N GLY D 61 33.40 42.58 21.52
CA GLY D 61 33.94 41.24 21.37
C GLY D 61 34.25 40.58 22.69
N SER D 62 34.80 41.33 23.64
CA SER D 62 35.18 40.75 24.93
C SER D 62 33.99 40.46 25.83
N VAL D 63 32.80 40.93 25.48
CA VAL D 63 31.63 40.76 26.35
C VAL D 63 30.52 40.02 25.61
N LYS D 64 30.90 39.19 24.64
CA LYS D 64 29.91 38.42 23.89
C LYS D 64 29.38 37.29 24.78
N GLY D 65 28.15 37.44 25.26
CA GLY D 65 27.50 36.41 26.04
C GLY D 65 27.68 36.37 27.55
N ARG D 66 28.63 37.15 28.06
CA ARG D 66 28.73 37.42 29.48
C ARG D 66 27.91 38.65 29.87
N PHE D 67 27.90 39.68 29.04
CA PHE D 67 27.17 40.90 29.31
C PHE D 67 25.83 40.88 28.60
N THR D 68 24.88 41.65 29.12
CA THR D 68 23.54 41.71 28.56
C THR D 68 23.26 43.20 28.73
N ILE D 69 22.28 43.71 28.00
CA ILE D 69 21.85 45.10 28.12
C ILE D 69 20.36 44.84 28.19
N SER D 70 19.61 45.80 28.72
CA SER D 70 18.15 45.70 28.79
C SER D 70 17.53 47.06 29.07
N ARG D 71 16.44 47.44 28.40
CA ARG D 71 15.94 48.82 28.61
C ARG D 71 14.63 48.82 29.40
N ASP D 72 14.49 49.71 30.39
CA ASP D 72 13.27 49.66 31.25
C ASP D 72 12.36 50.87 30.99
N ASN D 73 11.22 50.65 30.36
CA ASN D 73 10.32 51.79 30.04
C ASN D 73 9.73 52.37 31.33
N SER D 74 9.40 51.52 32.29
CA SER D 74 8.65 52.00 33.48
C SER D 74 9.37 53.10 34.26
N LYS D 75 10.66 52.94 34.53
CA LYS D 75 11.34 53.93 35.40
C LYS D 75 12.64 54.43 34.76
N ASN D 76 12.71 54.54 33.42
CA ASN D 76 14.01 54.89 32.81
C ASN D 76 14.94 53.77 33.24
N THR D 77 15.96 54.06 34.03
CA THR D 77 16.79 52.95 34.56
C THR D 77 17.32 52.00 33.48
N LEU D 78 18.03 52.49 32.47
CA LEU D 78 18.69 51.59 31.51
C LEU D 78 19.51 50.60 32.34
N TYR D 79 19.20 49.33 32.26
CA TYR D 79 19.78 48.23 33.01
C TYR D 79 20.82 47.51 32.16
N LEU D 80 21.93 47.14 32.80
CA LEU D 80 23.00 46.36 32.17
C LEU D 80 23.35 45.23 33.14
N GLN D 81 22.93 44.01 32.80
CA GLN D 81 23.15 42.86 33.67
C GLN D 81 24.49 42.19 33.41
N MET D 82 25.47 42.48 34.26
CA MET D 82 26.80 41.88 34.13
C MET D 82 26.76 40.46 34.67
N ASN D 83 27.07 39.49 33.82
CA ASN D 83 27.15 38.10 34.21
C ASN D 83 28.47 37.50 33.71
N SER D 84 28.83 36.35 34.29
CA SER D 84 30.05 35.64 33.94
C SER D 84 31.27 36.55 34.01
N LEU D 85 31.38 37.27 35.13
CA LEU D 85 32.44 38.25 35.31
C LEU D 85 33.80 37.58 35.45
N ARG D 86 34.85 38.38 35.61
CA ARG D 86 36.20 37.84 35.77
C ARG D 86 37.07 38.85 36.51
N ALA D 87 38.38 38.62 36.54
CA ALA D 87 39.27 39.41 37.40
C ALA D 87 39.96 40.52 36.61
N GLU D 88 39.54 40.76 35.37
CA GLU D 88 40.07 41.87 34.58
C GLU D 88 38.98 42.81 34.09
N ASP D 89 37.77 42.71 34.63
CA ASP D 89 36.66 43.59 34.27
C ASP D 89 36.63 44.86 35.11
N THR D 90 37.54 45.00 36.08
CA THR D 90 37.58 46.16 36.95
C THR D 90 37.75 47.46 36.15
N ALA D 91 36.72 48.30 36.16
CA ALA D 91 36.73 49.55 35.42
C ALA D 91 35.58 50.43 35.90
N ILE D 92 35.67 51.71 35.60
CA ILE D 92 34.59 52.65 35.89
C ILE D 92 33.61 52.62 34.72
N TYR D 93 32.33 52.44 35.03
CA TYR D 93 31.29 52.31 34.02
C TYR D 93 30.43 53.56 34.00
N TYR D 94 30.33 54.19 32.83
CA TYR D 94 29.56 55.40 32.66
C TYR D 94 28.33 55.14 31.81
N CYS D 95 27.17 55.53 32.32
CA CYS D 95 25.97 55.54 31.51
C CYS D 95 26.05 56.68 30.50
N ALA D 96 25.50 56.44 29.31
CA ALA D 96 25.68 57.46 28.27
C ALA D 96 24.53 57.49 27.30
N ARG D 97 23.99 58.67 27.07
CA ARG D 97 22.94 58.80 26.06
C ARG D 97 23.62 59.45 24.89
N ASP D 98 23.52 58.84 23.72
CA ASP D 98 24.09 59.53 22.55
C ASP D 98 22.98 59.83 21.57
N ILE D 99 22.69 61.10 21.32
CA ILE D 99 21.75 61.37 20.21
C ILE D 99 22.69 61.17 19.02
N PRO D 100 22.35 60.34 18.02
CA PRO D 100 23.33 60.04 17.02
C PRO D 100 23.96 61.12 16.17
N ARG D 101 23.21 61.98 15.50
CA ARG D 101 23.92 62.91 14.58
C ARG D 101 23.72 64.38 14.92
N HIS D 102 22.57 64.73 15.47
CA HIS D 102 22.31 66.16 15.74
C HIS D 102 23.11 66.67 16.92
N GLY D 103 23.85 65.79 17.60
CA GLY D 103 24.73 66.24 18.69
C GLY D 103 24.66 66.47 20.18
N GLY D 104 23.85 66.34 20.97
CA GLY D 104 23.90 66.40 22.44
C GLY D 104 24.35 65.21 23.25
N ASP D 105 24.64 65.32 24.54
CA ASP D 105 25.15 64.09 25.22
C ASP D 105 24.88 64.16 26.72
N SER D 106 25.05 63.03 27.38
CA SER D 106 24.78 62.99 28.82
C SER D 106 25.92 62.01 28.87
N TRP D 107 26.88 62.23 29.74
CA TRP D 107 27.64 61.09 30.28
C TRP D 107 27.46 61.35 31.77
N GLY D 108 26.88 60.38 32.46
CA GLY D 108 26.68 60.52 33.92
C GLY D 108 27.97 60.28 34.66
N GLN D 109 28.01 60.60 35.95
CA GLN D 109 29.29 60.52 36.69
C GLN D 109 29.85 59.11 36.61
N GLY D 110 29.01 58.09 36.61
CA GLY D 110 29.57 56.74 36.40
C GLY D 110 29.88 56.02 37.67
N THR D 111 29.97 54.71 37.62
CA THR D 111 30.14 53.95 38.88
C THR D 111 31.36 53.06 38.81
N LEU D 112 31.95 52.74 39.97
CA LEU D 112 33.16 51.94 40.01
C LEU D 112 32.83 50.47 40.23
N VAL D 113 33.45 49.61 39.43
CA VAL D 113 33.37 48.16 39.60
C VAL D 113 34.79 47.64 39.77
N THR D 114 35.04 46.95 40.87
CA THR D 114 36.38 46.47 41.22
C THR D 114 35.71 45.18 41.65
N VAL D 115 36.07 44.08 40.98
CA VAL D 115 35.43 42.79 41.23
C VAL D 115 36.78 42.11 41.45
N SER D 116 36.87 41.34 42.53
CA SER D 116 38.11 40.69 42.92
C SER D 116 37.79 39.56 43.88
N SER D 117 38.83 39.00 44.49
CA SER D 117 38.68 37.87 45.40
C SER D 117 38.86 38.24 46.87
N ALA D 118 39.61 39.30 47.16
CA ALA D 118 39.88 39.67 48.54
C ALA D 118 38.61 40.09 49.27
N SER D 119 38.74 40.27 50.58
CA SER D 119 37.63 40.65 51.44
C SER D 119 37.71 42.12 51.82
N THR D 120 36.56 42.68 52.19
CA THR D 120 36.47 44.07 52.59
C THR D 120 36.93 44.26 54.02
N LYS D 121 37.86 45.20 54.24
CA LYS D 121 38.36 45.51 55.57
C LYS D 121 38.31 47.01 55.78
N GLY D 122 37.89 47.42 56.98
CA GLY D 122 37.66 48.81 57.27
C GLY D 122 38.92 49.65 57.33
N PRO D 123 38.76 50.96 57.14
CA PRO D 123 39.93 51.86 57.17
C PRO D 123 40.50 51.98 58.57
N SER D 124 41.80 52.30 58.62
CA SER D 124 42.47 52.62 59.87
C SER D 124 42.75 54.11 59.92
N VAL D 125 42.07 54.81 60.82
CA VAL D 125 42.11 56.27 60.89
C VAL D 125 43.11 56.66 61.97
N PHE D 126 44.04 57.55 61.61
CA PHE D 126 45.13 57.95 62.51
C PHE D 126 45.18 59.47 62.59
N PRO D 127 45.48 60.04 63.76
CA PRO D 127 45.53 61.50 63.89
C PRO D 127 46.84 62.12 63.43
N LEU D 128 46.74 63.11 62.55
CA LEU D 128 47.88 63.95 62.17
C LEU D 128 47.28 64.99 63.12
N ALA D 129 47.96 65.20 64.25
CA ALA D 129 47.96 66.40 65.05
C ALA D 129 49.18 67.26 64.69
N PRO D 130 48.99 68.54 64.42
CA PRO D 130 50.12 69.37 64.00
C PRO D 130 51.18 69.49 65.09
N SER D 131 52.44 69.50 64.66
CA SER D 131 53.55 69.58 65.59
C SER D 131 53.74 71.02 66.05
N SER D 132 54.42 71.17 67.19
CA SER D 132 54.68 72.48 67.76
C SER D 132 55.73 73.27 66.97
N LYS D 133 56.39 72.64 66.01
CA LYS D 133 57.43 73.30 65.22
C LYS D 133 56.87 74.13 64.08
N SER D 134 55.55 74.25 63.98
CA SER D 134 54.95 75.05 62.91
C SER D 134 55.33 76.52 63.07
N THR D 135 55.38 77.22 61.93
CA THR D 135 55.79 78.62 61.94
C THR D 135 54.83 79.45 62.78
N SER D 136 55.39 80.27 63.67
CA SER D 136 54.57 81.10 64.54
C SER D 136 53.90 82.22 63.76
N GLY D 137 54.66 82.91 62.92
CA GLY D 137 54.14 83.99 62.12
C GLY D 137 53.63 83.60 60.74
N GLY D 138 53.81 82.36 60.34
CA GLY D 138 53.35 81.88 59.05
C GLY D 138 52.02 81.17 59.13
N THR D 139 51.77 80.29 58.17
CA THR D 139 50.55 79.49 58.11
C THR D 139 50.90 78.03 58.36
N ALA D 140 50.19 77.41 59.29
CA ALA D 140 50.41 76.02 59.65
C ALA D 140 49.44 75.13 58.90
N ALA D 141 49.79 73.85 58.82
CA ALA D 141 48.99 72.85 58.12
C ALA D 141 48.80 71.63 58.99
N LEU D 142 47.61 71.04 58.89
CA LEU D 142 47.27 69.84 59.63
C LEU D 142 46.19 69.09 58.85
N GLY D 143 46.21 67.78 58.97
CA GLY D 143 45.30 66.97 58.20
C GLY D 143 45.08 65.61 58.82
N CYS D 144 44.28 64.80 58.14
CA CYS D 144 43.77 63.54 58.65
C CYS D 144 44.28 62.41 57.76
N LEU D 145 44.84 61.38 58.38
CA LEU D 145 45.43 60.26 57.66
C LEU D 145 44.50 59.05 57.75
N VAL D 146 44.26 58.41 56.61
CA VAL D 146 43.46 57.19 56.53
C VAL D 146 44.33 56.11 55.90
N LYS D 147 44.41 54.95 56.55
CA LYS D 147 45.30 53.88 56.14
C LYS D 147 44.54 52.56 56.07
N ASP D 148 44.94 51.72 55.12
CA ASP D 148 44.47 50.34 55.02
C ASP D 148 42.94 50.27 54.91
N TYR D 149 42.43 50.81 53.82
CA TYR D 149 41.01 50.74 53.51
C TYR D 149 40.81 49.98 52.20
N PHE D 150 39.64 49.36 52.07
CA PHE D 150 39.32 48.61 50.87
C PHE D 150 37.82 48.39 50.83
N PRO D 151 37.16 48.55 49.68
CA PRO D 151 37.74 49.05 48.43
C PRO D 151 37.49 50.54 48.21
N GLU D 152 37.80 51.02 47.01
CA GLU D 152 37.47 52.38 46.62
C GLU D 152 35.96 52.54 46.48
N PRO D 153 35.45 53.77 46.61
CA PRO D 153 36.15 55.03 46.90
C PRO D 153 36.07 55.47 48.35
N VAL D 154 36.90 56.45 48.72
CA VAL D 154 36.89 57.04 50.05
C VAL D 154 36.96 58.55 49.91
N THR D 155 36.06 59.25 50.58
CA THR D 155 36.00 60.71 50.55
C THR D 155 36.32 61.27 51.93
N VAL D 156 37.10 62.34 51.97
CA VAL D 156 37.49 63.00 53.20
C VAL D 156 36.90 64.40 53.20
N SER D 157 36.11 64.71 54.23
CA SER D 157 35.49 66.02 54.38
C SER D 157 35.95 66.68 55.67
N TRP D 158 36.02 68.00 55.63
CA TRP D 158 36.47 68.79 56.78
C TRP D 158 35.37 69.76 57.17
N ASN D 159 35.05 69.80 58.47
CA ASN D 159 33.99 70.65 59.00
C ASN D 159 32.66 70.40 58.29
N SER D 160 32.39 69.12 58.01
CA SER D 160 31.17 68.68 57.33
C SER D 160 30.97 69.36 55.99
N GLY D 161 32.05 69.57 55.24
CA GLY D 161 31.97 70.21 53.94
C GLY D 161 32.03 71.72 53.95
N ALA D 162 32.13 72.34 55.13
CA ALA D 162 32.18 73.80 55.20
C ALA D 162 33.52 74.36 54.76
N LEU D 163 34.58 73.55 54.79
CA LEU D 163 35.92 73.98 54.41
C LEU D 163 36.56 73.36 53.19
N THR D 164 36.58 74.12 52.09
CA THR D 164 37.19 73.65 50.85
C THR D 164 38.56 74.24 50.50
N SER D 165 38.91 75.36 51.12
CA SER D 165 40.17 76.03 50.82
C SER D 165 41.35 75.22 51.35
N GLY D 166 42.37 75.05 50.51
CA GLY D 166 43.57 74.37 50.92
C GLY D 166 43.46 72.87 51.08
N VAL D 167 42.36 72.27 50.63
CA VAL D 167 42.17 70.83 50.76
C VAL D 167 42.99 70.12 49.69
N HIS D 168 43.82 69.18 50.11
CA HIS D 168 44.68 68.42 49.19
C HIS D 168 44.58 66.94 49.55
N THR D 169 43.79 66.21 48.77
CA THR D 169 43.62 64.77 48.96
C THR D 169 44.51 64.03 47.97
N PHE D 170 45.48 63.30 48.49
CA PHE D 170 46.39 62.60 47.58
C PHE D 170 45.73 61.35 47.01
N PRO D 171 45.99 61.05 45.74
CA PRO D 171 45.39 59.86 45.12
C PRO D 171 45.85 58.59 45.82
N ALA D 172 44.96 57.60 45.83
CA ALA D 172 45.26 56.33 46.48
C ALA D 172 46.38 55.59 45.75
N VAL D 173 47.25 54.96 46.53
CA VAL D 173 48.35 54.17 46.01
C VAL D 173 48.28 52.78 46.61
N LEU D 174 48.60 51.77 45.81
CA LEU D 174 48.53 50.38 46.24
C LEU D 174 49.76 50.04 47.08
N GLN D 175 49.54 49.62 48.32
CA GLN D 175 50.62 49.13 49.17
C GLN D 175 50.89 47.66 48.87
N SER D 176 51.94 47.14 49.51
CA SER D 176 52.30 45.73 49.32
C SER D 176 51.27 44.78 49.90
N SER D 177 50.44 45.24 50.83
CA SER D 177 49.46 44.40 51.50
C SER D 177 48.14 44.29 50.75
N GLY D 178 48.00 44.97 49.62
CA GLY D 178 46.75 44.97 48.90
C GLY D 178 45.70 45.92 49.42
N LEU D 179 46.03 46.74 50.42
CA LEU D 179 45.12 47.70 50.99
C LEU D 179 45.56 49.11 50.61
N TYR D 180 44.57 49.97 50.36
CA TYR D 180 44.83 51.31 49.85
C TYR D 180 45.05 52.29 50.99
N SER D 181 45.68 53.43 50.66
CA SER D 181 45.99 54.47 51.62
C SER D 181 45.86 55.83 50.95
N LEU D 182 45.60 56.86 51.75
CA LEU D 182 45.56 58.22 51.27
C LEU D 182 45.88 59.17 52.42
N SER D 183 46.28 60.38 52.07
CA SER D 183 46.56 61.43 53.03
C SER D 183 45.89 62.71 52.61
N SER D 184 45.17 63.34 53.54
CA SER D 184 44.47 64.59 53.30
C SER D 184 45.01 65.65 54.25
N VAL D 185 45.40 66.80 53.68
CA VAL D 185 45.95 67.91 54.46
C VAL D 185 45.26 69.19 54.02
N VAL D 186 45.18 70.15 54.95
CA VAL D 186 44.60 71.46 54.69
C VAL D 186 45.53 72.53 55.23
N THR D 187 45.40 73.74 54.68
CA THR D 187 46.17 74.90 55.14
C THR D 187 45.21 75.95 55.68
N VAL D 188 45.31 76.22 56.97
CA VAL D 188 44.41 77.18 57.63
C VAL D 188 45.24 78.12 58.49
N PRO D 189 44.76 79.34 58.71
CA PRO D 189 45.47 80.27 59.60
C PRO D 189 45.55 79.72 61.01
N SER D 190 46.65 80.05 61.70
CA SER D 190 46.86 79.55 63.05
C SER D 190 45.93 80.22 64.05
N SER D 191 45.33 81.35 63.69
CA SER D 191 44.44 82.06 64.61
C SER D 191 43.17 81.28 64.91
N SER D 192 42.74 80.40 64.02
CA SER D 192 41.54 79.60 64.23
C SER D 192 41.83 78.24 64.83
N LEU D 193 43.10 77.94 65.17
CA LEU D 193 43.43 76.64 65.72
C LEU D 193 42.78 76.42 67.08
N GLY D 194 42.91 77.39 67.99
CA GLY D 194 42.34 77.25 69.32
C GLY D 194 40.87 77.63 69.40
N THR D 195 40.33 78.28 68.38
CA THR D 195 38.93 78.70 68.37
C THR D 195 37.97 78.06 67.38
N GLN D 196 38.48 77.25 66.46
CA GLN D 196 37.63 76.57 65.49
C GLN D 196 38.10 75.14 65.74
N THR D 197 37.14 74.22 65.79
CA THR D 197 37.41 72.81 65.98
C THR D 197 37.39 72.11 64.63
N TYR D 198 38.48 71.42 64.29
CA TYR D 198 38.62 70.75 63.02
C TYR D 198 38.43 69.25 63.20
N ILE D 199 37.58 68.67 62.36
CA ILE D 199 37.24 67.25 62.40
C ILE D 199 37.33 66.69 60.99
N CYS D 200 37.93 65.51 60.87
CA CYS D 200 38.04 64.82 59.59
C CYS D 200 36.99 63.71 59.53
N ASN D 201 36.45 63.51 58.33
CA ASN D 201 35.39 62.53 58.11
C ASN D 201 35.80 61.61 56.97
N VAL D 202 36.15 60.38 57.29
CA VAL D 202 36.46 59.35 56.31
C VAL D 202 35.17 58.62 55.96
N ASN D 203 34.96 58.36 54.68
CA ASN D 203 33.74 57.76 54.19
C ASN D 203 34.06 56.50 53.41
N HIS D 204 33.38 55.40 53.75
CA HIS D 204 33.52 54.15 53.01
C HIS D 204 32.13 53.67 52.64
N LYS D 205 31.71 53.96 51.42
CA LYS D 205 30.37 53.59 50.96
C LYS D 205 30.12 52.08 50.96
N PRO D 206 31.02 51.23 50.45
CA PRO D 206 30.70 49.80 50.37
C PRO D 206 30.37 49.16 51.72
N SER D 207 31.10 49.52 52.78
CA SER D 207 30.87 48.93 54.10
C SER D 207 30.09 49.86 55.03
N ASN D 208 29.63 51.00 54.53
CA ASN D 208 28.86 51.96 55.34
C ASN D 208 29.60 52.35 56.61
N THR D 209 30.91 52.57 56.49
CA THR D 209 31.74 52.90 57.64
C THR D 209 31.74 54.42 57.82
N LYS D 210 31.24 54.88 58.96
CA LYS D 210 31.11 56.31 59.24
C LYS D 210 31.99 56.61 60.45
N VAL D 211 33.21 57.08 60.19
CA VAL D 211 34.17 57.36 61.24
C VAL D 211 34.48 58.85 61.21
N ASP D 212 34.29 59.52 62.35
CA ASP D 212 34.56 60.93 62.51
C ASP D 212 35.63 61.12 63.58
N LYS D 213 36.71 61.81 63.23
CA LYS D 213 37.84 62.01 64.13
C LYS D 213 38.10 63.49 64.32
N LYS D 214 38.05 63.94 65.57
CA LYS D 214 38.28 65.34 65.93
C LYS D 214 39.77 65.56 66.17
N VAL D 215 40.31 66.61 65.56
CA VAL D 215 41.75 66.89 65.55
C VAL D 215 41.98 68.25 66.21
N GLU D 216 42.93 68.30 67.14
CA GLU D 216 43.28 69.51 67.85
C GLU D 216 44.80 69.65 67.88
N PRO D 217 45.32 70.86 67.67
CA PRO D 217 46.76 71.06 67.85
C PRO D 217 47.21 70.74 69.26
N LYS D 218 48.40 70.16 69.38
CA LYS D 218 48.95 69.76 70.67
C LYS D 218 49.99 70.76 71.17
N ILE E 1 38.46 50.40 14.47
CA ILE E 1 39.43 51.28 13.84
C ILE E 1 40.60 51.52 14.79
N ARG E 2 41.82 51.53 14.24
CA ARG E 2 43.03 51.77 15.02
C ARG E 2 43.20 53.28 15.16
N MET E 3 42.44 53.86 16.09
CA MET E 3 42.52 55.29 16.32
C MET E 3 43.88 55.65 16.93
N THR E 4 44.47 56.74 16.43
CA THR E 4 45.84 57.12 16.79
C THR E 4 45.86 58.61 17.14
N GLN E 5 46.23 58.92 18.38
CA GLN E 5 46.48 60.29 18.78
C GLN E 5 47.97 60.50 19.03
N SER E 6 48.56 61.47 18.32
CA SER E 6 50.01 61.64 18.37
C SER E 6 50.64 62.45 19.50
N PRO E 7 50.01 63.51 20.01
CA PRO E 7 50.54 64.17 21.20
C PRO E 7 50.04 63.81 22.60
N ALA E 8 50.92 63.17 23.37
CA ALA E 8 50.61 62.83 24.75
C ALA E 8 51.17 63.64 25.92
N SER E 9 52.16 64.49 25.69
CA SER E 9 52.77 65.26 26.78
C SER E 9 52.90 66.42 25.80
N LEU E 10 52.28 67.56 26.10
CA LEU E 10 52.38 68.71 25.22
C LEU E 10 52.11 69.63 26.40
N SER E 11 52.90 70.70 26.48
CA SER E 11 52.80 71.64 27.61
C SER E 11 53.07 73.05 27.06
N ALA E 12 52.06 73.90 27.13
CA ALA E 12 52.16 75.28 26.69
C ALA E 12 51.88 76.23 27.85
N SER E 13 52.49 77.41 27.78
CA SER E 13 52.28 78.43 28.78
C SER E 13 50.88 79.02 28.67
N ILE E 14 50.59 79.97 29.55
CA ILE E 14 49.28 80.62 29.58
C ILE E 14 48.99 81.30 28.25
N GLY E 15 47.78 81.08 27.73
CA GLY E 15 47.36 81.72 26.49
C GLY E 15 48.08 81.38 25.20
N ASP E 16 48.21 80.09 24.90
CA ASP E 16 48.95 79.68 23.72
C ASP E 16 48.10 78.90 22.72
N ARG E 17 48.69 78.65 21.56
CA ARG E 17 48.03 77.97 20.45
C ARG E 17 48.60 76.56 20.32
N VAL E 18 47.80 75.56 20.63
CA VAL E 18 48.22 74.16 20.52
C VAL E 18 47.29 73.42 19.57
N THR E 19 47.59 72.15 19.30
CA THR E 19 46.84 71.38 18.32
C THR E 19 46.95 69.90 18.64
N ILE E 20 45.82 69.19 18.57
CA ILE E 20 45.78 67.76 18.78
C ILE E 20 45.37 67.08 17.48
N THR E 21 46.00 65.94 17.18
CA THR E 21 45.78 65.23 15.93
C THR E 21 45.35 63.81 16.22
N CYS E 22 44.11 63.48 15.89
CA CYS E 22 43.62 62.11 15.94
C CYS E 22 43.56 61.51 14.54
N GLN E 23 44.10 60.31 14.40
CA GLN E 23 44.25 59.69 13.08
C GLN E 23 43.59 58.32 13.10
N ALA E 24 42.97 57.95 11.98
CA ALA E 24 42.21 56.67 11.90
C ALA E 24 42.81 55.73 10.87
N SER E 25 42.22 54.55 10.71
CA SER E 25 42.78 53.54 9.77
C SER E 25 41.90 53.30 8.54
N GLN E 26 40.84 54.09 8.32
CA GLN E 26 39.89 53.89 7.20
C GLN E 26 39.22 55.23 6.90
N ASP E 27 38.18 55.27 6.08
CA ASP E 27 37.46 56.56 5.91
C ASP E 27 36.30 56.55 6.89
N ILE E 28 36.33 57.42 7.90
CA ILE E 28 35.19 57.53 8.86
C ILE E 28 34.45 58.78 8.45
N ASN E 29 34.82 59.37 7.33
CA ASN E 29 34.08 60.54 6.83
C ASN E 29 34.17 61.59 7.92
N LYS E 30 33.05 62.06 8.44
CA LYS E 30 33.15 63.19 9.39
C LYS E 30 32.63 62.77 10.76
N TYR E 31 32.31 61.52 10.97
CA TYR E 31 31.69 61.06 12.25
C TYR E 31 32.72 60.76 13.34
N LEU E 32 33.43 61.77 13.84
CA LEU E 32 34.43 61.61 14.93
C LEU E 32 34.17 62.75 15.87
N ASN E 33 33.79 62.48 17.10
CA ASN E 33 33.50 63.39 18.19
C ASN E 33 34.75 63.63 19.02
N TRP E 34 34.86 64.83 19.59
CA TRP E 34 35.96 65.20 20.46
C TRP E 34 35.43 65.41 21.87
N TYR E 35 36.02 64.69 22.83
CA TYR E 35 35.58 64.74 24.21
C TYR E 35 36.60 65.47 25.07
N GLN E 36 36.15 65.94 26.23
CA GLN E 36 37.00 66.57 27.22
C GLN E 36 36.66 66.02 28.59
N GLN E 37 37.61 65.32 29.21
CA GLN E 37 37.41 64.69 30.51
C GLN E 37 38.32 65.36 31.52
N LYS E 38 37.73 66.15 32.41
CA LYS E 38 38.47 66.71 33.53
C LYS E 38 38.75 65.64 34.57
N PRO E 39 39.75 65.83 35.43
CA PRO E 39 40.06 64.81 36.45
C PRO E 39 38.87 64.48 37.34
N GLY E 40 38.50 63.22 37.40
CA GLY E 40 37.35 62.77 38.19
C GLY E 40 36.00 63.04 37.58
N LYS E 41 35.76 64.27 37.13
CA LYS E 41 34.47 64.63 36.54
C LYS E 41 34.30 63.95 35.19
N ALA E 42 33.03 63.65 34.83
CA ALA E 42 32.63 62.92 33.64
C ALA E 42 32.96 63.70 32.37
N PRO E 43 33.31 62.99 31.30
CA PRO E 43 33.69 63.66 30.04
C PRO E 43 32.60 64.55 29.45
N ARG E 44 33.01 65.58 28.73
CA ARG E 44 32.12 66.51 28.04
C ARG E 44 32.29 66.36 26.54
N LEU E 45 31.19 66.49 25.81
CA LEU E 45 31.30 66.57 24.36
C LEU E 45 31.56 67.92 23.69
N LEU E 46 32.79 68.10 23.20
CA LEU E 46 33.18 69.34 22.56
C LEU E 46 32.99 69.66 21.09
N ILE E 47 33.27 68.71 20.19
CA ILE E 47 33.07 68.91 18.77
C ILE E 47 32.47 67.65 18.16
N TYR E 48 31.16 67.65 17.94
CA TYR E 48 30.53 66.49 17.33
C TYR E 48 30.64 66.59 15.81
N ASP E 49 30.74 65.42 15.17
CA ASP E 49 30.91 65.31 13.72
C ASP E 49 32.26 65.75 13.18
N ALA E 50 33.14 66.22 14.07
CA ALA E 50 34.47 66.73 13.68
C ALA E 50 34.46 68.16 13.15
N SER E 51 33.26 68.70 12.86
CA SER E 51 33.14 70.09 12.38
C SER E 51 32.10 70.96 13.08
N ASN E 52 31.57 70.53 14.24
CA ASN E 52 30.51 71.32 14.83
C ASN E 52 30.78 71.35 16.32
N LEU E 53 31.09 72.53 16.86
CA LEU E 53 31.24 72.67 18.30
C LEU E 53 29.88 72.89 18.94
N GLU E 54 29.62 72.17 20.03
CA GLU E 54 28.34 72.26 20.70
C GLU E 54 28.14 73.63 21.31
N THR E 55 26.90 74.11 21.29
CA THR E 55 26.56 75.40 21.88
C THR E 55 26.76 75.38 23.38
N GLY E 56 27.12 76.54 23.93
CA GLY E 56 27.41 76.68 25.34
C GLY E 56 28.87 76.47 25.68
N VAL E 57 29.63 75.83 24.82
CA VAL E 57 31.08 75.67 25.02
C VAL E 57 31.62 77.08 24.92
N PRO E 58 32.86 77.33 25.37
CA PRO E 58 33.47 78.66 25.17
C PRO E 58 33.74 78.43 23.68
N SER E 59 34.18 79.48 23.00
CA SER E 59 34.28 79.47 21.53
C SER E 59 35.70 79.34 21.02
N ARG E 60 36.56 78.69 21.79
CA ARG E 60 37.97 78.62 21.33
C ARG E 60 38.28 77.31 20.62
N PHE E 61 37.57 76.23 20.95
CA PHE E 61 37.90 74.92 20.41
C PHE E 61 37.32 74.75 19.02
N SER E 62 38.18 74.43 18.05
CA SER E 62 37.77 74.23 16.68
C SER E 62 38.43 72.97 16.14
N GLY E 63 37.69 72.23 15.33
CA GLY E 63 38.20 71.02 14.71
C GLY E 63 37.71 70.89 13.29
N SER E 64 38.55 70.30 12.46
CA SER E 64 38.23 70.12 11.04
C SER E 64 38.99 68.91 10.51
N GLY E 65 38.30 68.12 9.69
CA GLY E 65 38.92 66.94 9.11
C GLY E 65 37.92 66.17 8.28
N SER E 66 38.44 65.18 7.57
CA SER E 66 37.63 64.32 6.72
C SER E 66 38.46 63.13 6.31
N GLY E 67 37.83 61.95 6.30
CA GLY E 67 38.50 60.75 5.84
C GLY E 67 39.36 60.49 7.06
N THR E 68 40.50 59.84 6.85
CA THR E 68 41.38 59.42 7.94
C THR E 68 41.97 60.33 9.01
N ASP E 69 42.64 61.41 8.62
CA ASP E 69 43.36 62.25 9.58
C ASP E 69 42.48 63.41 10.01
N PHE E 70 42.39 63.61 11.34
CA PHE E 70 41.62 64.69 11.93
C PHE E 70 42.51 65.48 12.87
N THR E 71 42.16 66.75 13.06
CA THR E 71 42.93 67.64 13.92
C THR E 71 42.00 68.39 14.85
N PHE E 72 42.51 68.70 16.05
CA PHE E 72 41.79 69.43 17.07
C PHE E 72 42.65 70.62 17.53
N THR E 73 42.02 71.77 17.65
CA THR E 73 42.73 73.02 17.91
C THR E 73 42.20 73.70 19.16
N ILE E 74 43.06 74.46 19.81
CA ILE E 74 42.73 75.23 21.00
C ILE E 74 43.17 76.67 20.76
N SER E 75 42.21 77.59 20.70
CA SER E 75 42.51 78.98 20.39
C SER E 75 43.06 79.90 21.48
N SER E 76 42.68 79.65 22.73
CA SER E 76 43.11 80.47 23.86
C SER E 76 43.18 79.47 25.00
N LEU E 77 44.37 79.33 25.59
CA LEU E 77 44.60 78.37 26.66
C LEU E 77 44.37 79.04 28.01
N GLN E 78 43.11 79.04 28.42
CA GLN E 78 42.77 79.55 29.75
C GLN E 78 43.32 78.60 30.81
N PRO E 79 43.64 79.10 32.02
CA PRO E 79 44.19 78.21 33.05
C PRO E 79 43.26 77.07 33.42
N GLU E 80 41.95 77.30 33.37
CA GLU E 80 40.99 76.24 33.65
C GLU E 80 40.69 75.43 32.40
N ASP E 81 41.73 74.92 31.75
CA ASP E 81 41.59 74.07 30.57
C ASP E 81 42.32 72.74 30.72
N ILE E 82 42.72 72.37 31.94
CA ILE E 82 43.50 71.14 32.12
C ILE E 82 42.54 69.95 32.10
N ALA E 83 42.77 69.03 31.16
CA ALA E 83 41.93 67.85 31.02
C ALA E 83 42.57 66.83 30.09
N THR E 84 41.85 65.75 29.79
CA THR E 84 42.29 64.76 28.82
C THR E 84 41.22 64.65 27.74
N TYR E 85 41.62 64.81 26.48
CA TYR E 85 40.70 64.87 25.36
C TYR E 85 40.75 63.58 24.55
N TYR E 86 39.58 63.10 24.15
CA TYR E 86 39.44 61.83 23.46
C TYR E 86 38.72 62.02 22.13
N CYS E 87 39.07 61.21 21.15
CA CYS E 87 38.40 61.21 19.85
C CYS E 87 37.67 59.89 19.68
N GLN E 88 36.37 59.97 19.34
CA GLN E 88 35.52 58.79 19.18
C GLN E 88 34.86 58.81 17.82
N GLN E 89 34.76 57.64 17.20
CA GLN E 89 34.02 57.45 15.96
C GLN E 89 32.79 56.59 16.28
N TYR E 90 31.62 57.05 15.87
CA TYR E 90 30.38 56.49 16.40
C TYR E 90 29.50 55.82 15.36
N ASP E 91 30.04 55.49 14.19
CA ASP E 91 29.22 54.83 13.18
C ASP E 91 29.72 53.48 12.68
N ASN E 92 30.92 53.09 13.07
CA ASN E 92 31.39 51.75 12.73
C ASN E 92 31.12 51.04 14.05
N LEU E 93 30.49 49.88 13.97
CA LEU E 93 29.98 49.19 15.16
C LEU E 93 31.07 48.93 16.20
N PRO E 94 32.27 48.45 15.83
CA PRO E 94 33.33 48.37 16.85
C PRO E 94 33.84 49.74 17.22
N ILE E 95 33.03 50.49 17.98
CA ILE E 95 33.37 51.85 18.38
C ILE E 95 34.63 51.83 19.24
N THR E 96 35.70 52.42 18.72
CA THR E 96 36.97 52.46 19.42
C THR E 96 37.36 53.90 19.71
N PHE E 97 37.74 54.17 20.96
CA PHE E 97 38.15 55.51 21.36
C PHE E 97 39.62 55.72 21.03
N GLY E 98 40.17 56.84 21.50
CA GLY E 98 41.57 57.13 21.25
C GLY E 98 42.27 57.10 22.59
N GLN E 99 43.59 57.27 22.58
CA GLN E 99 44.36 57.25 23.81
C GLN E 99 44.35 58.37 24.84
N GLY E 100 43.97 59.57 24.42
CA GLY E 100 43.89 60.70 25.32
C GLY E 100 45.16 61.48 25.12
N THR E 101 45.10 62.80 25.36
CA THR E 101 46.26 63.67 25.32
C THR E 101 46.12 64.49 26.60
N ARG E 102 46.83 64.09 27.65
CA ARG E 102 46.80 64.81 28.91
C ARG E 102 47.49 66.17 28.76
N LEU E 103 46.71 67.24 28.83
CA LEU E 103 47.24 68.59 28.66
C LEU E 103 47.52 69.20 30.03
N GLU E 104 48.63 69.95 30.10
CA GLU E 104 49.04 70.60 31.34
C GLU E 104 49.47 72.02 31.03
N ILE E 105 49.77 72.78 32.07
CA ILE E 105 50.12 74.19 31.94
C ILE E 105 51.50 74.42 32.54
N LYS E 106 52.21 75.39 31.98
CA LYS E 106 53.59 75.66 32.35
C LYS E 106 53.73 77.09 32.84
N ARG E 107 54.53 77.26 33.90
CA ARG E 107 54.74 78.56 34.52
C ARG E 107 56.10 78.51 35.21
N THR E 108 56.44 79.59 35.91
CA THR E 108 57.73 79.68 36.58
C THR E 108 57.81 78.74 37.78
N VAL E 109 58.98 78.66 38.41
CA VAL E 109 59.13 77.84 39.60
C VAL E 109 58.59 78.57 40.82
N ALA E 110 58.48 77.83 41.93
CA ALA E 110 58.00 78.39 43.19
C ALA E 110 58.72 77.71 44.35
N ALA E 111 58.87 78.45 45.44
CA ALA E 111 59.54 77.91 46.62
C ALA E 111 58.60 76.99 47.38
N PRO E 112 58.95 75.71 47.56
CA PRO E 112 58.04 74.78 48.23
C PRO E 112 58.10 74.90 49.75
N SER E 113 56.96 74.65 50.39
CA SER E 113 56.86 74.59 51.84
C SER E 113 56.83 73.12 52.27
N VAL E 114 57.74 72.76 53.18
CA VAL E 114 57.94 71.36 53.57
C VAL E 114 57.47 71.18 55.00
N PHE E 115 56.54 70.24 55.21
CA PHE E 115 56.08 69.85 56.53
C PHE E 115 56.27 68.35 56.70
N ILE E 116 56.45 67.92 57.94
CA ILE E 116 56.60 66.51 58.28
C ILE E 116 55.80 66.23 59.54
N PHE E 117 55.21 65.04 59.62
CA PHE E 117 54.36 64.66 60.73
C PHE E 117 54.96 63.47 61.47
N PRO E 118 54.89 63.45 62.80
CA PRO E 118 55.41 62.31 63.56
C PRO E 118 54.33 61.26 63.77
N PRO E 119 54.72 60.02 64.05
CA PRO E 119 53.72 58.98 64.33
C PRO E 119 53.01 59.26 65.66
N SER E 120 51.77 58.77 65.76
CA SER E 120 50.99 58.92 66.98
C SER E 120 51.34 57.81 67.97
N ASP E 121 51.07 58.09 69.25
CA ASP E 121 51.43 57.14 70.30
C ASP E 121 50.64 55.85 70.18
N GLU E 122 49.36 55.95 69.81
CA GLU E 122 48.51 54.77 69.73
C GLU E 122 49.03 53.78 68.68
N GLN E 123 49.40 54.28 67.50
CA GLN E 123 49.94 53.41 66.47
C GLN E 123 51.26 52.79 66.90
N LEU E 124 52.13 53.58 67.54
CA LEU E 124 53.42 53.06 68.00
C LEU E 124 53.23 51.95 69.02
N LYS E 125 52.27 52.13 69.94
CA LYS E 125 51.94 51.07 70.88
C LYS E 125 51.15 49.91 70.30
N SER E 126 50.75 50.03 69.03
CA SER E 126 49.96 48.99 68.38
C SER E 126 50.95 48.41 67.38
N GLY E 127 52.21 48.39 67.63
CA GLY E 127 53.19 47.71 66.81
C GLY E 127 53.60 48.11 65.42
N THR E 128 53.34 49.35 65.00
CA THR E 128 53.65 49.80 63.65
C THR E 128 53.84 51.32 63.70
N ALA E 129 54.58 51.86 62.74
CA ALA E 129 54.86 53.29 62.69
C ALA E 129 54.61 53.82 61.29
N SER E 130 54.30 55.12 61.20
CA SER E 130 54.08 55.80 59.94
C SER E 130 54.76 57.15 59.98
N VAL E 131 55.73 57.36 59.10
CA VAL E 131 56.45 58.64 58.98
C VAL E 131 56.17 59.20 57.60
N VAL E 132 55.61 60.41 57.55
CA VAL E 132 55.26 61.07 56.30
C VAL E 132 55.87 62.46 56.28
N CYS E 133 56.66 62.73 55.25
CA CYS E 133 57.18 64.06 54.97
C CYS E 133 56.46 64.62 53.76
N LEU E 134 56.01 65.86 53.86
CA LEU E 134 55.09 66.46 52.90
C LEU E 134 55.79 67.57 52.14
N LEU E 135 55.53 67.64 50.83
CA LEU E 135 56.06 68.68 49.96
C LEU E 135 54.91 69.30 49.19
N ASN E 136 54.79 70.64 49.27
CA ASN E 136 53.71 71.36 48.63
C ASN E 136 54.24 72.52 47.81
N ASN E 137 53.53 72.85 46.73
CA ASN E 137 53.79 74.03 45.91
C ASN E 137 55.21 74.00 45.34
N PHE E 138 55.44 73.01 44.49
CA PHE E 138 56.73 72.86 43.85
C PHE E 138 56.53 72.61 42.36
N TYR E 139 57.63 72.80 41.61
CA TYR E 139 57.69 72.66 40.17
C TYR E 139 58.99 71.93 39.85
N PRO E 140 58.94 70.83 39.09
CA PRO E 140 57.80 70.06 38.61
C PRO E 140 57.42 68.84 39.45
N ARG E 141 56.61 67.98 38.83
CA ARG E 141 56.31 66.67 39.40
C ARG E 141 57.57 65.83 39.54
N GLU E 142 58.55 66.04 38.67
CA GLU E 142 59.81 65.32 38.71
C GLU E 142 60.77 66.06 39.62
N ALA E 143 61.27 65.37 40.64
CA ALA E 143 62.20 65.97 41.58
C ALA E 143 63.05 64.87 42.20
N LYS E 144 64.16 65.27 42.82
CA LYS E 144 65.08 64.34 43.45
C LYS E 144 64.66 64.14 44.89
N VAL E 145 64.21 62.92 45.21
CA VAL E 145 63.82 62.53 46.56
C VAL E 145 64.60 61.28 46.94
N GLN E 146 65.19 61.30 48.13
CA GLN E 146 66.05 60.21 48.58
C GLN E 146 65.81 59.95 50.06
N TRP E 147 66.22 58.77 50.50
CA TRP E 147 66.15 58.37 51.90
C TRP E 147 67.52 57.86 52.34
N LYS E 148 67.83 58.05 53.62
CA LYS E 148 69.11 57.63 54.19
C LYS E 148 68.85 56.67 55.33
N VAL E 149 69.40 55.46 55.23
CA VAL E 149 69.27 54.44 56.26
C VAL E 149 70.69 54.04 56.66
N ASP E 150 71.08 54.43 57.88
CA ASP E 150 72.41 54.12 58.42
C ASP E 150 73.52 54.61 57.50
N ASN E 151 73.29 55.79 56.91
CA ASN E 151 74.23 56.41 55.97
C ASN E 151 74.48 55.52 54.76
N ALA E 152 73.48 54.72 54.38
CA ALA E 152 73.57 53.84 53.22
C ALA E 152 72.40 54.13 52.30
N LEU E 153 72.63 54.01 50.99
CA LEU E 153 71.58 54.28 50.02
C LEU E 153 70.40 53.33 50.23
N GLN E 154 69.20 53.89 50.26
CA GLN E 154 67.98 53.14 50.51
C GLN E 154 67.10 53.15 49.26
N SER E 155 66.61 51.97 48.88
CA SER E 155 65.74 51.84 47.73
C SER E 155 64.80 50.64 47.95
N GLY E 156 63.67 50.67 47.26
CA GLY E 156 62.69 49.61 47.38
C GLY E 156 61.83 49.65 48.63
N ASN E 157 61.92 50.73 49.43
CA ASN E 157 61.10 50.83 50.62
C ASN E 157 60.28 52.13 50.66
N SER E 158 60.43 52.99 49.66
CA SER E 158 59.66 54.23 49.58
C SER E 158 58.57 54.29 48.53
N GLN E 159 57.56 55.12 48.81
CA GLN E 159 56.47 55.36 47.86
C GLN E 159 56.12 56.84 47.88
N GLU E 160 55.75 57.35 46.71
CA GLU E 160 55.36 58.74 46.55
C GLU E 160 54.07 58.83 45.74
N SER E 161 53.25 59.82 46.06
CA SER E 161 52.03 60.10 45.32
C SER E 161 51.98 61.60 45.04
N VAL E 162 51.74 61.95 43.77
CA VAL E 162 51.70 63.35 43.33
C VAL E 162 50.26 63.72 43.03
N THR E 163 49.80 64.82 43.63
CA THR E 163 48.48 65.33 43.33
C THR E 163 48.43 65.88 41.91
N GLU E 164 47.25 65.79 41.30
CA GLU E 164 47.06 66.31 39.96
C GLU E 164 47.25 67.83 39.94
N GLN E 165 47.65 68.34 38.78
CA GLN E 165 47.91 69.77 38.64
C GLN E 165 46.66 70.59 38.99
N ASP E 166 46.85 71.60 39.82
CA ASP E 166 45.74 72.47 40.19
C ASP E 166 45.32 73.35 39.02
N SER E 167 44.04 73.66 38.96
CA SER E 167 43.47 74.36 37.81
C SER E 167 43.75 75.85 37.92
N LYS E 168 43.74 76.44 39.11
CA LYS E 168 43.95 77.88 39.21
C LYS E 168 45.32 78.41 39.64
N ASP E 169 46.04 77.64 40.46
CA ASP E 169 47.35 78.07 40.95
C ASP E 169 48.50 77.24 40.38
N SER E 170 48.20 76.09 39.77
CA SER E 170 49.21 75.24 39.12
C SER E 170 50.35 74.89 40.07
N THR E 171 49.99 74.35 41.23
CA THR E 171 50.96 73.91 42.22
C THR E 171 50.84 72.41 42.44
N TYR E 172 51.93 71.82 42.94
CA TYR E 172 52.01 70.40 43.18
C TYR E 172 52.15 70.08 44.66
N SER E 173 51.69 68.89 45.04
CA SER E 173 51.79 68.39 46.40
C SER E 173 52.31 66.97 46.37
N LEU E 174 53.28 66.67 47.25
CA LEU E 174 53.91 65.36 47.30
C LEU E 174 53.91 64.83 48.73
N SER E 175 53.75 63.52 48.86
CA SER E 175 53.79 62.84 50.15
C SER E 175 54.55 61.53 50.01
N SER E 176 55.37 61.22 51.01
CA SER E 176 56.13 59.98 51.05
C SER E 176 55.71 59.20 52.29
N THR E 177 55.42 57.91 52.11
CA THR E 177 54.93 57.06 53.18
C THR E 177 55.99 56.03 53.56
N LEU E 178 56.35 56.01 54.84
CA LEU E 178 57.29 55.03 55.38
C LEU E 178 56.61 54.28 56.53
N THR E 179 56.76 52.95 56.52
CA THR E 179 56.12 52.08 57.50
C THR E 179 57.17 51.17 58.12
N LEU E 180 57.08 50.98 59.44
CA LEU E 180 57.99 50.11 60.17
C LEU E 180 57.24 49.43 61.31
N SER E 181 57.81 48.36 61.83
CA SER E 181 57.17 47.61 62.91
C SER E 181 57.81 47.97 64.24
N LYS E 182 57.14 47.57 65.33
CA LYS E 182 57.46 48.06 66.66
C LYS E 182 58.90 47.72 67.03
N ALA E 183 59.35 46.53 66.64
CA ALA E 183 60.71 46.11 66.96
C ALA E 183 61.74 47.01 66.28
N ASP E 184 61.50 47.35 65.00
CA ASP E 184 62.44 48.20 64.29
C ASP E 184 62.30 49.67 64.69
N TYR E 185 61.10 50.09 65.09
CA TYR E 185 60.91 51.47 65.52
C TYR E 185 61.59 51.73 66.86
N GLU E 186 61.47 50.79 67.80
CA GLU E 186 62.01 50.98 69.13
C GLU E 186 63.53 50.96 69.17
N LYS E 187 64.19 50.57 68.07
CA LYS E 187 65.64 50.49 68.06
C LYS E 187 66.29 51.58 67.20
N HIS E 188 65.52 52.24 66.33
CA HIS E 188 66.04 53.32 65.51
C HIS E 188 65.44 54.72 65.54
N LYS E 189 66.17 55.64 66.17
CA LYS E 189 65.69 57.00 66.41
C LYS E 189 65.97 58.26 65.62
N VAL E 190 66.81 58.19 64.59
CA VAL E 190 67.04 59.31 63.69
C VAL E 190 66.44 58.97 62.33
N TYR E 191 65.51 59.81 61.87
CA TYR E 191 64.97 59.75 60.53
C TYR E 191 64.95 61.16 59.94
N ALA E 192 65.33 61.27 58.67
CA ALA E 192 65.36 62.55 57.99
C ALA E 192 64.79 62.42 56.58
N CYS E 193 64.09 63.44 56.14
CA CYS E 193 63.55 63.53 54.79
C CYS E 193 64.09 64.80 54.13
N GLU E 194 64.91 64.64 53.11
CA GLU E 194 65.57 65.75 52.44
C GLU E 194 65.29 65.69 50.95
N VAL E 195 64.87 66.83 50.39
CA VAL E 195 64.53 66.94 48.98
C VAL E 195 65.17 68.22 48.45
N THR E 196 65.75 68.14 47.25
CA THR E 196 66.38 69.29 46.60
C THR E 196 65.51 69.75 45.44
N HIS E 197 65.12 71.02 45.48
CA HIS E 197 64.28 71.59 44.45
C HIS E 197 65.14 72.27 43.38
N GLN E 198 64.51 72.55 42.23
CA GLN E 198 65.21 73.22 41.14
C GLN E 198 65.70 74.61 41.52
N GLY E 199 64.92 75.34 42.31
CA GLY E 199 65.36 76.64 42.78
C GLY E 199 66.59 76.54 43.67
N LEU E 200 67.66 77.24 43.29
CA LEU E 200 68.92 77.16 44.01
C LEU E 200 68.77 77.82 45.37
N SER E 201 68.80 77.02 46.43
CA SER E 201 68.69 77.51 47.79
C SER E 201 69.38 76.51 48.71
N SER E 202 69.34 76.79 50.01
CA SER E 202 69.96 75.89 50.99
C SER E 202 69.13 74.62 51.10
N PRO E 203 69.75 73.45 51.07
CA PRO E 203 69.00 72.20 51.26
C PRO E 203 68.21 72.22 52.56
N VAL E 204 67.00 71.69 52.50
CA VAL E 204 66.10 71.68 53.65
C VAL E 204 66.51 70.56 54.59
N THR E 205 66.69 70.91 55.87
CA THR E 205 67.00 69.96 56.92
C THR E 205 65.85 69.92 57.90
N LYS E 206 65.31 68.73 58.13
CA LYS E 206 64.15 68.54 59.00
C LYS E 206 64.57 67.73 60.22
N SER E 207 64.33 68.29 61.41
CA SER E 207 64.69 67.64 62.66
C SER E 207 63.50 67.66 63.61
N PHE E 208 63.38 66.60 64.41
CA PHE E 208 62.30 66.48 65.37
C PHE E 208 62.80 65.75 66.61
N ASN E 209 62.23 66.08 67.76
CA ASN E 209 62.57 65.42 69.02
C ASN E 209 61.43 64.53 69.48
N ARG E 210 61.79 63.44 70.17
CA ARG E 210 60.78 62.49 70.64
C ARG E 210 59.98 63.05 71.80
N GLY E 211 60.62 63.80 72.69
CA GLY E 211 59.92 64.27 73.88
C GLY E 211 58.81 65.25 73.57
N GLU E 212 59.00 66.09 72.55
CA GLU E 212 58.01 67.10 72.21
C GLU E 212 57.39 66.82 70.84
N ILE F 1 40.14 -7.11 47.62
CA ILE F 1 40.68 -8.10 48.53
C ILE F 1 40.63 -7.57 49.97
N ARG F 2 40.27 -8.44 50.91
CA ARG F 2 40.21 -8.08 52.32
C ARG F 2 41.61 -8.20 52.90
N MET F 3 42.43 -7.18 52.63
CA MET F 3 43.79 -7.17 53.15
C MET F 3 43.78 -7.03 54.66
N THR F 4 44.63 -7.82 55.32
CA THR F 4 44.65 -7.91 56.79
C THR F 4 46.08 -7.79 57.29
N GLN F 5 46.33 -6.76 58.10
CA GLN F 5 47.61 -6.63 58.79
C GLN F 5 47.40 -6.85 60.28
N SER F 6 48.12 -7.82 60.85
CA SER F 6 47.89 -8.22 62.23
C SER F 6 48.55 -7.44 63.37
N PRO F 7 49.76 -6.91 63.22
CA PRO F 7 50.31 -6.01 64.24
C PRO F 7 50.17 -4.50 64.13
N ALA F 8 49.35 -3.93 65.02
CA ALA F 8 49.17 -2.49 65.08
C ALA F 8 49.84 -1.65 66.16
N SER F 9 50.38 -2.27 67.21
CA SER F 9 51.00 -1.52 68.29
C SER F 9 52.03 -2.62 68.40
N LEU F 10 53.30 -2.31 68.20
CA LEU F 10 54.34 -3.33 68.31
C LEU F 10 55.36 -2.26 68.66
N SER F 11 56.17 -2.54 69.69
CA SER F 11 57.15 -1.58 70.19
C SER F 11 58.40 -2.35 70.61
N ALA F 12 59.50 -2.10 69.91
CA ALA F 12 60.78 -2.73 70.22
C ALA F 12 61.83 -1.67 70.56
N SER F 13 62.78 -2.08 71.39
CA SER F 13 63.87 -1.19 71.77
C SER F 13 64.81 -0.97 70.60
N ILE F 14 65.86 -0.18 70.84
CA ILE F 14 66.84 0.14 69.82
C ILE F 14 67.51 -1.13 69.30
N GLY F 15 67.61 -1.25 67.98
CA GLY F 15 68.28 -2.38 67.37
C GLY F 15 67.69 -3.76 67.53
N ASP F 16 66.40 -3.92 67.24
CA ASP F 16 65.74 -5.20 67.44
C ASP F 16 65.18 -5.80 66.16
N ARG F 17 64.73 -7.04 66.27
CA ARG F 17 64.21 -7.81 65.15
C ARG F 17 62.69 -7.92 65.29
N VAL F 18 61.95 -7.26 64.39
CA VAL F 18 60.50 -7.31 64.40
C VAL F 18 60.00 -7.83 63.06
N THR F 19 58.68 -8.02 62.94
CA THR F 19 58.11 -8.63 61.74
C THR F 19 56.67 -8.17 61.58
N ILE F 20 56.31 -7.81 60.35
CA ILE F 20 54.95 -7.41 60.02
C ILE F 20 54.36 -8.44 59.06
N THR F 21 53.08 -8.74 59.26
CA THR F 21 52.40 -9.78 58.49
C THR F 21 51.17 -9.19 57.83
N CYS F 22 51.18 -9.11 56.51
CA CYS F 22 50.01 -8.73 55.73
C CYS F 22 49.38 -9.97 55.10
N GLN F 23 48.07 -10.10 55.25
CA GLN F 23 47.37 -11.30 54.82
C GLN F 23 46.24 -10.92 53.87
N ALA F 24 46.00 -11.76 52.86
CA ALA F 24 44.99 -11.46 51.82
C ALA F 24 43.86 -12.48 51.81
N SER F 25 42.89 -12.31 50.91
CA SER F 25 41.72 -13.22 50.89
C SER F 25 41.67 -14.11 49.64
N GLN F 26 42.72 -14.11 48.80
CA GLN F 26 42.74 -14.88 47.52
C GLN F 26 44.20 -15.15 47.16
N ASP F 27 44.48 -15.63 45.95
CA ASP F 27 45.90 -15.75 45.57
C ASP F 27 46.27 -14.49 44.82
N ILE F 28 47.15 -13.65 45.36
CA ILE F 28 47.61 -12.43 44.66
C ILE F 28 49.00 -12.76 44.15
N ASN F 29 49.40 -14.01 44.29
CA ASN F 29 50.72 -14.42 43.76
C ASN F 29 51.75 -13.56 44.45
N LYS F 30 52.54 -12.80 43.71
CA LYS F 30 53.63 -12.08 44.37
C LYS F 30 53.45 -10.58 44.21
N TYR F 31 52.34 -10.11 43.67
CA TYR F 31 52.14 -8.67 43.39
C TYR F 31 51.62 -7.89 44.60
N LEU F 32 52.42 -7.75 45.65
CA LEU F 32 52.04 -6.98 46.87
C LEU F 32 53.24 -6.16 47.22
N ASN F 33 53.14 -4.86 47.19
CA ASN F 33 54.15 -3.86 47.49
C ASN F 33 54.08 -3.47 48.96
N TRP F 34 55.23 -3.11 49.53
CA TRP F 34 55.31 -2.65 50.91
C TRP F 34 55.73 -1.19 50.92
N TYR F 35 54.93 -0.35 51.56
CA TYR F 35 55.16 1.08 51.61
C TYR F 35 55.61 1.50 53.00
N GLN F 36 56.25 2.67 53.07
CA GLN F 36 56.67 3.28 54.33
C GLN F 36 56.29 4.75 54.29
N GLN F 37 55.39 5.16 55.18
CA GLN F 37 54.90 6.53 55.24
C GLN F 37 55.35 7.14 56.57
N LYS F 38 56.31 8.05 56.50
CA LYS F 38 56.70 8.82 57.67
C LYS F 38 55.63 9.87 57.97
N PRO F 39 55.59 10.38 59.22
CA PRO F 39 54.58 11.38 59.56
C PRO F 39 54.64 12.61 58.67
N GLY F 40 53.52 12.94 58.03
CA GLY F 40 53.46 14.08 57.12
C GLY F 40 54.06 13.85 55.75
N LYS F 41 55.29 13.34 55.70
CA LYS F 41 55.95 13.11 54.43
C LYS F 41 55.29 11.95 53.68
N ALA F 42 55.34 12.03 52.32
CA ALA F 42 54.70 11.11 51.40
C ALA F 42 55.29 9.70 51.50
N PRO F 43 54.45 8.68 51.31
CA PRO F 43 54.94 7.29 51.43
C PRO F 43 56.07 6.94 50.47
N ARG F 44 56.91 5.99 50.88
CA ARG F 44 58.01 5.47 50.08
C ARG F 44 57.74 4.02 49.74
N LEU F 45 58.15 3.62 48.53
CA LEU F 45 58.12 2.21 48.19
C LEU F 45 59.30 1.33 48.57
N LEU F 46 59.12 0.49 49.57
CA LEU F 46 60.17 -0.40 50.06
C LEU F 46 60.46 -1.78 49.49
N ILE F 47 59.43 -2.59 49.23
CA ILE F 47 59.60 -3.91 48.65
C ILE F 47 58.53 -4.14 47.60
N TYR F 48 58.88 -3.98 46.33
CA TYR F 48 57.92 -4.23 45.27
C TYR F 48 57.91 -5.71 44.91
N ASP F 49 56.72 -6.20 44.52
CA ASP F 49 56.50 -7.60 44.19
C ASP F 49 56.52 -8.56 45.37
N ALA F 50 56.77 -8.03 46.58
CA ALA F 50 56.88 -8.85 47.81
C ALA F 50 58.24 -9.54 47.98
N SER F 51 59.06 -9.54 46.94
CA SER F 51 60.41 -10.15 47.02
C SER F 51 61.57 -9.29 46.50
N ASN F 52 61.35 -7.99 46.27
CA ASN F 52 62.44 -7.23 45.67
C ASN F 52 62.46 -5.90 46.41
N LEU F 53 63.53 -5.62 47.15
CA LEU F 53 63.70 -4.33 47.78
C LEU F 53 64.31 -3.35 46.78
N GLU F 54 63.75 -2.15 46.71
CA GLU F 54 64.22 -1.16 45.75
C GLU F 54 65.63 -0.70 46.12
N THR F 55 66.43 -0.41 45.09
CA THR F 55 67.78 0.05 45.29
C THR F 55 67.78 1.44 45.93
N GLY F 56 68.82 1.71 46.72
CA GLY F 56 68.94 2.93 47.47
C GLY F 56 68.35 2.87 48.87
N VAL F 57 67.49 1.91 49.13
CA VAL F 57 66.94 1.71 50.48
C VAL F 57 68.14 1.27 51.30
N PRO F 58 68.06 1.31 52.63
CA PRO F 58 69.14 0.76 53.47
C PRO F 58 68.78 -0.69 53.19
N SER F 59 69.63 -1.62 53.65
CA SER F 59 69.53 -3.02 53.27
C SER F 59 68.97 -3.91 54.38
N ARG F 60 68.15 -3.34 55.25
CA ARG F 60 67.67 -4.17 56.38
C ARG F 60 66.29 -4.76 56.10
N PHE F 61 65.48 -4.10 55.28
CA PHE F 61 64.10 -4.54 55.10
C PHE F 61 64.03 -5.66 54.08
N SER F 62 63.44 -6.78 54.50
CA SER F 62 63.29 -7.95 53.64
C SER F 62 61.87 -8.49 53.76
N GLY F 63 61.34 -8.95 52.64
CA GLY F 63 60.00 -9.52 52.61
C GLY F 63 59.94 -10.70 51.68
N SER F 64 59.10 -11.67 52.04
CA SER F 64 58.96 -12.88 51.26
C SER F 64 57.56 -13.45 51.48
N GLY F 65 56.95 -13.92 50.41
CA GLY F 65 55.62 -14.49 50.51
C GLY F 65 55.12 -14.89 49.14
N SER F 66 53.99 -15.59 49.14
CA SER F 66 53.36 -16.05 47.92
C SER F 66 51.95 -16.51 48.25
N GLY F 67 51.00 -16.20 47.37
CA GLY F 67 49.64 -16.66 47.55
C GLY F 67 49.20 -15.73 48.65
N THR F 68 48.26 -16.17 49.47
CA THR F 68 47.66 -15.32 50.50
C THR F 68 48.42 -14.60 51.62
N ASP F 69 49.25 -15.32 52.37
CA ASP F 69 49.90 -14.72 53.54
C ASP F 69 51.28 -14.20 53.16
N PHE F 70 51.56 -12.95 53.54
CA PHE F 70 52.84 -12.32 53.29
C PHE F 70 53.39 -11.77 54.60
N THR F 71 54.72 -11.66 54.66
CA THR F 71 55.40 -11.19 55.86
C THR F 71 56.43 -10.12 55.49
N PHE F 72 56.64 -9.19 56.40
CA PHE F 72 57.60 -8.10 56.24
C PHE F 72 58.51 -8.08 57.47
N THR F 73 59.81 -7.92 57.22
CA THR F 73 60.81 -8.05 58.26
C THR F 73 61.67 -6.80 58.33
N ILE F 74 62.19 -6.53 59.53
CA ILE F 74 63.08 -5.41 59.79
C ILE F 74 64.32 -5.96 60.48
N SER F 75 65.48 -5.84 59.81
CA SER F 75 66.71 -6.41 60.33
C SER F 75 67.49 -5.66 61.40
N SER F 76 67.42 -4.34 61.38
CA SER F 76 68.14 -3.49 62.34
C SER F 76 67.22 -2.30 62.52
N LEU F 77 66.78 -2.07 63.75
CA LEU F 77 65.85 -0.99 64.06
C LEU F 77 66.62 0.27 64.43
N GLN F 78 67.00 1.03 63.41
CA GLN F 78 67.63 2.31 63.64
C GLN F 78 66.62 3.29 64.24
N PRO F 79 67.06 4.28 65.02
CA PRO F 79 66.11 5.21 65.64
C PRO F 79 65.29 5.98 64.62
N GLU F 80 65.88 6.28 63.46
CA GLU F 80 65.15 6.96 62.40
C GLU F 80 64.39 5.96 61.53
N ASP F 81 63.58 5.11 62.16
CA ASP F 81 62.74 4.16 61.44
C ASP F 81 61.28 4.26 61.82
N ILE F 82 60.86 5.34 62.48
CA ILE F 82 59.49 5.46 62.94
C ILE F 82 58.60 5.87 61.77
N ALA F 83 57.62 5.03 61.44
CA ALA F 83 56.70 5.30 60.34
C ALA F 83 55.51 4.37 60.38
N THR F 84 54.66 4.43 59.36
CA THR F 84 53.54 3.51 59.20
C THR F 84 53.67 2.81 57.86
N TYR F 85 53.66 1.48 57.88
CA TYR F 85 53.92 0.67 56.70
C TYR F 85 52.63 0.06 56.17
N TYR F 86 52.48 0.08 54.85
CA TYR F 86 51.26 -0.36 54.19
C TYR F 86 51.59 -1.44 53.17
N CYS F 87 50.65 -2.38 52.97
CA CYS F 87 50.78 -3.40 51.95
C CYS F 87 49.71 -3.19 50.89
N GLN F 88 50.13 -3.14 49.63
CA GLN F 88 49.24 -2.89 48.50
C GLN F 88 49.37 -4.00 47.47
N GLN F 89 48.23 -4.41 46.90
CA GLN F 89 48.20 -5.34 45.77
C GLN F 89 47.74 -4.57 44.54
N TYR F 90 48.49 -4.68 43.45
CA TYR F 90 48.33 -3.75 42.34
C TYR F 90 47.87 -4.39 41.04
N ASP F 91 47.35 -5.62 41.09
CA ASP F 91 46.89 -6.25 39.85
C ASP F 91 45.44 -6.70 39.82
N ASN F 92 44.74 -6.62 40.94
CA ASN F 92 43.32 -6.91 40.94
C ASN F 92 42.78 -5.48 40.93
N LEU F 93 41.83 -5.22 40.03
CA LEU F 93 41.38 -3.86 39.76
C LEU F 93 40.87 -3.14 41.02
N PRO F 94 40.06 -3.78 41.89
CA PRO F 94 39.73 -3.11 43.15
C PRO F 94 40.93 -3.08 44.08
N ILE F 95 41.90 -2.23 43.76
CA ILE F 95 43.14 -2.12 44.54
C ILE F 95 42.81 -1.67 45.96
N THR F 96 43.05 -2.54 46.92
CA THR F 96 42.77 -2.26 48.32
C THR F 96 44.05 -2.29 49.13
N PHE F 97 44.27 -1.24 49.92
CA PHE F 97 45.46 -1.16 50.76
C PHE F 97 45.23 -1.92 52.06
N GLY F 98 46.17 -1.78 52.99
CA GLY F 98 46.05 -2.45 54.27
C GLY F 98 45.89 -1.38 55.33
N GLN F 99 45.69 -1.79 56.58
CA GLN F 99 45.51 -0.85 57.67
C GLN F 99 46.65 -0.02 58.26
N GLY F 100 47.88 -0.47 58.07
CA GLY F 100 49.03 0.27 58.56
C GLY F 100 49.42 -0.39 59.86
N THR F 101 50.70 -0.32 60.20
CA THR F 101 51.22 -0.80 61.48
C THR F 101 52.11 0.35 61.95
N ARG F 102 51.57 1.18 62.84
CA ARG F 102 52.34 2.29 63.38
C ARG F 102 53.44 1.77 64.30
N LEU F 103 54.68 1.92 63.87
CA LEU F 103 55.82 1.43 64.65
C LEU F 103 56.40 2.57 65.49
N GLU F 104 56.81 2.22 66.71
CA GLU F 104 57.38 3.19 67.63
C GLU F 104 58.61 2.58 68.29
N ILE F 105 59.31 3.39 69.09
CA ILE F 105 60.56 2.98 69.71
C ILE F 105 60.42 3.12 71.23
N LYS F 106 61.13 2.26 71.96
CA LYS F 106 61.01 2.18 73.40
C LYS F 106 62.38 2.42 74.04
N ARG F 107 62.36 3.17 75.13
CA ARG F 107 63.58 3.52 75.86
C ARG F 107 63.19 3.79 77.30
N THR F 108 64.16 4.22 78.10
CA THR F 108 63.93 4.47 79.52
C THR F 108 63.06 5.70 79.73
N VAL F 109 62.70 5.98 80.97
CA VAL F 109 61.91 7.16 81.29
C VAL F 109 62.82 8.39 81.35
N ALA F 110 62.21 9.57 81.42
CA ALA F 110 62.93 10.82 81.51
C ALA F 110 62.14 11.81 82.36
N ALA F 111 62.85 12.71 83.03
CA ALA F 111 62.21 13.71 83.87
C ALA F 111 61.62 14.82 83.01
N PRO F 112 60.31 15.05 83.09
CA PRO F 112 59.70 16.08 82.22
C PRO F 112 59.87 17.48 82.78
N SER F 113 59.97 18.45 81.87
CA SER F 113 60.01 19.86 82.22
C SER F 113 58.64 20.47 81.97
N VAL F 114 58.07 21.12 82.98
CA VAL F 114 56.70 21.61 82.94
C VAL F 114 56.73 23.14 82.92
N PHE F 115 56.10 23.72 81.90
CA PHE F 115 55.91 25.15 81.78
C PHE F 115 54.43 25.46 81.63
N ILE F 116 54.03 26.64 82.09
CA ILE F 116 52.65 27.10 81.98
C ILE F 116 52.68 28.57 81.56
N PHE F 117 51.69 28.97 80.76
CA PHE F 117 51.62 30.33 80.23
C PHE F 117 50.36 31.01 80.72
N PRO F 118 50.41 32.29 81.06
CA PRO F 118 49.21 33.01 81.49
C PRO F 118 48.52 33.66 80.30
N PRO F 119 47.23 33.97 80.43
CA PRO F 119 46.53 34.67 79.35
C PRO F 119 47.05 36.09 79.18
N SER F 120 46.93 36.60 77.95
CA SER F 120 47.35 37.96 77.66
C SER F 120 46.24 38.95 78.01
N ASP F 121 46.64 40.20 78.24
CA ASP F 121 45.69 41.23 78.66
C ASP F 121 44.67 41.52 77.57
N GLU F 122 45.10 41.52 76.31
CA GLU F 122 44.19 41.84 75.21
C GLU F 122 43.05 40.82 75.11
N GLN F 123 43.37 39.53 75.20
CA GLN F 123 42.33 38.51 75.15
C GLN F 123 41.39 38.61 76.36
N LEU F 124 41.94 38.88 77.55
CA LEU F 124 41.11 39.00 78.73
C LEU F 124 40.14 40.18 78.60
N LYS F 125 40.63 41.30 78.06
CA LYS F 125 39.74 42.43 77.80
C LYS F 125 38.83 42.26 76.59
N SER F 126 38.98 41.14 75.86
CA SER F 126 38.17 40.90 74.67
C SER F 126 37.30 39.74 75.12
N GLY F 127 36.94 39.62 76.34
CA GLY F 127 35.98 38.65 76.82
C GLY F 127 36.18 37.16 76.86
N THR F 128 37.42 36.67 76.79
CA THR F 128 37.71 35.24 76.77
C THR F 128 39.11 35.04 77.35
N ALA F 129 39.38 33.85 77.86
CA ALA F 129 40.66 33.52 78.46
C ALA F 129 41.18 32.20 77.92
N SER F 130 42.50 32.04 77.93
CA SER F 130 43.16 30.81 77.51
C SER F 130 44.27 30.48 78.48
N VAL F 131 44.15 29.33 79.15
CA VAL F 131 45.17 28.86 80.08
C VAL F 131 45.73 27.55 79.55
N VAL F 132 47.04 27.50 79.31
CA VAL F 132 47.71 26.34 78.76
C VAL F 132 48.86 25.95 79.67
N CYS F 133 48.86 24.71 80.13
CA CYS F 133 49.98 24.12 80.86
C CYS F 133 50.65 23.09 79.96
N LEU F 134 51.98 23.17 79.89
CA LEU F 134 52.76 22.44 78.90
C LEU F 134 53.60 21.37 79.57
N LEU F 135 53.67 20.20 78.95
CA LEU F 135 54.48 19.09 79.42
C LEU F 135 55.37 18.61 78.28
N ASN F 136 56.67 18.54 78.54
CA ASN F 136 57.64 18.16 77.51
C ASN F 136 58.57 17.06 78.04
N ASN F 137 59.03 16.20 77.13
CA ASN F 137 60.05 15.21 77.42
C ASN F 137 59.60 14.25 78.53
N PHE F 138 58.54 13.50 78.22
CA PHE F 138 58.00 12.54 79.17
C PHE F 138 57.76 11.22 78.46
N TYR F 139 57.59 10.18 79.27
CA TYR F 139 57.37 8.81 78.85
C TYR F 139 56.30 8.23 79.75
N PRO F 140 55.22 7.65 79.21
CA PRO F 140 54.77 7.65 77.80
C PRO F 140 53.75 8.70 77.42
N ARG F 141 53.12 8.46 76.27
CA ARG F 141 51.98 9.26 75.85
C ARG F 141 50.82 9.14 76.83
N GLU F 142 50.72 8.01 77.52
CA GLU F 142 49.68 7.77 78.50
C GLU F 142 50.16 8.26 79.86
N ALA F 143 49.41 9.17 80.46
CA ALA F 143 49.77 9.73 81.75
C ALA F 143 48.51 10.21 82.44
N LYS F 144 48.62 10.42 83.75
CA LYS F 144 47.49 10.88 84.56
C LYS F 144 47.48 12.40 84.59
N VAL F 145 46.46 12.99 83.96
CA VAL F 145 46.27 14.43 83.94
C VAL F 145 44.87 14.73 84.44
N GLN F 146 44.77 15.68 85.38
CA GLN F 146 43.51 16.01 86.02
C GLN F 146 43.40 17.52 86.20
N TRP F 147 42.17 17.97 86.43
CA TRP F 147 41.87 19.36 86.70
C TRP F 147 41.03 19.46 87.96
N LYS F 148 41.18 20.57 88.69
CA LYS F 148 40.46 20.78 89.93
C LYS F 148 39.67 22.07 89.81
N VAL F 149 38.35 21.98 89.99
CA VAL F 149 37.45 23.12 89.94
C VAL F 149 36.70 23.15 91.26
N ASP F 150 37.01 24.15 92.10
CA ASP F 150 36.38 24.32 93.41
C ASP F 150 36.49 23.05 94.25
N ASN F 151 37.67 22.41 94.16
CA ASN F 151 37.95 21.16 94.88
C ASN F 151 36.96 20.06 94.50
N ALA F 152 36.45 20.09 93.28
CA ALA F 152 35.53 19.09 92.77
C ALA F 152 36.09 18.51 91.48
N LEU F 153 35.84 17.22 91.25
CA LEU F 153 36.35 16.56 90.05
C LEU F 153 35.78 17.23 88.80
N GLN F 154 36.66 17.53 87.86
CA GLN F 154 36.28 18.21 86.62
C GLN F 154 36.48 17.29 85.43
N SER F 155 35.47 17.22 84.57
CA SER F 155 35.52 16.39 83.38
C SER F 155 34.66 17.02 82.30
N GLY F 156 34.96 16.70 81.05
CA GLY F 156 34.23 17.24 79.92
C GLY F 156 34.56 18.65 79.54
N ASN F 157 35.60 19.25 80.13
CA ASN F 157 36.00 20.61 79.78
C ASN F 157 37.47 20.71 79.36
N SER F 158 38.21 19.61 79.41
CA SER F 158 39.59 19.58 78.98
C SER F 158 39.92 18.88 77.67
N GLN F 159 40.99 19.34 77.03
CA GLN F 159 41.50 18.73 75.81
C GLN F 159 43.01 18.65 75.85
N GLU F 160 43.55 17.58 75.29
CA GLU F 160 44.98 17.35 75.23
C GLU F 160 45.38 16.95 73.82
N SER F 161 46.58 17.36 73.41
CA SER F 161 47.16 16.97 72.14
C SER F 161 48.58 16.51 72.37
N VAL F 162 48.94 15.34 71.84
CA VAL F 162 50.26 14.76 72.02
C VAL F 162 51.00 14.84 70.69
N THR F 163 52.21 15.39 70.74
CA THR F 163 53.06 15.42 69.56
C THR F 163 53.53 14.01 69.21
N GLU F 164 53.75 13.79 67.92
CA GLU F 164 54.23 12.50 67.45
C GLU F 164 55.64 12.23 68.00
N GLN F 165 55.96 10.95 68.14
CA GLN F 165 57.26 10.56 68.68
C GLN F 165 58.40 11.13 67.85
N ASP F 166 59.36 11.73 68.54
CA ASP F 166 60.52 12.29 67.87
C ASP F 166 61.41 11.19 67.32
N SER F 167 62.08 11.45 66.20
CA SER F 167 62.86 10.44 65.50
C SER F 167 64.21 10.25 66.17
N LYS F 168 64.84 11.32 66.68
CA LYS F 168 66.16 11.17 67.26
C LYS F 168 66.30 11.12 68.78
N ASP F 169 65.42 11.78 69.51
CA ASP F 169 65.48 11.81 70.96
C ASP F 169 64.34 11.06 71.63
N SER F 170 63.28 10.71 70.89
CA SER F 170 62.17 9.91 71.39
C SER F 170 61.55 10.54 72.65
N THR F 171 61.19 11.80 72.55
CA THR F 171 60.55 12.53 73.64
C THR F 171 59.15 12.96 73.22
N TYR F 172 58.31 13.21 74.23
CA TYR F 172 56.92 13.60 74.02
C TYR F 172 56.66 15.01 74.53
N SER F 173 55.67 15.65 73.93
CA SER F 173 55.22 16.98 74.32
C SER F 173 53.71 16.98 74.45
N LEU F 174 53.20 17.58 75.52
CA LEU F 174 51.77 17.62 75.79
C LEU F 174 51.33 19.04 76.11
N SER F 175 50.12 19.39 75.67
CA SER F 175 49.53 20.68 75.94
C SER F 175 48.05 20.50 76.27
N SER F 176 47.57 21.25 77.25
CA SER F 176 46.17 21.25 77.65
C SER F 176 45.60 22.64 77.46
N THR F 177 44.43 22.72 76.82
CA THR F 177 43.80 23.99 76.48
C THR F 177 42.54 24.18 77.32
N LEU F 178 42.48 25.30 78.05
CA LEU F 178 41.31 25.67 78.83
C LEU F 178 40.83 27.04 78.38
N THR F 179 39.52 27.17 78.17
CA THR F 179 38.92 28.40 77.68
C THR F 179 37.78 28.80 78.62
N LEU F 180 37.67 30.10 78.89
CA LEU F 180 36.62 30.64 79.74
C LEU F 180 36.24 32.03 79.24
N SER F 181 35.06 32.51 79.66
CA SER F 181 34.59 33.82 79.22
C SER F 181 34.82 34.85 80.31
N LYS F 182 34.68 36.12 79.94
CA LYS F 182 35.12 37.23 80.78
C LYS F 182 34.41 37.22 82.12
N ALA F 183 33.12 36.87 82.11
CA ALA F 183 32.36 36.83 83.35
C ALA F 183 32.90 35.77 84.31
N ASP F 184 33.23 34.59 83.78
CA ASP F 184 33.76 33.52 84.63
C ASP F 184 35.22 33.76 84.99
N TYR F 185 35.98 34.42 84.12
CA TYR F 185 37.37 34.71 84.43
C TYR F 185 37.50 35.75 85.52
N GLU F 186 36.67 36.80 85.47
CA GLU F 186 36.77 37.88 86.45
C GLU F 186 36.33 37.47 87.84
N LYS F 187 35.72 36.30 88.00
CA LYS F 187 35.24 35.87 89.30
C LYS F 187 36.06 34.75 89.91
N HIS F 188 36.87 34.05 89.10
CA HIS F 188 37.72 32.98 89.58
C HIS F 188 39.23 32.99 89.40
N LYS F 189 39.94 33.26 90.50
CA LYS F 189 41.38 33.45 90.47
C LYS F 189 42.49 32.45 90.80
N VAL F 190 42.14 31.25 91.23
CA VAL F 190 43.10 30.17 91.43
C VAL F 190 42.88 29.11 90.37
N TYR F 191 43.91 28.83 89.59
CA TYR F 191 43.95 27.71 88.66
C TYR F 191 45.28 26.97 88.81
N ALA F 192 45.21 25.64 88.78
CA ALA F 192 46.41 24.82 88.93
C ALA F 192 46.36 23.67 87.93
N CYS F 193 47.53 23.32 87.40
CA CYS F 193 47.69 22.19 86.51
C CYS F 193 48.73 21.24 87.10
N GLU F 194 48.29 20.05 87.50
CA GLU F 194 49.15 19.08 88.18
C GLU F 194 49.10 17.76 87.43
N VAL F 195 50.28 17.20 87.16
CA VAL F 195 50.41 15.93 86.45
C VAL F 195 51.43 15.09 87.18
N THR F 196 51.14 13.79 87.31
CA THR F 196 52.02 12.84 87.98
C THR F 196 52.66 11.95 86.94
N HIS F 197 53.99 11.92 86.91
CA HIS F 197 54.72 11.11 85.95
C HIS F 197 55.08 9.75 86.58
N GLN F 198 55.47 8.81 85.71
CA GLN F 198 55.86 7.49 86.18
C GLN F 198 57.08 7.53 87.10
N GLY F 199 58.04 8.40 86.81
CA GLY F 199 59.19 8.56 87.69
C GLY F 199 58.79 9.06 89.06
N LEU F 200 59.14 8.29 90.10
CA LEU F 200 58.74 8.62 91.46
C LEU F 200 59.49 9.87 91.92
N SER F 201 58.76 10.97 92.07
CA SER F 201 59.33 12.24 92.52
C SER F 201 58.23 13.04 93.19
N SER F 202 58.57 14.24 93.63
CA SER F 202 57.58 15.11 94.28
C SER F 202 56.60 15.63 93.24
N PRO F 203 55.29 15.56 93.50
CA PRO F 203 54.33 16.13 92.56
C PRO F 203 54.62 17.59 92.25
N VAL F 204 54.44 17.95 90.99
CA VAL F 204 54.75 19.29 90.52
C VAL F 204 53.61 20.23 90.91
N THR F 205 53.95 21.33 91.57
CA THR F 205 53.00 22.36 91.94
C THR F 205 53.33 23.64 91.19
N LYS F 206 52.35 24.16 90.46
CA LYS F 206 52.53 25.34 89.63
C LYS F 206 51.70 26.49 90.20
N SER F 207 52.35 27.62 90.48
CA SER F 207 51.69 28.79 91.04
C SER F 207 52.10 30.03 90.25
N PHE F 208 51.15 30.96 90.13
CA PHE F 208 51.38 32.20 89.41
C PHE F 208 50.59 33.32 90.07
N ASN F 209 51.13 34.53 89.99
CA ASN F 209 50.46 35.71 90.53
C ASN F 209 49.94 36.61 89.41
N ARG F 210 48.83 37.30 89.69
CA ARG F 210 48.23 38.15 88.67
C ARG F 210 49.04 39.41 88.43
N GLY F 211 49.63 39.98 89.49
CA GLY F 211 50.33 41.24 89.35
C GLY F 211 51.57 41.14 88.47
N GLU F 212 52.27 40.01 88.54
CA GLU F 212 53.49 39.84 87.77
C GLU F 212 53.34 38.76 86.70
N GLU G 1 65.24 13.44 39.50
CA GLU G 1 64.18 13.80 40.43
C GLU G 1 62.82 13.64 39.76
N VAL G 2 61.87 13.08 40.50
CA VAL G 2 60.53 12.83 39.99
C VAL G 2 60.03 13.61 41.19
N GLN G 3 59.61 14.73 41.18
CA GLN G 3 59.18 15.47 42.35
C GLN G 3 57.86 15.91 41.72
N LEU G 4 56.81 15.95 42.53
CA LEU G 4 55.48 16.32 42.08
C LEU G 4 54.92 17.41 42.99
N VAL G 5 54.18 18.36 42.39
CA VAL G 5 53.67 19.52 43.11
C VAL G 5 52.40 19.04 42.41
N GLU G 6 51.52 18.45 43.22
CA GLU G 6 50.18 18.03 42.74
C GLU G 6 49.54 18.89 43.80
N SER G 7 49.15 20.08 43.37
CA SER G 7 48.68 20.98 44.43
C SER G 7 47.53 21.66 43.70
N GLY G 8 46.30 21.32 44.09
CA GLY G 8 45.12 22.01 43.57
C GLY G 8 44.03 21.67 44.55
N GLY G 9 42.97 22.46 44.67
CA GLY G 9 41.87 22.03 45.53
C GLY G 9 42.12 22.83 46.79
N ASP G 10 41.06 23.20 47.48
CA ASP G 10 41.12 23.59 48.90
C ASP G 10 39.60 23.53 48.71
N LEU G 11 38.84 23.91 49.73
CA LEU G 11 37.38 23.74 49.67
C LEU G 11 36.05 24.45 49.45
N VAL G 12 35.03 23.73 48.99
CA VAL G 12 33.85 24.05 48.19
C VAL G 12 32.66 23.63 49.04
N GLN G 13 31.45 23.88 48.55
CA GLN G 13 30.23 23.59 49.27
C GLN G 13 30.02 22.13 48.85
N PRO G 14 29.10 21.41 49.50
CA PRO G 14 28.67 20.09 49.02
C PRO G 14 27.89 20.17 47.72
N GLY G 15 28.37 19.48 46.68
CA GLY G 15 27.75 19.52 45.38
C GLY G 15 28.53 20.36 44.39
N GLY G 16 29.75 20.74 44.77
CA GLY G 16 30.61 21.54 43.94
C GLY G 16 31.44 20.69 42.98
N SER G 17 32.40 21.35 42.32
CA SER G 17 33.24 20.68 41.35
C SER G 17 34.65 21.28 41.45
N LEU G 18 35.59 20.50 41.95
CA LEU G 18 36.98 20.90 42.06
C LEU G 18 37.82 20.23 40.98
N ARG G 19 38.98 20.81 40.71
CA ARG G 19 39.85 20.34 39.64
C ARG G 19 41.27 20.22 40.18
N LEU G 20 41.77 18.99 40.24
CA LEU G 20 43.13 18.74 40.68
C LEU G 20 44.10 18.80 39.49
N SER G 21 45.38 18.89 39.80
CA SER G 21 46.41 19.03 38.78
C SER G 21 47.56 18.30 39.44
N CYS G 22 48.33 17.56 38.66
CA CYS G 22 49.50 16.85 39.18
C CYS G 22 50.60 17.42 38.31
N ALA G 23 51.85 17.02 38.57
CA ALA G 23 52.96 17.47 37.76
C ALA G 23 54.18 16.55 37.85
N ALA G 24 55.06 16.76 36.88
CA ALA G 24 56.05 15.79 36.36
C ALA G 24 57.47 16.09 35.92
N SER G 25 58.41 15.53 36.67
CA SER G 25 59.84 15.79 36.37
C SER G 25 60.83 15.12 35.41
N GLY G 26 60.89 13.78 35.42
CA GLY G 26 61.80 13.04 34.54
C GLY G 26 60.94 12.51 33.39
N PHE G 27 59.69 12.13 33.65
CA PHE G 27 58.84 11.52 32.59
C PHE G 27 57.68 12.29 31.95
N ILE G 28 57.01 11.70 30.96
CA ILE G 28 55.81 12.25 30.35
C ILE G 28 54.61 11.49 30.89
N VAL G 29 53.55 12.24 31.23
CA VAL G 29 52.39 11.67 31.90
C VAL G 29 51.74 10.61 31.03
N SER G 30 51.53 10.90 29.75
CA SER G 30 50.86 9.95 28.87
C SER G 30 51.51 8.65 28.47
N ARG G 31 52.82 8.53 28.71
CA ARG G 31 53.54 7.27 28.62
C ARG G 31 53.71 6.23 29.71
N ASN G 32 53.38 6.57 30.96
CA ASN G 32 53.60 5.70 32.11
C ASN G 32 52.30 5.56 32.89
N TYR G 33 52.13 4.42 33.56
CA TYR G 33 50.95 4.19 34.37
C TYR G 33 50.89 5.19 35.52
N MET G 34 49.73 5.79 35.73
CA MET G 34 49.54 6.72 36.84
C MET G 34 48.18 6.49 37.47
N SER G 35 48.06 6.85 38.74
CA SER G 35 46.85 6.63 39.50
C SER G 35 46.76 7.67 40.61
N TRP G 36 45.61 7.71 41.27
CA TRP G 36 45.33 8.69 42.33
C TRP G 36 44.81 7.96 43.56
N VAL G 37 45.62 7.88 44.61
CA VAL G 37 45.20 7.30 45.87
C VAL G 37 44.46 8.35 46.69
N ARG G 38 43.80 7.92 47.77
CA ARG G 38 43.04 8.83 48.61
C ARG G 38 43.18 8.43 50.08
N GLN G 39 43.75 9.31 50.90
CA GLN G 39 44.01 9.01 52.31
C GLN G 39 43.12 9.90 53.16
N ALA G 40 42.09 9.29 53.75
CA ALA G 40 41.26 9.99 54.71
C ALA G 40 42.05 10.24 55.98
N PRO G 41 41.77 11.32 56.73
CA PRO G 41 42.54 11.58 57.95
C PRO G 41 42.39 10.47 58.99
N GLY G 42 43.48 9.79 59.31
CA GLY G 42 43.47 8.71 60.25
C GLY G 42 42.93 7.40 59.74
N LYS G 43 42.90 7.19 58.43
CA LYS G 43 42.35 5.97 57.87
C LYS G 43 43.31 5.44 56.80
N GLY G 44 43.16 4.16 56.49
CA GLY G 44 44.00 3.53 55.49
C GLY G 44 43.76 4.13 54.11
N LEU G 45 44.81 4.21 53.30
CA LEU G 45 44.71 4.79 51.96
C LEU G 45 43.76 3.98 51.09
N GLU G 46 42.93 4.66 50.31
CA GLU G 46 41.99 3.99 49.42
C GLU G 46 42.19 4.45 47.98
N TRP G 47 42.11 3.51 47.06
CA TRP G 47 42.24 3.78 45.64
C TRP G 47 41.11 4.29 44.74
N VAL G 48 41.18 5.57 44.40
CA VAL G 48 40.16 6.19 43.55
C VAL G 48 40.08 5.97 42.04
N SER G 49 41.19 6.18 41.36
CA SER G 49 41.18 6.12 39.89
C SER G 49 42.58 5.75 39.42
N SER G 50 42.66 5.34 38.16
CA SER G 50 43.94 4.94 37.56
C SER G 50 43.85 5.09 36.05
N ILE G 51 44.94 5.59 35.46
CA ILE G 51 45.04 5.75 34.02
C ILE G 51 46.11 4.77 33.51
N TYR G 52 45.98 4.40 32.24
CA TYR G 52 46.99 3.54 31.62
C TYR G 52 47.81 4.31 30.60
N SER G 53 48.70 3.61 29.89
CA SER G 53 49.57 4.23 28.90
C SER G 53 48.89 4.40 27.55
N GLY G 54 47.64 3.99 27.42
CA GLY G 54 46.92 4.15 26.17
C GLY G 54 45.53 4.72 26.37
N GLY G 55 45.32 5.38 27.50
CA GLY G 55 44.02 5.98 27.79
C GLY G 55 42.91 5.24 28.51
N SER G 56 43.19 4.03 28.98
CA SER G 56 42.20 3.26 29.71
C SER G 56 41.98 3.87 31.09
N THR G 57 40.71 4.03 31.47
CA THR G 57 40.34 4.63 32.74
C THR G 57 39.62 3.60 33.60
N PHE G 58 40.04 3.49 34.86
CA PHE G 58 39.39 2.63 35.83
C PHE G 58 39.10 3.42 37.09
N TYR G 59 37.92 3.23 37.66
CA TYR G 59 37.45 4.00 38.80
C TYR G 59 37.18 3.08 39.97
N ALA G 60 36.86 3.68 41.10
CA ALA G 60 36.44 2.95 42.29
C ALA G 60 34.92 2.97 42.40
N GLY G 61 34.38 2.07 43.23
CA GLY G 61 32.94 1.93 43.34
C GLY G 61 32.28 3.19 43.87
N SER G 62 32.90 3.84 44.86
CA SER G 62 32.30 5.02 45.47
C SER G 62 32.39 6.26 44.59
N VAL G 63 33.17 6.21 43.50
CA VAL G 63 33.36 7.39 42.67
C VAL G 63 32.93 7.10 41.23
N LYS G 64 31.98 6.18 41.06
CA LYS G 64 31.47 5.87 39.73
C LYS G 64 30.58 7.00 39.24
N GLY G 65 31.10 7.79 38.30
CA GLY G 65 30.32 8.86 37.69
C GLY G 65 30.31 10.24 38.32
N ARG G 66 30.81 10.34 39.55
CA ARG G 66 31.12 11.64 40.15
C ARG G 66 32.54 12.08 39.83
N PHE G 67 33.49 11.15 39.82
CA PHE G 67 34.88 11.47 39.54
C PHE G 67 35.21 11.18 38.08
N THR G 68 36.23 11.85 37.57
CA THR G 68 36.63 11.69 36.18
C THR G 68 38.14 11.75 36.35
N ILE G 69 38.88 11.26 35.35
CA ILE G 69 40.33 11.32 35.35
C ILE G 69 40.50 11.84 33.93
N SER G 70 41.65 12.44 33.66
CA SER G 70 41.97 12.94 32.31
C SER G 70 43.46 13.21 32.17
N ARG G 71 44.09 12.83 31.06
CA ARG G 71 45.57 13.00 31.01
C ARG G 71 45.98 14.13 30.06
N ASP G 72 46.91 14.98 30.46
CA ASP G 72 47.25 16.16 29.60
C ASP G 72 48.65 16.01 29.00
N ASN G 73 48.73 15.77 27.69
CA ASN G 73 50.06 15.58 27.04
C ASN G 73 50.84 16.89 27.06
N SER G 74 50.16 18.02 26.86
CA SER G 74 50.89 19.30 26.65
C SER G 74 51.78 19.68 27.83
N LYS G 75 51.27 19.60 29.06
CA LYS G 75 52.08 20.09 30.20
C LYS G 75 52.16 19.04 31.32
N ASN G 76 52.18 17.74 30.99
CA ASN G 76 52.13 16.74 32.08
C ASN G 76 50.82 17.03 32.78
N THR G 77 50.85 17.44 34.04
CA THR G 77 49.58 17.85 34.70
C THR G 77 48.46 16.81 34.60
N LEU G 78 48.70 15.58 35.06
CA LEU G 78 47.59 14.60 35.12
C LEU G 78 46.47 15.27 35.89
N TYR G 79 45.34 15.46 35.27
CA TYR G 79 44.14 16.13 35.77
C TYR G 79 43.13 15.13 36.27
N LEU G 80 42.49 15.46 37.39
CA LEU G 80 41.41 14.67 37.98
C LEU G 80 40.28 15.63 38.32
N GLN G 81 39.21 15.59 37.53
CA GLN G 81 38.09 16.50 37.70
C GLN G 81 37.07 15.95 38.70
N MET G 82 37.11 16.44 39.93
CA MET G 82 36.17 16.02 40.96
C MET G 82 34.83 16.73 40.73
N ASN G 83 33.78 15.96 40.50
CA ASN G 83 32.43 16.49 40.35
C ASN G 83 31.47 15.72 41.25
N SER G 84 30.30 16.31 41.49
CA SER G 84 29.25 15.71 42.32
C SER G 84 29.79 15.31 43.68
N LEU G 85 30.51 16.25 44.30
CA LEU G 85 31.17 15.99 45.58
C LEU G 85 30.15 15.81 46.70
N ARG G 86 30.63 15.56 47.92
CA ARG G 86 29.75 15.39 49.06
C ARG G 86 30.51 15.71 50.35
N ALA G 87 29.93 15.40 51.50
CA ALA G 87 30.47 15.84 52.78
C ALA G 87 31.31 14.76 53.46
N GLU G 88 31.59 13.67 52.74
CA GLU G 88 32.47 12.62 53.25
C GLU G 88 33.65 12.34 52.33
N ASP G 89 33.93 13.22 51.37
CA ASP G 89 35.05 13.08 50.46
C ASP G 89 36.34 13.72 51.01
N THR G 90 36.26 14.36 52.18
CA THR G 90 37.40 15.02 52.79
C THR G 90 38.56 14.04 53.01
N ALA G 91 39.65 14.25 52.28
CA ALA G 91 40.82 13.37 52.38
C ALA G 91 41.99 14.04 51.69
N ILE G 92 43.20 13.55 52.00
CA ILE G 92 44.40 14.02 51.33
C ILE G 92 44.60 13.21 50.06
N TYR G 93 44.80 13.89 48.95
CA TYR G 93 44.90 13.25 47.64
C TYR G 93 46.35 13.32 47.17
N TYR G 94 46.92 12.16 46.86
CA TYR G 94 48.30 12.05 46.41
C TYR G 94 48.33 11.63 44.94
N CYS G 95 49.06 12.40 44.14
CA CYS G 95 49.38 11.98 42.78
C CYS G 95 50.39 10.85 42.84
N ALA G 96 50.25 9.90 41.90
CA ALA G 96 51.13 8.73 41.99
C ALA G 96 51.43 8.14 40.64
N ARG G 97 52.71 7.93 40.37
CA ARG G 97 53.08 7.25 39.12
C ARG G 97 53.45 5.86 39.55
N ASP G 98 52.84 4.86 38.94
CA ASP G 98 53.28 3.49 39.26
C ASP G 98 53.83 2.83 38.02
N ILE G 99 55.12 2.52 38.00
CA ILE G 99 55.58 1.71 36.85
C ILE G 99 55.08 0.34 37.29
N PRO G 100 54.33 -0.40 36.46
CA PRO G 100 53.71 -1.59 36.97
C PRO G 100 54.54 -2.73 37.55
N ARG G 101 55.54 -3.26 36.87
CA ARG G 101 56.19 -4.46 37.46
C ARG G 101 57.67 -4.27 37.76
N HIS G 102 58.35 -3.46 36.97
CA HIS G 102 59.82 -3.32 37.15
C HIS G 102 60.12 -2.50 38.40
N GLY G 103 59.12 -1.94 39.06
CA GLY G 103 59.36 -1.24 40.32
C GLY G 103 59.68 0.18 40.78
N GLY G 104 59.80 1.16 40.25
CA GLY G 104 59.92 2.54 40.77
C GLY G 104 58.68 3.34 41.14
N ASP G 105 58.78 4.46 41.84
CA ASP G 105 57.50 5.12 42.21
C ASP G 105 57.71 6.61 42.45
N SER G 106 56.61 7.34 42.54
CA SER G 106 56.72 8.79 42.73
C SER G 106 55.46 8.64 43.54
N TRP G 107 55.45 9.16 44.74
CA TRP G 107 54.17 9.59 45.32
C TRP G 107 54.54 11.03 45.68
N GLY G 108 53.80 11.98 45.14
CA GLY G 108 54.06 13.40 45.43
C GLY G 108 53.50 13.77 46.79
N GLN G 109 53.86 14.94 47.32
CA GLN G 109 53.46 15.28 48.70
C GLN G 109 51.95 15.23 48.83
N GLY G 110 51.21 15.60 47.81
CA GLY G 110 49.75 15.41 47.92
C GLY G 110 49.04 16.63 48.42
N THR G 111 47.74 16.73 48.17
CA THR G 111 47.03 17.97 48.51
C THR G 111 45.83 17.67 49.40
N LEU G 112 45.43 18.65 50.21
CA LEU G 112 44.32 18.44 51.13
C LEU G 112 43.01 18.94 50.53
N VAL G 113 41.98 18.12 50.64
CA VAL G 113 40.62 18.49 50.26
C VAL G 113 39.73 18.30 51.47
N THR G 114 39.05 19.37 51.88
CA THR G 114 38.24 19.37 53.10
C THR G 114 37.20 20.15 52.30
N VAL G 115 36.01 19.55 52.15
CA VAL G 115 34.97 20.14 51.32
C VAL G 115 33.94 20.05 52.44
N SER G 116 33.24 21.16 52.68
CA SER G 116 32.29 21.25 53.77
C SER G 116 31.35 22.40 53.48
N SER G 117 30.55 22.76 54.49
CA SER G 117 29.54 23.81 54.37
C SER G 117 29.91 25.10 55.08
N ALA G 118 30.75 25.03 56.11
CA ALA G 118 31.10 26.20 56.90
C ALA G 118 31.89 27.21 56.06
N SER G 119 32.09 28.39 56.63
CA SER G 119 32.79 29.48 55.98
C SER G 119 34.21 29.61 56.54
N THR G 120 35.08 30.23 55.75
CA THR G 120 36.47 30.44 56.14
C THR G 120 36.57 31.65 57.06
N LYS G 121 37.22 31.47 58.21
CA LYS G 121 37.46 32.54 59.15
C LYS G 121 38.92 32.56 59.55
N GLY G 122 39.49 33.76 59.65
CA GLY G 122 40.90 33.93 59.88
C GLY G 122 41.36 33.51 61.26
N PRO G 123 42.65 33.21 61.39
CA PRO G 123 43.19 32.78 62.69
C PRO G 123 43.21 33.92 63.68
N SER G 124 43.16 33.56 64.96
CA SER G 124 43.33 34.50 66.05
C SER G 124 44.70 34.28 66.69
N VAL G 125 45.60 35.23 66.53
CA VAL G 125 46.99 35.10 66.96
C VAL G 125 47.14 35.78 68.31
N PHE G 126 47.71 35.07 69.27
CA PHE G 126 47.84 35.54 70.64
C PHE G 126 49.29 35.41 71.10
N PRO G 127 49.80 36.35 71.88
CA PRO G 127 51.20 36.27 72.33
C PRO G 127 51.41 35.38 73.54
N LEU G 128 52.34 34.44 73.42
CA LEU G 128 52.81 33.64 74.56
C LEU G 128 54.02 34.58 74.58
N ALA G 129 54.09 35.43 75.60
CA ALA G 129 55.29 36.02 76.15
C ALA G 129 55.74 35.22 77.36
N PRO G 130 57.02 34.86 77.43
CA PRO G 130 57.48 34.02 78.55
C PRO G 130 57.34 34.74 79.88
N SER G 131 56.98 33.96 80.90
CA SER G 131 56.80 34.51 82.23
C SER G 131 58.15 34.71 82.92
N SER G 132 58.15 35.58 83.93
CA SER G 132 59.38 35.86 84.67
C SER G 132 59.80 34.71 85.58
N LYS G 133 58.96 33.69 85.74
CA LYS G 133 59.27 32.57 86.61
C LYS G 133 60.17 31.54 85.95
N SER G 134 60.65 31.80 84.73
CA SER G 134 61.53 30.86 84.05
C SER G 134 62.84 30.69 84.81
N THR G 135 63.44 29.52 84.68
CA THR G 135 64.67 29.22 85.40
C THR G 135 65.78 30.19 85.00
N SER G 136 66.45 30.76 86.00
CA SER G 136 67.52 31.72 85.73
C SER G 136 68.74 31.02 85.15
N GLY G 137 69.15 29.91 85.75
CA GLY G 137 70.29 29.15 85.29
C GLY G 137 70.00 28.06 84.30
N GLY G 138 68.73 27.78 84.03
CA GLY G 138 68.33 26.75 83.08
C GLY G 138 68.04 27.31 81.71
N THR G 139 67.21 26.59 80.96
CA THR G 139 66.79 26.99 79.64
C THR G 139 65.30 27.31 79.67
N ALA G 140 64.94 28.49 79.15
CA ALA G 140 63.57 28.94 79.11
C ALA G 140 62.94 28.62 77.76
N ALA G 141 61.60 28.60 77.75
CA ALA G 141 60.85 28.30 76.55
C ALA G 141 59.77 29.37 76.34
N LEU G 142 59.53 29.68 75.06
CA LEU G 142 58.50 30.63 74.68
C LEU G 142 58.05 30.30 73.27
N GLY G 143 56.80 30.58 72.98
CA GLY G 143 56.24 30.22 71.71
C GLY G 143 55.03 31.06 71.37
N CYS G 144 54.44 30.74 70.21
CA CYS G 144 53.40 31.55 69.60
C CYS G 144 52.13 30.70 69.49
N LEU G 145 51.01 31.27 69.94
CA LEU G 145 49.74 30.56 69.98
C LEU G 145 48.84 31.07 68.86
N VAL G 146 48.23 30.14 68.12
CA VAL G 146 47.29 30.45 67.06
C VAL G 146 45.98 29.75 67.39
N LYS G 147 44.88 30.49 67.37
CA LYS G 147 43.58 29.99 67.79
C LYS G 147 42.53 30.32 66.75
N ASP G 148 41.56 29.40 66.60
CA ASP G 148 40.36 29.63 65.79
C ASP G 148 40.71 29.98 64.35
N TYR G 149 41.33 29.02 63.66
CA TYR G 149 41.64 29.14 62.25
C TYR G 149 40.90 28.06 61.48
N PHE G 150 40.61 28.35 60.20
CA PHE G 150 39.93 27.40 59.35
C PHE G 150 40.14 27.83 57.90
N PRO G 151 40.42 26.90 56.98
CA PRO G 151 40.68 25.48 57.25
C PRO G 151 42.17 25.15 57.32
N GLU G 152 42.48 23.86 57.35
CA GLU G 152 43.86 23.41 57.27
C GLU G 152 44.43 23.69 55.88
N PRO G 153 45.75 23.81 55.76
CA PRO G 153 46.78 23.71 56.81
C PRO G 153 47.30 25.05 57.29
N VAL G 154 48.02 25.03 58.42
CA VAL G 154 48.66 26.23 58.98
C VAL G 154 50.08 25.86 59.38
N THR G 155 51.04 26.67 58.92
CA THR G 155 52.45 26.47 59.24
C THR G 155 52.96 27.62 60.09
N VAL G 156 53.77 27.28 61.10
CA VAL G 156 54.35 28.26 62.00
C VAL G 156 55.87 28.24 61.80
N SER G 157 56.44 29.40 61.49
CA SER G 157 57.86 29.55 61.28
C SER G 157 58.43 30.55 62.28
N TRP G 158 59.68 30.33 62.66
CA TRP G 158 60.37 31.18 63.63
C TRP G 158 61.63 31.73 62.99
N ASN G 159 61.82 33.06 63.11
CA ASN G 159 62.95 33.76 62.52
C ASN G 159 63.04 33.50 61.02
N SER G 160 61.88 33.48 60.37
CA SER G 160 61.76 33.25 58.92
C SER G 160 62.40 31.94 58.49
N GLY G 161 62.28 30.89 59.29
CA GLY G 161 62.85 29.59 58.98
C GLY G 161 64.28 29.39 59.42
N ALA G 162 64.91 30.40 60.02
CA ALA G 162 66.29 30.26 60.46
C ALA G 162 66.43 29.39 61.70
N LEU G 163 65.36 29.21 62.46
CA LEU G 163 65.39 28.42 63.69
C LEU G 163 64.55 27.15 63.74
N THR G 164 65.22 26.00 63.60
CA THR G 164 64.55 24.71 63.66
C THR G 164 64.71 23.91 64.95
N SER G 165 65.72 24.24 65.74
CA SER G 165 65.99 23.50 66.97
C SER G 165 64.93 23.78 68.01
N GLY G 166 64.43 22.72 68.64
CA GLY G 166 63.46 22.85 69.71
C GLY G 166 62.06 23.23 69.28
N VAL G 167 61.77 23.19 67.97
CA VAL G 167 60.45 23.56 67.49
C VAL G 167 59.49 22.41 67.72
N HIS G 168 58.37 22.68 68.39
CA HIS G 168 57.37 21.68 68.69
C HIS G 168 55.99 22.23 68.33
N THR G 169 55.46 21.82 67.19
CA THR G 169 54.15 22.23 66.73
C THR G 169 53.15 21.14 67.05
N PHE G 170 52.19 21.44 67.92
CA PHE G 170 51.24 20.41 68.30
C PHE G 170 50.19 20.22 67.20
N PRO G 171 49.77 18.98 66.96
CA PRO G 171 48.76 18.73 65.93
C PRO G 171 47.45 19.43 66.25
N ALA G 172 46.75 19.83 65.19
CA ALA G 172 45.47 20.51 65.34
C ALA G 172 44.43 19.60 65.96
N VAL G 173 43.61 20.17 66.83
CA VAL G 173 42.52 19.46 67.49
C VAL G 173 41.23 20.24 67.26
N LEU G 174 40.13 19.51 67.06
CA LEU G 174 38.84 20.13 66.78
C LEU G 174 38.21 20.62 68.08
N GLN G 175 37.94 21.91 68.17
CA GLN G 175 37.21 22.46 69.30
C GLN G 175 35.70 22.29 69.09
N SER G 176 34.94 22.67 70.12
CA SER G 176 33.49 22.58 70.04
C SER G 176 32.89 23.54 69.04
N SER G 177 33.61 24.60 68.68
CA SER G 177 33.10 25.64 67.78
C SER G 177 33.34 25.31 66.31
N GLY G 178 33.97 24.19 66.00
CA GLY G 178 34.28 23.87 64.62
C GLY G 178 35.50 24.55 64.06
N LEU G 179 36.24 25.29 64.88
CA LEU G 179 37.46 25.97 64.47
C LEU G 179 38.66 25.29 65.10
N TYR G 180 39.75 25.23 64.34
CA TYR G 180 40.94 24.50 64.75
C TYR G 180 41.88 25.38 65.57
N SER G 181 42.77 24.74 66.32
CA SER G 181 43.74 25.42 67.15
C SER G 181 45.05 24.64 67.17
N LEU G 182 46.13 25.35 67.44
CA LEU G 182 47.45 24.72 67.59
C LEU G 182 48.31 25.60 68.48
N SER G 183 49.35 24.99 69.04
CA SER G 183 50.32 25.68 69.87
C SER G 183 51.73 25.32 69.43
N SER G 184 52.56 26.33 69.22
CA SER G 184 53.95 26.14 68.82
C SER G 184 54.85 26.72 69.88
N VAL G 185 55.82 25.94 70.35
CA VAL G 185 56.78 26.37 71.36
C VAL G 185 58.18 25.98 70.92
N VAL G 186 59.16 26.76 71.39
CA VAL G 186 60.57 26.49 71.10
C VAL G 186 61.36 26.61 72.39
N THR G 187 62.53 25.98 72.40
CA THR G 187 63.45 26.03 73.53
C THR G 187 64.75 26.68 73.09
N VAL G 188 65.05 27.84 73.66
CA VAL G 188 66.25 28.59 73.28
C VAL G 188 66.96 29.05 74.54
N PRO G 189 68.28 29.23 74.47
CA PRO G 189 69.01 29.75 75.63
C PRO G 189 68.54 31.14 76.01
N SER G 190 68.58 31.43 77.32
CA SER G 190 68.10 32.72 77.80
C SER G 190 69.06 33.85 77.44
N SER G 191 70.29 33.54 77.05
CA SER G 191 71.27 34.57 76.71
C SER G 191 70.88 35.33 75.45
N SER G 192 70.11 34.72 74.54
CA SER G 192 69.69 35.37 73.32
C SER G 192 68.32 36.03 73.43
N LEU G 193 67.72 36.03 74.62
CA LEU G 193 66.39 36.62 74.77
C LEU G 193 66.43 38.14 74.54
N GLY G 194 67.37 38.83 75.19
CA GLY G 194 67.45 40.28 75.05
C GLY G 194 68.24 40.74 73.83
N THR G 195 68.96 39.83 73.18
CA THR G 195 69.75 40.16 71.99
C THR G 195 69.36 39.59 70.64
N GLN G 196 68.39 38.68 70.62
CA GLN G 196 67.93 38.09 69.37
C GLN G 196 66.44 38.38 69.52
N THR G 197 65.83 38.83 68.42
CA THR G 197 64.40 39.11 68.38
C THR G 197 63.68 37.93 67.76
N TYR G 198 62.70 37.39 68.48
CA TYR G 198 61.95 36.23 68.04
C TYR G 198 60.57 36.64 67.55
N ILE G 199 60.22 36.17 66.36
CA ILE G 199 58.96 36.49 65.71
C ILE G 199 58.32 35.20 65.22
N CYS G 200 57.01 35.07 65.43
CA CYS G 200 56.25 33.92 64.96
C CYS G 200 55.49 34.31 63.70
N ASN G 201 55.38 33.36 62.78
CA ASN G 201 54.74 33.58 61.49
C ASN G 201 53.69 32.49 61.28
N VAL G 202 52.41 32.87 61.39
CA VAL G 202 51.29 31.97 61.11
C VAL G 202 50.94 32.11 59.64
N ASN G 203 50.68 30.99 58.99
CA ASN G 203 50.43 30.96 57.55
C ASN G 203 49.08 30.30 57.30
N HIS G 204 48.24 30.96 56.51
CA HIS G 204 46.96 30.38 56.08
C HIS G 204 46.88 30.49 54.57
N LYS G 205 47.22 29.41 53.88
CA LYS G 205 47.21 29.42 52.42
C LYS G 205 45.83 29.68 51.82
N PRO G 206 44.74 29.05 52.27
CA PRO G 206 43.45 29.27 51.59
C PRO G 206 42.99 30.72 51.56
N SER G 207 43.19 31.47 52.63
CA SER G 207 42.75 32.86 52.70
C SER G 207 43.90 33.85 52.50
N ASN G 208 45.11 33.36 52.22
CA ASN G 208 46.28 34.21 51.99
C ASN G 208 46.51 35.16 53.17
N THR G 209 46.34 34.64 54.39
CA THR G 209 46.49 35.44 55.60
C THR G 209 47.95 35.41 56.03
N LYS G 210 48.59 36.58 56.05
CA LYS G 210 50.00 36.71 56.36
C LYS G 210 50.11 37.55 57.62
N VAL G 211 50.20 36.90 58.78
CA VAL G 211 50.26 37.58 60.06
C VAL G 211 51.61 37.26 60.71
N ASP G 212 52.35 38.31 61.06
CA ASP G 212 53.64 38.19 61.71
C ASP G 212 53.57 38.88 63.07
N LYS G 213 53.92 38.14 64.13
CA LYS G 213 53.84 38.65 65.49
C LYS G 213 55.20 38.56 66.16
N LYS G 214 55.71 39.70 66.62
CA LYS G 214 56.99 39.79 67.30
C LYS G 214 56.80 39.56 68.80
N VAL G 215 57.64 38.70 69.35
CA VAL G 215 57.51 38.24 70.74
C VAL G 215 58.77 38.60 71.50
N GLU G 216 58.59 39.22 72.67
CA GLU G 216 59.70 39.62 73.52
C GLU G 216 59.41 39.19 74.95
N PRO G 217 60.42 38.69 75.67
CA PRO G 217 60.22 38.41 77.10
C PRO G 217 59.85 39.67 77.87
N LYS G 218 58.97 39.52 78.85
CA LYS G 218 58.50 40.63 79.65
C LYS G 218 59.19 40.68 81.02
N GLU H 1 0.03 25.12 78.58
CA GLU H 1 -0.75 25.95 77.66
C GLU H 1 0.03 26.20 76.38
N VAL H 2 -0.69 26.49 75.29
CA VAL H 2 -0.10 26.71 73.98
C VAL H 2 0.57 28.07 73.96
N GLN H 3 1.88 28.08 73.71
CA GLN H 3 2.63 29.31 73.49
C GLN H 3 2.92 29.42 71.99
N LEU H 4 2.62 30.60 71.44
CA LEU H 4 2.76 30.86 70.01
C LEU H 4 3.74 32.01 69.84
N VAL H 5 4.95 31.71 69.38
CA VAL H 5 5.99 32.73 69.26
C VAL H 5 6.19 33.05 67.78
N GLU H 6 6.03 34.32 67.44
CA GLU H 6 6.20 34.78 66.07
C GLU H 6 7.55 35.46 65.89
N SER H 7 8.01 35.48 64.64
CA SER H 7 9.30 36.09 64.31
C SER H 7 9.32 36.44 62.84
N GLY H 8 10.24 37.35 62.51
CA GLY H 8 10.44 37.77 61.13
C GLY H 8 10.10 39.22 60.84
N GLY H 9 9.63 39.97 61.83
CA GLY H 9 9.24 41.35 61.63
C GLY H 9 10.43 42.29 61.53
N GLY H 10 10.12 43.57 61.40
CA GLY H 10 11.10 44.62 61.26
C GLY H 10 10.77 45.54 60.11
N LEU H 11 11.71 46.44 59.80
CA LEU H 11 11.55 47.43 58.74
C LEU H 11 12.35 47.00 57.52
N VAL H 12 11.67 46.90 56.39
CA VAL H 12 12.26 46.41 55.15
C VAL H 12 11.86 47.33 54.00
N GLN H 13 12.75 47.43 53.00
CA GLN H 13 12.40 48.10 51.76
C GLN H 13 11.50 47.21 50.90
N PRO H 14 10.37 47.75 50.45
CA PRO H 14 9.42 46.92 49.70
C PRO H 14 9.99 46.40 48.40
N GLY H 15 9.38 45.33 47.88
CA GLY H 15 9.75 44.74 46.61
C GLY H 15 10.42 43.39 46.67
N TRP H 16 11.16 43.09 47.74
CA TRP H 16 11.81 41.79 47.86
C TRP H 16 10.93 40.81 48.65
N SER H 17 11.54 39.69 49.03
CA SER H 17 10.84 38.61 49.69
C SER H 17 11.18 38.59 51.17
N LEU H 18 10.22 38.12 51.98
CA LEU H 18 10.41 37.99 53.42
C LEU H 18 9.81 36.67 53.87
N ARG H 19 10.29 36.19 55.02
CA ARG H 19 9.78 34.98 55.65
C ARG H 19 9.32 35.32 57.07
N LEU H 20 8.12 34.90 57.41
CA LEU H 20 7.60 35.03 58.76
C LEU H 20 7.30 33.67 59.35
N SER H 21 7.64 33.49 60.63
CA SER H 21 7.51 32.20 61.29
C SER H 21 6.65 32.33 62.54
N CYS H 22 5.87 31.29 62.82
CA CYS H 22 5.15 31.15 64.08
C CYS H 22 5.39 29.73 64.61
N VAL H 23 6.13 29.64 65.70
CA VAL H 23 6.45 28.36 66.33
C VAL H 23 5.39 28.09 67.41
N VAL H 24 4.89 26.87 67.43
CA VAL H 24 3.77 26.46 68.29
C VAL H 24 4.32 25.57 69.40
N SER H 25 3.72 25.68 70.59
CA SER H 25 4.07 24.82 71.70
C SER H 25 2.86 24.67 72.61
N GLY H 26 2.89 23.65 73.46
CA GLY H 26 1.84 23.46 74.45
C GLY H 26 1.07 22.16 74.33
N LEU H 27 0.86 21.66 73.12
CA LEU H 27 0.12 20.42 72.92
C LEU H 27 0.35 19.94 71.48
N LYS H 28 -0.40 18.91 71.10
CA LYS H 28 -0.26 18.30 69.78
C LYS H 28 -0.72 19.29 68.72
N PHE H 29 0.24 19.93 68.06
CA PHE H 29 -0.10 20.95 67.07
C PHE H 29 -0.54 20.33 65.75
N ASP H 30 -0.21 19.05 65.53
CA ASP H 30 -0.51 18.41 64.26
C ASP H 30 -2.01 18.34 64.01
N ASP H 31 -2.81 18.31 65.07
CA ASP H 31 -4.26 18.16 64.92
C ASP H 31 -4.96 19.50 64.73
N PHE H 32 -4.23 20.60 64.69
CA PHE H 32 -4.81 21.93 64.65
C PHE H 32 -4.31 22.73 63.47
N ALA H 33 -5.23 23.44 62.81
CA ALA H 33 -4.88 24.32 61.71
C ALA H 33 -4.29 25.62 62.23
N MET H 34 -3.47 26.26 61.40
CA MET H 34 -2.80 27.50 61.77
C MET H 34 -3.25 28.60 60.82
N HIS H 35 -3.19 29.84 61.28
CA HIS H 35 -3.71 30.94 60.47
C HIS H 35 -2.90 32.21 60.69
N TRP H 36 -2.85 33.05 59.66
CA TRP H 36 -2.35 34.41 59.71
C TRP H 36 -3.51 35.39 59.70
N VAL H 37 -3.44 36.40 60.56
CA VAL H 37 -4.40 37.51 60.57
C VAL H 37 -3.64 38.81 60.70
N ARG H 38 -4.24 39.89 60.19
CA ARG H 38 -3.58 41.19 60.04
C ARG H 38 -4.21 42.22 60.96
N GLN H 39 -3.38 43.16 61.41
CA GLN H 39 -3.79 44.32 62.19
C GLN H 39 -3.25 45.57 61.51
N VAL H 40 -4.15 46.40 60.96
CA VAL H 40 -3.69 47.71 60.52
C VAL H 40 -3.57 48.62 61.72
N PRO H 41 -2.44 49.31 61.93
CA PRO H 41 -2.27 50.15 63.13
C PRO H 41 -3.41 51.14 63.34
N GLY H 42 -4.12 51.00 64.46
CA GLY H 42 -5.14 51.92 64.88
C GLY H 42 -6.53 51.67 64.31
N LYS H 43 -6.77 50.54 63.65
CA LYS H 43 -8.07 50.22 63.11
C LYS H 43 -8.42 48.77 63.36
N GLY H 44 -9.45 48.30 62.64
CA GLY H 44 -9.98 46.97 62.88
C GLY H 44 -9.08 45.87 62.34
N LEU H 45 -9.50 44.63 62.63
CA LEU H 45 -8.77 43.45 62.20
C LEU H 45 -9.13 43.08 60.76
N GLU H 46 -8.13 42.56 60.04
CA GLU H 46 -8.32 42.01 58.70
C GLU H 46 -7.63 40.64 58.64
N TRP H 47 -8.29 39.68 57.99
CA TRP H 47 -7.72 38.34 57.88
C TRP H 47 -6.68 38.27 56.78
N VAL H 48 -5.67 37.41 56.98
CA VAL H 48 -4.62 37.17 55.99
C VAL H 48 -4.82 35.84 55.27
N SER H 49 -4.68 34.73 55.99
CA SER H 49 -4.66 33.43 55.33
C SER H 49 -4.82 32.31 56.34
N GLY H 50 -5.05 31.11 55.84
CA GLY H 50 -5.20 29.95 56.69
C GLY H 50 -4.82 28.63 56.07
N LEU H 51 -4.12 27.79 56.84
CA LEU H 51 -3.70 26.47 56.39
C LEU H 51 -4.19 25.43 57.38
N ASN H 52 -4.75 24.34 56.86
CA ASN H 52 -5.37 23.28 57.66
C ASN H 52 -4.31 22.45 58.38
N TRP H 53 -4.75 21.60 59.30
CA TRP H 53 -3.82 20.74 60.04
C TRP H 53 -3.07 19.82 59.08
N ASN H 54 -3.78 19.26 58.09
CA ASN H 54 -3.13 18.45 57.07
C ASN H 54 -2.69 19.26 55.86
N GLY H 55 -3.02 20.56 55.83
CA GLY H 55 -2.71 21.41 54.70
C GLY H 55 -3.70 21.31 53.56
N ASP H 56 -4.74 20.48 53.71
CA ASP H 56 -5.70 20.31 52.63
C ASP H 56 -6.49 21.58 52.36
N ASN H 57 -6.84 22.31 53.42
CA ASN H 57 -7.60 23.54 53.29
C ASN H 57 -6.64 24.72 53.19
N VAL H 58 -6.55 25.29 51.99
CA VAL H 58 -5.72 26.45 51.73
C VAL H 58 -6.62 27.66 51.54
N ALA H 59 -6.33 28.74 52.26
CA ALA H 59 -7.11 29.96 52.11
C ALA H 59 -6.18 31.17 52.09
N PHE H 60 -6.34 31.99 51.05
CA PHE H 60 -5.50 33.16 50.85
C PHE H 60 -6.39 34.38 50.67
N ALA H 61 -5.89 35.53 51.11
CA ALA H 61 -6.60 36.78 50.89
C ALA H 61 -6.57 37.16 49.41
N ASP H 62 -7.64 37.80 48.95
CA ASP H 62 -7.74 38.14 47.52
C ASP H 62 -6.62 39.07 47.08
N SER H 63 -6.24 40.02 47.92
CA SER H 63 -5.17 40.94 47.56
C SER H 63 -3.84 40.20 47.39
N VAL H 64 -3.56 39.23 48.27
CA VAL H 64 -2.29 38.52 48.25
C VAL H 64 -2.36 37.22 47.46
N LYS H 65 -3.52 36.88 46.90
CA LYS H 65 -3.65 35.64 46.15
C LYS H 65 -2.72 35.63 44.95
N GLY H 66 -2.01 34.51 44.76
CA GLY H 66 -1.14 34.33 43.63
C GLY H 66 0.29 34.82 43.82
N ARG H 67 0.59 35.49 44.94
CA ARG H 67 1.94 36.00 45.14
C ARG H 67 2.54 35.65 46.49
N PHE H 68 1.76 35.21 47.47
CA PHE H 68 2.26 34.86 48.79
C PHE H 68 2.05 33.37 49.03
N THR H 69 3.02 32.72 49.67
CA THR H 69 3.00 31.27 49.83
C THR H 69 2.95 30.93 51.32
N ILE H 70 2.07 30.00 51.68
CA ILE H 70 1.95 29.53 53.05
C ILE H 70 2.53 28.12 53.13
N SER H 71 3.02 27.75 54.32
CA SER H 71 3.52 26.40 54.54
C SER H 71 3.50 26.12 56.03
N ARG H 72 3.59 24.84 56.39
CA ARG H 72 3.59 24.46 57.79
C ARG H 72 4.38 23.17 57.99
N ASP H 73 4.76 22.94 59.24
CA ASP H 73 5.42 21.71 59.67
C ASP H 73 4.86 21.32 61.03
N ASN H 74 4.22 20.16 61.10
CA ASN H 74 3.60 19.68 62.33
C ASN H 74 4.56 18.90 63.21
N ALA H 75 5.77 18.62 62.73
CA ALA H 75 6.78 17.97 63.57
C ALA H 75 7.53 18.98 64.44
N GLU H 76 7.97 20.09 63.85
CA GLU H 76 8.57 21.17 64.61
C GLU H 76 7.55 22.18 65.11
N ASN H 77 6.28 22.01 64.75
CA ASN H 77 5.20 22.92 65.16
C ASN H 77 5.49 24.35 64.73
N SER H 78 5.55 24.57 63.41
CA SER H 78 5.84 25.88 62.86
C SER H 78 4.92 26.16 61.67
N LEU H 79 4.63 27.45 61.46
CA LEU H 79 3.93 27.94 60.29
C LEU H 79 4.78 29.02 59.63
N TYR H 80 4.97 28.90 58.32
CA TYR H 80 5.83 29.79 57.56
C TYR H 80 5.03 30.53 56.50
N LEU H 81 5.37 31.81 56.32
CA LEU H 81 4.82 32.64 55.25
C LEU H 81 5.98 33.21 54.44
N GLN H 82 5.91 33.07 53.12
CA GLN H 82 6.89 33.67 52.23
C GLN H 82 6.19 34.69 51.34
N MET H 83 6.66 35.93 51.36
CA MET H 83 6.00 37.02 50.66
C MET H 83 6.97 37.69 49.69
N ASN H 84 6.44 38.13 48.54
CA ASN H 84 7.20 38.78 47.50
C ASN H 84 6.56 40.13 47.16
N ASN H 85 7.11 40.78 46.12
CA ASN H 85 6.57 42.00 45.50
C ASN H 85 5.91 42.94 46.52
N LEU H 86 6.63 43.25 47.58
CA LEU H 86 6.07 44.01 48.69
C LEU H 86 5.72 45.43 48.25
N ARG H 87 4.66 45.96 48.83
CA ARG H 87 4.19 47.31 48.64
C ARG H 87 3.88 47.95 49.98
N PRO H 88 3.89 49.29 50.08
CA PRO H 88 3.80 49.96 51.38
C PRO H 88 2.53 49.66 52.17
N GLU H 89 1.45 49.23 51.50
CA GLU H 89 0.22 48.93 52.22
C GLU H 89 0.32 47.65 53.04
N ASP H 90 1.39 46.88 52.89
CA ASP H 90 1.57 45.64 53.63
C ASP H 90 2.08 45.85 55.05
N THR H 91 2.46 47.08 55.41
CA THR H 91 2.91 47.38 56.77
C THR H 91 1.79 47.14 57.77
N ALA H 92 1.99 46.19 58.68
CA ALA H 92 0.92 45.83 59.61
C ALA H 92 1.48 45.04 60.78
N PHE H 93 0.56 44.59 61.63
CA PHE H 93 0.89 43.75 62.78
C PHE H 93 0.29 42.38 62.55
N TYR H 94 1.13 41.37 62.36
CA TYR H 94 0.59 40.05 62.04
C TYR H 94 0.48 39.18 63.28
N TYR H 95 -0.53 38.31 63.27
CA TYR H 95 -0.83 37.40 64.37
C TYR H 95 -0.99 36.00 63.81
N CYS H 96 -0.44 35.01 64.50
CA CYS H 96 -0.70 33.62 64.17
C CYS H 96 -1.70 33.05 65.16
N ALA H 97 -2.73 32.40 64.63
CA ALA H 97 -3.84 31.91 65.43
C ALA H 97 -3.93 30.41 65.28
N LYS H 98 -4.20 29.73 66.41
CA LYS H 98 -4.37 28.28 66.38
C LYS H 98 -5.83 27.93 66.10
N ASP H 99 -6.06 26.68 65.73
CA ASP H 99 -7.39 26.24 65.31
C ASP H 99 -8.34 26.14 66.50
N SER H 100 -9.56 26.63 66.32
CA SER H 100 -10.67 26.37 67.22
C SER H 100 -11.80 25.76 66.41
N TYR H 101 -11.75 24.43 66.25
CA TYR H 101 -12.59 23.71 65.30
C TYR H 101 -14.05 23.75 65.73
N TYR H 102 -14.93 23.91 64.74
CA TYR H 102 -16.37 23.91 64.93
C TYR H 102 -17.01 22.78 64.15
N ASP H 103 -18.32 22.62 64.32
CA ASP H 103 -19.03 21.45 63.81
C ASP H 103 -20.29 21.84 63.05
N ILE H 104 -20.12 22.22 61.78
CA ILE H 104 -21.20 22.24 60.79
C ILE H 104 -20.59 21.81 59.45
N LEU H 105 -21.45 21.71 58.42
CA LEU H 105 -21.08 21.11 57.15
C LEU H 105 -19.95 21.83 56.42
N THR H 106 -19.88 23.15 56.52
CA THR H 106 -19.02 23.96 55.65
C THR H 106 -17.53 23.70 55.87
N GLY H 107 -17.13 23.07 56.97
CA GLY H 107 -15.75 22.73 57.17
C GLY H 107 -15.28 23.11 58.56
N TYR H 108 -13.98 22.99 58.78
CA TYR H 108 -13.33 23.35 60.03
C TYR H 108 -13.42 24.86 60.22
N SER H 109 -13.06 25.31 61.41
CA SER H 109 -13.09 26.72 61.74
C SER H 109 -11.80 27.11 62.45
N GLY H 110 -11.11 28.09 61.88
CA GLY H 110 -9.89 28.64 62.47
C GLY H 110 -10.16 30.04 62.99
N ALA H 111 -9.95 30.24 64.28
CA ALA H 111 -10.28 31.49 64.92
C ALA H 111 -9.24 31.79 66.00
N PHE H 112 -9.55 32.76 66.86
CA PHE H 112 -8.62 33.23 67.88
C PHE H 112 -8.93 32.57 69.22
N ASP H 113 -8.57 31.30 69.34
CA ASP H 113 -8.58 30.65 70.63
C ASP H 113 -7.20 30.62 71.27
N MET H 114 -6.15 30.34 70.49
CA MET H 114 -4.78 30.44 70.95
C MET H 114 -4.08 31.50 70.11
N TRP H 115 -3.49 32.48 70.80
CA TRP H 115 -2.93 33.68 70.22
C TRP H 115 -1.41 33.59 70.08
N GLY H 116 -0.88 34.29 69.09
CA GLY H 116 0.51 34.65 69.07
C GLY H 116 0.70 36.07 69.55
N GLN H 117 1.94 36.41 69.87
CA GLN H 117 2.21 37.74 70.40
C GLN H 117 2.04 38.83 69.35
N GLY H 118 2.08 38.47 68.07
CA GLY H 118 2.00 39.45 67.00
C GLY H 118 3.31 40.14 66.76
N THR H 119 3.72 40.26 65.50
CA THR H 119 4.96 40.93 65.15
C THR H 119 4.68 42.00 64.11
N MET H 120 5.43 43.11 64.20
CA MET H 120 5.27 44.20 63.27
C MET H 120 6.13 43.98 62.04
N VAL H 121 5.53 44.19 60.86
CA VAL H 121 6.28 44.24 59.61
C VAL H 121 6.00 45.59 58.97
N THR H 122 7.06 46.39 58.83
CA THR H 122 6.94 47.73 58.23
C THR H 122 7.74 47.74 56.94
N VAL H 123 7.06 47.53 55.82
CA VAL H 123 7.65 47.79 54.52
C VAL H 123 7.31 49.23 54.11
N SER H 124 8.05 50.17 54.69
CA SER H 124 7.83 51.59 54.43
C SER H 124 9.17 52.30 54.59
N SER H 125 9.94 52.37 53.50
CA SER H 125 11.18 53.13 53.49
C SER H 125 11.27 53.90 52.17
N GLY H 126 10.52 53.46 51.17
CA GLY H 126 10.45 54.15 49.89
C GLY H 126 9.14 54.89 49.72
N GLY H 127 8.71 55.00 48.47
CA GLY H 127 7.50 55.72 48.13
C GLY H 127 6.25 54.87 48.31
N GLY H 128 5.15 55.55 48.65
CA GLY H 128 3.91 54.85 48.88
C GLY H 128 3.27 54.35 47.60
N GLY H 129 2.47 53.31 47.72
CA GLY H 129 1.79 52.74 46.57
C GLY H 129 0.40 52.25 46.93
N SER H 130 -0.47 52.27 45.92
CA SER H 130 -1.85 51.82 46.08
C SER H 130 -2.45 51.59 44.70
N GLY H 131 -3.74 51.27 44.68
CA GLY H 131 -4.44 51.03 43.43
C GLY H 131 -5.83 51.62 43.46
N GLY H 132 -6.46 51.65 42.29
CA GLY H 132 -7.79 52.20 42.17
C GLY H 132 -8.89 51.16 42.09
N GLY H 133 -8.55 49.90 42.38
CA GLY H 133 -9.53 48.83 42.34
C GLY H 133 -10.04 48.45 43.71
N GLY H 134 -11.25 48.90 44.05
CA GLY H 134 -11.83 48.59 45.34
C GLY H 134 -12.61 47.29 45.43
N SER H 135 -13.03 46.74 44.29
CA SER H 135 -13.82 45.52 44.24
C SER H 135 -15.04 45.61 45.15
N GLY H 136 -15.36 44.52 45.84
CA GLY H 136 -16.49 44.47 46.75
C GLY H 136 -16.22 43.83 48.09
N GLY H 137 -14.97 43.43 48.36
CA GLY H 137 -14.64 42.82 49.64
C GLY H 137 -14.57 43.78 50.80
N GLY H 138 -14.28 45.05 50.54
CA GLY H 138 -14.25 46.05 51.59
C GLY H 138 -15.54 46.84 51.75
N GLY H 139 -16.39 46.85 50.74
CA GLY H 139 -17.68 47.52 50.80
C GLY H 139 -18.83 46.67 51.25
N ALA H 140 -18.57 45.43 51.66
CA ALA H 140 -19.63 44.54 52.13
C ALA H 140 -20.28 45.11 53.38
N ILE H 141 -21.57 44.86 53.53
CA ILE H 141 -22.33 45.38 54.66
C ILE H 141 -21.77 44.77 55.93
N ARG H 142 -21.11 45.59 56.74
CA ARG H 142 -20.48 45.16 57.97
C ARG H 142 -21.54 44.90 59.02
N MET H 143 -21.28 43.93 59.90
CA MET H 143 -22.17 43.62 61.02
C MET H 143 -22.25 44.83 61.93
N THR H 144 -23.45 45.37 62.06
CA THR H 144 -23.70 46.64 62.75
C THR H 144 -23.67 46.40 64.25
N GLN H 145 -22.88 47.20 64.96
CA GLN H 145 -22.81 47.14 66.40
C GLN H 145 -23.57 48.32 67.01
N SER H 146 -24.49 48.01 67.91
CA SER H 146 -25.25 49.02 68.63
C SER H 146 -24.97 48.86 70.11
N PRO H 147 -24.38 49.88 70.76
CA PRO H 147 -23.89 51.08 70.09
C PRO H 147 -22.54 50.85 69.41
N ALA H 148 -22.22 51.66 68.39
CA ALA H 148 -20.94 51.51 67.71
C ALA H 148 -19.78 51.77 68.67
N THR H 149 -19.90 52.81 69.50
CA THR H 149 -18.92 53.09 70.54
C THR H 149 -19.64 53.33 71.85
N LEU H 150 -19.23 52.59 72.88
CA LEU H 150 -19.85 52.67 74.20
C LEU H 150 -18.77 52.97 75.23
N SER H 151 -18.89 54.10 75.90
CA SER H 151 -17.99 54.48 76.98
C SER H 151 -18.78 54.47 78.28
N LEU H 152 -18.46 53.52 79.16
CA LEU H 152 -19.17 53.35 80.42
C LEU H 152 -18.17 53.22 81.56
N SER H 153 -18.64 53.51 82.76
CA SER H 153 -17.86 53.44 83.98
C SER H 153 -17.96 52.06 84.60
N PRO H 154 -17.01 51.68 85.45
CA PRO H 154 -17.12 50.39 86.15
C PRO H 154 -18.36 50.34 87.03
N GLY H 155 -18.98 49.16 87.10
CA GLY H 155 -20.09 48.94 88.00
C GLY H 155 -21.42 48.61 87.35
N GLU H 156 -21.76 49.24 86.22
CA GLU H 156 -23.04 48.99 85.61
C GLU H 156 -22.93 47.91 84.53
N ARG H 157 -24.00 47.76 83.75
CA ARG H 157 -24.11 46.70 82.75
C ARG H 157 -23.98 47.31 81.35
N ALA H 158 -23.16 46.68 80.51
CA ALA H 158 -22.98 47.12 79.13
C ALA H 158 -23.56 46.08 78.18
N THR H 159 -24.39 46.53 77.25
CA THR H 159 -25.01 45.67 76.25
C THR H 159 -24.53 46.09 74.86
N LEU H 160 -23.98 45.14 74.12
CA LEU H 160 -23.57 45.35 72.74
C LEU H 160 -24.30 44.38 71.83
N SER H 161 -24.93 44.90 70.78
CA SER H 161 -25.67 44.06 69.85
C SER H 161 -24.98 44.06 68.50
N CYS H 162 -24.72 42.86 68.00
CA CYS H 162 -24.15 42.65 66.66
C CYS H 162 -25.25 42.12 65.76
N ARG H 163 -25.60 42.88 64.73
CA ARG H 163 -26.64 42.52 63.78
C ARG H 163 -25.97 42.26 62.43
N ALA H 164 -26.19 41.08 61.88
CA ALA H 164 -25.44 40.63 60.71
C ALA H 164 -26.26 40.77 59.44
N SER H 165 -25.58 41.06 58.34
CA SER H 165 -26.26 41.28 57.07
C SER H 165 -26.84 39.98 56.52
N GLN H 166 -26.07 38.90 56.58
CA GLN H 166 -26.49 37.61 56.07
C GLN H 166 -26.61 36.61 57.21
N SER H 167 -27.33 35.52 56.94
CA SER H 167 -27.53 34.49 57.95
C SER H 167 -26.22 33.77 58.23
N VAL H 168 -25.70 33.94 59.44
CA VAL H 168 -24.46 33.31 59.85
C VAL H 168 -24.71 32.12 60.75
N HIS H 169 -25.95 31.60 60.73
CA HIS H 169 -26.38 30.49 61.58
C HIS H 169 -26.01 30.80 63.02
N ASN H 170 -25.21 29.96 63.65
CA ASN H 170 -24.80 30.16 65.03
C ASN H 170 -23.32 30.50 65.17
N TYR H 171 -22.60 30.65 64.06
CA TYR H 171 -21.16 30.90 64.15
C TYR H 171 -20.83 32.39 64.09
N LEU H 172 -20.81 33.01 65.27
CA LEU H 172 -20.27 34.35 65.47
C LEU H 172 -19.33 34.30 66.66
N ALA H 173 -18.22 35.01 66.58
CA ALA H 173 -17.22 34.98 67.63
C ALA H 173 -17.16 36.33 68.31
N TRP H 174 -17.17 36.33 69.65
CA TRP H 174 -17.06 37.56 70.41
C TRP H 174 -15.66 37.61 71.03
N TYR H 175 -14.98 38.73 70.81
CA TYR H 175 -13.55 38.83 71.05
C TYR H 175 -13.24 40.08 71.86
N GLN H 176 -12.20 40.01 72.69
CA GLN H 176 -11.72 41.13 73.47
C GLN H 176 -10.25 41.39 73.15
N GLN H 177 -9.90 42.67 73.04
CA GLN H 177 -8.54 43.09 72.71
C GLN H 177 -8.14 44.22 73.65
N LYS H 178 -7.24 43.92 74.59
CA LYS H 178 -6.72 44.94 75.48
C LYS H 178 -5.71 45.82 74.75
N PRO H 179 -5.87 47.15 74.83
CA PRO H 179 -4.93 48.05 74.15
C PRO H 179 -3.50 47.89 74.64
N GLY H 180 -2.61 47.47 73.75
CA GLY H 180 -1.23 47.23 74.12
C GLY H 180 -0.96 45.90 74.77
N GLN H 181 -1.97 45.06 74.93
CA GLN H 181 -1.85 43.77 75.58
C GLN H 181 -2.46 42.68 74.71
N ALA H 182 -2.09 41.44 74.98
CA ALA H 182 -2.56 40.33 74.16
C ALA H 182 -4.09 40.23 74.23
N PRO H 183 -4.77 40.21 73.09
CA PRO H 183 -6.23 40.14 73.10
C PRO H 183 -6.74 38.81 73.63
N ARG H 184 -7.95 38.83 74.18
CA ARG H 184 -8.52 37.68 74.89
C ARG H 184 -9.80 37.22 74.22
N LEU H 185 -9.92 35.91 74.01
CA LEU H 185 -11.18 35.32 73.56
C LEU H 185 -12.27 35.53 74.60
N LEU H 186 -13.49 35.81 74.13
CA LEU H 186 -14.65 35.97 75.00
C LEU H 186 -15.70 34.89 74.82
N PHE H 187 -16.22 34.71 73.60
CA PHE H 187 -17.39 33.86 73.42
C PHE H 187 -17.30 33.09 72.11
N TYR H 188 -17.32 31.76 72.23
CA TYR H 188 -17.48 30.81 71.15
C TYR H 188 -18.92 30.85 70.63
N ASP H 189 -19.05 30.87 69.31
CA ASP H 189 -20.35 30.70 68.64
C ASP H 189 -21.35 31.77 69.08
N ALA H 190 -20.88 32.75 69.86
CA ALA H 190 -21.68 33.87 70.32
C ALA H 190 -22.87 33.44 71.17
N SER H 191 -22.99 32.14 71.47
CA SER H 191 -24.19 31.63 72.11
C SER H 191 -23.88 30.80 73.35
N ASN H 192 -22.69 30.22 73.42
CA ASN H 192 -22.30 29.43 74.59
C ASN H 192 -21.08 30.06 75.26
N ARG H 193 -20.93 29.78 76.55
CA ARG H 193 -19.84 30.39 77.31
C ARG H 193 -18.53 29.64 77.10
N ALA H 194 -17.44 30.40 77.02
CA ALA H 194 -16.12 29.79 77.02
C ALA H 194 -15.77 29.31 78.43
N THR H 195 -14.86 28.34 78.49
CA THR H 195 -14.49 27.74 79.76
C THR H 195 -13.80 28.77 80.67
N GLY H 196 -14.20 28.79 81.94
CA GLY H 196 -13.61 29.69 82.90
C GLY H 196 -14.10 31.11 82.87
N ILE H 197 -15.12 31.41 82.06
CA ILE H 197 -15.65 32.76 81.93
C ILE H 197 -16.52 33.05 83.15
N PRO H 198 -16.32 34.17 83.83
CA PRO H 198 -17.17 34.50 84.98
C PRO H 198 -18.61 34.77 84.56
N ALA H 199 -19.49 34.77 85.56
CA ALA H 199 -20.92 34.89 85.34
C ALA H 199 -21.35 36.25 84.81
N ARG H 200 -20.54 37.30 85.01
CA ARG H 200 -20.93 38.63 84.56
C ARG H 200 -20.82 38.79 83.05
N PHE H 201 -20.02 37.95 82.39
CA PHE H 201 -19.93 37.96 80.93
C PHE H 201 -20.90 36.94 80.36
N SER H 202 -21.86 37.41 79.54
CA SER H 202 -22.80 36.50 78.91
C SER H 202 -23.06 36.96 77.48
N ALA H 203 -23.41 36.01 76.63
CA ALA H 203 -23.70 36.30 75.23
C ALA H 203 -24.67 35.28 74.66
N SER H 204 -25.47 35.74 73.70
CA SER H 204 -26.44 34.87 73.03
C SER H 204 -26.54 35.30 71.58
N ALA H 205 -26.91 34.34 70.71
CA ALA H 205 -27.01 34.63 69.29
C ALA H 205 -27.82 33.58 68.54
N SER H 206 -28.51 34.00 67.49
CA SER H 206 -29.23 33.10 66.60
C SER H 206 -29.57 33.86 65.33
N GLY H 207 -29.24 33.27 64.19
CA GLY H 207 -29.52 33.91 62.91
C GLY H 207 -28.58 35.05 62.60
N THR H 208 -29.07 36.29 62.73
CA THR H 208 -28.27 37.48 62.45
C THR H 208 -28.15 38.43 63.63
N ASP H 209 -28.82 38.17 64.75
CA ASP H 209 -28.81 39.07 65.91
C ASP H 209 -28.06 38.40 67.05
N SER H 210 -27.17 39.13 67.68
CA SER H 210 -26.41 38.65 68.82
C SER H 210 -26.33 39.74 69.89
N THR H 211 -26.45 39.34 71.15
CA THR H 211 -26.36 40.24 72.28
C THR H 211 -25.24 39.81 73.22
N LEU H 212 -24.49 40.80 73.70
CA LEU H 212 -23.40 40.59 74.65
C LEU H 212 -23.64 41.50 75.85
N THR H 213 -23.73 40.90 77.03
CA THR H 213 -23.95 41.64 78.27
C THR H 213 -22.78 41.46 79.21
N ILE H 214 -22.29 42.58 79.73
CA ILE H 214 -21.21 42.62 80.71
C ILE H 214 -21.75 43.36 81.94
N SER H 215 -22.20 42.60 82.93
CA SER H 215 -22.74 43.21 84.14
C SER H 215 -21.62 43.50 85.13
N SER H 216 -21.84 44.55 85.94
CA SER H 216 -20.91 44.95 87.00
C SER H 216 -19.51 45.18 86.45
N LEU H 217 -19.37 46.23 85.63
CA LEU H 217 -18.10 46.56 84.97
C LEU H 217 -17.01 46.84 85.99
N GLU H 218 -15.76 46.64 85.56
CA GLU H 218 -14.56 46.82 86.36
C GLU H 218 -13.60 47.77 85.66
N PRO H 219 -12.70 48.42 86.39
CA PRO H 219 -11.80 49.41 85.74
C PRO H 219 -10.87 48.82 84.69
N GLU H 220 -10.63 47.50 84.73
CA GLU H 220 -9.69 46.89 83.80
C GLU H 220 -10.37 46.22 82.61
N ASP H 221 -11.69 46.22 82.53
CA ASP H 221 -12.41 45.49 81.49
C ASP H 221 -12.75 46.35 80.28
N PHE H 222 -12.09 47.50 80.12
CA PHE H 222 -12.29 48.34 78.95
C PHE H 222 -11.29 47.93 77.87
N ALA H 223 -11.82 47.56 76.70
CA ALA H 223 -11.00 47.02 75.62
C ALA H 223 -11.77 47.21 74.32
N VAL H 224 -11.29 46.54 73.28
CA VAL H 224 -11.99 46.53 72.00
C VAL H 224 -12.67 45.20 71.81
N TYR H 225 -13.98 45.23 71.63
CA TYR H 225 -14.77 44.01 71.46
C TYR H 225 -15.17 43.85 70.00
N TYR H 226 -15.11 42.61 69.52
CA TYR H 226 -15.36 42.28 68.13
C TYR H 226 -16.42 41.19 68.02
N CYS H 227 -17.32 41.34 67.06
CA CYS H 227 -18.13 40.23 66.60
C CYS H 227 -17.68 39.84 65.20
N GLN H 228 -17.30 38.58 65.05
CA GLN H 228 -16.58 38.12 63.87
C GLN H 228 -17.34 36.98 63.20
N GLN H 229 -17.36 37.00 61.87
CA GLN H 229 -18.11 36.08 61.04
C GLN H 229 -17.19 35.23 60.17
N ARG H 230 -17.75 34.14 59.65
CA ARG H 230 -16.96 33.08 59.01
C ARG H 230 -17.61 32.44 57.79
N ARG H 231 -18.39 33.17 56.97
CA ARG H 231 -19.11 32.53 55.87
C ARG H 231 -18.15 31.93 54.84
N ASN H 232 -17.37 32.76 54.15
CA ASN H 232 -16.45 32.34 53.10
C ASN H 232 -15.42 33.46 52.94
N GLY H 233 -14.15 33.11 53.09
CA GLY H 233 -13.11 34.12 53.16
C GLY H 233 -13.42 35.07 54.30
N TYR H 234 -13.42 34.53 55.52
CA TYR H 234 -13.96 35.23 56.68
C TYR H 234 -13.28 36.56 56.94
N SER H 235 -14.06 37.56 57.32
CA SER H 235 -13.54 38.89 57.64
C SER H 235 -14.05 39.28 59.02
N PHE H 236 -13.51 40.37 59.54
CA PHE H 236 -13.80 40.82 60.89
C PHE H 236 -14.74 42.02 60.85
N GLY H 237 -15.31 42.33 62.01
CA GLY H 237 -16.16 43.48 62.14
C GLY H 237 -15.35 44.75 62.32
N GLN H 238 -16.08 45.85 62.50
CA GLN H 238 -15.47 47.16 62.70
C GLN H 238 -14.93 47.33 64.11
N GLY H 239 -15.38 46.52 65.06
CA GLY H 239 -14.91 46.60 66.43
C GLY H 239 -15.49 47.78 67.18
N THR H 240 -15.71 47.58 68.47
CA THR H 240 -16.22 48.62 69.36
C THR H 240 -15.18 48.88 70.44
N LYS H 241 -14.71 50.13 70.51
CA LYS H 241 -13.68 50.51 71.46
C LYS H 241 -14.34 51.03 72.74
N VAL H 242 -14.55 50.15 73.72
CA VAL H 242 -15.12 50.55 74.99
C VAL H 242 -14.00 50.95 75.94
N GLU H 243 -13.98 52.22 76.33
CA GLU H 243 -13.04 52.72 77.32
C GLU H 243 -13.81 53.50 78.38
N ILE H 244 -13.06 54.09 79.31
CA ILE H 244 -13.67 54.90 80.35
C ILE H 244 -14.39 56.09 79.72
N LYS H 245 -15.59 56.39 80.24
CA LYS H 245 -16.34 57.55 79.78
C LYS H 245 -15.60 58.85 80.10
#